data_8VH2
#
_entry.id   8VH2
#
_cell.length_a   1.00
_cell.length_b   1.00
_cell.length_c   1.00
_cell.angle_alpha   90.00
_cell.angle_beta   90.00
_cell.angle_gamma   90.00
#
_symmetry.space_group_name_H-M   'P 1'
#
loop_
_entity.id
_entity.type
_entity.pdbx_description
1 polymer 'CH505.M5.G458Y SOSIP gp120'
2 polymer 'Envelope glycoprotein gp160'
3 polymer 'CH235.12 Fab Heavy Chain'
4 polymer 'CH235.12 Fab Light Chain'
#
loop_
_entity_poly.entity_id
_entity_poly.type
_entity_poly.pdbx_seq_one_letter_code
_entity_poly.pdbx_strand_id
1 'polypeptide(L)'
;AENLWVTVYYGVPVWKEAKTTLFCASDAKAYEKKVHNVWATHACVPTDPNPQEMVLKNVTENFNMWKNDMVDQMHEDVIS
LWDQSLKPCVKLTPLCVTLNCTNATASNSSIIEGMKNCSFNITTELRDKREKKNALFYKLDIVQLDGNSSQYRLINCNTS
VITQACPKVSFDPIPIHYCAPAGYAILKCNNKTFTGTGPCNNVSTVQCTHGIKPVVSTQLLLNGSLAEGEIIIRSENITK
NVKTIIVHLNESVKIECTRPNNKTRTSIRIGPGQWFYATGQVIGDIREAYCNINESKWNETLQRVSKKLKEYFPHKNITF
QPSSGGDLEITTHSFNCGGEFFYCNTSSLFNRTYMANSTDMANSTETNSTRTITIHCRIKQIINMWQEVGRAMYAPPIAG
NITCISNITGLLLTRDYGKNNTETFRPGGGNMKDNWRSELYKYKVVKIEPLGVAPTRCKRRVVG
;
A,E,I
2 'polypeptide(L)'
;RRRRRRAVGIGAVFLGFLGAAGSTMGAASMTLTVQARNLLSGIVQQQSNLLRAPEAQQHLLKLTVWGIKQLQARVLAVER
YLRDQQLLGIWGCSGKLICCTNVPWNSSWSNRNLSEIWDNMTWLQWDKEISNYTQIIYGLLEESQNQQEKNEQDLLALD
;
B,F,J
3 'polypeptide(L)'
;QVRLAQYGGGVKRLGATMTLSCVASGYTFNDYYIHWVRQAPGQGFELLGYIDPANGRPDYAGALRERLSFYRDKSMETLY
MDLRSLRYDDTAMYYCVRNVGTAGSLLHYDHWGSGSPVIVSSASTKGPSVFPLAPSSKSTSGGTAALGCLVKDYFPEPVT
VSWNSGALTSGVHTFPAVLQSSGLYSLSSVVTVPSSSLGTQTYICNVNHKPSNTKVDKRVEPKSC
;
C,G,K
4 'polypeptide(L)'
;EIVLTQSPATLSASPGERVTLTCRASRSVRNNVAWYQHKGGQSPRLLIYDASTRAAGVPARFSGSASGTEFTLAISNLES
EDFTVYFCLQYNNWWTFGQGTRVDIKRTVAAPSVFIFPPSDEQLKSGTASVVCLLNNFYPREAKVQWKVDNALQSGNSQE
SVTEQDSKDSTYSLSSTLTLSKADYEKHKVYACEVTHQGLSSPVTKSFNRGEC
;
D,H,L
#
# COMPACT_ATOMS: atom_id res chain seq x y z
N GLU A 2 -20.25 -63.10 5.96
CA GLU A 2 -21.09 -62.24 6.85
C GLU A 2 -20.23 -61.52 7.88
N ASN A 3 -20.82 -60.57 8.58
CA ASN A 3 -20.14 -59.85 9.66
C ASN A 3 -18.88 -59.16 9.15
N LEU A 4 -19.06 -58.26 8.18
CA LEU A 4 -17.98 -57.38 7.77
C LEU A 4 -17.96 -56.13 8.63
N TRP A 5 -16.77 -55.57 8.81
CA TRP A 5 -16.57 -54.47 9.74
C TRP A 5 -15.74 -53.39 9.05
N VAL A 6 -15.89 -52.16 9.54
CA VAL A 6 -15.28 -51.00 8.88
C VAL A 6 -13.77 -51.05 9.05
N THR A 7 -13.06 -50.87 7.94
CA THR A 7 -11.62 -50.65 7.95
C THR A 7 -11.32 -49.33 7.25
N VAL A 8 -10.42 -48.55 7.84
CA VAL A 8 -10.12 -47.20 7.37
C VAL A 8 -8.67 -47.16 6.90
N TYR A 9 -8.40 -46.35 5.87
CA TYR A 9 -7.07 -46.23 5.31
C TYR A 9 -6.71 -44.76 5.17
N TYR A 10 -5.41 -44.47 5.20
CA TYR A 10 -4.90 -43.11 5.23
C TYR A 10 -4.07 -42.86 3.99
N GLY A 11 -4.33 -41.74 3.31
CA GLY A 11 -3.51 -41.29 2.22
C GLY A 11 -3.79 -41.90 0.86
N VAL A 12 -4.87 -42.65 0.71
CA VAL A 12 -5.14 -43.41 -0.51
C VAL A 12 -5.23 -42.44 -1.69
N PRO A 13 -4.66 -42.74 -2.87
CA PRO A 13 -4.77 -41.80 -3.98
C PRO A 13 -6.16 -41.69 -4.58
N VAL A 14 -6.75 -40.49 -4.51
CA VAL A 14 -8.01 -40.19 -5.18
C VAL A 14 -8.21 -38.68 -5.09
N TRP A 15 -8.78 -38.10 -6.16
CA TRP A 15 -8.85 -36.66 -6.27
C TRP A 15 -10.24 -36.22 -6.71
N LYS A 16 -10.46 -34.90 -6.67
CA LYS A 16 -11.70 -34.29 -7.10
C LYS A 16 -11.40 -32.92 -7.69
N GLU A 17 -12.37 -32.39 -8.45
CA GLU A 17 -12.21 -31.09 -9.08
C GLU A 17 -12.14 -29.99 -8.03
N ALA A 18 -11.39 -28.93 -8.34
CA ALA A 18 -11.30 -27.77 -7.48
C ALA A 18 -10.53 -26.68 -8.22
N LYS A 19 -10.29 -25.57 -7.52
CA LYS A 19 -9.47 -24.49 -8.03
C LYS A 19 -8.75 -23.83 -6.87
N THR A 20 -7.50 -23.42 -7.12
CA THR A 20 -6.67 -22.89 -6.05
C THR A 20 -5.61 -21.96 -6.61
N THR A 21 -5.04 -21.14 -5.73
CA THR A 21 -3.92 -20.30 -6.09
C THR A 21 -2.69 -21.15 -6.38
N LEU A 22 -1.75 -20.59 -7.14
CA LEU A 22 -0.56 -21.30 -7.57
C LEU A 22 0.68 -20.45 -7.35
N PHE A 23 1.82 -21.12 -7.23
CA PHE A 23 3.11 -20.46 -7.05
C PHE A 23 3.74 -20.22 -8.41
N CYS A 24 4.22 -19.00 -8.65
CA CYS A 24 4.81 -18.63 -9.93
C CYS A 24 6.34 -18.66 -9.83
N ALA A 25 6.89 -19.86 -9.93
CA ALA A 25 8.34 -20.03 -9.86
C ALA A 25 9.01 -19.37 -11.06
N SER A 26 10.21 -18.84 -10.82
CA SER A 26 10.95 -18.08 -11.81
C SER A 26 12.17 -18.86 -12.28
N ASP A 27 12.86 -18.32 -13.27
CA ASP A 27 14.04 -18.97 -13.82
C ASP A 27 15.22 -18.85 -12.87
N ALA A 28 16.21 -19.72 -13.05
CA ALA A 28 17.38 -19.73 -12.18
C ALA A 28 18.25 -18.48 -12.31
N LYS A 29 18.25 -17.86 -13.49
CA LYS A 29 19.12 -16.71 -13.77
C LYS A 29 18.27 -15.54 -14.27
N ALA A 30 17.21 -15.24 -13.53
CA ALA A 30 16.29 -14.18 -13.88
C ALA A 30 16.98 -12.82 -13.71
N TYR A 31 16.22 -11.75 -13.92
CA TYR A 31 16.77 -10.39 -13.84
C TYR A 31 17.64 -10.20 -12.61
N GLU A 32 17.26 -10.80 -11.49
CA GLU A 32 18.04 -10.68 -10.26
C GLU A 32 18.15 -9.23 -9.81
N THR A 41 9.56 -10.38 -6.09
CA THR A 41 8.29 -11.05 -6.31
C THR A 41 8.28 -11.74 -7.67
N HIS A 42 9.01 -11.17 -8.62
CA HIS A 42 9.10 -11.71 -9.97
C HIS A 42 10.54 -11.89 -10.41
N ALA A 43 11.44 -11.06 -9.86
CA ALA A 43 12.82 -11.04 -10.33
C ALA A 43 13.65 -12.20 -9.82
N CYS A 44 13.39 -12.71 -8.62
CA CYS A 44 14.31 -13.66 -7.99
C CYS A 44 13.66 -14.97 -7.56
N VAL A 45 12.44 -14.91 -7.05
CA VAL A 45 11.84 -16.05 -6.35
C VAL A 45 10.41 -16.26 -6.82
N PRO A 46 9.83 -17.45 -6.62
CA PRO A 46 10.40 -18.66 -6.01
C PRO A 46 11.52 -19.32 -6.83
N THR A 47 12.16 -20.33 -6.28
CA THR A 47 13.34 -20.93 -6.90
C THR A 47 12.94 -21.83 -8.07
N ASP A 48 13.94 -22.21 -8.86
CA ASP A 48 13.73 -23.05 -10.03
C ASP A 48 13.89 -24.52 -9.66
N PRO A 49 12.88 -25.36 -9.85
CA PRO A 49 13.03 -26.78 -9.49
C PRO A 49 13.59 -27.62 -10.63
N ASN A 50 13.71 -28.94 -10.39
CA ASN A 50 14.09 -29.88 -11.44
C ASN A 50 12.83 -30.62 -11.89
N PRO A 51 12.32 -30.39 -13.10
CA PRO A 51 11.05 -30.99 -13.50
C PRO A 51 11.15 -32.51 -13.65
N GLN A 52 10.02 -33.18 -13.44
CA GLN A 52 9.91 -34.62 -13.58
C GLN A 52 8.57 -34.94 -14.21
N GLU A 53 8.46 -36.15 -14.76
CA GLU A 53 7.24 -36.61 -15.39
C GLU A 53 7.16 -38.12 -15.31
N MET A 54 6.06 -38.64 -14.76
CA MET A 54 5.86 -40.07 -14.59
C MET A 54 4.61 -40.48 -15.35
N VAL A 55 4.72 -41.56 -16.12
CA VAL A 55 3.61 -42.08 -16.91
C VAL A 55 2.92 -43.16 -16.09
N LEU A 56 1.62 -43.34 -16.32
CA LEU A 56 0.79 -44.20 -15.50
C LEU A 56 0.00 -45.15 -16.39
N LYS A 57 -0.48 -46.24 -15.77
CA LYS A 57 -1.22 -47.26 -16.50
C LYS A 57 -2.71 -47.17 -16.23
N ASN A 58 -3.52 -47.38 -17.26
CA ASN A 58 -4.96 -47.51 -17.15
C ASN A 58 -5.58 -46.39 -16.31
N VAL A 59 -5.13 -45.15 -16.53
CA VAL A 59 -5.68 -44.02 -15.79
C VAL A 59 -6.76 -43.34 -16.60
N THR A 60 -7.95 -43.24 -16.04
CA THR A 60 -9.12 -42.67 -16.72
C THR A 60 -9.38 -41.27 -16.18
N GLU A 61 -9.47 -40.30 -17.07
CA GLU A 61 -9.71 -38.92 -16.67
C GLU A 61 -10.24 -38.12 -17.86
N ASN A 62 -10.91 -37.03 -17.55
CA ASN A 62 -11.46 -36.11 -18.54
C ASN A 62 -10.81 -34.75 -18.42
N PHE A 63 -10.85 -33.97 -19.50
CA PHE A 63 -10.31 -32.62 -19.52
C PHE A 63 -11.32 -31.69 -20.16
N ASN A 64 -11.12 -30.39 -19.95
CA ASN A 64 -11.94 -29.36 -20.60
C ASN A 64 -11.10 -28.09 -20.68
N MET A 65 -10.57 -27.80 -21.86
CA MET A 65 -9.71 -26.64 -22.03
C MET A 65 -10.47 -25.32 -22.03
N TRP A 66 -11.80 -25.36 -22.10
CA TRP A 66 -12.59 -24.14 -22.08
C TRP A 66 -13.04 -23.73 -20.68
N LYS A 67 -12.86 -24.60 -19.68
CA LYS A 67 -13.32 -24.33 -18.32
C LYS A 67 -12.16 -24.26 -17.33
N ASN A 68 -11.05 -24.93 -17.66
CA ASN A 68 -9.94 -25.07 -16.71
C ASN A 68 -9.59 -23.73 -16.10
N ASP A 69 -9.09 -23.78 -14.86
CA ASP A 69 -9.03 -22.58 -14.04
C ASP A 69 -7.87 -21.66 -14.41
N MET A 70 -6.63 -22.14 -14.27
CA MET A 70 -5.47 -21.25 -14.26
C MET A 70 -5.43 -20.29 -15.45
N VAL A 71 -6.21 -20.52 -16.50
CA VAL A 71 -6.26 -19.55 -17.59
C VAL A 71 -6.66 -18.19 -17.07
N ASP A 72 -7.71 -18.13 -16.25
CA ASP A 72 -8.12 -16.86 -15.66
C ASP A 72 -7.01 -16.28 -14.79
N GLN A 73 -6.36 -17.12 -13.97
CA GLN A 73 -5.37 -16.60 -13.05
C GLN A 73 -4.25 -15.86 -13.77
N MET A 74 -3.79 -16.40 -14.89
CA MET A 74 -2.70 -15.75 -15.61
C MET A 74 -3.05 -14.33 -15.98
N HIS A 75 -4.32 -14.07 -16.32
CA HIS A 75 -4.72 -12.71 -16.69
C HIS A 75 -4.44 -11.74 -15.55
N GLU A 76 -4.81 -12.12 -14.33
CA GLU A 76 -4.53 -11.25 -13.18
C GLU A 76 -3.04 -11.09 -12.96
N ASP A 77 -2.29 -12.19 -13.06
CA ASP A 77 -0.86 -12.13 -12.75
C ASP A 77 -0.13 -11.16 -13.67
N VAL A 78 -0.34 -11.30 -14.98
CA VAL A 78 0.39 -10.48 -15.93
C VAL A 78 0.05 -9.01 -15.74
N ILE A 79 -1.25 -8.70 -15.62
CA ILE A 79 -1.67 -7.31 -15.51
C ILE A 79 -1.14 -6.70 -14.21
N SER A 80 -1.24 -7.44 -13.10
CA SER A 80 -0.73 -6.92 -11.84
C SER A 80 0.78 -6.69 -11.92
N LEU A 81 1.50 -7.62 -12.56
CA LEU A 81 2.94 -7.45 -12.73
C LEU A 81 3.24 -6.16 -13.48
N TRP A 82 2.59 -5.97 -14.62
CA TRP A 82 2.83 -4.76 -15.41
C TRP A 82 2.50 -3.52 -14.60
N ASP A 83 1.37 -3.52 -13.90
CA ASP A 83 0.99 -2.38 -13.07
C ASP A 83 2.08 -2.04 -12.07
N GLN A 84 2.43 -3.00 -11.21
CA GLN A 84 3.40 -2.71 -10.17
C GLN A 84 4.76 -2.35 -10.74
N SER A 85 5.09 -2.85 -11.93
CA SER A 85 6.36 -2.48 -12.54
C SER A 85 6.36 -1.05 -13.05
N LEU A 86 5.26 -0.60 -13.66
CA LEU A 86 5.22 0.74 -14.22
C LEU A 86 4.76 1.79 -13.24
N LYS A 87 4.24 1.40 -12.09
CA LYS A 87 3.62 2.34 -11.16
C LYS A 87 4.53 3.50 -10.74
N PRO A 88 5.78 3.28 -10.32
CA PRO A 88 6.59 4.41 -9.83
C PRO A 88 7.14 5.31 -10.93
N CYS A 89 7.11 4.89 -12.18
CA CYS A 89 7.73 5.68 -13.24
C CYS A 89 7.03 7.03 -13.37
N VAL A 90 7.77 8.00 -13.93
CA VAL A 90 7.31 9.38 -13.95
C VAL A 90 6.08 9.52 -14.83
N LYS A 91 5.07 10.24 -14.32
CA LYS A 91 3.94 10.64 -15.14
C LYS A 91 4.37 11.66 -16.17
N LEU A 92 3.56 11.83 -17.22
CA LEU A 92 3.85 12.80 -18.26
C LEU A 92 2.87 13.97 -18.27
N THR A 93 2.10 14.17 -17.20
CA THR A 93 1.00 15.12 -17.24
C THR A 93 1.41 16.51 -17.70
N PRO A 94 2.49 17.12 -17.20
CA PRO A 94 2.81 18.48 -17.63
C PRO A 94 3.10 18.61 -19.12
N LEU A 95 3.47 17.52 -19.79
CA LEU A 95 3.78 17.59 -21.20
C LEU A 95 2.55 17.83 -22.06
N CYS A 96 1.38 17.41 -21.59
CA CYS A 96 0.16 17.45 -22.39
C CYS A 96 -0.35 18.88 -22.48
N VAL A 97 0.07 19.57 -23.53
CA VAL A 97 -0.35 20.95 -23.79
C VAL A 97 -0.43 21.16 -25.30
N THR A 98 -0.94 22.33 -25.68
CA THR A 98 -1.17 22.64 -27.08
C THR A 98 0.14 22.63 -27.86
N LEU A 99 0.12 21.98 -29.02
CA LEU A 99 1.29 21.95 -29.89
C LEU A 99 1.10 22.85 -31.10
N ASN A 100 2.20 23.27 -31.70
CA ASN A 100 2.21 24.04 -32.95
C ASN A 100 3.03 23.28 -33.97
N CYS A 101 2.48 23.11 -35.17
CA CYS A 101 3.07 22.20 -36.14
C CYS A 101 2.83 22.68 -37.56
N THR A 102 3.93 22.89 -38.28
CA THR A 102 3.89 22.97 -39.74
C THR A 102 4.82 21.90 -40.30
N ASN A 103 6.02 21.80 -39.71
CA ASN A 103 6.90 20.66 -39.90
C ASN A 103 7.10 20.26 -41.36
N ALA A 104 7.77 21.11 -42.14
CA ALA A 104 8.17 20.77 -43.50
C ALA A 104 9.67 20.95 -43.67
N THR A 105 10.45 20.41 -42.74
CA THR A 105 11.90 20.62 -42.69
C THR A 105 12.69 19.47 -43.30
N ALA A 106 12.06 18.64 -44.14
CA ALA A 106 12.77 17.58 -44.84
C ALA A 106 12.16 17.42 -46.22
N SER A 107 12.80 16.59 -47.05
CA SER A 107 12.29 16.37 -48.39
C SER A 107 10.84 15.88 -48.37
N ASN A 108 10.45 15.14 -47.34
CA ASN A 108 9.06 14.73 -47.15
C ASN A 108 8.70 14.85 -45.69
N SER A 109 7.51 15.39 -45.42
CA SER A 109 6.99 15.54 -44.06
C SER A 109 5.73 14.72 -43.84
N SER A 110 4.98 14.42 -44.89
CA SER A 110 3.73 13.67 -44.74
C SER A 110 3.95 12.30 -44.13
N ILE A 111 5.13 11.71 -44.30
CA ILE A 111 5.37 10.37 -43.79
C ILE A 111 5.35 10.34 -42.27
N ILE A 112 5.85 11.38 -41.61
CA ILE A 112 5.92 11.41 -40.15
C ILE A 112 5.19 12.64 -39.63
N GLU A 113 5.52 13.81 -40.18
CA GLU A 113 4.78 15.05 -39.92
C GLU A 113 5.02 15.59 -38.52
N GLY A 114 5.75 14.86 -37.68
CA GLY A 114 6.24 15.40 -36.44
C GLY A 114 7.75 15.58 -36.54
N MET A 115 8.21 16.81 -36.78
CA MET A 115 9.57 17.05 -37.20
C MET A 115 10.26 18.06 -36.30
N LYS A 116 11.58 17.94 -36.21
CA LYS A 116 12.39 18.91 -35.51
C LYS A 116 12.56 20.17 -36.36
N ASN A 117 12.92 21.26 -35.69
CA ASN A 117 13.06 22.56 -36.34
C ASN A 117 11.71 23.04 -36.86
N CYS A 118 7.41 19.47 -33.88
CA CYS A 118 6.59 20.55 -33.35
C CYS A 118 7.29 21.23 -32.18
N SER A 119 6.76 22.37 -31.74
CA SER A 119 7.32 23.11 -30.62
C SER A 119 6.20 23.46 -29.65
N PHE A 120 6.53 23.43 -28.36
CA PHE A 120 5.55 23.63 -27.31
C PHE A 120 6.22 24.17 -26.06
N ASN A 121 5.43 24.82 -25.21
CA ASN A 121 5.94 25.37 -23.97
C ASN A 121 5.96 24.30 -22.88
N ILE A 122 6.93 24.38 -21.98
CA ILE A 122 7.12 23.38 -20.94
C ILE A 122 7.90 24.01 -19.78
N THR A 123 7.83 23.36 -18.63
CA THR A 123 8.47 23.87 -17.43
C THR A 123 9.97 23.57 -17.44
N THR A 124 10.76 24.55 -17.00
CA THR A 124 12.20 24.42 -16.95
C THR A 124 12.67 23.90 -15.59
N GLU A 125 13.98 23.99 -15.34
CA GLU A 125 14.56 23.58 -14.06
C GLU A 125 13.69 23.99 -12.88
N LEU A 126 13.07 25.17 -12.95
CA LEU A 126 12.37 25.73 -11.80
C LEU A 126 10.96 26.11 -12.22
N ARG A 127 10.06 26.08 -11.23
CA ARG A 127 8.62 26.13 -11.54
C ARG A 127 8.24 27.43 -12.24
N ASP A 128 8.42 28.57 -11.57
CA ASP A 128 7.97 29.84 -12.14
C ASP A 128 8.90 30.30 -13.24
N LYS A 129 9.00 29.50 -14.30
CA LYS A 129 9.76 29.84 -15.50
C LYS A 129 9.46 28.79 -16.55
N ARG A 130 9.46 29.20 -17.81
CA ARG A 130 9.02 28.33 -18.88
C ARG A 130 10.01 28.39 -20.04
N GLU A 131 10.03 27.32 -20.83
CA GLU A 131 11.01 27.15 -21.89
C GLU A 131 10.32 26.55 -23.11
N LYS A 132 10.99 26.68 -24.26
CA LYS A 132 10.50 26.18 -25.53
C LYS A 132 11.40 25.06 -26.02
N LYS A 133 10.81 24.01 -26.57
CA LYS A 133 11.54 22.85 -27.04
C LYS A 133 10.91 22.34 -28.33
N ASN A 134 11.33 21.16 -28.76
CA ASN A 134 10.75 20.51 -29.93
C ASN A 134 11.25 19.08 -30.03
N ALA A 135 10.47 18.24 -30.71
CA ALA A 135 10.84 16.84 -30.93
C ALA A 135 9.92 16.27 -32.00
N LEU A 136 10.09 14.99 -32.27
CA LEU A 136 9.34 14.33 -33.34
C LEU A 136 8.16 13.53 -32.78
N PHE A 137 7.21 13.24 -33.67
CA PHE A 137 6.09 12.37 -33.35
C PHE A 137 5.53 11.81 -34.65
N TYR A 138 5.12 10.54 -34.62
CA TYR A 138 4.39 9.97 -35.74
C TYR A 138 2.92 10.34 -35.65
N LYS A 139 2.37 10.80 -36.76
CA LYS A 139 1.02 11.38 -36.74
C LYS A 139 -0.02 10.41 -36.21
N LEU A 140 0.24 9.11 -36.26
CA LEU A 140 -0.70 8.15 -35.69
C LEU A 140 -0.90 8.34 -34.20
N ASP A 141 -0.08 9.17 -33.55
CA ASP A 141 -0.27 9.52 -32.15
C ASP A 141 -0.70 10.97 -31.96
N ILE A 142 -1.17 11.63 -33.02
CA ILE A 142 -1.57 13.02 -32.97
C ILE A 142 -2.94 13.16 -33.61
N VAL A 143 -3.73 14.12 -33.11
CA VAL A 143 -5.03 14.44 -33.67
C VAL A 143 -5.14 15.96 -33.80
N GLN A 144 -6.02 16.41 -34.67
CA GLN A 144 -6.18 17.84 -34.93
C GLN A 144 -7.37 18.39 -34.16
N LEU A 145 -7.17 19.54 -33.53
CA LEU A 145 -8.28 20.23 -32.88
C LEU A 145 -9.16 20.93 -33.92
N ASP A 146 -10.34 21.33 -33.47
CA ASP A 146 -11.30 21.97 -34.38
C ASP A 146 -10.80 23.36 -34.79
N GLY A 147 -11.07 23.70 -36.06
CA GLY A 147 -10.75 25.03 -36.56
C GLY A 147 -9.34 25.16 -37.09
N ASN A 148 -8.48 25.84 -36.34
CA ASN A 148 -7.10 26.09 -36.76
C ASN A 148 -6.40 24.75 -36.95
N SER A 149 -6.05 24.43 -38.18
CA SER A 149 -5.41 23.15 -38.49
C SER A 149 -3.95 23.10 -38.08
N SER A 150 -3.43 24.12 -37.39
CA SER A 150 -2.05 24.10 -36.91
C SER A 150 -1.93 23.70 -35.45
N GLN A 151 -3.04 23.39 -34.78
CA GLN A 151 -3.04 23.02 -33.37
C GLN A 151 -3.29 21.52 -33.25
N TYR A 152 -2.56 20.87 -32.33
CA TYR A 152 -2.65 19.42 -32.17
C TYR A 152 -2.55 19.06 -30.69
N ARG A 153 -2.96 17.83 -30.38
CA ARG A 153 -3.08 17.37 -29.00
C ARG A 153 -2.89 15.87 -28.99
N LEU A 154 -2.19 15.37 -27.96
CA LEU A 154 -1.90 13.94 -27.88
C LEU A 154 -3.19 13.12 -27.76
N ILE A 155 -3.25 12.00 -28.50
CA ILE A 155 -4.54 11.36 -28.75
C ILE A 155 -5.22 10.97 -27.45
N ASN A 156 -4.48 10.36 -26.52
CA ASN A 156 -5.13 9.79 -25.34
C ASN A 156 -5.25 10.77 -24.18
N CYS A 157 -4.87 12.04 -24.35
CA CYS A 157 -4.90 12.97 -23.23
C CYS A 157 -6.28 13.54 -22.96
N ASN A 158 -7.24 13.40 -23.88
CA ASN A 158 -8.59 13.88 -23.60
C ASN A 158 -9.29 13.03 -22.55
N THR A 159 -8.72 11.88 -22.20
CA THR A 159 -9.42 10.89 -21.39
C THR A 159 -8.59 10.32 -20.25
N SER A 160 -7.26 10.39 -20.29
CA SER A 160 -6.45 9.69 -19.30
C SER A 160 -5.10 10.34 -19.13
N VAL A 161 -4.41 9.94 -18.06
CA VAL A 161 -3.02 10.31 -17.88
C VAL A 161 -2.13 9.32 -18.62
N ILE A 162 -0.92 9.76 -18.97
CA ILE A 162 0.01 8.94 -19.75
C ILE A 162 1.27 8.72 -18.91
N THR A 163 1.69 7.46 -18.82
CA THR A 163 2.87 7.09 -18.04
C THR A 163 3.97 6.61 -18.99
N GLN A 164 5.22 6.90 -18.62
CA GLN A 164 6.38 6.62 -19.45
C GLN A 164 7.14 5.43 -18.88
N ALA A 165 7.50 4.49 -19.75
CA ALA A 165 8.30 3.36 -19.32
C ALA A 165 9.61 3.84 -18.73
N CYS A 166 10.01 3.23 -17.62
CA CYS A 166 11.23 3.65 -16.95
C CYS A 166 12.43 3.34 -17.85
N PRO A 167 13.27 4.32 -18.18
CA PRO A 167 14.28 4.10 -19.22
C PRO A 167 15.24 2.95 -18.92
N LYS A 168 15.57 2.71 -17.65
CA LYS A 168 16.51 1.66 -17.29
C LYS A 168 15.86 0.29 -17.21
N VAL A 169 14.56 0.18 -17.47
CA VAL A 169 13.83 -1.07 -17.29
C VAL A 169 13.13 -1.43 -18.60
N SER A 170 13.06 -2.72 -18.87
CA SER A 170 12.35 -3.24 -20.03
C SER A 170 11.91 -4.66 -19.76
N PHE A 171 10.64 -4.85 -19.45
CA PHE A 171 10.11 -6.20 -19.27
C PHE A 171 10.13 -6.93 -20.60
N ASP A 172 10.34 -8.24 -20.55
CA ASP A 172 10.54 -9.03 -21.75
C ASP A 172 10.15 -10.47 -21.45
N PRO A 173 9.88 -11.27 -22.48
CA PRO A 173 9.25 -12.59 -22.25
C PRO A 173 10.15 -13.60 -21.55
N ILE A 174 10.30 -13.44 -20.24
CA ILE A 174 10.98 -14.48 -19.44
C ILE A 174 10.00 -15.62 -19.19
N PRO A 175 10.38 -16.87 -19.45
CA PRO A 175 9.41 -17.97 -19.26
C PRO A 175 9.00 -18.10 -17.80
N ILE A 176 7.76 -18.54 -17.59
CA ILE A 176 7.20 -18.74 -16.27
C ILE A 176 6.48 -20.09 -16.25
N HIS A 177 6.68 -20.83 -15.16
CA HIS A 177 6.00 -22.10 -14.97
C HIS A 177 5.44 -22.16 -13.55
N TYR A 178 4.40 -22.96 -13.38
CA TYR A 178 3.59 -22.95 -12.17
C TYR A 178 3.77 -24.27 -11.42
N CYS A 179 3.86 -24.18 -10.09
CA CYS A 179 3.97 -25.35 -9.22
C CYS A 179 2.78 -25.39 -8.28
N ALA A 180 2.10 -26.53 -8.23
CA ALA A 180 0.92 -26.65 -7.40
C ALA A 180 1.31 -26.59 -5.93
N PRO A 181 0.42 -26.10 -5.06
CA PRO A 181 0.72 -26.06 -3.63
C PRO A 181 0.52 -27.43 -2.99
N ALA A 182 1.02 -27.56 -1.76
CA ALA A 182 0.96 -28.83 -1.06
C ALA A 182 -0.47 -29.33 -1.00
N GLY A 183 -0.67 -30.58 -1.39
CA GLY A 183 -1.97 -31.22 -1.41
C GLY A 183 -2.63 -31.25 -2.77
N TYR A 184 -2.20 -30.42 -3.70
CA TYR A 184 -2.75 -30.38 -5.04
C TYR A 184 -1.82 -31.07 -6.02
N ALA A 185 -2.42 -31.70 -7.02
CA ALA A 185 -1.66 -32.44 -8.03
C ALA A 185 -2.12 -32.02 -9.41
N ILE A 186 -1.22 -32.13 -10.38
CA ILE A 186 -1.43 -31.63 -11.73
C ILE A 186 -1.45 -32.82 -12.69
N LEU A 187 -2.43 -32.84 -13.58
CA LEU A 187 -2.55 -33.86 -14.61
C LEU A 187 -2.36 -33.23 -15.99
N LYS A 188 -1.79 -33.99 -16.92
CA LYS A 188 -1.23 -33.42 -18.15
C LYS A 188 -1.91 -33.91 -19.43
N CYS A 189 -2.12 -35.22 -19.58
CA CYS A 189 -2.61 -35.80 -20.83
C CYS A 189 -1.57 -35.63 -21.93
N ASN A 190 -1.41 -36.65 -22.78
CA ASN A 190 -0.37 -36.63 -23.80
C ASN A 190 -0.80 -37.17 -25.16
N ASN A 191 -2.04 -37.63 -25.31
CA ASN A 191 -2.50 -38.12 -26.61
C ASN A 191 -2.34 -37.01 -27.64
N LYS A 192 -1.78 -37.35 -28.80
CA LYS A 192 -1.37 -36.32 -29.75
C LYS A 192 -2.47 -35.92 -30.73
N THR A 193 -3.63 -36.58 -30.67
CA THR A 193 -4.78 -36.19 -31.49
C THR A 193 -5.89 -35.53 -30.68
N PHE A 194 -5.60 -35.07 -29.47
CA PHE A 194 -6.63 -34.52 -28.60
C PHE A 194 -7.17 -33.21 -29.16
N THR A 195 -8.49 -33.06 -29.11
CA THR A 195 -9.14 -31.87 -29.65
C THR A 195 -9.16 -30.71 -28.66
N GLY A 196 -8.72 -30.92 -27.42
CA GLY A 196 -8.83 -29.93 -26.38
C GLY A 196 -10.01 -30.13 -25.45
N THR A 197 -10.92 -31.05 -25.78
CA THR A 197 -12.03 -31.38 -24.91
C THR A 197 -12.35 -32.86 -25.07
N GLY A 198 -12.53 -33.55 -23.95
CA GLY A 198 -12.87 -34.95 -23.98
C GLY A 198 -11.92 -35.79 -23.14
N PRO A 199 -12.09 -37.11 -23.20
CA PRO A 199 -11.26 -38.00 -22.38
C PRO A 199 -9.86 -38.18 -22.94
N CYS A 200 -8.95 -38.58 -22.05
CA CYS A 200 -7.58 -38.93 -22.39
C CYS A 200 -7.31 -40.36 -21.96
N ASN A 201 -6.29 -40.97 -22.58
CA ASN A 201 -5.91 -42.34 -22.28
C ASN A 201 -4.40 -42.50 -22.04
N ASN A 202 -3.67 -41.40 -21.91
CA ASN A 202 -2.25 -41.44 -21.58
C ASN A 202 -1.96 -40.44 -20.48
N VAL A 203 -2.80 -40.45 -19.44
CA VAL A 203 -2.70 -39.48 -18.36
C VAL A 203 -1.29 -39.51 -17.76
N SER A 204 -0.90 -38.40 -17.15
CA SER A 204 0.40 -38.30 -16.52
C SER A 204 0.36 -37.24 -15.44
N THR A 205 1.36 -37.26 -14.57
CA THR A 205 1.45 -36.31 -13.47
C THR A 205 2.86 -35.74 -13.40
N VAL A 206 2.97 -34.49 -12.95
CA VAL A 206 4.23 -33.76 -12.96
C VAL A 206 4.39 -32.99 -11.66
N GLN A 207 5.64 -32.60 -11.38
CA GLN A 207 5.90 -31.68 -10.28
C GLN A 207 5.39 -30.29 -10.62
N CYS A 208 5.70 -29.80 -11.82
CA CYS A 208 5.33 -28.46 -12.23
C CYS A 208 5.23 -28.42 -13.75
N THR A 209 4.60 -27.37 -14.25
CA THR A 209 4.46 -27.19 -15.68
C THR A 209 5.78 -26.77 -16.31
N HIS A 210 5.85 -26.89 -17.63
CA HIS A 210 7.01 -26.40 -18.36
C HIS A 210 6.88 -24.89 -18.58
N GLY A 211 7.80 -24.33 -19.35
CA GLY A 211 7.85 -22.89 -19.51
C GLY A 211 6.72 -22.36 -20.36
N ILE A 212 6.27 -21.15 -20.01
CA ILE A 212 5.31 -20.40 -20.80
C ILE A 212 5.75 -18.94 -20.82
N LYS A 213 5.69 -18.32 -21.99
CA LYS A 213 6.10 -16.93 -22.10
C LYS A 213 4.89 -16.00 -22.14
N PRO A 214 4.96 -14.83 -21.52
CA PRO A 214 3.86 -13.85 -21.68
C PRO A 214 4.05 -13.01 -22.93
N VAL A 215 3.75 -13.62 -24.08
CA VAL A 215 3.93 -12.99 -25.38
C VAL A 215 2.61 -12.41 -25.83
N VAL A 216 2.66 -11.23 -26.45
CA VAL A 216 1.47 -10.49 -26.84
C VAL A 216 1.49 -10.31 -28.35
N SER A 217 0.39 -10.66 -29.01
CA SER A 217 0.30 -10.52 -30.45
C SER A 217 -1.14 -10.78 -30.89
N THR A 218 -1.42 -10.42 -32.15
CA THR A 218 -2.74 -10.61 -32.73
C THR A 218 -2.59 -10.99 -34.20
N GLN A 219 -3.58 -11.76 -34.68
CA GLN A 219 -3.59 -12.36 -36.01
C GLN A 219 -2.62 -13.53 -36.10
N LEU A 220 -1.80 -13.73 -35.09
CA LEU A 220 -0.93 -14.89 -35.01
C LEU A 220 -0.15 -14.81 -33.71
N LEU A 221 0.16 -15.96 -33.13
CA LEU A 221 0.97 -16.04 -31.92
C LEU A 221 2.37 -16.51 -32.32
N LEU A 222 3.39 -15.77 -31.88
CA LEU A 222 4.73 -15.93 -32.40
C LEU A 222 5.74 -16.03 -31.26
N ASN A 223 6.89 -16.61 -31.59
CA ASN A 223 7.99 -16.85 -30.66
C ASN A 223 7.66 -17.91 -29.61
N GLY A 224 6.48 -18.53 -29.69
CA GLY A 224 6.09 -19.55 -28.76
C GLY A 224 6.55 -20.93 -29.19
N SER A 225 6.11 -21.93 -28.43
CA SER A 225 6.48 -23.30 -28.71
C SER A 225 5.76 -23.80 -29.97
N LEU A 226 5.97 -25.07 -30.29
CA LEU A 226 5.44 -25.68 -31.49
C LEU A 226 4.60 -26.90 -31.14
N ALA A 227 3.79 -27.34 -32.10
CA ALA A 227 2.85 -28.43 -31.84
C ALA A 227 3.59 -29.74 -31.61
N GLU A 228 2.80 -30.79 -31.34
CA GLU A 228 3.35 -32.11 -31.05
C GLU A 228 3.48 -32.99 -32.29
N GLY A 229 2.41 -33.13 -33.06
CA GLY A 229 2.42 -33.94 -34.26
C GLY A 229 2.04 -33.14 -35.48
N GLU A 230 0.98 -33.55 -36.16
CA GLU A 230 0.47 -32.78 -37.29
C GLU A 230 -0.46 -31.66 -36.78
N ILE A 231 -0.78 -30.72 -37.67
CA ILE A 231 -1.55 -29.56 -37.29
C ILE A 231 -2.84 -30.00 -36.61
N ILE A 232 -3.28 -29.22 -35.64
CA ILE A 232 -4.50 -29.49 -34.88
C ILE A 232 -5.40 -28.27 -34.94
N ILE A 233 -6.70 -28.49 -34.80
CA ILE A 233 -7.69 -27.41 -34.70
C ILE A 233 -8.57 -27.68 -33.49
N ARG A 234 -8.71 -26.67 -32.64
CA ARG A 234 -9.52 -26.76 -31.43
C ARG A 234 -10.59 -25.68 -31.44
N SER A 235 -11.74 -26.00 -30.87
CA SER A 235 -12.82 -25.03 -30.75
C SER A 235 -13.82 -25.55 -29.72
N GLU A 236 -14.67 -24.64 -29.25
CA GLU A 236 -15.79 -25.06 -28.43
C GLU A 236 -16.79 -25.82 -29.29
N ASN A 237 -17.71 -26.54 -28.63
CA ASN A 237 -18.65 -27.39 -29.34
C ASN A 237 -20.05 -27.30 -28.76
N ILE A 238 -20.38 -26.19 -28.10
CA ILE A 238 -21.75 -25.98 -27.66
C ILE A 238 -22.62 -25.52 -28.82
N THR A 239 -22.05 -24.81 -29.77
CA THR A 239 -22.78 -24.36 -30.95
C THR A 239 -21.78 -23.97 -32.02
N LYS A 240 -22.17 -24.20 -33.28
CA LYS A 240 -21.29 -23.90 -34.39
C LYS A 240 -20.85 -22.44 -34.40
N ASN A 241 -21.66 -21.55 -33.83
CA ASN A 241 -21.37 -20.12 -33.86
C ASN A 241 -20.27 -19.78 -32.86
N VAL A 242 -19.05 -20.23 -33.13
CA VAL A 242 -17.97 -20.10 -32.15
C VAL A 242 -17.45 -18.67 -32.11
N LYS A 243 -16.67 -18.39 -31.06
CA LYS A 243 -16.04 -17.08 -30.94
C LYS A 243 -14.69 -17.05 -31.65
N THR A 244 -13.79 -17.94 -31.29
CA THR A 244 -12.40 -17.87 -31.75
C THR A 244 -11.84 -19.27 -31.92
N ILE A 245 -11.83 -19.78 -33.15
CA ILE A 245 -11.22 -21.07 -33.45
C ILE A 245 -9.71 -20.93 -33.40
N ILE A 246 -9.05 -21.87 -32.74
CA ILE A 246 -7.60 -21.89 -32.62
C ILE A 246 -7.06 -22.97 -33.55
N VAL A 247 -5.98 -22.63 -34.26
CA VAL A 247 -5.27 -23.58 -35.13
C VAL A 247 -3.81 -23.60 -34.70
N HIS A 248 -3.27 -24.81 -34.54
CA HIS A 248 -1.97 -25.03 -33.92
C HIS A 248 -1.04 -25.65 -34.95
N LEU A 249 0.08 -24.99 -35.23
CA LEU A 249 1.02 -25.43 -36.24
C LEU A 249 2.13 -26.29 -35.62
N ASN A 250 2.70 -27.17 -36.46
CA ASN A 250 3.90 -27.91 -36.09
C ASN A 250 5.10 -27.43 -36.90
N GLU A 251 4.90 -27.22 -38.20
CA GLU A 251 5.94 -26.75 -39.08
C GLU A 251 6.15 -25.26 -38.82
N SER A 252 7.33 -24.89 -38.34
CA SER A 252 7.60 -23.51 -37.96
C SER A 252 8.00 -22.71 -39.20
N VAL A 253 7.19 -21.71 -39.55
CA VAL A 253 7.51 -20.85 -40.68
C VAL A 253 8.22 -19.60 -40.17
N LYS A 254 9.44 -19.39 -40.64
CA LYS A 254 10.26 -18.29 -40.14
C LYS A 254 9.81 -16.97 -40.74
N ILE A 255 10.08 -15.89 -40.01
CA ILE A 255 9.71 -14.54 -40.42
C ILE A 255 10.76 -13.56 -39.90
N GLU A 256 11.00 -12.50 -40.68
CA GLU A 256 11.95 -11.46 -40.31
C GLU A 256 11.30 -10.09 -40.50
N CYS A 257 11.79 -9.11 -39.75
CA CYS A 257 11.32 -7.74 -39.86
C CYS A 257 12.46 -6.81 -39.48
N THR A 258 12.38 -5.56 -39.97
CA THR A 258 13.46 -4.61 -39.77
C THR A 258 12.91 -3.19 -39.75
N ARG A 259 13.70 -2.29 -39.15
CA ARG A 259 13.36 -0.88 -39.03
C ARG A 259 14.58 -0.09 -39.50
N PRO A 260 14.75 0.04 -40.82
CA PRO A 260 16.06 0.45 -41.37
C PRO A 260 16.58 1.79 -40.87
N ASN A 261 15.71 2.78 -40.71
CA ASN A 261 16.17 4.13 -40.42
C ASN A 261 16.89 4.15 -39.08
N ASN A 262 17.82 5.11 -38.93
CA ASN A 262 18.53 5.28 -37.68
C ASN A 262 17.88 6.40 -36.88
N LYS A 263 17.41 6.08 -35.68
CA LYS A 263 16.78 7.07 -34.82
C LYS A 263 17.81 7.66 -33.87
N THR A 264 17.67 8.95 -33.59
CA THR A 264 18.56 9.67 -32.68
C THR A 264 17.82 10.00 -31.40
N ARG A 265 18.41 9.62 -30.27
CA ARG A 265 17.77 9.85 -28.98
C ARG A 265 18.02 11.27 -28.50
N THR A 266 16.96 11.94 -28.08
CA THR A 266 17.03 13.26 -27.47
C THR A 266 16.13 13.25 -26.24
N SER A 267 16.35 14.21 -25.35
CA SER A 267 15.68 14.17 -24.06
C SER A 267 15.35 15.57 -23.58
N ILE A 268 14.36 15.64 -22.69
CA ILE A 268 14.04 16.82 -21.91
C ILE A 268 13.96 16.39 -20.45
N ARG A 269 14.10 17.35 -19.54
CA ARG A 269 14.02 17.06 -18.12
C ARG A 269 12.85 17.82 -17.50
N ILE A 270 11.99 17.09 -16.80
CA ILE A 270 10.86 17.67 -16.08
C ILE A 270 11.13 17.56 -14.58
N GLY A 271 11.24 20.41 -13.40
CA GLY A 271 11.75 19.62 -12.29
C GLY A 271 10.71 18.66 -11.74
N PRO A 272 11.01 18.04 -10.60
CA PRO A 272 12.25 18.13 -9.84
C PRO A 272 13.38 17.20 -10.31
N GLY A 273 13.10 15.94 -10.64
CA GLY A 273 14.17 14.99 -10.84
C GLY A 273 13.95 13.91 -11.88
N GLN A 274 13.02 14.11 -12.82
CA GLN A 274 12.62 13.05 -13.73
C GLN A 274 12.74 13.54 -15.17
N TRP A 275 13.39 12.73 -16.00
CA TRP A 275 13.67 13.09 -17.39
C TRP A 275 12.62 12.51 -18.33
N PHE A 276 12.49 13.14 -19.50
CA PHE A 276 11.57 12.70 -20.54
C PHE A 276 12.34 12.50 -21.84
N TYR A 277 11.97 11.47 -22.57
CA TYR A 277 12.65 11.09 -23.80
C TYR A 277 11.72 11.29 -24.99
N ALA A 278 12.31 11.41 -26.18
CA ALA A 278 11.55 11.57 -27.41
C ALA A 278 12.41 11.13 -28.57
N THR A 279 11.88 11.32 -29.78
CA THR A 279 12.63 11.03 -30.99
C THR A 279 13.17 12.32 -31.59
N GLY A 280 14.45 12.31 -31.96
CA GLY A 280 15.11 13.49 -32.47
C GLY A 280 15.55 13.38 -33.91
N GLN A 281 16.79 13.75 -34.20
CA GLN A 281 17.31 13.78 -35.55
C GLN A 281 17.19 12.43 -36.23
N VAL A 282 16.83 12.44 -37.51
CA VAL A 282 16.78 11.23 -38.31
C VAL A 282 18.05 11.15 -39.15
N ILE A 283 18.66 9.96 -39.18
CA ILE A 283 19.91 9.72 -39.88
C ILE A 283 19.67 8.65 -40.94
N GLY A 284 20.20 8.88 -42.14
CA GLY A 284 20.04 7.94 -43.24
C GLY A 284 18.86 8.29 -44.12
N ASP A 285 18.77 7.58 -45.24
CA ASP A 285 17.73 7.81 -46.22
C ASP A 285 16.41 7.23 -45.72
N ILE A 286 15.31 7.89 -46.08
CA ILE A 286 14.00 7.51 -45.57
C ILE A 286 13.54 6.22 -46.24
N ARG A 287 12.92 5.34 -45.44
CA ARG A 287 12.36 4.09 -45.93
C ARG A 287 11.21 3.68 -45.02
N GLU A 288 10.45 2.69 -45.47
CA GLU A 288 9.37 2.15 -44.67
C GLU A 288 9.72 0.75 -44.17
N ALA A 289 9.35 0.48 -42.92
CA ALA A 289 9.63 -0.82 -42.32
C ALA A 289 8.88 -1.92 -43.07
N TYR A 290 9.45 -3.12 -43.04
CA TYR A 290 8.93 -4.21 -43.85
C TYR A 290 9.31 -5.54 -43.21
N CYS A 291 8.79 -6.61 -43.81
CA CYS A 291 9.06 -7.98 -43.38
C CYS A 291 9.10 -8.87 -44.62
N ASN A 292 9.54 -10.11 -44.41
CA ASN A 292 9.71 -11.06 -45.50
C ASN A 292 9.14 -12.43 -45.12
N ILE A 293 8.75 -13.19 -46.14
CA ILE A 293 8.14 -14.50 -45.97
C ILE A 293 8.48 -15.36 -47.17
N ASN A 294 8.56 -16.67 -46.95
CA ASN A 294 8.82 -17.64 -48.02
C ASN A 294 7.48 -18.19 -48.51
N GLU A 295 7.03 -17.73 -49.68
CA GLU A 295 5.69 -18.07 -50.14
C GLU A 295 5.48 -19.58 -50.20
N SER A 296 6.52 -20.34 -50.49
CA SER A 296 6.39 -21.79 -50.57
C SER A 296 5.91 -22.36 -49.23
N LYS A 297 6.62 -22.03 -48.16
CA LYS A 297 6.25 -22.57 -46.85
C LYS A 297 4.87 -22.11 -46.44
N TRP A 298 4.57 -20.82 -46.64
CA TRP A 298 3.29 -20.29 -46.21
C TRP A 298 2.14 -20.95 -46.97
N ASN A 299 2.26 -21.08 -48.29
CA ASN A 299 1.17 -21.64 -49.07
C ASN A 299 1.02 -23.13 -48.80
N GLU A 300 2.12 -23.84 -48.57
CA GLU A 300 2.01 -25.24 -48.19
C GLU A 300 1.31 -25.40 -46.85
N THR A 301 1.66 -24.55 -45.88
CA THR A 301 1.00 -24.62 -44.58
C THR A 301 -0.48 -24.31 -44.71
N LEU A 302 -0.82 -23.31 -45.52
CA LEU A 302 -2.23 -23.00 -45.75
C LEU A 302 -2.96 -24.15 -46.41
N GLN A 303 -2.30 -24.82 -47.37
CA GLN A 303 -2.91 -26.00 -47.99
C GLN A 303 -3.23 -27.05 -46.95
N ARG A 304 -2.25 -27.37 -46.09
CA ARG A 304 -2.49 -28.40 -45.08
C ARG A 304 -3.59 -27.97 -44.13
N VAL A 305 -3.63 -26.69 -43.75
CA VAL A 305 -4.68 -26.20 -42.86
C VAL A 305 -6.04 -26.38 -43.52
N SER A 306 -6.14 -26.01 -44.79
CA SER A 306 -7.39 -26.14 -45.52
C SER A 306 -7.85 -27.60 -45.56
N LYS A 307 -6.92 -28.51 -45.82
CA LYS A 307 -7.29 -29.92 -45.89
C LYS A 307 -7.69 -30.48 -44.52
N LYS A 308 -7.06 -30.03 -43.44
CA LYS A 308 -7.54 -30.37 -42.10
C LYS A 308 -8.85 -29.66 -41.80
N LEU A 309 -9.00 -28.43 -42.29
CA LEU A 309 -10.12 -27.59 -41.87
C LEU A 309 -11.46 -28.16 -42.30
N LYS A 310 -11.50 -28.86 -43.43
CA LYS A 310 -12.78 -29.33 -43.97
C LYS A 310 -13.40 -30.43 -43.13
N GLU A 311 -12.67 -30.98 -42.15
CA GLU A 311 -13.21 -32.09 -41.38
C GLU A 311 -14.50 -31.72 -40.67
N TYR A 312 -14.55 -30.54 -40.05
CA TYR A 312 -15.77 -30.07 -39.42
C TYR A 312 -16.77 -29.50 -40.42
N PHE A 313 -16.34 -29.24 -41.65
CA PHE A 313 -17.21 -28.66 -42.69
C PHE A 313 -17.04 -29.52 -43.93
N PRO A 314 -17.93 -30.51 -44.10
CA PRO A 314 -17.61 -31.61 -45.03
C PRO A 314 -17.49 -31.20 -46.49
N HIS A 315 -18.46 -30.46 -47.04
CA HIS A 315 -18.60 -30.36 -48.48
C HIS A 315 -18.51 -28.95 -49.06
N LYS A 316 -18.40 -27.92 -48.23
CA LYS A 316 -18.42 -26.57 -48.76
C LYS A 316 -17.04 -26.13 -49.24
N ASN A 317 -17.03 -25.13 -50.11
CA ASN A 317 -15.79 -24.49 -50.51
C ASN A 317 -15.23 -23.67 -49.36
N ILE A 318 -13.94 -23.36 -49.45
CA ILE A 318 -13.23 -22.66 -48.38
C ILE A 318 -12.48 -21.48 -49.00
N THR A 319 -12.57 -20.33 -48.37
CA THR A 319 -11.97 -19.11 -48.89
C THR A 319 -11.60 -18.17 -47.75
N PHE A 320 -10.57 -17.36 -47.98
CA PHE A 320 -10.00 -16.48 -46.97
C PHE A 320 -10.08 -15.04 -47.44
N GLN A 321 -10.44 -14.15 -46.52
CA GLN A 321 -10.45 -12.71 -46.77
C GLN A 321 -9.75 -12.02 -45.62
N PRO A 322 -9.22 -10.81 -45.84
CA PRO A 322 -8.54 -10.11 -44.76
C PRO A 322 -9.51 -9.61 -43.71
N SER A 323 -8.98 -9.31 -42.53
CA SER A 323 -9.79 -8.82 -41.44
C SER A 323 -10.54 -7.56 -41.87
N SER A 324 -11.51 -7.16 -41.06
CA SER A 324 -12.35 -6.00 -41.36
C SER A 324 -12.63 -5.21 -40.10
N GLY A 325 -12.39 -3.91 -40.17
CA GLY A 325 -12.87 -2.98 -39.16
C GLY A 325 -12.11 -3.05 -37.84
N GLY A 326 -12.48 -2.13 -36.96
CA GLY A 326 -11.91 -2.08 -35.63
C GLY A 326 -10.63 -1.26 -35.59
N ASP A 327 -10.18 -0.99 -34.37
CA ASP A 327 -8.92 -0.30 -34.17
C ASP A 327 -7.78 -1.10 -34.79
N LEU A 328 -6.60 -0.49 -34.81
CA LEU A 328 -5.47 -1.15 -35.45
C LEU A 328 -5.08 -2.45 -34.75
N GLU A 329 -5.53 -2.67 -33.52
CA GLU A 329 -5.12 -3.87 -32.79
C GLU A 329 -5.63 -5.15 -33.42
N ILE A 330 -6.62 -5.10 -34.31
CA ILE A 330 -7.14 -6.32 -34.91
C ILE A 330 -7.12 -6.23 -36.43
N THR A 331 -7.20 -5.02 -36.98
CA THR A 331 -7.16 -4.89 -38.44
C THR A 331 -5.86 -5.39 -39.02
N THR A 332 -4.80 -5.48 -38.20
CA THR A 332 -3.47 -5.80 -38.68
C THR A 332 -2.84 -6.81 -37.75
N HIS A 333 -1.59 -7.16 -38.04
CA HIS A 333 -0.83 -8.04 -37.18
C HIS A 333 0.07 -7.22 -36.26
N SER A 334 0.01 -7.51 -34.97
CA SER A 334 0.69 -6.70 -33.96
C SER A 334 1.66 -7.57 -33.17
N PHE A 335 2.90 -7.09 -33.08
CA PHE A 335 3.94 -7.75 -32.30
C PHE A 335 5.03 -6.73 -32.03
N ASN A 336 5.91 -7.06 -31.10
CA ASN A 336 6.96 -6.14 -30.69
C ASN A 336 8.30 -6.85 -30.61
N CYS A 337 9.33 -6.17 -31.09
CA CYS A 337 10.71 -6.63 -30.99
C CYS A 337 11.57 -5.47 -30.49
N GLY A 338 12.56 -5.81 -29.67
CA GLY A 338 13.56 -4.85 -29.25
C GLY A 338 13.11 -3.89 -28.17
N GLY A 339 11.81 -3.58 -28.14
CA GLY A 339 11.29 -2.62 -27.20
C GLY A 339 10.42 -1.57 -27.86
N GLU A 340 9.99 -1.83 -29.09
CA GLU A 340 9.07 -0.95 -29.80
C GLU A 340 8.04 -1.80 -30.51
N PHE A 341 6.88 -1.20 -30.76
CA PHE A 341 5.70 -1.91 -31.24
C PHE A 341 5.57 -1.76 -32.76
N PHE A 342 4.78 -2.65 -33.35
CA PHE A 342 4.57 -2.68 -34.80
C PHE A 342 3.10 -2.90 -35.12
N TYR A 343 2.72 -2.54 -36.34
CA TYR A 343 1.43 -2.87 -36.93
C TYR A 343 1.65 -3.15 -38.40
N CYS A 344 1.14 -4.29 -38.88
CA CYS A 344 1.47 -4.77 -40.22
C CYS A 344 0.21 -5.21 -40.95
N ASN A 345 -0.07 -4.57 -42.07
CA ASN A 345 -1.20 -4.97 -42.91
C ASN A 345 -0.90 -6.33 -43.54
N THR A 346 -1.87 -7.23 -43.48
CA THR A 346 -1.68 -8.60 -43.95
C THR A 346 -2.72 -9.03 -44.98
N SER A 347 -3.16 -8.12 -45.86
CA SER A 347 -4.11 -8.51 -46.89
C SER A 347 -3.53 -9.55 -47.84
N SER A 348 -2.28 -9.35 -48.25
CA SER A 348 -1.70 -10.24 -49.25
C SER A 348 -1.55 -11.66 -48.75
N LEU A 349 -1.41 -11.85 -47.44
CA LEU A 349 -1.12 -13.17 -46.89
C LEU A 349 -2.38 -13.99 -46.61
N PHE A 350 -3.55 -13.52 -47.03
CA PHE A 350 -4.78 -14.27 -46.81
C PHE A 350 -5.77 -14.22 -47.97
N ASN A 351 -5.41 -13.61 -49.11
CA ASN A 351 -6.30 -13.53 -50.26
C ASN A 351 -6.14 -14.82 -51.06
N ARG A 352 -6.78 -15.88 -50.58
CA ARG A 352 -6.67 -17.20 -51.20
C ARG A 352 -8.04 -17.86 -51.22
N THR A 353 -8.10 -19.02 -51.86
CA THR A 353 -9.33 -19.79 -51.93
C THR A 353 -8.99 -21.24 -52.25
N TYR A 354 -9.99 -22.11 -52.08
CA TYR A 354 -9.81 -23.53 -52.34
C TYR A 354 -11.16 -24.15 -52.65
N MET A 355 -11.11 -25.39 -53.14
CA MET A 355 -12.30 -26.19 -53.36
C MET A 355 -11.95 -27.67 -53.23
N ALA A 356 -12.98 -28.49 -53.05
CA ALA A 356 -12.77 -29.92 -52.90
C ALA A 356 -12.27 -30.53 -54.21
N ASN A 357 -11.42 -31.54 -54.09
CA ASN A 357 -10.85 -32.22 -55.25
C ASN A 357 -10.09 -31.23 -56.13
N ASN A 368 14.12 -22.64 -50.72
CA ASN A 368 12.84 -22.24 -50.17
C ASN A 368 12.59 -20.74 -50.35
N SER A 369 13.53 -20.06 -51.00
CA SER A 369 13.47 -18.61 -51.14
C SER A 369 12.80 -18.16 -52.44
N THR A 370 12.38 -19.09 -53.30
CA THR A 370 11.69 -18.70 -54.52
C THR A 370 10.33 -18.10 -54.18
N ARG A 371 9.96 -17.07 -54.94
CA ARG A 371 8.70 -16.34 -54.71
C ARG A 371 8.64 -15.79 -53.28
N THR A 372 9.59 -14.94 -52.94
CA THR A 372 9.58 -14.28 -51.64
C THR A 372 8.59 -13.13 -51.64
N ILE A 373 7.92 -12.93 -50.51
CA ILE A 373 6.89 -11.89 -50.36
C ILE A 373 7.39 -10.85 -49.37
N THR A 374 6.90 -9.62 -49.53
CA THR A 374 7.23 -8.52 -48.64
C THR A 374 5.95 -7.83 -48.18
N ILE A 375 5.93 -7.40 -46.93
CA ILE A 375 4.79 -6.71 -46.35
C ILE A 375 5.28 -5.46 -45.64
N HIS A 376 4.55 -4.36 -45.80
CA HIS A 376 4.97 -3.05 -45.32
C HIS A 376 4.18 -2.66 -44.09
N CYS A 377 4.89 -2.23 -43.05
CA CYS A 377 4.31 -2.02 -41.74
C CYS A 377 4.43 -0.55 -41.34
N ARG A 378 3.88 -0.24 -40.16
CA ARG A 378 3.99 1.08 -39.54
C ARG A 378 4.19 0.91 -38.05
N ILE A 379 4.80 1.93 -37.43
CA ILE A 379 5.05 1.91 -35.99
C ILE A 379 4.49 3.18 -35.37
N LYS A 380 3.79 3.01 -34.24
CA LYS A 380 3.26 4.12 -33.47
C LYS A 380 3.75 3.98 -32.04
N GLN A 381 3.97 5.12 -31.40
CA GLN A 381 4.54 5.12 -30.06
C GLN A 381 3.50 4.84 -28.98
N ILE A 382 2.50 5.69 -28.87
CA ILE A 382 1.51 5.57 -27.79
C ILE A 382 0.75 4.27 -27.96
N ILE A 383 0.55 3.57 -26.85
CA ILE A 383 -0.11 2.26 -26.86
C ILE A 383 -1.12 2.21 -25.72
N ASN A 384 -2.11 1.33 -25.89
CA ASN A 384 -3.07 1.01 -24.84
C ASN A 384 -2.95 -0.46 -24.50
N MET A 385 -3.00 -0.80 -23.21
CA MET A 385 -3.20 -2.19 -22.85
C MET A 385 -4.49 -2.66 -23.50
N TRP A 386 -4.43 -3.83 -24.13
CA TRP A 386 -5.31 -4.13 -25.25
C TRP A 386 -6.80 -4.16 -24.89
N GLN A 387 -7.16 -3.92 -23.62
CA GLN A 387 -8.57 -3.79 -23.29
C GLN A 387 -8.91 -2.44 -22.66
N GLU A 388 -8.22 -2.10 -21.58
CA GLU A 388 -8.69 -1.03 -20.71
C GLU A 388 -8.39 0.34 -21.28
N VAL A 389 -9.32 1.27 -21.05
CA VAL A 389 -9.06 2.69 -21.25
C VAL A 389 -8.31 3.17 -20.02
N GLY A 390 -7.74 4.38 -20.10
CA GLY A 390 -7.22 5.01 -18.90
C GLY A 390 -5.78 4.72 -18.56
N ARG A 391 -5.09 3.89 -19.33
CA ARG A 391 -3.73 3.50 -18.96
C ARG A 391 -2.79 3.44 -20.16
N ALA A 392 -2.82 4.48 -20.99
CA ALA A 392 -1.91 4.52 -22.14
C ALA A 392 -0.46 4.43 -21.69
N MET A 393 0.30 3.55 -22.32
CA MET A 393 1.74 3.44 -22.10
C MET A 393 2.47 4.17 -23.22
N TYR A 394 3.51 4.90 -22.85
CA TYR A 394 4.32 5.64 -23.81
C TYR A 394 5.74 5.08 -23.79
N ALA A 395 6.23 4.66 -24.95
CA ALA A 395 7.55 4.04 -25.02
C ALA A 395 8.58 5.03 -25.53
N PRO A 396 9.82 4.96 -25.07
CA PRO A 396 10.85 5.84 -25.62
C PRO A 396 11.45 5.24 -26.86
N PRO A 397 11.85 6.06 -27.83
CA PRO A 397 12.40 5.51 -29.07
C PRO A 397 13.75 4.84 -28.84
N ILE A 398 14.04 3.85 -29.69
CA ILE A 398 15.31 3.13 -29.65
C ILE A 398 16.21 3.71 -30.73
N ALA A 399 17.38 4.20 -30.33
CA ALA A 399 18.31 4.79 -31.29
C ALA A 399 18.92 3.69 -32.16
N GLY A 400 19.22 4.06 -33.41
CA GLY A 400 19.81 3.10 -34.33
C GLY A 400 18.76 2.37 -35.13
N ASN A 401 19.02 1.09 -35.40
CA ASN A 401 18.11 0.26 -36.17
C ASN A 401 17.89 -1.07 -35.45
N ILE A 402 16.70 -1.63 -35.64
CA ILE A 402 16.27 -2.85 -34.95
C ILE A 402 15.92 -3.91 -36.00
N THR A 403 16.34 -5.14 -35.72
CA THR A 403 15.98 -6.29 -36.54
C THR A 403 15.81 -7.50 -35.63
N CYS A 404 14.78 -8.29 -35.88
CA CYS A 404 14.50 -9.45 -35.06
C CYS A 404 14.04 -10.61 -35.93
N ILE A 405 14.71 -11.76 -35.79
CA ILE A 405 14.20 -13.00 -36.35
C ILE A 405 13.04 -13.47 -35.49
N SER A 406 12.11 -14.19 -36.10
CA SER A 406 10.95 -14.69 -35.37
C SER A 406 10.28 -15.76 -36.19
N ASN A 407 9.42 -16.53 -35.52
CA ASN A 407 8.72 -17.62 -36.18
C ASN A 407 7.35 -17.80 -35.54
N ILE A 408 6.37 -18.18 -36.35
CA ILE A 408 4.98 -18.28 -35.95
C ILE A 408 4.63 -19.74 -35.72
N THR A 409 3.54 -19.98 -35.01
CA THR A 409 3.19 -21.34 -34.63
C THR A 409 1.69 -21.61 -34.70
N GLY A 410 0.87 -20.57 -34.85
CA GLY A 410 -0.57 -20.77 -34.87
C GLY A 410 -1.30 -19.54 -35.33
N LEU A 411 -2.59 -19.70 -35.59
CA LEU A 411 -3.44 -18.65 -36.11
C LEU A 411 -4.77 -18.65 -35.37
N LEU A 412 -5.44 -17.50 -35.37
CA LEU A 412 -6.76 -17.35 -34.75
C LEU A 412 -7.77 -17.01 -35.84
N LEU A 413 -8.81 -17.83 -35.96
CA LEU A 413 -9.79 -17.70 -37.02
C LEU A 413 -11.19 -17.57 -36.45
N THR A 414 -11.95 -16.63 -37.00
CA THR A 414 -13.39 -16.50 -36.75
C THR A 414 -14.11 -16.57 -38.08
N ARG A 415 -15.41 -16.87 -38.03
CA ARG A 415 -16.16 -17.19 -39.24
C ARG A 415 -17.39 -16.30 -39.39
N ASP A 416 -17.70 -15.98 -40.64
CA ASP A 416 -18.86 -15.17 -40.97
C ASP A 416 -20.11 -16.03 -40.98
N TYR A 417 -21.18 -15.49 -41.56
CA TYR A 417 -22.35 -16.31 -41.87
C TYR A 417 -22.03 -17.24 -43.03
N GLY A 418 -22.43 -18.50 -42.90
CA GLY A 418 -22.17 -19.48 -43.93
C GLY A 418 -23.16 -19.41 -45.07
N LYS A 419 -22.97 -18.46 -45.99
CA LYS A 419 -23.92 -18.25 -47.07
C LYS A 419 -23.72 -19.28 -48.18
N ASN A 420 -24.81 -19.86 -48.64
CA ASN A 420 -24.82 -20.70 -49.84
C ASN A 420 -23.88 -21.89 -49.64
N ASN A 421 -23.22 -22.33 -50.70
CA ASN A 421 -22.40 -23.54 -50.67
C ASN A 421 -20.96 -23.22 -50.26
N THR A 422 -20.70 -21.98 -49.85
CA THR A 422 -19.37 -21.52 -49.54
C THR A 422 -19.28 -21.14 -48.07
N GLU A 423 -18.09 -21.35 -47.50
CA GLU A 423 -17.80 -20.99 -46.12
C GLU A 423 -16.52 -20.18 -46.08
N THR A 424 -16.41 -19.30 -45.10
CA THR A 424 -15.32 -18.32 -45.11
C THR A 424 -14.82 -18.06 -43.71
N PHE A 425 -13.51 -17.85 -43.59
CA PHE A 425 -12.85 -17.56 -42.33
C PHE A 425 -12.04 -16.28 -42.48
N ARG A 426 -11.85 -15.56 -41.38
CA ARG A 426 -11.07 -14.33 -41.40
C ARG A 426 -10.32 -14.18 -40.09
N PRO A 427 -9.20 -13.46 -40.11
CA PRO A 427 -8.33 -13.42 -38.92
C PRO A 427 -8.79 -12.38 -37.91
N GLY A 428 -8.74 -12.76 -36.63
CA GLY A 428 -9.10 -11.86 -35.55
C GLY A 428 -8.30 -12.15 -34.29
N GLY A 429 -8.97 -12.14 -33.15
CA GLY A 429 -8.32 -12.52 -31.90
C GLY A 429 -7.82 -11.35 -31.07
N GLY A 430 -8.67 -10.35 -30.84
CA GLY A 430 -8.26 -9.20 -30.05
C GLY A 430 -8.30 -9.42 -28.55
N ASN A 431 -8.97 -10.47 -28.09
CA ASN A 431 -9.06 -10.77 -26.67
C ASN A 431 -7.76 -11.41 -26.22
N MET A 432 -7.08 -10.79 -25.26
CA MET A 432 -5.81 -11.34 -24.80
C MET A 432 -5.98 -12.68 -24.11
N LYS A 433 -7.20 -13.05 -23.74
CA LYS A 433 -7.42 -14.32 -23.06
C LYS A 433 -7.00 -15.50 -23.94
N ASP A 434 -7.36 -15.46 -25.23
CA ASP A 434 -7.17 -16.63 -26.07
C ASP A 434 -5.71 -17.01 -26.23
N ASN A 435 -4.82 -16.03 -26.33
CA ASN A 435 -3.40 -16.34 -26.53
C ASN A 435 -2.92 -17.35 -25.49
N TRP A 436 -3.20 -17.08 -24.21
CA TRP A 436 -2.79 -18.02 -23.18
C TRP A 436 -3.64 -19.28 -23.21
N ARG A 437 -4.87 -19.19 -23.70
CA ARG A 437 -5.69 -20.39 -23.85
C ARG A 437 -5.02 -21.42 -24.75
N SER A 438 -4.10 -20.97 -25.61
CA SER A 438 -3.46 -21.82 -26.59
C SER A 438 -2.15 -22.43 -26.11
N GLU A 439 -1.77 -22.21 -24.86
CA GLU A 439 -0.52 -22.77 -24.36
C GLU A 439 -0.70 -23.36 -22.96
N LEU A 440 -1.92 -23.27 -22.41
CA LEU A 440 -2.27 -23.93 -21.17
C LEU A 440 -3.42 -24.91 -21.34
N TYR A 441 -3.64 -25.40 -22.56
CA TYR A 441 -4.68 -26.39 -22.81
C TYR A 441 -4.43 -27.69 -22.08
N LYS A 442 -3.20 -27.93 -21.62
CA LYS A 442 -2.82 -29.23 -21.08
C LYS A 442 -3.34 -29.45 -19.66
N TYR A 443 -2.93 -28.57 -18.75
CA TYR A 443 -3.00 -28.90 -17.34
C TYR A 443 -4.40 -28.73 -16.77
N LYS A 444 -4.76 -29.63 -15.85
CA LYS A 444 -5.93 -29.48 -15.00
C LYS A 444 -5.53 -29.79 -13.57
N VAL A 445 -5.91 -28.92 -12.63
CA VAL A 445 -5.42 -28.96 -11.27
C VAL A 445 -6.48 -29.60 -10.38
N VAL A 446 -6.05 -30.51 -9.51
CA VAL A 446 -6.95 -31.17 -8.56
C VAL A 446 -6.22 -31.39 -7.25
N LYS A 447 -6.99 -31.78 -6.23
CA LYS A 447 -6.47 -32.05 -4.90
C LYS A 447 -6.92 -33.43 -4.43
N ILE A 448 -6.15 -34.01 -3.52
CA ILE A 448 -6.33 -35.40 -3.13
C ILE A 448 -7.31 -35.49 -1.96
N GLU A 449 -8.00 -36.62 -1.86
CA GLU A 449 -8.78 -36.97 -0.69
C GLU A 449 -8.11 -38.16 -0.01
N PRO A 450 -7.29 -37.95 1.00
CA PRO A 450 -6.47 -39.04 1.53
C PRO A 450 -7.19 -39.97 2.50
N LEU A 451 -8.52 -39.93 2.53
CA LEU A 451 -9.26 -40.71 3.52
C LEU A 451 -10.39 -41.47 2.84
N GLY A 452 -10.57 -42.72 3.25
CA GLY A 452 -11.60 -43.59 2.71
C GLY A 452 -11.84 -44.75 3.64
N VAL A 453 -12.79 -45.61 3.26
CA VAL A 453 -13.20 -46.72 4.11
C VAL A 453 -13.45 -47.96 3.25
N ALA A 454 -13.61 -49.10 3.94
CA ALA A 454 -13.88 -50.38 3.29
C ALA A 454 -14.18 -51.41 4.37
N PRO A 455 -14.77 -52.55 4.00
CA PRO A 455 -15.05 -53.60 4.98
C PRO A 455 -13.95 -54.65 5.04
N THR A 456 -13.89 -55.37 6.16
CA THR A 456 -13.00 -56.52 6.31
C THR A 456 -13.33 -57.23 7.62
N ARG A 457 -12.49 -58.21 7.97
CA ARG A 457 -12.61 -58.96 9.23
C ARG A 457 -11.24 -59.02 9.88
N CYS A 458 -11.04 -58.21 10.92
CA CYS A 458 -9.71 -57.88 11.42
C CYS A 458 -9.61 -57.82 12.94
N LYS A 459 -10.08 -58.85 13.66
CA LYS A 459 -10.16 -58.79 15.12
C LYS A 459 -8.82 -58.53 15.77
N ARG A 460 -8.78 -57.57 16.70
CA ARG A 460 -7.61 -57.36 17.53
C ARG A 460 -7.66 -58.25 18.77
N ARG A 461 -6.55 -58.26 19.51
CA ARG A 461 -6.47 -58.94 20.80
C ARG A 461 -6.91 -57.95 21.87
N VAL A 462 -8.23 -57.76 21.96
CA VAL A 462 -8.82 -56.81 22.89
C VAL A 462 -8.32 -57.08 24.30
N VAL B 13 12.25 -34.44 -1.34
CA VAL B 13 11.90 -35.89 -1.48
C VAL B 13 10.62 -36.01 -2.29
N PHE B 14 10.73 -36.60 -3.48
CA PHE B 14 9.57 -36.76 -4.36
C PHE B 14 9.88 -37.83 -5.39
N LEU B 15 9.03 -38.86 -5.43
CA LEU B 15 9.16 -39.90 -6.44
C LEU B 15 7.93 -40.79 -6.37
N GLY B 16 7.47 -41.23 -7.55
CA GLY B 16 6.37 -42.16 -7.65
C GLY B 16 5.07 -41.62 -7.09
N PHE B 17 4.98 -40.31 -6.89
CA PHE B 17 3.77 -39.72 -6.34
C PHE B 17 2.56 -40.10 -7.18
N LEU B 18 1.50 -40.54 -6.50
CA LEU B 18 0.30 -41.01 -7.18
C LEU B 18 0.64 -42.21 -8.07
N GLY B 19 1.80 -42.81 -7.86
CA GLY B 19 2.28 -43.83 -8.79
C GLY B 19 1.40 -45.06 -8.85
N ALA B 20 1.02 -45.60 -7.69
CA ALA B 20 0.29 -46.87 -7.66
C ALA B 20 -1.15 -46.73 -8.11
N ALA B 21 -1.65 -45.51 -8.31
CA ALA B 21 -3.04 -45.33 -8.71
C ALA B 21 -3.37 -46.23 -9.90
N GLY B 22 -4.59 -46.75 -9.91
CA GLY B 22 -5.05 -47.63 -10.95
C GLY B 22 -4.79 -49.10 -10.71
N SER B 23 -3.91 -49.44 -9.78
CA SER B 23 -3.63 -50.85 -9.50
C SER B 23 -4.74 -51.44 -8.64
N THR B 24 -4.58 -52.74 -8.34
CA THR B 24 -5.51 -53.38 -7.42
C THR B 24 -5.39 -52.78 -6.03
N MET B 25 -6.52 -52.74 -5.32
CA MET B 25 -6.53 -52.15 -3.99
C MET B 25 -5.54 -52.83 -3.06
N GLY B 26 -5.36 -54.14 -3.19
CA GLY B 26 -4.41 -54.86 -2.36
C GLY B 26 -3.02 -54.27 -2.44
N ALA B 27 -2.40 -54.36 -3.62
CA ALA B 27 -1.07 -53.77 -3.80
C ALA B 27 -1.09 -52.27 -3.57
N ALA B 28 -2.15 -51.59 -4.00
CA ALA B 28 -2.25 -50.16 -3.76
C ALA B 28 -2.01 -49.82 -2.30
N SER B 29 -2.65 -50.58 -1.40
CA SER B 29 -2.44 -50.35 0.03
C SER B 29 -0.99 -50.55 0.43
N MET B 30 -0.27 -51.43 -0.27
CA MET B 30 1.13 -51.68 0.04
C MET B 30 2.03 -50.49 -0.26
N THR B 31 1.53 -49.48 -0.96
CA THR B 31 2.34 -48.35 -1.39
C THR B 31 1.92 -47.04 -0.72
N LEU B 32 1.06 -47.10 0.30
CA LEU B 32 0.48 -45.88 0.85
C LEU B 32 1.54 -44.97 1.46
N THR B 33 2.50 -45.55 2.17
CA THR B 33 3.32 -44.77 3.10
C THR B 33 4.08 -43.64 2.42
N VAL B 34 4.35 -43.73 1.11
CA VAL B 34 5.17 -42.72 0.46
C VAL B 34 4.48 -41.36 0.49
N GLN B 35 3.22 -41.31 0.07
CA GLN B 35 2.54 -40.04 -0.13
C GLN B 35 2.15 -39.38 1.18
N ALA B 36 2.28 -40.07 2.31
CA ALA B 36 1.99 -39.44 3.59
C ALA B 36 2.94 -38.28 3.87
N ARG B 37 4.06 -38.23 3.16
CA ARG B 37 5.05 -37.18 3.32
C ARG B 37 4.73 -35.91 2.55
N ASN B 38 3.59 -35.87 1.85
CA ASN B 38 3.25 -34.69 1.05
C ASN B 38 2.82 -33.53 1.93
N LEU B 39 3.79 -32.83 2.51
CA LEU B 39 3.51 -31.66 3.33
C LEU B 39 4.73 -30.75 3.27
N LEU B 40 4.57 -29.59 2.62
CA LEU B 40 5.68 -28.67 2.45
C LEU B 40 5.16 -27.24 2.52
N SER B 41 6.06 -26.32 2.83
CA SER B 41 5.74 -24.90 2.87
C SER B 41 4.47 -24.62 3.64
N GLY B 67 3.05 -12.69 -6.80
CA GLY B 67 2.17 -11.80 -6.08
C GLY B 67 2.37 -11.87 -4.58
N ILE B 68 1.37 -11.38 -3.83
CA ILE B 68 1.43 -11.36 -2.37
C ILE B 68 0.46 -12.32 -1.72
N LYS B 69 -0.15 -13.23 -2.49
CA LYS B 69 -1.11 -14.18 -1.97
C LYS B 69 -0.48 -15.51 -1.57
N GLN B 70 0.85 -15.63 -1.63
CA GLN B 70 1.51 -16.90 -1.37
C GLN B 70 1.23 -17.39 0.04
N LEU B 71 1.25 -16.48 1.02
CA LEU B 71 1.14 -16.90 2.41
C LEU B 71 -0.17 -17.61 2.69
N GLN B 72 -1.24 -17.26 1.97
CA GLN B 72 -2.53 -17.92 2.21
C GLN B 72 -2.51 -19.36 1.71
N ALA B 73 -1.84 -19.63 0.59
CA ALA B 73 -1.78 -20.99 0.07
C ALA B 73 -1.07 -21.91 1.06
N ARG B 74 0.05 -21.46 1.63
CA ARG B 74 0.80 -22.30 2.55
C ARG B 74 -0.04 -22.67 3.77
N VAL B 75 -0.65 -21.67 4.41
CA VAL B 75 -1.44 -21.94 5.60
C VAL B 75 -2.61 -22.87 5.27
N LEU B 76 -3.11 -22.81 4.04
CA LEU B 76 -4.16 -23.74 3.64
C LEU B 76 -3.69 -25.18 3.71
N ALA B 77 -2.44 -25.44 3.32
CA ALA B 77 -1.93 -26.81 3.41
C ALA B 77 -1.91 -27.29 4.86
N VAL B 78 -1.45 -26.46 5.79
CA VAL B 78 -1.40 -26.87 7.18
C VAL B 78 -2.80 -27.12 7.71
N GLU B 79 -3.74 -26.22 7.41
CA GLU B 79 -5.11 -26.42 7.88
C GLU B 79 -5.69 -27.71 7.31
N ARG B 80 -5.53 -27.92 6.00
CA ARG B 80 -6.01 -29.14 5.37
C ARG B 80 -5.44 -30.37 6.05
N TYR B 81 -4.13 -30.39 6.28
CA TYR B 81 -3.50 -31.55 6.89
C TYR B 81 -4.05 -31.80 8.29
N LEU B 82 -4.07 -30.76 9.12
CA LEU B 82 -4.46 -30.96 10.52
C LEU B 82 -5.91 -31.42 10.63
N ARG B 83 -6.79 -30.86 9.79
CA ARG B 83 -8.20 -31.25 9.89
C ARG B 83 -8.34 -32.76 9.74
N ASP B 84 -7.77 -33.33 8.68
CA ASP B 84 -7.93 -34.76 8.46
C ASP B 84 -7.05 -35.58 9.38
N GLN B 85 -6.00 -34.98 9.97
CA GLN B 85 -5.16 -35.74 10.88
C GLN B 85 -5.85 -35.93 12.23
N GLN B 86 -6.51 -34.90 12.73
CA GLN B 86 -7.14 -34.99 14.05
C GLN B 86 -8.31 -35.97 14.05
N LEU B 87 -8.99 -36.12 12.92
CA LEU B 87 -10.08 -37.08 12.85
C LEU B 87 -9.60 -38.50 13.13
N LEU B 88 -8.46 -38.89 12.57
CA LEU B 88 -7.88 -40.20 12.90
C LEU B 88 -7.45 -40.29 14.35
N GLY B 89 -7.19 -39.16 15.01
CA GLY B 89 -6.99 -39.16 16.44
C GLY B 89 -8.27 -39.51 17.17
N ILE B 90 -9.39 -39.00 16.65
CA ILE B 90 -10.68 -39.30 17.27
C ILE B 90 -10.99 -40.79 17.18
N TRP B 91 -10.79 -41.39 16.01
CA TRP B 91 -11.16 -42.77 15.77
C TRP B 91 -10.12 -43.77 16.31
N GLY B 92 -9.22 -43.33 17.17
CA GLY B 92 -8.25 -44.23 17.75
C GLY B 92 -7.34 -44.91 16.75
N CYS B 93 -6.85 -44.17 15.76
CA CYS B 93 -6.03 -44.74 14.71
C CYS B 93 -4.88 -43.85 14.27
N SER B 94 -4.55 -42.80 15.03
CA SER B 94 -3.48 -41.91 14.62
C SER B 94 -2.13 -42.60 14.55
N GLY B 95 -1.95 -43.70 15.28
CA GLY B 95 -0.69 -44.41 15.31
C GLY B 95 -0.48 -45.41 14.21
N LYS B 96 -1.39 -45.50 13.25
CA LYS B 96 -1.27 -46.45 12.15
C LYS B 96 -1.79 -45.81 10.87
N LEU B 97 -1.15 -46.16 9.76
CA LEU B 97 -1.68 -45.82 8.45
C LEU B 97 -2.75 -46.80 7.99
N ILE B 98 -2.96 -47.88 8.72
CA ILE B 98 -4.04 -48.82 8.48
C ILE B 98 -4.64 -49.18 9.83
N CYS B 99 -5.96 -49.28 9.89
CA CYS B 99 -6.63 -49.39 11.17
C CYS B 99 -7.99 -50.06 11.01
N CYS B 100 -8.53 -50.51 12.14
CA CYS B 100 -9.88 -51.02 12.25
C CYS B 100 -10.53 -50.48 13.52
N THR B 101 -11.85 -50.60 13.57
CA THR B 101 -12.61 -50.35 14.79
C THR B 101 -13.88 -51.18 14.75
N ASN B 102 -14.46 -51.40 15.93
CA ASN B 102 -15.54 -52.37 16.09
C ASN B 102 -16.89 -51.72 15.75
N VAL B 103 -17.20 -51.72 14.46
CA VAL B 103 -18.54 -51.41 13.96
C VAL B 103 -18.82 -52.29 12.75
N PRO B 104 -19.92 -53.04 12.74
CA PRO B 104 -20.15 -53.95 11.62
C PRO B 104 -20.74 -53.24 10.41
N TRP B 105 -20.35 -53.74 9.23
CA TRP B 105 -20.91 -53.27 7.98
C TRP B 105 -22.37 -53.70 7.86
N ASN B 106 -23.10 -53.00 6.99
CA ASN B 106 -24.49 -53.34 6.71
C ASN B 106 -24.83 -52.90 5.29
N SER B 107 -25.93 -53.46 4.78
CA SER B 107 -26.30 -53.26 3.38
C SER B 107 -27.01 -51.95 3.12
N SER B 108 -27.32 -51.15 4.14
CA SER B 108 -27.95 -49.87 3.90
C SER B 108 -27.09 -48.95 3.04
N TRP B 109 -25.77 -49.21 2.98
CA TRP B 109 -24.85 -48.47 2.13
C TRP B 109 -24.61 -49.19 0.80
N SER B 110 -25.61 -49.92 0.30
CA SER B 110 -25.42 -50.83 -0.83
C SER B 110 -24.56 -51.99 -0.38
N ASN B 111 -24.57 -53.09 -1.15
CA ASN B 111 -23.83 -54.28 -0.77
C ASN B 111 -23.30 -54.98 -2.01
N ARG B 112 -22.12 -55.58 -1.86
CA ARG B 112 -21.46 -56.29 -2.94
C ARG B 112 -20.67 -57.44 -2.35
N ASN B 113 -20.33 -58.41 -3.20
CA ASN B 113 -19.39 -59.44 -2.78
C ASN B 113 -18.06 -58.83 -2.38
N LEU B 114 -17.41 -58.15 -3.33
CA LEU B 114 -16.27 -57.28 -3.04
C LEU B 114 -15.00 -58.07 -2.71
N SER B 115 -15.11 -59.40 -2.56
CA SER B 115 -13.91 -60.22 -2.46
C SER B 115 -13.22 -60.36 -3.80
N GLU B 116 -13.92 -60.06 -4.89
CA GLU B 116 -13.36 -60.01 -6.24
C GLU B 116 -13.34 -58.60 -6.79
N ILE B 117 -14.26 -57.74 -6.35
CA ILE B 117 -14.23 -56.34 -6.76
C ILE B 117 -13.04 -55.64 -6.11
N TRP B 118 -12.43 -56.27 -5.11
CA TRP B 118 -11.24 -55.70 -4.48
C TRP B 118 -10.12 -55.51 -5.49
N ASP B 119 -10.16 -56.24 -6.60
CA ASP B 119 -9.12 -56.15 -7.63
C ASP B 119 -9.63 -55.52 -8.92
N ASN B 120 -10.93 -55.69 -9.22
CA ASN B 120 -11.44 -55.28 -10.52
C ASN B 120 -11.50 -53.76 -10.65
N MET B 121 -12.04 -53.08 -9.64
CA MET B 121 -12.45 -51.69 -9.77
C MET B 121 -11.36 -50.68 -9.46
N THR B 122 -10.12 -51.13 -9.29
CA THR B 122 -9.04 -50.26 -8.80
C THR B 122 -9.60 -49.45 -7.64
N TRP B 123 -9.17 -48.21 -7.47
CA TRP B 123 -9.64 -47.40 -6.35
C TRP B 123 -10.59 -46.29 -6.78
N LEU B 124 -10.33 -45.62 -7.91
CA LEU B 124 -11.10 -44.44 -8.26
C LEU B 124 -12.60 -44.73 -8.29
N GLN B 125 -13.00 -45.86 -8.85
CA GLN B 125 -14.41 -46.18 -8.92
C GLN B 125 -15.03 -46.33 -7.54
N TRP B 126 -14.29 -46.92 -6.60
CA TRP B 126 -14.84 -47.14 -5.27
C TRP B 126 -15.31 -45.84 -4.64
N ASP B 127 -14.60 -44.74 -4.89
CA ASP B 127 -14.97 -43.47 -4.27
C ASP B 127 -16.38 -43.06 -4.66
N LYS B 128 -16.67 -43.02 -5.96
CA LYS B 128 -17.99 -42.66 -6.43
C LYS B 128 -19.04 -43.71 -6.10
N GLU B 129 -18.64 -44.92 -5.74
CA GLU B 129 -19.60 -45.97 -5.44
C GLU B 129 -20.18 -45.80 -4.03
N ILE B 130 -19.36 -45.34 -3.09
CA ILE B 130 -19.75 -45.30 -1.69
C ILE B 130 -19.82 -43.89 -1.12
N SER B 131 -19.37 -42.88 -1.87
CA SER B 131 -19.29 -41.53 -1.32
C SER B 131 -20.64 -41.06 -0.79
N ASN B 132 -21.73 -41.53 -1.39
CA ASN B 132 -23.05 -41.04 -1.01
C ASN B 132 -23.40 -41.30 0.45
N TYR B 133 -22.72 -42.25 1.09
CA TYR B 133 -23.01 -42.63 2.47
C TYR B 133 -21.89 -42.32 3.44
N THR B 134 -20.74 -41.83 2.95
CA THR B 134 -19.59 -41.67 3.83
C THR B 134 -19.90 -40.77 5.01
N GLN B 135 -20.52 -39.61 4.76
CA GLN B 135 -20.85 -38.68 5.83
C GLN B 135 -21.70 -39.33 6.92
N ILE B 136 -22.48 -40.36 6.58
CA ILE B 136 -23.25 -41.09 7.58
C ILE B 136 -22.33 -41.96 8.42
N ILE B 137 -21.31 -42.55 7.79
CA ILE B 137 -20.53 -43.59 8.43
C ILE B 137 -19.81 -43.06 9.66
N TYR B 138 -19.31 -41.82 9.61
CA TYR B 138 -18.55 -41.28 10.73
C TYR B 138 -19.33 -41.38 12.03
N GLY B 139 -20.64 -41.18 11.99
CA GLY B 139 -21.43 -41.25 13.21
C GLY B 139 -21.29 -42.56 13.93
N LEU B 140 -21.26 -43.67 13.19
CA LEU B 140 -21.08 -44.97 13.82
C LEU B 140 -19.74 -45.05 14.54
N LEU B 141 -18.67 -44.55 13.91
CA LEU B 141 -17.35 -44.63 14.52
C LEU B 141 -17.32 -43.87 15.84
N GLU B 142 -17.92 -42.68 15.87
CA GLU B 142 -17.84 -41.85 17.07
C GLU B 142 -18.34 -42.60 18.29
N GLU B 143 -19.55 -43.14 18.21
CA GLU B 143 -20.15 -43.78 19.37
C GLU B 143 -19.37 -45.01 19.79
N SER B 144 -18.92 -45.81 18.82
CA SER B 144 -18.17 -47.02 19.16
C SER B 144 -16.88 -46.67 19.89
N GLN B 145 -16.09 -45.74 19.35
CA GLN B 145 -14.87 -45.35 20.03
C GLN B 145 -15.16 -44.73 21.39
N ASN B 146 -16.24 -43.95 21.48
CA ASN B 146 -16.57 -43.30 22.74
C ASN B 146 -16.94 -44.31 23.81
N GLN B 147 -17.68 -45.36 23.47
CA GLN B 147 -18.04 -46.36 24.48
C GLN B 147 -16.83 -47.23 24.81
N GLN B 148 -15.94 -47.46 23.84
CA GLN B 148 -14.67 -48.10 24.16
C GLN B 148 -13.92 -47.31 25.23
N GLU B 149 -13.82 -45.99 25.03
CA GLU B 149 -13.15 -45.15 26.00
C GLU B 149 -13.91 -45.10 27.33
N LYS B 150 -15.24 -45.15 27.26
CA LYS B 150 -16.04 -45.23 28.48
C LYS B 150 -15.67 -46.46 29.30
N ASN B 151 -15.56 -47.61 28.64
CA ASN B 151 -15.12 -48.82 29.34
C ASN B 151 -13.71 -48.64 29.89
N GLU B 152 -12.82 -48.04 29.10
CA GLU B 152 -11.44 -47.85 29.56
C GLU B 152 -11.36 -46.90 30.75
N GLN B 153 -12.38 -46.06 30.93
CA GLN B 153 -12.32 -45.00 31.94
C GLN B 153 -11.82 -45.47 33.28
N ASP B 154 -12.04 -46.75 33.63
CA ASP B 154 -11.77 -47.22 34.98
C ASP B 154 -10.45 -47.96 35.12
N LEU B 155 -9.59 -47.96 34.09
CA LEU B 155 -8.49 -48.91 34.03
C LEU B 155 -7.18 -48.29 33.54
N LEU B 156 -6.79 -47.11 34.06
CA LEU B 156 -5.74 -46.34 33.39
C LEU B 156 -4.51 -46.03 34.24
N ALA B 157 -4.62 -45.61 35.49
CA ALA B 157 -3.39 -45.31 36.22
C ALA B 157 -3.64 -45.09 37.71
N LEU B 158 -2.67 -45.52 38.52
CA LEU B 158 -2.68 -45.39 39.98
C LEU B 158 -1.27 -45.71 40.45
N ASP B 159 -1.09 -45.84 41.76
CA ASP B 159 0.20 -46.23 42.33
C ASP B 159 0.79 -47.44 41.62
N GLN C 1 -32.68 -2.70 -14.01
CA GLN C 1 -31.49 -1.93 -13.52
C GLN C 1 -30.64 -1.48 -14.69
N VAL C 2 -30.31 -2.42 -15.58
CA VAL C 2 -29.55 -2.08 -16.78
C VAL C 2 -30.51 -1.54 -17.84
N ARG C 3 -30.11 -0.46 -18.50
CA ARG C 3 -30.94 0.18 -19.50
C ARG C 3 -30.17 0.34 -20.80
N LEU C 4 -30.90 0.41 -21.90
CA LEU C 4 -30.36 0.77 -23.20
C LEU C 4 -31.34 1.74 -23.87
N ALA C 5 -30.97 3.01 -23.92
CA ALA C 5 -31.81 4.06 -24.49
C ALA C 5 -31.35 4.37 -25.91
N GLN C 6 -32.26 4.91 -26.70
CA GLN C 6 -32.01 5.24 -28.10
C GLN C 6 -32.35 6.68 -28.38
N TYR C 7 -31.63 7.28 -29.32
CA TYR C 7 -31.89 8.63 -29.79
C TYR C 7 -31.89 8.62 -31.30
N GLY C 8 -32.25 9.76 -31.88
CA GLY C 8 -32.27 9.89 -33.32
C GLY C 8 -33.45 9.16 -33.92
N GLY C 9 -33.36 8.82 -35.20
CA GLY C 9 -34.47 8.20 -35.89
C GLY C 9 -35.34 9.22 -36.58
N GLY C 10 -36.65 9.13 -36.36
CA GLY C 10 -37.55 10.09 -36.98
C GLY C 10 -37.67 9.84 -38.48
N VAL C 11 -38.34 10.78 -39.14
CA VAL C 11 -38.56 10.67 -40.58
C VAL C 11 -37.27 10.97 -41.32
N LYS C 12 -37.14 10.41 -42.53
CA LYS C 12 -36.01 10.67 -43.40
C LYS C 12 -36.50 10.70 -44.84
N ARG C 13 -35.71 11.33 -45.71
CA ARG C 13 -36.06 11.41 -47.11
C ARG C 13 -35.51 10.21 -47.88
N LEU C 14 -36.22 9.82 -48.93
CA LEU C 14 -35.84 8.64 -49.70
C LEU C 14 -34.44 8.80 -50.25
N GLY C 15 -33.69 7.70 -50.24
CA GLY C 15 -32.35 7.68 -50.79
C GLY C 15 -31.31 8.42 -49.96
N ALA C 16 -31.60 8.73 -48.70
CA ALA C 16 -30.69 9.51 -47.89
C ALA C 16 -30.01 8.64 -46.83
N THR C 17 -28.88 9.13 -46.34
CA THR C 17 -28.17 8.48 -45.24
C THR C 17 -28.88 8.78 -43.93
N MET C 18 -28.68 7.88 -42.96
CA MET C 18 -29.38 8.00 -41.68
C MET C 18 -28.51 7.41 -40.59
N THR C 19 -28.80 7.81 -39.35
CA THR C 19 -28.03 7.41 -38.18
C THR C 19 -28.94 7.04 -37.04
N LEU C 20 -28.53 6.08 -36.23
CA LEU C 20 -29.15 5.77 -34.95
C LEU C 20 -28.07 5.82 -33.87
N SER C 21 -28.43 5.35 -32.67
CA SER C 21 -27.46 5.36 -31.58
C SER C 21 -27.99 4.59 -30.39
N CYS C 22 -27.07 3.98 -29.65
CA CYS C 22 -27.36 3.39 -28.34
C CYS C 22 -26.48 4.09 -27.32
N VAL C 23 -27.00 4.22 -26.10
CA VAL C 23 -26.23 4.71 -24.97
C VAL C 23 -26.30 3.65 -23.88
N ALA C 24 -25.14 3.17 -23.45
CA ALA C 24 -25.08 2.10 -22.48
C ALA C 24 -25.30 2.63 -21.07
N SER C 25 -25.65 1.73 -20.17
CA SER C 25 -25.75 2.04 -18.74
C SER C 25 -24.67 1.26 -18.03
N GLY C 26 -24.45 1.59 -16.76
CA GLY C 26 -23.30 1.06 -16.06
C GLY C 26 -23.43 -0.39 -15.61
N TYR C 27 -23.49 -1.33 -16.56
CA TYR C 27 -23.35 -2.73 -16.17
C TYR C 27 -21.90 -3.16 -16.36
N THR C 28 -21.42 -3.18 -17.60
CA THR C 28 -19.98 -3.23 -17.88
C THR C 28 -19.87 -3.13 -19.40
N PHE C 29 -19.03 -2.24 -19.90
CA PHE C 29 -19.04 -2.00 -21.33
C PHE C 29 -18.14 -2.97 -22.10
N ASN C 30 -17.24 -3.68 -21.43
CA ASN C 30 -16.26 -4.51 -22.11
C ASN C 30 -16.56 -6.00 -22.08
N ASP C 31 -17.68 -6.42 -21.47
CA ASP C 31 -17.90 -7.83 -21.19
C ASP C 31 -19.10 -8.40 -21.95
N TYR C 32 -19.62 -7.69 -22.94
CA TYR C 32 -20.81 -8.14 -23.64
C TYR C 32 -20.76 -7.66 -25.08
N TYR C 33 -21.50 -8.33 -25.95
CA TYR C 33 -21.69 -7.87 -27.31
C TYR C 33 -22.88 -6.92 -27.42
N ILE C 34 -23.21 -6.57 -28.66
CA ILE C 34 -24.38 -5.79 -29.02
C ILE C 34 -24.85 -6.28 -30.38
N HIS C 35 -26.16 -6.39 -30.56
CA HIS C 35 -26.74 -6.72 -31.85
C HIS C 35 -27.72 -5.64 -32.28
N TRP C 36 -28.01 -5.59 -33.57
CA TRP C 36 -29.03 -4.71 -34.12
C TRP C 36 -30.09 -5.57 -34.79
N VAL C 37 -31.34 -5.45 -34.36
CA VAL C 37 -32.43 -6.20 -34.95
C VAL C 37 -33.56 -5.24 -35.30
N ARG C 38 -34.18 -5.49 -36.45
CA ARG C 38 -35.23 -4.65 -36.99
C ARG C 38 -36.45 -5.50 -37.28
N GLN C 39 -37.59 -4.84 -37.44
CA GLN C 39 -38.86 -5.53 -37.61
C GLN C 39 -39.77 -4.69 -38.51
N ALA C 40 -39.93 -5.12 -39.75
CA ALA C 40 -40.94 -4.50 -40.60
C ALA C 40 -42.33 -4.83 -40.07
N PRO C 41 -43.29 -3.92 -40.23
CA PRO C 41 -44.65 -4.22 -39.74
C PRO C 41 -45.26 -5.40 -40.47
N GLY C 42 -45.93 -6.27 -39.71
CA GLY C 42 -46.50 -7.47 -40.30
C GLY C 42 -45.49 -8.41 -40.91
N GLN C 43 -44.31 -8.54 -40.30
CA GLN C 43 -43.26 -9.41 -40.79
C GLN C 43 -42.50 -10.01 -39.62
N GLY C 44 -41.87 -11.14 -39.88
CA GLY C 44 -40.95 -11.69 -38.90
C GLY C 44 -39.66 -10.91 -38.83
N PHE C 45 -39.01 -11.00 -37.68
CA PHE C 45 -37.76 -10.28 -37.49
C PHE C 45 -36.69 -10.75 -38.47
N GLU C 46 -35.57 -10.07 -38.45
CA GLU C 46 -34.34 -10.52 -39.07
C GLU C 46 -33.19 -9.80 -38.38
N LEU C 47 -31.98 -10.28 -38.59
CA LEU C 47 -30.81 -9.72 -37.93
C LEU C 47 -29.94 -8.99 -38.95
N LEU C 48 -29.22 -7.97 -38.49
CA LEU C 48 -28.33 -7.23 -39.37
C LEU C 48 -26.88 -7.65 -39.18
N GLY C 49 -26.36 -7.50 -37.98
CA GLY C 49 -24.97 -7.81 -37.70
C GLY C 49 -24.63 -7.41 -36.29
N TYR C 50 -23.49 -7.90 -35.81
CA TYR C 50 -23.13 -7.74 -34.42
C TYR C 50 -21.76 -7.10 -34.28
N ILE C 51 -21.66 -6.16 -33.35
CA ILE C 51 -20.45 -5.38 -33.10
C ILE C 51 -20.00 -5.65 -31.67
N ASP C 52 -18.71 -5.92 -31.51
CA ASP C 52 -18.12 -6.11 -30.20
C ASP C 52 -17.54 -4.79 -29.74
N PRO C 53 -17.89 -4.27 -28.55
CA PRO C 53 -17.32 -3.00 -28.12
C PRO C 53 -15.84 -3.08 -27.82
N ALA C 54 -15.31 -4.27 -27.55
CA ALA C 54 -13.91 -4.39 -27.13
C ALA C 54 -12.97 -3.77 -28.16
N ASN C 55 -12.86 -4.39 -29.34
CA ASN C 55 -11.91 -3.96 -30.34
C ASN C 55 -12.56 -3.34 -31.58
N GLY C 56 -13.86 -3.49 -31.74
CA GLY C 56 -14.56 -2.88 -32.85
C GLY C 56 -14.83 -3.79 -34.03
N ARG C 57 -14.69 -5.09 -33.87
CA ARG C 57 -14.91 -5.99 -34.99
C ARG C 57 -16.38 -5.91 -35.40
N PRO C 58 -16.68 -5.67 -36.67
CA PRO C 58 -18.03 -5.88 -37.17
C PRO C 58 -18.17 -7.24 -37.83
N ASP C 59 -19.41 -7.57 -38.19
CA ASP C 59 -19.70 -8.72 -39.02
C ASP C 59 -21.15 -8.61 -39.46
N TYR C 60 -21.38 -8.74 -40.76
CA TYR C 60 -22.61 -8.26 -41.37
C TYR C 60 -23.43 -9.44 -41.87
N ALA C 61 -24.73 -9.21 -42.01
CA ALA C 61 -25.57 -10.17 -42.70
C ALA C 61 -25.17 -10.22 -44.17
N GLY C 62 -25.36 -11.39 -44.78
CA GLY C 62 -24.91 -11.59 -46.14
C GLY C 62 -25.58 -10.70 -47.17
N ALA C 63 -26.73 -10.12 -46.82
CA ALA C 63 -27.51 -9.37 -47.78
C ALA C 63 -27.21 -7.88 -47.80
N LEU C 64 -26.31 -7.38 -46.93
CA LEU C 64 -26.16 -5.94 -46.80
C LEU C 64 -24.71 -5.49 -46.62
N ARG C 65 -23.71 -6.26 -47.07
CA ARG C 65 -22.33 -5.89 -46.79
C ARG C 65 -21.78 -4.87 -47.76
N GLU C 66 -22.54 -3.81 -48.06
CA GLU C 66 -22.01 -2.60 -48.67
C GLU C 66 -22.59 -1.36 -47.99
N ARG C 67 -23.82 -1.48 -47.52
CA ARG C 67 -24.62 -0.32 -47.15
C ARG C 67 -24.58 -0.01 -45.67
N LEU C 68 -24.00 -0.88 -44.85
CA LEU C 68 -24.00 -0.71 -43.41
C LEU C 68 -22.64 -0.25 -42.91
N SER C 69 -22.59 0.09 -41.62
CA SER C 69 -21.36 0.55 -41.00
C SER C 69 -21.57 0.66 -39.50
N PHE C 70 -20.53 0.29 -38.75
CA PHE C 70 -20.54 0.40 -37.30
C PHE C 70 -19.21 0.96 -36.81
N TYR C 71 -19.25 1.51 -35.61
CA TYR C 71 -18.05 1.92 -34.91
C TYR C 71 -18.47 2.37 -33.52
N ARG C 72 -17.49 2.46 -32.62
CA ARG C 72 -17.80 2.70 -31.22
C ARG C 72 -16.69 3.51 -30.58
N ASP C 73 -17.01 4.10 -29.43
CA ASP C 73 -16.05 4.72 -28.55
C ASP C 73 -16.29 4.25 -27.13
N LYS C 74 -15.22 3.88 -26.43
CA LYS C 74 -15.36 3.40 -25.06
C LYS C 74 -15.32 4.52 -24.04
N SER C 75 -14.94 5.74 -24.44
CA SER C 75 -14.84 6.81 -23.47
C SER C 75 -16.19 7.16 -22.85
N MET C 76 -17.24 7.22 -23.67
CA MET C 76 -18.58 7.58 -23.20
C MET C 76 -19.57 6.43 -23.33
N GLU C 77 -19.08 5.23 -23.65
CA GLU C 77 -19.92 4.04 -23.71
C GLU C 77 -21.05 4.22 -24.72
N THR C 78 -20.66 4.43 -25.99
CA THR C 78 -21.59 4.80 -27.04
C THR C 78 -21.35 3.93 -28.27
N LEU C 79 -22.41 3.71 -29.03
CA LEU C 79 -22.34 2.95 -30.28
C LEU C 79 -23.21 3.62 -31.34
N TYR C 80 -22.63 3.83 -32.52
CA TYR C 80 -23.30 4.50 -33.61
C TYR C 80 -23.51 3.53 -34.76
N MET C 81 -24.64 3.65 -35.45
CA MET C 81 -24.92 2.84 -36.64
C MET C 81 -25.13 3.76 -37.83
N ASP C 82 -24.41 3.47 -38.91
CA ASP C 82 -24.56 4.18 -40.17
C ASP C 82 -25.24 3.29 -41.18
N LEU C 83 -26.29 3.80 -41.80
CA LEU C 83 -27.02 3.12 -42.87
C LEU C 83 -27.09 4.05 -44.05
N ARG C 84 -26.74 3.55 -45.23
CA ARG C 84 -26.58 4.37 -46.42
C ARG C 84 -27.55 3.95 -47.51
N SER C 85 -28.07 4.92 -48.25
CA SER C 85 -28.95 4.69 -49.38
C SER C 85 -30.20 3.90 -48.94
N LEU C 86 -30.97 4.55 -48.08
CA LEU C 86 -32.20 3.95 -47.60
C LEU C 86 -33.11 3.59 -48.76
N ARG C 87 -33.65 2.39 -48.73
CA ARG C 87 -34.66 1.98 -49.70
C ARG C 87 -36.03 1.99 -49.04
N TYR C 88 -37.06 2.01 -49.89
CA TYR C 88 -38.43 2.10 -49.37
C TYR C 88 -38.74 0.95 -48.43
N ASP C 89 -38.11 -0.20 -48.64
CA ASP C 89 -38.46 -1.40 -47.89
C ASP C 89 -37.78 -1.50 -46.54
N ASP C 90 -36.95 -0.53 -46.15
CA ASP C 90 -36.31 -0.56 -44.84
C ASP C 90 -37.17 0.05 -43.74
N THR C 91 -38.29 0.67 -44.08
CA THR C 91 -39.16 1.27 -43.07
C THR C 91 -39.54 0.24 -42.02
N ALA C 92 -39.14 0.48 -40.77
CA ALA C 92 -39.37 -0.49 -39.71
C ALA C 92 -38.84 0.08 -38.40
N MET C 93 -38.96 -0.73 -37.35
CA MET C 93 -38.40 -0.40 -36.05
C MET C 93 -36.98 -0.94 -35.94
N TYR C 94 -36.18 -0.31 -35.07
CA TYR C 94 -34.81 -0.75 -34.81
C TYR C 94 -34.63 -0.88 -33.31
N TYR C 95 -34.10 -2.02 -32.87
CA TYR C 95 -33.87 -2.28 -31.45
C TYR C 95 -32.37 -2.40 -31.16
N CYS C 96 -32.03 -2.27 -29.89
CA CYS C 96 -30.65 -2.39 -29.45
C CYS C 96 -30.58 -3.33 -28.26
N VAL C 97 -29.79 -4.40 -28.39
CA VAL C 97 -29.94 -5.55 -27.50
C VAL C 97 -28.58 -6.04 -27.01
N ARG C 98 -28.55 -6.50 -25.77
CA ARG C 98 -27.38 -7.14 -25.18
C ARG C 98 -27.36 -8.62 -25.53
N ASN C 99 -26.24 -9.27 -25.20
CA ASN C 99 -26.06 -10.68 -25.57
C ASN C 99 -25.07 -11.33 -24.63
N VAL C 100 -25.56 -12.19 -23.72
CA VAL C 100 -24.68 -12.93 -22.84
C VAL C 100 -23.77 -13.81 -23.69
N GLY C 101 -22.61 -14.16 -23.13
CA GLY C 101 -21.69 -15.04 -23.84
C GLY C 101 -20.60 -15.53 -22.92
N THR C 102 -20.20 -16.79 -23.14
CA THR C 102 -19.10 -17.38 -22.40
C THR C 102 -17.78 -17.02 -23.10
N ALA C 103 -16.70 -17.68 -22.67
CA ALA C 103 -15.40 -17.42 -23.27
C ALA C 103 -15.27 -18.03 -24.65
N GLY C 104 -16.14 -18.96 -25.01
CA GLY C 104 -15.97 -19.70 -26.26
C GLY C 104 -17.22 -19.92 -27.07
N SER C 105 -18.35 -19.38 -26.63
CA SER C 105 -19.58 -19.60 -27.37
C SER C 105 -20.59 -18.51 -27.01
N LEU C 106 -21.52 -18.26 -27.93
CA LEU C 106 -22.57 -17.27 -27.72
C LEU C 106 -23.88 -17.96 -27.38
N LEU C 107 -24.84 -17.16 -26.93
CA LEU C 107 -26.11 -17.69 -26.47
C LEU C 107 -27.24 -16.69 -26.71
N HIS C 108 -28.37 -16.88 -26.02
CA HIS C 108 -29.58 -16.10 -26.21
C HIS C 108 -29.39 -14.60 -25.98
N TYR C 109 -30.46 -13.82 -26.19
CA TYR C 109 -30.52 -12.42 -25.79
C TYR C 109 -31.32 -12.29 -24.50
N ASP C 110 -30.98 -11.28 -23.69
CA ASP C 110 -31.77 -11.06 -22.48
C ASP C 110 -32.46 -9.69 -22.42
N HIS C 111 -31.72 -8.59 -22.49
CA HIS C 111 -32.30 -7.28 -22.21
C HIS C 111 -32.55 -6.44 -23.46
N TRP C 112 -33.69 -6.64 -24.11
CA TRP C 112 -34.00 -5.77 -25.24
C TRP C 112 -34.14 -4.33 -24.75
N GLY C 113 -34.13 -3.40 -25.69
CA GLY C 113 -33.96 -2.00 -25.39
C GLY C 113 -35.24 -1.19 -25.51
N SER C 114 -35.07 0.04 -26.01
CA SER C 114 -36.15 1.01 -25.98
C SER C 114 -37.06 0.95 -27.21
N GLY C 115 -36.49 0.80 -28.40
CA GLY C 115 -37.27 0.86 -29.62
C GLY C 115 -37.22 2.23 -30.27
N SER C 116 -37.28 2.22 -31.59
CA SER C 116 -37.19 3.46 -32.36
C SER C 116 -37.74 3.24 -33.77
N PRO C 117 -38.72 4.04 -34.21
CA PRO C 117 -39.23 3.87 -35.57
C PRO C 117 -38.47 4.74 -36.57
N VAL C 118 -38.58 4.35 -37.84
CA VAL C 118 -38.02 5.10 -38.95
C VAL C 118 -38.97 4.97 -40.12
N ILE C 119 -39.30 6.09 -40.76
CA ILE C 119 -40.23 6.13 -41.88
C ILE C 119 -39.55 6.84 -43.04
N VAL C 120 -39.75 6.31 -44.24
CA VAL C 120 -39.14 6.86 -45.45
C VAL C 120 -40.27 7.31 -46.38
N SER C 121 -40.23 8.58 -46.78
CA SER C 121 -41.22 9.14 -47.67
C SER C 121 -40.63 10.36 -48.37
N SER C 122 -41.10 10.61 -49.59
CA SER C 122 -40.63 11.76 -50.36
C SER C 122 -41.51 12.98 -50.18
N ALA C 123 -42.58 12.89 -49.41
CA ALA C 123 -43.55 13.96 -49.31
C ALA C 123 -43.25 14.88 -48.14
N SER C 124 -43.70 16.13 -48.27
CA SER C 124 -43.68 17.09 -47.17
C SER C 124 -45.02 17.03 -46.44
N THR C 125 -45.28 18.01 -45.58
CA THR C 125 -46.57 18.09 -44.92
C THR C 125 -47.68 18.22 -45.97
N LYS C 126 -48.74 17.42 -45.80
CA LYS C 126 -49.80 17.36 -46.80
C LYS C 126 -51.07 16.87 -46.14
N GLY C 127 -52.21 17.47 -46.53
CA GLY C 127 -53.48 17.16 -45.93
C GLY C 127 -54.24 16.06 -46.64
N PRO C 128 -55.16 15.41 -45.93
CA PRO C 128 -55.87 14.26 -46.51
C PRO C 128 -56.97 14.67 -47.48
N SER C 129 -57.35 13.71 -48.31
CA SER C 129 -58.59 13.78 -49.06
C SER C 129 -59.59 12.80 -48.46
N VAL C 130 -60.88 13.12 -48.58
CA VAL C 130 -61.95 12.37 -47.93
C VAL C 130 -62.94 11.92 -48.98
N PHE C 131 -63.42 10.67 -48.84
CA PHE C 131 -64.39 10.10 -49.76
C PHE C 131 -65.30 9.17 -48.95
N PRO C 132 -66.62 9.31 -49.06
CA PRO C 132 -67.51 8.49 -48.24
C PRO C 132 -67.75 7.11 -48.84
N LEU C 133 -68.10 6.16 -47.96
CA LEU C 133 -68.52 4.83 -48.38
C LEU C 133 -70.02 4.72 -48.13
N ALA C 134 -70.78 5.06 -49.17
CA ALA C 134 -72.23 5.09 -49.04
C ALA C 134 -72.78 3.70 -48.74
N PRO C 135 -73.89 3.61 -48.02
CA PRO C 135 -74.42 2.30 -47.64
C PRO C 135 -74.97 1.53 -48.84
N SER C 136 -75.04 0.22 -48.68
CA SER C 136 -75.62 -0.64 -49.71
C SER C 136 -77.14 -0.59 -49.63
N SER C 137 -77.78 -0.96 -50.74
CA SER C 137 -79.24 -0.98 -50.81
C SER C 137 -79.71 -1.79 -52.01
N GLY C 143 -81.95 -5.70 -44.28
CA GLY C 143 -82.56 -4.70 -43.42
C GLY C 143 -81.55 -3.78 -42.78
N THR C 144 -80.32 -4.28 -42.60
CA THR C 144 -79.24 -3.51 -42.01
C THR C 144 -78.07 -3.49 -42.98
N ALA C 145 -77.46 -2.31 -43.14
CA ALA C 145 -76.38 -2.12 -44.09
C ALA C 145 -75.26 -1.34 -43.42
N ALA C 146 -74.05 -1.48 -43.96
CA ALA C 146 -72.88 -0.82 -43.41
C ALA C 146 -72.45 0.34 -44.31
N LEU C 147 -71.88 1.36 -43.67
CA LEU C 147 -71.36 2.52 -44.38
C LEU C 147 -70.12 3.01 -43.65
N GLY C 148 -69.28 3.74 -44.37
CA GLY C 148 -68.04 4.23 -43.81
C GLY C 148 -67.51 5.40 -44.61
N CYS C 149 -66.28 5.80 -44.26
CA CYS C 149 -65.61 6.89 -44.93
C CYS C 149 -64.15 6.53 -45.15
N LEU C 150 -63.57 7.03 -46.23
CA LEU C 150 -62.19 6.75 -46.61
C LEU C 150 -61.39 8.05 -46.56
N VAL C 151 -60.25 8.01 -45.87
CA VAL C 151 -59.32 9.12 -45.79
C VAL C 151 -58.05 8.72 -46.50
N LYS C 152 -57.56 9.59 -47.39
CA LYS C 152 -56.51 9.23 -48.34
C LYS C 152 -55.46 10.33 -48.44
N ASP C 153 -54.23 9.90 -48.71
CA ASP C 153 -53.15 10.78 -49.18
C ASP C 153 -52.90 11.94 -48.21
N TYR C 154 -52.40 11.58 -47.04
CA TYR C 154 -51.94 12.57 -46.06
C TYR C 154 -50.64 12.09 -45.43
N PHE C 155 -49.89 13.07 -44.90
CA PHE C 155 -48.64 12.81 -44.21
C PHE C 155 -48.30 14.02 -43.36
N PRO C 156 -47.75 13.83 -42.15
CA PRO C 156 -47.52 12.57 -41.43
C PRO C 156 -48.68 12.19 -40.53
N GLU C 157 -48.60 11.02 -39.88
CA GLU C 157 -49.58 10.63 -38.89
C GLU C 157 -49.40 11.48 -37.63
N PRO C 158 -50.41 11.51 -36.75
CA PRO C 158 -51.73 10.85 -36.80
C PRO C 158 -52.82 11.73 -37.41
N VAL C 159 -54.09 11.33 -37.23
CA VAL C 159 -55.23 12.10 -37.70
C VAL C 159 -56.41 11.81 -36.78
N THR C 160 -57.36 12.75 -36.74
CA THR C 160 -58.54 12.66 -35.89
C THR C 160 -59.76 12.34 -36.74
N VAL C 161 -60.60 11.42 -36.26
CA VAL C 161 -61.78 10.97 -36.98
C VAL C 161 -62.96 10.92 -36.01
N SER C 162 -64.13 11.33 -36.49
CA SER C 162 -65.35 11.29 -35.70
C SER C 162 -66.53 11.24 -36.65
N TRP C 163 -67.70 10.89 -36.10
CA TRP C 163 -68.92 10.70 -36.88
C TRP C 163 -70.04 11.57 -36.33
N ASN C 164 -70.74 12.24 -37.24
CA ASN C 164 -71.91 13.05 -36.89
C ASN C 164 -71.60 13.99 -35.74
N SER C 165 -70.46 14.66 -35.84
CA SER C 165 -70.02 15.60 -34.82
C SER C 165 -69.94 14.94 -33.44
N GLY C 166 -69.58 13.66 -33.42
CA GLY C 166 -69.49 12.91 -32.18
C GLY C 166 -70.80 12.41 -31.63
N ALA C 167 -71.91 12.59 -32.36
CA ALA C 167 -73.21 12.17 -31.88
C ALA C 167 -73.56 10.74 -32.25
N LEU C 168 -72.75 10.08 -33.08
CA LEU C 168 -73.04 8.72 -33.55
C LEU C 168 -71.78 7.85 -33.46
N THR C 169 -71.10 7.91 -32.31
CA THR C 169 -69.92 7.09 -32.11
C THR C 169 -70.25 5.62 -31.86
N SER C 170 -71.52 5.28 -31.66
CA SER C 170 -71.90 3.90 -31.35
C SER C 170 -71.61 3.00 -32.54
N GLY C 171 -70.95 1.86 -32.26
CA GLY C 171 -70.70 0.88 -33.29
C GLY C 171 -69.69 1.28 -34.33
N VAL C 172 -68.82 2.24 -34.04
CA VAL C 172 -67.85 2.70 -35.03
C VAL C 172 -66.57 1.91 -34.90
N HIS C 173 -66.04 1.45 -36.04
CA HIS C 173 -64.79 0.73 -36.10
C HIS C 173 -63.83 1.46 -37.02
N THR C 174 -62.57 1.57 -36.57
CA THR C 174 -61.54 2.29 -37.32
C THR C 174 -60.33 1.39 -37.48
N PHE C 175 -59.89 1.22 -38.73
CA PHE C 175 -58.68 0.47 -38.99
C PHE C 175 -57.46 1.37 -38.82
N PRO C 176 -56.35 0.86 -38.27
CA PRO C 176 -55.16 1.70 -38.13
C PRO C 176 -54.60 2.10 -39.48
N ALA C 177 -54.00 3.30 -39.52
CA ALA C 177 -53.46 3.82 -40.76
C ALA C 177 -52.32 2.95 -41.26
N VAL C 178 -52.15 2.91 -42.58
CA VAL C 178 -51.11 2.11 -43.23
C VAL C 178 -50.37 3.01 -44.21
N LEU C 179 -49.05 2.82 -44.29
CA LEU C 179 -48.22 3.57 -45.22
C LEU C 179 -48.32 2.93 -46.60
N GLN C 180 -48.65 3.73 -47.60
CA GLN C 180 -48.77 3.23 -48.96
C GLN C 180 -47.40 3.19 -49.63
N SER C 181 -47.40 2.67 -50.87
CA SER C 181 -46.20 2.76 -51.71
C SER C 181 -45.95 4.18 -52.18
N SER C 182 -46.98 5.02 -52.18
CA SER C 182 -46.82 6.41 -52.62
C SER C 182 -46.12 7.26 -51.57
N GLY C 183 -46.09 6.82 -50.32
CA GLY C 183 -45.52 7.60 -49.24
C GLY C 183 -46.51 8.40 -48.44
N LEU C 184 -47.81 8.13 -48.57
CA LEU C 184 -48.85 8.85 -47.86
C LEU C 184 -49.71 7.88 -47.07
N TYR C 185 -50.20 8.34 -45.92
CA TYR C 185 -51.02 7.51 -45.07
C TYR C 185 -52.47 7.50 -45.53
N SER C 186 -53.17 6.42 -45.22
CA SER C 186 -54.59 6.30 -45.50
C SER C 186 -55.21 5.33 -44.50
N LEU C 187 -56.53 5.44 -44.34
CA LEU C 187 -57.25 4.60 -43.40
C LEU C 187 -58.72 4.59 -43.78
N SER C 188 -59.50 3.83 -43.01
CA SER C 188 -60.94 3.72 -43.21
C SER C 188 -61.63 3.52 -41.88
N SER C 189 -62.91 3.91 -41.83
CA SER C 189 -63.75 3.69 -40.66
C SER C 189 -65.16 3.39 -41.13
N VAL C 190 -65.89 2.59 -40.34
CA VAL C 190 -67.19 2.09 -40.74
C VAL C 190 -68.15 2.13 -39.55
N VAL C 191 -69.44 2.09 -39.87
CA VAL C 191 -70.50 1.99 -38.88
C VAL C 191 -71.73 1.41 -39.56
N THR C 192 -72.50 0.63 -38.82
CA THR C 192 -73.64 -0.10 -39.36
C THR C 192 -74.93 0.53 -38.84
N VAL C 193 -75.93 0.65 -39.72
CA VAL C 193 -77.23 1.19 -39.34
C VAL C 193 -78.32 0.44 -40.09
N PRO C 194 -79.53 0.43 -39.52
CA PRO C 194 -80.66 -0.19 -40.24
C PRO C 194 -81.02 0.57 -41.49
N SER C 195 -81.60 -0.15 -42.46
CA SER C 195 -82.02 0.48 -43.70
C SER C 195 -83.11 1.53 -43.46
N SER C 196 -84.03 1.26 -42.52
CA SER C 196 -85.07 2.23 -42.22
C SER C 196 -84.49 3.56 -41.78
N SER C 197 -83.47 3.53 -40.93
CA SER C 197 -82.81 4.77 -40.51
C SER C 197 -82.16 5.47 -41.69
N LEU C 198 -81.60 4.70 -42.63
CA LEU C 198 -80.98 5.31 -43.81
C LEU C 198 -81.98 6.14 -44.59
N GLY C 199 -83.22 5.67 -44.71
CA GLY C 199 -84.22 6.38 -45.48
C GLY C 199 -84.84 7.56 -44.76
N THR C 200 -84.45 7.82 -43.51
CA THR C 200 -85.02 8.93 -42.75
C THR C 200 -83.99 9.71 -41.95
N GLN C 201 -82.69 9.53 -42.20
CA GLN C 201 -81.66 10.19 -41.41
C GLN C 201 -80.50 10.61 -42.32
N THR C 202 -79.70 11.54 -41.81
CA THR C 202 -78.50 12.01 -42.47
C THR C 202 -77.29 11.66 -41.61
N TYR C 203 -76.15 11.43 -42.25
CA TYR C 203 -74.94 11.00 -41.57
C TYR C 203 -73.75 11.81 -42.07
N ILE C 204 -72.79 12.05 -41.18
CA ILE C 204 -71.68 12.95 -41.45
C ILE C 204 -70.39 12.32 -40.92
N CYS C 205 -69.31 12.47 -41.68
CA CYS C 205 -67.97 12.14 -41.23
C CYS C 205 -67.21 13.43 -40.97
N ASN C 206 -66.68 13.56 -39.76
CA ASN C 206 -65.94 14.77 -39.35
C ASN C 206 -64.50 14.37 -39.06
N VAL C 207 -63.58 14.93 -39.84
CA VAL C 207 -62.17 14.57 -39.78
C VAL C 207 -61.35 15.85 -39.70
N ASN C 208 -60.26 15.80 -38.93
CA ASN C 208 -59.38 16.95 -38.74
C ASN C 208 -57.95 16.48 -38.59
N HIS C 209 -57.05 17.11 -39.35
CA HIS C 209 -55.63 16.73 -39.40
C HIS C 209 -54.81 17.88 -38.84
N LYS C 210 -53.97 17.57 -37.85
CA LYS C 210 -53.30 18.61 -37.07
C LYS C 210 -52.10 19.22 -37.79
N PRO C 211 -51.19 18.42 -38.37
CA PRO C 211 -50.02 19.03 -39.01
C PRO C 211 -50.37 20.07 -40.04
N SER C 212 -51.42 19.84 -40.83
CA SER C 212 -51.93 20.84 -41.77
C SER C 212 -53.10 21.63 -41.20
N ASN C 213 -53.70 21.17 -40.11
CA ASN C 213 -54.83 21.86 -39.47
C ASN C 213 -56.01 22.00 -40.41
N THR C 214 -56.14 21.09 -41.37
CA THR C 214 -57.30 21.08 -42.25
C THR C 214 -58.40 20.22 -41.67
N LYS C 215 -59.65 20.56 -42.00
CA LYS C 215 -60.81 19.87 -41.46
C LYS C 215 -61.81 19.60 -42.57
N VAL C 216 -62.56 18.51 -42.44
CA VAL C 216 -63.53 18.09 -43.43
C VAL C 216 -64.79 17.61 -42.73
N ASP C 217 -65.95 17.94 -43.31
CA ASP C 217 -67.26 17.48 -42.84
C ASP C 217 -68.03 17.06 -44.08
N LYS C 218 -68.19 15.74 -44.25
CA LYS C 218 -68.70 15.16 -45.49
C LYS C 218 -69.98 14.38 -45.22
N ARG C 219 -70.96 14.52 -46.11
CA ARG C 219 -72.17 13.72 -46.03
C ARG C 219 -71.96 12.37 -46.70
N VAL C 220 -72.83 11.41 -46.36
CA VAL C 220 -72.67 10.02 -46.77
C VAL C 220 -73.83 9.54 -47.63
N GLU C 221 -75.06 9.93 -47.27
CA GLU C 221 -76.28 9.35 -47.83
C GLU C 221 -76.53 9.63 -49.31
N PRO C 222 -76.08 10.79 -49.88
CA PRO C 222 -76.56 11.17 -51.22
C PRO C 222 -76.56 10.05 -52.26
N LYS C 223 -75.72 9.03 -52.09
CA LYS C 223 -75.62 7.92 -53.04
C LYS C 223 -75.81 6.59 -52.30
N SER C 224 -76.88 6.51 -51.51
CA SER C 224 -77.11 5.36 -50.66
C SER C 224 -77.46 4.13 -51.48
N CYS C 225 -76.44 3.50 -52.06
CA CYS C 225 -76.63 2.25 -52.81
C CYS C 225 -75.28 1.54 -53.00
N GLU D 1 -30.30 -19.70 -43.18
CA GLU D 1 -30.53 -21.15 -43.40
C GLU D 1 -31.71 -21.65 -42.59
N ILE D 2 -31.51 -21.74 -41.27
CA ILE D 2 -32.48 -22.38 -40.41
C ILE D 2 -33.79 -21.61 -40.46
N VAL D 3 -34.90 -22.34 -40.49
CA VAL D 3 -36.24 -21.76 -40.52
C VAL D 3 -37.06 -22.41 -39.42
N LEU D 4 -37.77 -21.60 -38.65
CA LEU D 4 -38.73 -22.07 -37.67
C LEU D 4 -40.14 -21.86 -38.19
N THR D 5 -40.94 -22.93 -38.19
CA THR D 5 -42.34 -22.85 -38.57
C THR D 5 -43.17 -22.78 -37.29
N GLN D 6 -43.91 -21.69 -37.14
CA GLN D 6 -44.71 -21.43 -35.94
C GLN D 6 -46.17 -21.65 -36.26
N SER D 7 -46.82 -22.54 -35.52
CA SER D 7 -48.22 -22.85 -35.73
C SER D 7 -48.84 -23.29 -34.42
N PRO D 8 -50.11 -22.99 -34.17
CA PRO D 8 -51.04 -22.23 -35.02
C PRO D 8 -50.78 -20.73 -34.95
N ALA D 9 -51.28 -19.96 -35.92
CA ALA D 9 -51.11 -18.51 -35.86
C ALA D 9 -51.92 -17.88 -34.73
N THR D 10 -52.82 -18.63 -34.10
CA THR D 10 -53.63 -18.09 -33.04
C THR D 10 -54.09 -19.23 -32.13
N LEU D 11 -54.28 -18.90 -30.85
CA LEU D 11 -54.84 -19.82 -29.87
C LEU D 11 -55.89 -19.08 -29.05
N SER D 12 -57.03 -19.74 -28.82
CA SER D 12 -58.13 -19.16 -28.07
C SER D 12 -58.15 -19.75 -26.67
N ALA D 13 -58.39 -18.90 -25.67
CA ALA D 13 -58.35 -19.33 -24.28
C ALA D 13 -59.12 -18.33 -23.43
N SER D 14 -59.30 -18.71 -22.17
CA SER D 14 -59.96 -17.90 -21.16
C SER D 14 -59.14 -17.94 -19.90
N PRO D 15 -59.29 -16.95 -19.01
CA PRO D 15 -58.46 -16.93 -17.79
C PRO D 15 -58.63 -18.21 -16.99
N GLY D 16 -57.52 -18.68 -16.43
CA GLY D 16 -57.50 -19.91 -15.69
C GLY D 16 -57.22 -21.15 -16.52
N GLU D 17 -57.17 -21.03 -17.84
CA GLU D 17 -56.91 -22.18 -18.69
C GLU D 17 -55.42 -22.46 -18.76
N ARG D 18 -55.08 -23.63 -19.30
CA ARG D 18 -53.71 -23.99 -19.63
C ARG D 18 -53.57 -24.07 -21.14
N VAL D 19 -52.63 -23.29 -21.69
CA VAL D 19 -52.46 -23.16 -23.13
C VAL D 19 -51.06 -23.62 -23.48
N THR D 20 -50.95 -24.37 -24.58
CA THR D 20 -49.68 -24.93 -25.04
C THR D 20 -49.33 -24.33 -26.39
N LEU D 21 -48.14 -23.77 -26.51
CA LEU D 21 -47.61 -23.32 -27.78
C LEU D 21 -46.64 -24.34 -28.34
N THR D 22 -46.43 -24.30 -29.64
CA THR D 22 -45.55 -25.25 -30.32
C THR D 22 -44.75 -24.53 -31.39
N CYS D 23 -43.55 -25.03 -31.67
CA CYS D 23 -42.67 -24.44 -32.66
C CYS D 23 -41.89 -25.56 -33.34
N ARG D 24 -41.89 -25.55 -34.67
CA ARG D 24 -41.25 -26.58 -35.47
C ARG D 24 -40.01 -26.00 -36.16
N ALA D 25 -39.05 -26.87 -36.43
CA ALA D 25 -37.76 -26.47 -36.97
C ALA D 25 -37.46 -27.24 -38.25
N SER D 26 -36.75 -26.59 -39.16
CA SER D 26 -36.36 -27.23 -40.41
C SER D 26 -35.45 -28.43 -40.19
N ARG D 27 -34.50 -28.34 -39.27
CA ARG D 27 -33.63 -29.45 -38.96
C ARG D 27 -33.17 -29.33 -37.51
N SER D 28 -32.67 -30.44 -36.97
CA SER D 28 -32.33 -30.50 -35.56
C SER D 28 -31.31 -29.43 -35.19
N VAL D 29 -31.51 -28.82 -34.01
CA VAL D 29 -30.65 -27.76 -33.54
C VAL D 29 -30.26 -28.02 -32.09
N ARG D 30 -30.30 -29.29 -31.69
CA ARG D 30 -30.02 -29.67 -30.31
C ARG D 30 -30.99 -28.97 -29.36
N ASN D 31 -30.55 -28.62 -28.16
CA ASN D 31 -31.39 -27.99 -27.17
C ASN D 31 -31.32 -26.47 -27.21
N ASN D 32 -30.63 -25.90 -28.19
CA ASN D 32 -30.38 -24.46 -28.24
C ASN D 32 -31.60 -23.71 -28.76
N VAL D 33 -32.56 -23.51 -27.86
CA VAL D 33 -33.80 -22.82 -28.20
C VAL D 33 -34.25 -22.01 -26.99
N ALA D 34 -35.06 -20.98 -27.24
CA ALA D 34 -35.56 -20.12 -26.20
C ALA D 34 -36.91 -19.54 -26.62
N TRP D 35 -37.67 -19.06 -25.64
CA TRP D 35 -38.97 -18.45 -25.87
C TRP D 35 -38.97 -17.05 -25.28
N TYR D 36 -39.62 -16.13 -25.98
CA TYR D 36 -39.58 -14.71 -25.62
C TYR D 36 -40.99 -14.15 -25.47
N GLN D 37 -41.11 -13.12 -24.65
CA GLN D 37 -42.37 -12.41 -24.46
C GLN D 37 -42.34 -11.08 -25.20
N HIS D 38 -43.46 -10.74 -25.84
CA HIS D 38 -43.58 -9.48 -26.57
C HIS D 38 -44.97 -8.92 -26.35
N LYS D 39 -45.03 -7.60 -26.18
CA LYS D 39 -46.28 -6.93 -25.84
C LYS D 39 -46.45 -5.72 -26.74
N GLY D 40 -47.58 -5.03 -26.57
CA GLY D 40 -47.88 -3.87 -27.38
C GLY D 40 -46.98 -2.69 -27.10
N GLY D 41 -46.13 -2.34 -28.06
CA GLY D 41 -45.30 -1.15 -27.93
C GLY D 41 -44.43 -1.15 -26.69
N GLN D 42 -43.75 -2.25 -26.40
CA GLN D 42 -42.94 -2.38 -25.20
C GLN D 42 -41.63 -3.09 -25.55
N SER D 43 -40.86 -3.36 -24.52
CA SER D 43 -39.59 -4.04 -24.70
C SER D 43 -39.78 -5.52 -24.43
N PRO D 44 -39.62 -6.40 -25.43
CA PRO D 44 -39.69 -7.84 -25.16
C PRO D 44 -38.74 -8.26 -24.06
N ARG D 45 -38.87 -9.50 -23.59
CA ARG D 45 -38.18 -9.92 -22.38
C ARG D 45 -38.00 -11.43 -22.40
N LEU D 46 -37.11 -11.91 -21.53
CA LEU D 46 -36.73 -13.31 -21.55
C LEU D 46 -37.71 -14.17 -20.74
N LEU D 47 -37.99 -15.36 -21.25
CA LEU D 47 -38.86 -16.32 -20.57
C LEU D 47 -38.13 -17.62 -20.25
N ILE D 48 -37.58 -18.26 -21.27
CA ILE D 48 -36.97 -19.57 -21.14
C ILE D 48 -35.82 -19.68 -22.11
N TYR D 49 -34.67 -20.18 -21.63
CA TYR D 49 -33.53 -20.44 -22.48
C TYR D 49 -32.98 -21.82 -22.14
N ASP D 50 -32.43 -22.47 -23.17
CA ASP D 50 -32.02 -23.88 -23.10
C ASP D 50 -33.24 -24.79 -23.03
N ALA D 51 -34.42 -24.22 -23.23
CA ALA D 51 -35.66 -24.96 -23.40
C ALA D 51 -36.17 -25.56 -22.09
N SER D 52 -35.42 -25.42 -21.00
CA SER D 52 -35.80 -26.05 -19.75
C SER D 52 -35.60 -25.16 -18.54
N THR D 53 -34.70 -24.18 -18.64
CA THR D 53 -34.26 -23.40 -17.49
C THR D 53 -34.88 -22.01 -17.53
N ARG D 54 -35.44 -21.60 -16.40
CA ARG D 54 -36.06 -20.29 -16.28
C ARG D 54 -35.05 -19.27 -15.78
N ALA D 55 -35.25 -18.01 -16.13
CA ALA D 55 -34.35 -16.94 -15.74
C ALA D 55 -34.91 -16.17 -14.53
N ALA D 56 -34.07 -15.33 -13.96
CA ALA D 56 -34.44 -14.61 -12.74
C ALA D 56 -35.60 -13.65 -12.99
N GLY D 57 -36.45 -13.51 -11.99
CA GLY D 57 -37.57 -12.61 -12.05
C GLY D 57 -38.75 -13.11 -12.85
N VAL D 58 -38.65 -14.28 -13.45
CA VAL D 58 -39.74 -14.78 -14.31
C VAL D 58 -40.85 -15.34 -13.44
N PRO D 59 -42.12 -15.25 -13.86
CA PRO D 59 -43.17 -15.94 -13.11
C PRO D 59 -42.97 -17.44 -13.14
N ALA D 60 -43.43 -18.10 -12.08
CA ALA D 60 -43.21 -19.54 -11.91
C ALA D 60 -44.19 -20.39 -12.72
N ARG D 61 -45.14 -19.78 -13.43
CA ARG D 61 -46.14 -20.55 -14.16
C ARG D 61 -45.73 -20.87 -15.59
N PHE D 62 -44.52 -20.51 -16.00
CA PHE D 62 -44.05 -20.83 -17.35
C PHE D 62 -43.29 -22.15 -17.35
N SER D 63 -43.42 -22.90 -18.44
CA SER D 63 -42.74 -24.18 -18.56
C SER D 63 -42.72 -24.60 -20.02
N GLY D 64 -41.83 -25.54 -20.33
CA GLY D 64 -41.71 -26.05 -21.68
C GLY D 64 -40.63 -27.10 -21.75
N SER D 65 -40.46 -27.66 -22.94
CA SER D 65 -39.46 -28.70 -23.16
C SER D 65 -39.20 -28.84 -24.65
N ALA D 66 -38.13 -29.57 -24.97
CA ALA D 66 -37.75 -29.82 -26.35
C ALA D 66 -38.31 -31.18 -26.80
N SER D 67 -38.36 -31.37 -28.12
CA SER D 67 -38.95 -32.57 -28.70
C SER D 67 -38.11 -33.07 -29.87
N GLY D 68 -36.80 -32.88 -29.80
CA GLY D 68 -35.90 -33.34 -30.87
C GLY D 68 -35.89 -32.47 -32.10
N THR D 69 -36.99 -32.43 -32.86
CA THR D 69 -37.13 -31.51 -33.97
C THR D 69 -38.30 -30.57 -33.77
N GLU D 70 -38.80 -30.47 -32.54
CA GLU D 70 -39.93 -29.62 -32.22
C GLU D 70 -39.73 -29.08 -30.82
N PHE D 71 -40.39 -27.96 -30.52
CA PHE D 71 -40.24 -27.31 -29.23
C PHE D 71 -41.61 -26.90 -28.72
N THR D 72 -41.82 -27.06 -27.41
CA THR D 72 -43.13 -26.88 -26.80
C THR D 72 -43.05 -25.89 -25.66
N LEU D 73 -44.02 -24.99 -25.61
CA LEU D 73 -44.15 -24.02 -24.54
C LEU D 73 -45.59 -24.07 -24.03
N ALA D 74 -45.75 -23.93 -22.71
CA ALA D 74 -47.07 -24.02 -22.10
C ALA D 74 -47.18 -23.04 -20.95
N ILE D 75 -48.36 -22.45 -20.80
CA ILE D 75 -48.68 -21.59 -19.68
C ILE D 75 -49.58 -22.39 -18.74
N SER D 76 -49.08 -22.69 -17.54
CA SER D 76 -49.81 -23.56 -16.63
C SER D 76 -51.16 -22.98 -16.21
N ASN D 77 -51.22 -21.69 -15.89
CA ASN D 77 -52.47 -21.06 -15.47
C ASN D 77 -52.52 -19.66 -16.09
N LEU D 78 -53.36 -19.50 -17.11
CA LEU D 78 -53.38 -18.27 -17.87
C LEU D 78 -53.96 -17.13 -17.04
N GLU D 79 -53.24 -16.03 -16.98
CA GLU D 79 -53.72 -14.80 -16.36
C GLU D 79 -54.19 -13.82 -17.42
N SER D 80 -54.92 -12.79 -16.98
CA SER D 80 -55.45 -11.81 -17.93
C SER D 80 -54.33 -11.09 -18.67
N GLU D 81 -53.27 -10.73 -17.96
CA GLU D 81 -52.17 -9.98 -18.55
C GLU D 81 -51.25 -10.84 -19.41
N ASP D 82 -51.44 -12.16 -19.43
CA ASP D 82 -50.62 -13.03 -20.26
C ASP D 82 -51.06 -13.02 -21.72
N PHE D 83 -52.21 -12.41 -22.03
CA PHE D 83 -52.69 -12.34 -23.40
C PHE D 83 -51.75 -11.47 -24.21
N THR D 84 -51.00 -12.09 -25.12
CA THR D 84 -50.09 -11.36 -25.98
C THR D 84 -49.56 -12.25 -27.09
N VAL D 85 -48.53 -11.78 -27.80
CA VAL D 85 -47.88 -12.55 -28.85
C VAL D 85 -46.61 -13.16 -28.31
N TYR D 86 -46.27 -14.35 -28.78
CA TYR D 86 -45.02 -15.02 -28.45
C TYR D 86 -44.38 -15.54 -29.73
N PHE D 87 -43.05 -15.69 -29.71
CA PHE D 87 -42.32 -16.26 -30.82
C PHE D 87 -41.14 -17.07 -30.31
N CYS D 88 -40.83 -18.14 -31.04
CA CYS D 88 -39.71 -19.01 -30.70
C CYS D 88 -38.43 -18.52 -31.38
N LEU D 89 -37.30 -18.95 -30.85
CA LEU D 89 -36.01 -18.48 -31.32
C LEU D 89 -34.98 -19.59 -31.16
N GLN D 90 -34.08 -19.70 -32.13
CA GLN D 90 -33.00 -20.67 -32.09
C GLN D 90 -31.68 -19.96 -32.34
N TYR D 91 -30.62 -20.49 -31.74
CA TYR D 91 -29.29 -19.89 -31.82
C TYR D 91 -28.23 -20.94 -32.10
N ASN D 92 -28.47 -21.78 -33.10
CA ASN D 92 -27.56 -22.87 -33.40
C ASN D 92 -26.63 -22.58 -34.56
N ASN D 93 -27.14 -22.09 -35.69
CA ASN D 93 -26.32 -21.91 -36.87
C ASN D 93 -26.13 -20.43 -37.20
N TRP D 94 -27.23 -19.72 -37.41
CA TRP D 94 -27.21 -18.28 -37.58
C TRP D 94 -28.61 -17.77 -37.26
N TRP D 95 -28.67 -16.57 -36.72
CA TRP D 95 -29.85 -16.13 -36.01
C TRP D 95 -31.04 -15.98 -36.96
N THR D 96 -32.22 -16.33 -36.47
CA THR D 96 -33.46 -16.17 -37.21
C THR D 96 -34.60 -16.08 -36.21
N PHE D 97 -35.79 -15.76 -36.70
CA PHE D 97 -36.93 -15.56 -35.84
C PHE D 97 -38.17 -16.13 -36.52
N GLY D 98 -39.22 -16.33 -35.73
CA GLY D 98 -40.47 -16.87 -36.22
C GLY D 98 -41.37 -15.80 -36.81
N GLN D 99 -42.68 -16.05 -36.67
CA GLN D 99 -43.69 -15.11 -37.16
C GLN D 99 -44.52 -14.49 -36.05
N GLY D 100 -44.77 -15.22 -34.97
CA GLY D 100 -45.51 -14.68 -33.85
C GLY D 100 -46.93 -15.18 -33.76
N THR D 101 -47.24 -15.89 -32.67
CA THR D 101 -48.57 -16.41 -32.41
C THR D 101 -49.21 -15.58 -31.29
N ARG D 102 -50.50 -15.30 -31.41
CA ARG D 102 -51.22 -14.46 -30.47
C ARG D 102 -52.21 -15.28 -29.65
N VAL D 103 -52.29 -14.96 -28.37
CA VAL D 103 -53.32 -15.53 -27.51
C VAL D 103 -54.64 -14.83 -27.80
N ASP D 104 -55.72 -15.59 -27.88
CA ASP D 104 -57.01 -15.08 -28.32
C ASP D 104 -58.08 -15.35 -27.27
N ILE D 105 -59.09 -14.49 -27.25
CA ILE D 105 -60.22 -14.65 -26.35
C ILE D 105 -61.12 -15.77 -26.89
N LYS D 106 -61.39 -16.77 -26.05
CA LYS D 106 -62.23 -17.88 -26.46
C LYS D 106 -63.68 -17.44 -26.60
N ARG D 107 -64.34 -17.88 -27.67
CA ARG D 107 -65.76 -17.68 -27.84
C ARG D 107 -66.26 -18.60 -28.95
N THR D 108 -67.51 -18.38 -29.36
CA THR D 108 -68.11 -19.19 -30.41
C THR D 108 -67.81 -18.61 -31.78
N VAL D 109 -68.09 -19.42 -32.81
CA VAL D 109 -67.90 -18.96 -34.18
C VAL D 109 -69.01 -17.97 -34.55
N ALA D 110 -68.70 -17.09 -35.50
CA ALA D 110 -69.67 -16.11 -35.98
C ALA D 110 -69.27 -15.66 -37.38
N ALA D 111 -70.21 -15.75 -38.32
CA ALA D 111 -69.91 -15.42 -39.70
C ALA D 111 -69.82 -13.90 -39.87
N PRO D 112 -69.11 -13.43 -40.89
CA PRO D 112 -68.97 -11.98 -41.10
C PRO D 112 -70.15 -11.39 -41.85
N SER D 113 -70.34 -10.09 -41.67
CA SER D 113 -71.24 -9.33 -42.52
C SER D 113 -70.44 -8.67 -43.62
N VAL D 114 -70.84 -8.92 -44.88
CA VAL D 114 -70.03 -8.58 -46.05
C VAL D 114 -70.66 -7.42 -46.77
N PHE D 115 -69.81 -6.52 -47.31
CA PHE D 115 -70.25 -5.37 -48.06
C PHE D 115 -69.19 -5.02 -49.09
N ILE D 116 -69.58 -4.22 -50.08
CA ILE D 116 -68.68 -3.78 -51.14
C ILE D 116 -69.05 -2.37 -51.54
N PHE D 117 -68.06 -1.61 -52.00
CA PHE D 117 -68.25 -0.21 -52.36
C PHE D 117 -67.55 0.07 -53.69
N PRO D 118 -68.29 0.45 -54.74
CA PRO D 118 -67.63 0.85 -55.99
C PRO D 118 -66.88 2.16 -55.81
N PRO D 119 -66.03 2.52 -56.77
CA PRO D 119 -65.28 3.77 -56.63
C PRO D 119 -66.20 4.99 -56.53
N SER D 120 -65.80 5.96 -55.72
CA SER D 120 -66.55 7.20 -55.60
C SER D 120 -66.31 8.07 -56.83
N ASP D 121 -67.40 8.58 -57.40
CA ASP D 121 -67.27 9.45 -58.56
C ASP D 121 -66.47 10.70 -58.22
N GLU D 122 -66.66 11.24 -57.02
CA GLU D 122 -65.86 12.39 -56.60
C GLU D 122 -64.37 12.07 -56.64
N GLN D 123 -63.99 10.84 -56.28
CA GLN D 123 -62.60 10.43 -56.40
C GLN D 123 -62.24 10.10 -57.85
N LEU D 124 -63.18 9.55 -58.60
CA LEU D 124 -62.86 9.03 -59.93
C LEU D 124 -62.33 10.13 -60.84
N LYS D 125 -62.68 11.39 -60.58
CA LYS D 125 -62.19 12.47 -61.43
C LYS D 125 -60.68 12.58 -61.40
N SER D 126 -60.06 12.22 -60.27
CA SER D 126 -58.62 12.34 -60.11
C SER D 126 -57.84 11.21 -60.77
N GLY D 127 -58.51 10.15 -61.20
CA GLY D 127 -57.83 9.01 -61.79
C GLY D 127 -57.23 8.04 -60.80
N THR D 128 -57.49 8.22 -59.51
CA THR D 128 -56.92 7.37 -58.46
C THR D 128 -57.92 6.32 -58.01
N ALA D 129 -58.72 5.81 -58.95
CA ALA D 129 -59.79 4.89 -58.63
C ALA D 129 -59.30 3.76 -57.74
N SER D 130 -60.04 3.50 -56.66
CA SER D 130 -59.77 2.41 -55.74
C SER D 130 -61.09 1.84 -55.25
N VAL D 131 -61.05 0.58 -54.81
CA VAL D 131 -62.24 -0.15 -54.39
C VAL D 131 -62.00 -0.70 -53.00
N VAL D 132 -63.10 -0.90 -52.25
CA VAL D 132 -63.05 -1.34 -50.86
C VAL D 132 -64.02 -2.50 -50.68
N CYS D 133 -63.60 -3.50 -49.90
CA CYS D 133 -64.45 -4.60 -49.49
C CYS D 133 -64.26 -4.81 -47.99
N LEU D 134 -65.36 -5.11 -47.30
CA LEU D 134 -65.37 -5.04 -45.84
C LEU D 134 -65.95 -6.32 -45.24
N LEU D 135 -65.36 -6.72 -44.11
CA LEU D 135 -65.90 -7.77 -43.24
C LEU D 135 -65.98 -7.20 -41.83
N ASN D 136 -67.12 -7.39 -41.17
CA ASN D 136 -67.36 -6.82 -39.85
C ASN D 136 -67.85 -7.88 -38.87
N ASN D 137 -67.29 -7.87 -37.67
CA ASN D 137 -67.80 -8.66 -36.55
C ASN D 137 -67.87 -10.14 -36.86
N PHE D 138 -66.72 -10.78 -37.05
CA PHE D 138 -66.65 -12.22 -37.23
C PHE D 138 -65.68 -12.81 -36.23
N TYR D 139 -65.57 -14.15 -36.27
CA TYR D 139 -64.69 -14.89 -35.39
C TYR D 139 -64.62 -16.32 -35.92
N PRO D 140 -63.45 -16.97 -35.88
CA PRO D 140 -62.14 -16.51 -35.39
C PRO D 140 -61.37 -15.67 -36.40
N ARG D 141 -60.11 -15.39 -36.11
CA ARG D 141 -59.31 -14.48 -36.93
C ARG D 141 -59.04 -15.04 -38.32
N GLU D 142 -58.72 -16.33 -38.42
CA GLU D 142 -58.29 -16.89 -39.70
C GLU D 142 -59.36 -16.67 -40.76
N ALA D 143 -58.93 -16.22 -41.93
CA ALA D 143 -59.84 -15.97 -43.04
C ALA D 143 -59.02 -15.57 -44.26
N LYS D 144 -59.69 -15.48 -45.41
CA LYS D 144 -59.07 -15.05 -46.64
C LYS D 144 -60.09 -14.27 -47.46
N VAL D 145 -59.59 -13.33 -48.27
CA VAL D 145 -60.41 -12.55 -49.18
C VAL D 145 -59.72 -12.51 -50.53
N GLN D 146 -60.51 -12.54 -51.60
CA GLN D 146 -59.97 -12.59 -52.96
C GLN D 146 -60.68 -11.54 -53.82
N TRP D 147 -59.89 -10.85 -54.64
CA TRP D 147 -60.41 -9.81 -55.54
C TRP D 147 -60.44 -10.35 -56.96
N LYS D 148 -61.57 -10.16 -57.64
CA LYS D 148 -61.72 -10.60 -59.02
C LYS D 148 -62.48 -9.55 -59.82
N VAL D 149 -61.96 -9.25 -61.01
CA VAL D 149 -62.61 -8.37 -61.97
C VAL D 149 -62.75 -9.13 -63.28
N ASP D 150 -63.96 -9.15 -63.82
CA ASP D 150 -64.25 -9.98 -65.00
C ASP D 150 -63.92 -11.44 -64.73
N ASN D 151 -64.11 -11.86 -63.47
CA ASN D 151 -63.85 -13.24 -63.06
C ASN D 151 -62.36 -13.55 -63.05
N ALA D 152 -61.52 -12.53 -63.15
CA ALA D 152 -60.07 -12.72 -63.14
C ALA D 152 -59.49 -12.28 -61.81
N LEU D 153 -58.77 -13.19 -61.16
CA LEU D 153 -58.16 -12.89 -59.87
C LEU D 153 -57.13 -11.78 -60.02
N GLN D 154 -57.06 -10.92 -59.00
CA GLN D 154 -56.15 -9.79 -58.99
C GLN D 154 -55.35 -9.77 -57.71
N SER D 155 -54.10 -9.28 -57.81
CA SER D 155 -53.22 -9.22 -56.66
C SER D 155 -52.12 -8.22 -56.95
N GLY D 156 -51.35 -7.88 -55.92
CA GLY D 156 -50.26 -6.94 -56.06
C GLY D 156 -50.69 -5.51 -55.80
N ASN D 157 -51.84 -5.12 -56.35
CA ASN D 157 -52.41 -3.79 -56.16
C ASN D 157 -53.53 -3.78 -55.13
N SER D 158 -53.45 -4.63 -54.10
CA SER D 158 -54.48 -4.72 -53.07
C SER D 158 -53.81 -4.79 -51.71
N GLN D 159 -54.57 -4.47 -50.67
CA GLN D 159 -54.06 -4.43 -49.32
C GLN D 159 -55.09 -5.00 -48.36
N GLU D 160 -54.61 -5.37 -47.17
CA GLU D 160 -55.44 -5.97 -46.14
C GLU D 160 -55.18 -5.28 -44.82
N SER D 161 -56.21 -5.26 -43.97
CA SER D 161 -56.10 -4.67 -42.64
C SER D 161 -57.09 -5.37 -41.72
N VAL D 162 -56.78 -5.37 -40.43
CA VAL D 162 -57.58 -6.03 -39.42
C VAL D 162 -57.65 -5.14 -38.18
N THR D 163 -58.73 -5.29 -37.41
CA THR D 163 -58.90 -4.52 -36.19
C THR D 163 -58.48 -5.34 -34.97
N GLU D 164 -58.55 -4.70 -33.81
CA GLU D 164 -58.39 -5.43 -32.56
C GLU D 164 -59.71 -6.09 -32.17
N GLN D 165 -59.60 -7.27 -31.57
CA GLN D 165 -60.79 -8.01 -31.15
C GLN D 165 -61.57 -7.17 -30.15
N ASP D 166 -62.87 -7.04 -30.37
CA ASP D 166 -63.68 -6.09 -29.61
C ASP D 166 -63.68 -6.45 -28.13
N SER D 167 -63.71 -5.41 -27.28
CA SER D 167 -63.67 -5.64 -25.84
C SER D 167 -65.00 -6.13 -25.28
N LYS D 168 -66.12 -5.71 -25.88
CA LYS D 168 -67.43 -6.06 -25.32
C LYS D 168 -67.94 -7.42 -25.79
N ASP D 169 -67.76 -7.74 -27.06
CA ASP D 169 -68.18 -9.05 -27.56
C ASP D 169 -67.06 -9.82 -28.25
N SER D 170 -65.96 -9.18 -28.61
CA SER D 170 -64.78 -9.88 -29.12
C SER D 170 -65.03 -10.55 -30.47
N THR D 171 -65.54 -9.79 -31.44
CA THR D 171 -65.53 -10.24 -32.82
C THR D 171 -64.54 -9.42 -33.62
N TYR D 172 -63.93 -10.06 -34.61
CA TYR D 172 -62.94 -9.40 -35.46
C TYR D 172 -63.61 -8.72 -36.65
N SER D 173 -62.95 -7.67 -37.14
CA SER D 173 -63.39 -6.95 -38.33
C SER D 173 -62.21 -6.78 -39.27
N LEU D 174 -62.44 -7.03 -40.55
CA LEU D 174 -61.41 -6.98 -41.57
C LEU D 174 -61.88 -6.13 -42.73
N SER D 175 -60.94 -5.37 -43.32
CA SER D 175 -61.20 -4.61 -44.52
C SER D 175 -60.02 -4.77 -45.47
N SER D 176 -60.31 -4.61 -46.77
CA SER D 176 -59.29 -4.70 -47.80
C SER D 176 -59.54 -3.59 -48.82
N THR D 177 -58.54 -3.33 -49.64
CA THR D 177 -58.61 -2.28 -50.64
C THR D 177 -58.00 -2.74 -51.94
N LEU D 178 -58.53 -2.23 -53.06
CA LEU D 178 -57.98 -2.45 -54.38
C LEU D 178 -57.78 -1.10 -55.05
N THR D 179 -56.70 -0.99 -55.83
CA THR D 179 -56.34 0.25 -56.50
C THR D 179 -56.27 0.02 -58.00
N LEU D 180 -56.75 0.99 -58.77
CA LEU D 180 -56.84 0.86 -60.21
C LEU D 180 -56.56 2.20 -60.87
N SER D 181 -56.17 2.14 -62.14
CA SER D 181 -56.04 3.32 -62.98
C SER D 181 -57.30 3.50 -63.81
N LYS D 182 -57.53 4.74 -64.25
CA LYS D 182 -58.73 5.04 -65.01
C LYS D 182 -58.77 4.24 -66.31
N ALA D 183 -57.64 4.11 -67.00
CA ALA D 183 -57.61 3.30 -68.20
C ALA D 183 -57.95 1.85 -67.90
N ASP D 184 -57.33 1.29 -66.86
CA ASP D 184 -57.65 -0.08 -66.46
C ASP D 184 -59.09 -0.19 -65.96
N TYR D 185 -59.57 0.83 -65.26
CA TYR D 185 -60.96 0.83 -64.82
C TYR D 185 -61.92 0.76 -66.00
N GLU D 186 -61.65 1.54 -67.05
CA GLU D 186 -62.46 1.45 -68.27
C GLU D 186 -62.33 0.08 -68.92
N LYS D 187 -61.12 -0.46 -68.98
CA LYS D 187 -60.90 -1.74 -69.64
C LYS D 187 -61.71 -2.85 -68.99
N HIS D 188 -61.71 -2.89 -67.66
CA HIS D 188 -62.46 -3.91 -66.94
C HIS D 188 -63.88 -3.42 -66.67
N LYS D 189 -64.84 -4.35 -66.75
CA LYS D 189 -66.25 -4.01 -66.72
C LYS D 189 -66.93 -4.38 -65.41
N VAL D 190 -66.72 -5.59 -64.91
CA VAL D 190 -67.38 -6.09 -63.70
C VAL D 190 -66.31 -6.38 -62.66
N TYR D 191 -66.60 -6.02 -61.41
CA TYR D 191 -65.66 -6.16 -60.31
C TYR D 191 -66.34 -6.94 -59.19
N ALA D 192 -65.57 -7.74 -58.46
CA ALA D 192 -66.13 -8.61 -57.44
C ALA D 192 -65.11 -8.87 -56.34
N CYS D 193 -65.63 -9.26 -55.17
CA CYS D 193 -64.83 -9.72 -54.05
C CYS D 193 -65.34 -11.08 -53.62
N GLU D 194 -64.44 -11.91 -53.09
CA GLU D 194 -64.79 -13.24 -52.61
C GLU D 194 -64.24 -13.42 -51.21
N VAL D 195 -64.98 -14.15 -50.37
CA VAL D 195 -64.66 -14.30 -48.95
C VAL D 195 -64.72 -15.77 -48.59
N THR D 196 -63.89 -16.17 -47.63
CA THR D 196 -63.91 -17.52 -47.07
C THR D 196 -63.80 -17.41 -45.56
N HIS D 197 -64.62 -18.18 -44.84
CA HIS D 197 -64.63 -18.13 -43.39
C HIS D 197 -65.23 -19.42 -42.86
N GLN D 198 -64.96 -19.69 -41.58
CA GLN D 198 -65.41 -20.94 -40.97
C GLN D 198 -66.93 -21.00 -40.88
N GLY D 199 -67.58 -19.89 -40.53
CA GLY D 199 -69.02 -19.89 -40.34
C GLY D 199 -69.85 -19.85 -41.60
N LEU D 200 -69.21 -19.79 -42.77
CA LEU D 200 -69.89 -19.77 -44.06
C LEU D 200 -69.68 -21.10 -44.76
N SER D 201 -70.77 -21.72 -45.19
CA SER D 201 -70.68 -22.99 -45.90
C SER D 201 -70.07 -22.84 -47.29
N SER D 202 -70.33 -21.73 -47.98
CA SER D 202 -69.81 -21.50 -49.31
C SER D 202 -69.26 -20.08 -49.37
N PRO D 203 -68.29 -19.81 -50.25
CA PRO D 203 -67.74 -18.45 -50.34
C PRO D 203 -68.79 -17.41 -50.68
N VAL D 204 -69.03 -16.48 -49.74
CA VAL D 204 -69.94 -15.36 -50.02
C VAL D 204 -69.27 -14.43 -51.01
N THR D 205 -70.02 -14.03 -52.04
CA THR D 205 -69.49 -13.23 -53.13
C THR D 205 -70.34 -12.00 -53.34
N LYS D 206 -69.68 -10.88 -53.62
CA LYS D 206 -70.35 -9.63 -53.98
C LYS D 206 -69.68 -9.05 -55.22
N SER D 207 -70.47 -8.35 -56.04
CA SER D 207 -69.97 -7.80 -57.28
C SER D 207 -70.83 -6.62 -57.68
N PHE D 208 -70.32 -5.81 -58.61
CA PHE D 208 -71.03 -4.63 -59.07
C PHE D 208 -70.58 -4.29 -60.48
N ASN D 209 -71.39 -3.50 -61.16
CA ASN D 209 -71.01 -2.91 -62.44
C ASN D 209 -70.61 -1.46 -62.25
N ARG D 210 -69.86 -0.94 -63.23
CA ARG D 210 -69.35 0.41 -63.12
C ARG D 210 -70.50 1.42 -63.14
N GLY D 211 -70.29 2.54 -62.46
CA GLY D 211 -71.29 3.60 -62.39
C GLY D 211 -72.24 3.43 -61.22
N GLU E 2 -9.39 -42.53 50.14
CA GLU E 2 -7.97 -42.08 50.09
C GLU E 2 -7.30 -42.51 48.79
N ASN E 3 -6.08 -42.02 48.58
CA ASN E 3 -5.28 -42.37 47.41
C ASN E 3 -6.02 -42.01 46.11
N LEU E 4 -6.40 -40.74 46.01
CA LEU E 4 -6.93 -40.21 44.76
C LEU E 4 -5.79 -39.67 43.90
N TRP E 5 -5.85 -39.98 42.60
CA TRP E 5 -4.75 -39.67 41.71
C TRP E 5 -5.27 -38.87 40.52
N VAL E 6 -4.34 -38.18 39.85
CA VAL E 6 -4.70 -37.18 38.87
C VAL E 6 -5.29 -37.84 37.63
N THR E 7 -6.44 -37.32 37.18
CA THR E 7 -6.98 -37.62 35.86
C THR E 7 -7.08 -36.32 35.08
N VAL E 8 -6.66 -36.38 33.82
CA VAL E 8 -6.53 -35.19 33.00
C VAL E 8 -7.52 -35.24 31.85
N TYR E 9 -8.70 -34.65 32.04
CA TYR E 9 -9.70 -34.63 30.98
C TYR E 9 -9.32 -33.61 29.91
N TYR E 10 -9.96 -33.74 28.75
CA TYR E 10 -9.62 -32.94 27.59
C TYR E 10 -10.87 -32.33 26.99
N GLY E 11 -10.76 -31.08 26.55
CA GLY E 11 -11.83 -30.40 25.85
C GLY E 11 -12.97 -29.90 26.70
N VAL E 12 -12.85 -29.91 28.02
CA VAL E 12 -14.02 -29.66 28.87
C VAL E 12 -14.54 -28.26 28.58
N PRO E 13 -15.88 -28.03 28.55
CA PRO E 13 -16.36 -26.65 28.34
C PRO E 13 -16.08 -25.72 29.51
N VAL E 14 -15.28 -24.69 29.27
CA VAL E 14 -15.04 -23.65 30.25
C VAL E 14 -14.33 -22.50 29.55
N TRP E 15 -14.63 -21.27 29.97
CA TRP E 15 -14.15 -20.10 29.26
C TRP E 15 -13.66 -19.03 30.23
N LYS E 16 -12.97 -18.04 29.68
CA LYS E 16 -12.48 -16.90 30.43
C LYS E 16 -12.59 -15.64 29.57
N GLU E 17 -12.51 -14.48 30.21
CA GLU E 17 -12.62 -13.23 29.49
C GLU E 17 -11.43 -13.05 28.55
N ALA E 18 -11.65 -12.33 27.46
CA ALA E 18 -10.60 -12.04 26.50
C ALA E 18 -11.13 -11.06 25.47
N LYS E 19 -10.26 -10.71 24.52
CA LYS E 19 -10.63 -9.85 23.41
C LYS E 19 -9.81 -10.28 22.19
N THR E 20 -10.47 -10.34 21.04
CA THR E 20 -9.83 -10.88 19.84
C THR E 20 -10.50 -10.29 18.60
N THR E 21 -9.77 -10.36 17.49
CA THR E 21 -10.31 -9.93 16.21
C THR E 21 -11.44 -10.87 15.78
N LEU E 22 -12.38 -10.32 15.01
CA LEU E 22 -13.57 -11.05 14.61
C LEU E 22 -13.73 -10.99 13.09
N PHE E 23 -14.24 -12.08 12.52
CA PHE E 23 -14.60 -12.10 11.11
C PHE E 23 -15.91 -11.36 10.89
N CYS E 24 -16.05 -10.80 9.69
CA CYS E 24 -17.29 -10.14 9.28
C CYS E 24 -17.86 -10.83 8.06
N ALA E 25 -19.15 -11.14 8.11
CA ALA E 25 -19.84 -11.85 7.03
C ALA E 25 -20.86 -10.94 6.37
N SER E 26 -21.07 -11.16 5.07
CA SER E 26 -21.95 -10.33 4.26
C SER E 26 -23.07 -11.18 3.68
N ASP E 27 -24.16 -10.50 3.29
CA ASP E 27 -25.30 -11.21 2.72
C ASP E 27 -24.95 -11.80 1.37
N ALA E 28 -25.68 -12.84 0.97
CA ALA E 28 -25.38 -13.54 -0.28
C ALA E 28 -25.50 -12.61 -1.48
N LYS E 29 -26.64 -11.94 -1.62
CA LYS E 29 -26.83 -10.97 -2.70
C LYS E 29 -26.11 -9.70 -2.28
N ALA E 30 -24.82 -9.64 -2.64
CA ALA E 30 -23.90 -8.71 -2.00
C ALA E 30 -24.03 -7.30 -2.60
N TYR E 31 -23.07 -6.45 -2.24
CA TYR E 31 -23.12 -5.03 -2.56
C TYR E 31 -22.82 -4.74 -4.03
N GLU E 32 -22.16 -5.66 -4.73
CA GLU E 32 -21.82 -5.45 -6.12
C GLU E 32 -20.98 -4.18 -6.29
N THR E 41 -13.61 -7.61 1.65
CA THR E 41 -13.93 -8.01 3.01
C THR E 41 -15.42 -7.80 3.31
N HIS E 42 -16.06 -6.94 2.51
CA HIS E 42 -17.49 -6.68 2.67
C HIS E 42 -18.21 -6.88 1.34
N ALA E 43 -17.51 -6.61 0.23
CA ALA E 43 -18.12 -6.59 -1.09
C ALA E 43 -18.69 -7.95 -1.52
N CYS E 44 -17.96 -9.05 -1.30
CA CYS E 44 -18.42 -10.34 -1.79
C CYS E 44 -18.31 -11.44 -0.74
N VAL E 45 -17.39 -11.32 0.20
CA VAL E 45 -17.10 -12.39 1.15
C VAL E 45 -16.54 -11.78 2.43
N PRO E 46 -16.42 -12.54 3.53
CA PRO E 46 -16.83 -13.94 3.76
C PRO E 46 -18.29 -14.25 3.47
N THR E 47 -18.65 -15.53 3.42
CA THR E 47 -19.98 -15.95 3.00
C THR E 47 -20.98 -15.89 4.14
N ASP E 48 -22.25 -16.11 3.79
CA ASP E 48 -23.33 -16.01 4.76
C ASP E 48 -23.66 -17.40 5.32
N PRO E 49 -23.61 -17.60 6.63
CA PRO E 49 -23.93 -18.91 7.20
C PRO E 49 -25.42 -19.04 7.49
N ASN E 50 -25.77 -20.19 8.08
CA ASN E 50 -27.13 -20.43 8.56
C ASN E 50 -27.14 -20.26 10.07
N PRO E 51 -27.74 -19.20 10.62
CA PRO E 51 -27.64 -18.97 12.06
C PRO E 51 -28.37 -20.02 12.87
N GLN E 52 -27.88 -20.24 14.09
CA GLN E 52 -28.49 -21.17 15.03
C GLN E 52 -28.39 -20.58 16.43
N GLU E 53 -29.26 -21.06 17.32
CA GLU E 53 -29.29 -20.58 18.70
C GLU E 53 -29.73 -21.71 19.61
N MET E 54 -28.95 -21.97 20.65
CA MET E 54 -29.22 -23.04 21.60
C MET E 54 -29.34 -22.45 23.00
N VAL E 55 -30.38 -22.85 23.73
CA VAL E 55 -30.63 -22.37 25.08
C VAL E 55 -30.03 -23.38 26.05
N LEU E 56 -29.53 -22.89 27.18
CA LEU E 56 -28.79 -23.68 28.13
C LEU E 56 -29.41 -23.57 29.51
N LYS E 57 -29.30 -24.63 30.31
CA LYS E 57 -29.89 -24.65 31.63
C LYS E 57 -28.88 -24.21 32.68
N ASN E 58 -29.36 -23.47 33.68
CA ASN E 58 -28.59 -23.13 34.87
C ASN E 58 -27.21 -22.57 34.54
N VAL E 59 -27.13 -21.72 33.51
CA VAL E 59 -25.85 -21.13 33.13
C VAL E 59 -25.73 -19.76 33.78
N THR E 60 -24.65 -19.56 34.53
CA THR E 60 -24.42 -18.33 35.28
C THR E 60 -23.31 -17.53 34.60
N GLU E 61 -23.59 -16.26 34.31
CA GLU E 61 -22.61 -15.40 33.65
C GLU E 61 -22.98 -13.94 33.87
N ASN E 62 -21.98 -13.08 33.75
CA ASN E 62 -22.15 -11.64 33.89
C ASN E 62 -21.89 -10.95 32.56
N PHE E 63 -22.45 -9.76 32.40
CA PHE E 63 -22.25 -8.95 31.20
C PHE E 63 -21.89 -7.53 31.61
N ASN E 64 -21.36 -6.77 30.65
CA ASN E 64 -21.05 -5.36 30.86
C ASN E 64 -21.06 -4.68 29.50
N MET E 65 -22.13 -3.96 29.22
CA MET E 65 -22.27 -3.32 27.91
C MET E 65 -21.38 -2.10 27.75
N TRP E 66 -20.75 -1.63 28.82
CA TRP E 66 -19.88 -0.46 28.73
C TRP E 66 -18.42 -0.82 28.50
N LYS E 67 -18.06 -2.11 28.59
CA LYS E 67 -16.67 -2.54 28.49
C LYS E 67 -16.45 -3.47 27.30
N ASN E 68 -17.53 -4.09 26.80
CA ASN E 68 -17.39 -5.16 25.83
C ASN E 68 -16.59 -4.70 24.62
N ASP E 69 -15.71 -5.58 24.14
CA ASP E 69 -14.66 -5.19 23.22
C ASP E 69 -15.18 -4.77 21.86
N MET E 70 -16.06 -5.57 21.24
CA MET E 70 -16.32 -5.41 19.81
C MET E 70 -16.88 -4.03 19.48
N VAL E 71 -17.39 -3.29 20.47
CA VAL E 71 -17.87 -1.94 20.19
C VAL E 71 -16.75 -1.11 19.59
N ASP E 72 -15.55 -1.16 20.20
CA ASP E 72 -14.42 -0.42 19.66
C ASP E 72 -14.08 -0.88 18.25
N GLN E 73 -14.07 -2.20 18.03
CA GLN E 73 -13.63 -2.70 16.73
C GLN E 73 -14.47 -2.13 15.60
N MET E 74 -15.79 -2.05 15.79
CA MET E 74 -16.64 -1.56 14.72
C MET E 74 -16.24 -0.15 14.29
N HIS E 75 -15.78 0.68 15.23
CA HIS E 75 -15.37 2.03 14.86
C HIS E 75 -14.25 1.99 13.82
N GLU E 76 -13.25 1.15 14.05
CA GLU E 76 -12.18 1.01 13.06
C GLU E 76 -12.72 0.45 11.75
N ASP E 77 -13.60 -0.54 11.82
CA ASP E 77 -14.07 -1.20 10.60
C ASP E 77 -14.80 -0.21 9.70
N VAL E 78 -15.71 0.58 10.27
CA VAL E 78 -16.53 1.46 9.45
C VAL E 78 -15.67 2.52 8.77
N ILE E 79 -14.81 3.18 9.54
CA ILE E 79 -13.97 4.24 8.98
C ILE E 79 -13.01 3.67 7.96
N SER E 80 -12.42 2.51 8.25
CA SER E 80 -11.51 1.89 7.30
C SER E 80 -12.23 1.55 6.00
N LEU E 81 -13.45 1.03 6.10
CA LEU E 81 -14.22 0.72 4.90
C LEU E 81 -14.49 1.98 4.09
N TRP E 82 -14.91 3.05 4.76
CA TRP E 82 -15.20 4.29 4.05
C TRP E 82 -13.96 4.80 3.32
N ASP E 83 -12.81 4.82 4.01
CA ASP E 83 -11.59 5.28 3.37
C ASP E 83 -11.20 4.38 2.20
N GLN E 84 -11.27 3.06 2.39
CA GLN E 84 -10.96 2.14 1.31
C GLN E 84 -11.83 2.41 0.10
N SER E 85 -13.10 2.74 0.32
CA SER E 85 -14.01 3.00 -0.79
C SER E 85 -13.76 4.34 -1.47
N LEU E 86 -13.47 5.39 -0.71
CA LEU E 86 -13.39 6.73 -1.28
C LEU E 86 -11.98 7.11 -1.74
N LYS E 87 -10.97 6.33 -1.39
CA LYS E 87 -9.59 6.74 -1.63
C LYS E 87 -9.28 7.10 -3.08
N PRO E 88 -9.64 6.28 -4.09
CA PRO E 88 -9.23 6.59 -5.46
C PRO E 88 -10.04 7.68 -6.13
N CYS E 89 -11.17 8.09 -5.57
CA CYS E 89 -12.02 9.05 -6.24
C CYS E 89 -11.30 10.39 -6.43
N VAL E 90 -11.74 11.14 -7.45
CA VAL E 90 -11.00 12.32 -7.89
C VAL E 90 -11.02 13.38 -6.79
N LYS E 91 -9.86 13.99 -6.56
CA LYS E 91 -9.79 15.15 -5.68
C LYS E 91 -10.43 16.35 -6.37
N LEU E 92 -10.76 17.38 -5.57
CA LEU E 92 -11.37 18.60 -6.08
C LEU E 92 -10.45 19.81 -5.98
N THR E 93 -9.16 19.61 -5.73
CA THR E 93 -8.29 20.73 -5.39
C THR E 93 -8.34 21.87 -6.40
N PRO E 94 -8.26 21.65 -7.70
CA PRO E 94 -8.26 22.79 -8.63
C PRO E 94 -9.53 23.63 -8.58
N LEU E 95 -10.64 23.07 -8.09
CA LEU E 95 -11.88 23.82 -8.06
C LEU E 95 -11.85 24.95 -7.04
N CYS E 96 -10.97 24.85 -6.05
CA CYS E 96 -10.96 25.78 -4.91
C CYS E 96 -10.26 27.07 -5.32
N VAL E 97 -11.06 28.04 -5.76
CA VAL E 97 -10.56 29.36 -6.15
C VAL E 97 -11.63 30.40 -5.85
N THR E 98 -11.26 31.67 -6.01
CA THR E 98 -12.15 32.78 -5.71
C THR E 98 -13.43 32.71 -6.53
N LEU E 99 -14.56 33.02 -5.89
CA LEU E 99 -15.85 32.99 -6.56
C LEU E 99 -16.46 34.39 -6.61
N ASN E 100 -17.23 34.65 -7.66
CA ASN E 100 -18.01 35.87 -7.81
C ASN E 100 -19.48 35.49 -7.77
N CYS E 101 -20.24 36.12 -6.87
CA CYS E 101 -21.54 35.59 -6.46
C CYS E 101 -22.61 36.67 -6.40
N THR E 102 -22.76 37.46 -7.47
CA THR E 102 -23.89 38.39 -7.52
C THR E 102 -25.20 37.65 -7.30
N ASN E 103 -25.44 36.60 -8.10
CA ASN E 103 -26.50 35.64 -7.83
C ASN E 103 -27.84 36.27 -7.48
N ALA E 104 -28.44 36.99 -8.44
CA ALA E 104 -29.79 37.53 -8.25
C ALA E 104 -30.61 37.38 -9.54
N THR E 105 -30.56 36.20 -10.15
CA THR E 105 -31.12 35.99 -11.48
C THR E 105 -32.45 35.24 -11.48
N ALA E 106 -33.10 35.09 -10.32
CA ALA E 106 -34.38 34.40 -10.26
C ALA E 106 -35.34 35.20 -9.39
N SER E 107 -36.63 34.93 -9.58
CA SER E 107 -37.66 35.64 -8.82
C SER E 107 -37.50 35.44 -7.31
N ASN E 108 -36.85 34.36 -6.89
CA ASN E 108 -36.60 34.12 -5.48
C ASN E 108 -35.26 33.41 -5.33
N SER E 109 -34.38 34.02 -4.54
CA SER E 109 -33.02 33.51 -4.39
C SER E 109 -32.59 33.46 -2.93
N SER E 110 -33.29 34.21 -2.07
CA SER E 110 -32.87 34.32 -0.67
C SER E 110 -32.79 32.95 0.01
N ILE E 111 -33.56 31.97 -0.46
CA ILE E 111 -33.56 30.66 0.18
C ILE E 111 -32.25 29.91 -0.05
N ILE E 112 -31.58 30.14 -1.18
CA ILE E 112 -30.39 29.37 -1.54
C ILE E 112 -29.19 30.28 -1.70
N GLU E 113 -29.36 31.38 -2.44
CA GLU E 113 -28.34 32.41 -2.61
C GLU E 113 -27.18 31.96 -3.49
N GLY E 114 -27.18 30.69 -3.90
CA GLY E 114 -26.30 30.26 -4.97
C GLY E 114 -27.11 30.10 -6.25
N MET E 115 -26.61 30.68 -7.34
CA MET E 115 -27.43 30.84 -8.53
C MET E 115 -26.59 30.63 -9.78
N LYS E 116 -27.30 30.37 -10.88
CA LYS E 116 -26.72 30.28 -12.20
C LYS E 116 -26.92 31.59 -12.95
N ASN E 117 -26.22 31.73 -14.06
CA ASN E 117 -26.27 32.96 -14.86
C ASN E 117 -25.73 34.14 -14.05
N CYS E 118 -22.83 31.44 -8.94
CA CYS E 118 -21.53 32.08 -9.02
C CYS E 118 -20.78 31.64 -10.26
N SER E 119 -19.73 32.39 -10.62
CA SER E 119 -18.89 32.06 -11.76
C SER E 119 -17.42 32.19 -11.35
N PHE E 120 -16.59 31.28 -11.85
CA PHE E 120 -15.21 31.22 -11.43
C PHE E 120 -14.34 30.67 -12.55
N ASN E 121 -13.08 31.10 -12.57
CA ASN E 121 -12.11 30.60 -13.54
C ASN E 121 -11.66 29.20 -13.14
N ILE E 122 -11.44 28.34 -14.13
CA ILE E 122 -11.07 26.96 -13.90
C ILE E 122 -10.33 26.41 -15.11
N THR E 123 -9.53 25.37 -14.88
CA THR E 123 -8.82 24.69 -15.95
C THR E 123 -9.76 23.75 -16.69
N THR E 124 -9.39 23.41 -17.93
CA THR E 124 -10.20 22.56 -18.78
C THR E 124 -9.31 21.58 -19.52
N GLU E 125 -9.87 20.95 -20.55
CA GLU E 125 -9.25 19.78 -21.16
C GLU E 125 -7.83 20.09 -21.67
N LEU E 126 -7.67 21.15 -22.45
CA LEU E 126 -6.37 21.45 -23.04
C LEU E 126 -5.41 22.12 -22.07
N ARG E 127 -5.71 22.09 -20.77
CA ARG E 127 -4.76 22.45 -19.72
C ARG E 127 -4.39 23.93 -19.72
N ASP E 128 -3.62 24.38 -20.71
CA ASP E 128 -2.94 25.66 -20.61
C ASP E 128 -3.79 26.83 -21.08
N LYS E 129 -5.12 26.70 -21.06
CA LYS E 129 -6.01 27.83 -21.27
C LYS E 129 -7.23 27.68 -20.38
N ARG E 130 -7.53 28.74 -19.63
CA ARG E 130 -8.57 28.67 -18.62
C ARG E 130 -9.95 28.91 -19.23
N GLU E 131 -10.98 28.56 -18.47
CA GLU E 131 -12.36 28.66 -18.92
C GLU E 131 -13.23 29.17 -17.79
N LYS E 132 -14.40 29.69 -18.15
CA LYS E 132 -15.36 30.25 -17.20
C LYS E 132 -16.60 29.37 -17.17
N LYS E 133 -17.10 29.11 -15.97
CA LYS E 133 -18.27 28.25 -15.78
C LYS E 133 -19.14 28.86 -14.68
N ASN E 134 -20.15 28.10 -14.26
CA ASN E 134 -21.05 28.53 -13.20
C ASN E 134 -21.91 27.36 -12.74
N ALA E 135 -22.31 27.39 -11.48
CA ALA E 135 -23.18 26.36 -10.92
C ALA E 135 -23.80 26.89 -9.63
N LEU E 136 -24.56 26.04 -8.97
CA LEU E 136 -25.28 26.44 -7.77
C LEU E 136 -24.57 25.96 -6.51
N PHE E 137 -24.93 26.59 -5.39
CA PHE E 137 -24.46 26.18 -4.07
C PHE E 137 -25.46 26.68 -3.03
N TYR E 138 -25.45 26.03 -1.87
CA TYR E 138 -26.21 26.52 -0.74
C TYR E 138 -25.31 27.30 0.21
N LYS E 139 -25.80 28.44 0.68
CA LYS E 139 -24.96 29.36 1.44
C LYS E 139 -24.34 28.69 2.65
N LEU E 140 -24.96 27.63 3.17
CA LEU E 140 -24.37 26.89 4.27
C LEU E 140 -23.06 26.21 3.89
N ASP E 141 -22.76 26.11 2.60
CA ASP E 141 -21.48 25.58 2.14
C ASP E 141 -20.53 26.68 1.69
N ILE E 142 -20.85 27.94 1.95
CA ILE E 142 -20.03 29.05 1.48
C ILE E 142 -19.82 30.03 2.64
N VAL E 143 -18.70 30.74 2.59
CA VAL E 143 -18.37 31.77 3.56
C VAL E 143 -17.88 33.00 2.82
N GLN E 144 -17.90 34.15 3.48
CA GLN E 144 -17.50 35.40 2.87
C GLN E 144 -16.08 35.76 3.27
N LEU E 145 -15.31 36.25 2.31
CA LEU E 145 -13.96 36.73 2.60
C LEU E 145 -14.02 38.13 3.19
N ASP E 146 -12.86 38.61 3.63
CA ASP E 146 -12.80 39.89 4.33
C ASP E 146 -12.94 41.06 3.37
N GLY E 147 -13.66 42.09 3.81
CA GLY E 147 -13.74 43.34 3.08
C GLY E 147 -14.76 43.35 1.96
N ASN E 148 -14.43 42.71 0.84
CA ASN E 148 -15.29 42.72 -0.34
C ASN E 148 -16.37 41.65 -0.15
N SER E 149 -17.62 42.10 0.01
CA SER E 149 -18.72 41.18 0.24
C SER E 149 -19.16 40.44 -1.02
N SER E 150 -18.44 40.57 -2.13
CA SER E 150 -18.75 39.85 -3.35
C SER E 150 -17.82 38.67 -3.60
N GLN E 151 -16.87 38.41 -2.72
CA GLN E 151 -15.92 37.31 -2.88
C GLN E 151 -16.23 36.24 -1.86
N TYR E 152 -16.15 34.98 -2.29
CA TYR E 152 -16.50 33.85 -1.45
C TYR E 152 -15.52 32.71 -1.66
N ARG E 153 -15.44 31.84 -0.65
CA ARG E 153 -14.56 30.68 -0.66
C ARG E 153 -15.31 29.48 -0.11
N LEU E 154 -14.93 28.29 -0.57
CA LEU E 154 -15.51 27.08 -0.01
C LEU E 154 -15.08 26.92 1.45
N ILE E 155 -15.99 26.43 2.28
CA ILE E 155 -15.82 26.55 3.73
C ILE E 155 -14.58 25.79 4.20
N ASN E 156 -14.42 24.54 3.75
CA ASN E 156 -13.38 23.70 4.32
C ASN E 156 -12.05 23.79 3.57
N CYS E 157 -11.94 24.64 2.56
CA CYS E 157 -10.72 24.70 1.77
C CYS E 157 -9.60 25.47 2.45
N ASN E 158 -9.89 26.28 3.47
CA ASN E 158 -8.82 26.96 4.18
C ASN E 158 -7.98 25.99 5.01
N THR E 159 -8.44 24.75 5.16
CA THR E 159 -7.81 23.82 6.09
C THR E 159 -7.57 22.42 5.52
N SER E 160 -8.21 22.03 4.42
CA SER E 160 -8.15 20.64 4.00
C SER E 160 -8.36 20.50 2.51
N VAL E 161 -8.11 19.28 2.02
CA VAL E 161 -8.49 18.91 0.66
C VAL E 161 -9.88 18.29 0.70
N ILE E 162 -10.62 18.43 -0.41
CA ILE E 162 -11.99 17.97 -0.50
C ILE E 162 -12.08 16.88 -1.55
N THR E 163 -12.68 15.75 -1.18
CA THR E 163 -12.82 14.60 -2.06
C THR E 163 -14.27 14.41 -2.44
N GLN E 164 -14.51 13.97 -3.67
CA GLN E 164 -15.85 13.83 -4.23
C GLN E 164 -16.23 12.36 -4.30
N ALA E 165 -17.43 12.05 -3.83
CA ALA E 165 -17.90 10.67 -3.92
C ALA E 165 -17.94 10.24 -5.37
N CYS E 166 -17.48 9.01 -5.63
CA CYS E 166 -17.43 8.51 -6.99
C CYS E 166 -18.85 8.39 -7.55
N PRO E 167 -19.14 9.01 -8.70
CA PRO E 167 -20.54 9.12 -9.13
C PRO E 167 -21.25 7.78 -9.30
N LYS E 168 -20.54 6.73 -9.70
CA LYS E 168 -21.15 5.43 -9.93
C LYS E 168 -21.27 4.60 -8.66
N VAL E 169 -20.87 5.13 -7.51
CA VAL E 169 -20.81 4.37 -6.27
C VAL E 169 -21.58 5.11 -5.19
N SER E 170 -22.25 4.35 -4.33
CA SER E 170 -22.96 4.90 -3.19
C SER E 170 -23.11 3.82 -2.12
N PHE E 171 -22.24 3.84 -1.12
CA PHE E 171 -22.35 2.90 -0.02
C PHE E 171 -23.64 3.17 0.74
N ASP E 172 -24.24 2.11 1.27
CA ASP E 172 -25.57 2.20 1.87
C ASP E 172 -25.70 1.10 2.91
N PRO E 173 -26.64 1.23 3.84
CA PRO E 173 -26.63 0.36 5.02
C PRO E 173 -26.98 -1.10 4.74
N ILE E 174 -26.02 -1.85 4.19
CA ILE E 174 -26.19 -3.30 4.09
C ILE E 174 -25.83 -3.94 5.42
N PRO E 175 -26.69 -4.78 6.00
CA PRO E 175 -26.40 -5.31 7.34
C PRO E 175 -25.13 -6.14 7.37
N ILE E 176 -24.44 -6.10 8.51
CA ILE E 176 -23.22 -6.86 8.72
C ILE E 176 -23.33 -7.55 10.07
N HIS E 177 -22.88 -8.81 10.10
CA HIS E 177 -22.89 -9.60 11.33
C HIS E 177 -21.56 -10.32 11.45
N TYR E 178 -21.17 -10.60 12.69
CA TYR E 178 -19.82 -11.03 13.02
C TYR E 178 -19.83 -12.49 13.47
N CYS E 179 -18.75 -13.21 13.14
CA CYS E 179 -18.59 -14.60 13.53
C CYS E 179 -17.26 -14.76 14.27
N ALA E 180 -17.31 -15.40 15.44
CA ALA E 180 -16.10 -15.60 16.21
C ALA E 180 -15.16 -16.56 15.49
N PRO E 181 -13.84 -16.40 15.65
CA PRO E 181 -12.91 -17.34 15.03
C PRO E 181 -12.74 -18.60 15.86
N ALA E 182 -12.12 -19.60 15.25
CA ALA E 182 -12.00 -20.90 15.89
C ALA E 182 -11.37 -20.77 17.27
N GLY E 183 -12.04 -21.34 18.27
CA GLY E 183 -11.57 -21.31 19.63
C GLY E 183 -12.35 -20.39 20.55
N TYR E 184 -13.04 -19.40 20.01
CA TYR E 184 -13.82 -18.46 20.80
C TYR E 184 -15.31 -18.74 20.62
N ALA E 185 -16.09 -18.37 21.63
CA ALA E 185 -17.54 -18.57 21.61
C ALA E 185 -18.22 -17.29 22.05
N ILE E 186 -19.46 -17.11 21.59
CA ILE E 186 -20.22 -15.89 21.79
C ILE E 186 -21.40 -16.19 22.70
N LEU E 187 -21.60 -15.35 23.71
CA LEU E 187 -22.71 -15.47 24.64
C LEU E 187 -23.65 -14.28 24.43
N LYS E 188 -24.95 -14.51 24.63
CA LYS E 188 -25.96 -13.57 24.14
C LYS E 188 -26.85 -12.97 25.23
N CYS E 189 -27.31 -13.77 26.19
CA CYS E 189 -28.29 -13.32 27.19
C CYS E 189 -29.61 -12.95 26.53
N ASN E 190 -30.72 -13.22 27.21
CA ASN E 190 -32.03 -12.95 26.63
C ASN E 190 -33.06 -12.41 27.61
N ASN E 191 -32.72 -12.16 28.87
CA ASN E 191 -33.69 -11.62 29.82
C ASN E 191 -34.17 -10.26 29.30
N LYS E 192 -35.48 -10.03 29.34
CA LYS E 192 -36.05 -8.87 28.66
C LYS E 192 -36.11 -7.64 29.54
N THR E 193 -35.72 -7.72 30.81
CA THR E 193 -35.65 -6.55 31.68
C THR E 193 -34.22 -6.16 32.01
N PHE E 194 -33.24 -6.62 31.24
CA PHE E 194 -31.85 -6.36 31.54
C PHE E 194 -31.52 -4.89 31.35
N THR E 195 -30.77 -4.32 32.29
CA THR E 195 -30.42 -2.91 32.25
C THR E 195 -29.20 -2.62 31.38
N GLY E 196 -28.53 -3.66 30.88
CA GLY E 196 -27.29 -3.49 30.16
C GLY E 196 -26.05 -3.75 30.99
N THR E 197 -26.19 -3.91 32.30
CA THR E 197 -25.08 -4.25 33.18
C THR E 197 -25.60 -5.12 34.31
N GLY E 198 -24.97 -6.27 34.51
CA GLY E 198 -25.35 -7.17 35.57
C GLY E 198 -25.48 -8.61 35.10
N PRO E 199 -25.90 -9.49 36.00
CA PRO E 199 -26.00 -10.91 35.66
C PRO E 199 -27.21 -11.23 34.78
N CYS E 200 -27.09 -12.34 34.06
CA CYS E 200 -28.17 -12.88 33.26
C CYS E 200 -28.51 -14.28 33.74
N ASN E 201 -29.74 -14.71 33.47
CA ASN E 201 -30.22 -16.03 33.89
C ASN E 201 -30.84 -16.81 32.73
N ASN E 202 -30.68 -16.36 31.50
CA ASN E 202 -31.15 -17.09 30.33
C ASN E 202 -30.05 -17.08 29.26
N VAL E 203 -28.84 -17.42 29.70
CA VAL E 203 -27.68 -17.37 28.81
C VAL E 203 -27.92 -18.23 27.59
N SER E 204 -27.23 -17.92 26.50
CA SER E 204 -27.36 -18.68 25.26
C SER E 204 -26.10 -18.50 24.44
N THR E 205 -25.94 -19.37 23.45
CA THR E 205 -24.78 -19.33 22.55
C THR E 205 -25.25 -19.47 21.11
N VAL E 206 -24.50 -18.86 20.19
CA VAL E 206 -24.91 -18.77 18.80
C VAL E 206 -23.72 -19.00 17.89
N GLN E 207 -24.01 -19.33 16.64
CA GLN E 207 -22.96 -19.37 15.62
C GLN E 207 -22.39 -17.98 15.39
N CYS E 208 -23.26 -16.99 15.19
CA CYS E 208 -22.85 -15.64 14.84
C CYS E 208 -23.95 -14.68 15.27
N THR E 209 -23.60 -13.40 15.30
CA THR E 209 -24.55 -12.37 15.63
C THR E 209 -25.56 -12.17 14.51
N HIS E 210 -26.67 -11.51 14.83
CA HIS E 210 -27.64 -11.16 13.81
C HIS E 210 -27.19 -9.87 13.10
N GLY E 211 -28.03 -9.42 12.17
CA GLY E 211 -27.64 -8.30 11.33
C GLY E 211 -27.56 -7.00 12.11
N ILE E 212 -26.61 -6.16 11.71
CA ILE E 212 -26.47 -4.80 12.21
C ILE E 212 -26.16 -3.88 11.05
N LYS E 213 -26.82 -2.74 11.00
CA LYS E 213 -26.58 -1.79 9.92
C LYS E 213 -25.66 -0.67 10.39
N PRO E 214 -24.80 -0.13 9.52
CA PRO E 214 -23.97 1.02 9.86
C PRO E 214 -24.69 2.35 9.65
N VAL E 215 -25.83 2.51 10.30
CA VAL E 215 -26.66 3.71 10.14
C VAL E 215 -26.06 4.84 10.95
N VAL E 216 -26.17 6.06 10.44
CA VAL E 216 -25.58 7.24 11.05
C VAL E 216 -26.69 8.26 11.27
N SER E 217 -26.79 8.80 12.49
CA SER E 217 -27.81 9.78 12.81
C SER E 217 -27.53 10.37 14.18
N THR E 218 -28.25 11.46 14.49
CA THR E 218 -28.13 12.13 15.77
C THR E 218 -29.49 12.65 16.22
N GLN E 219 -29.64 12.76 17.54
CA GLN E 219 -30.88 13.11 18.22
C GLN E 219 -31.88 11.96 18.20
N LEU E 220 -31.58 10.91 17.43
CA LEU E 220 -32.33 9.66 17.51
C LEU E 220 -31.74 8.71 16.48
N LEU E 221 -31.91 7.42 16.73
CA LEU E 221 -31.40 6.39 15.82
C LEU E 221 -32.58 5.79 15.07
N LEU E 222 -32.46 5.71 13.75
CA LEU E 222 -33.59 5.40 12.89
C LEU E 222 -33.24 4.30 11.91
N ASN E 223 -34.27 3.65 11.39
CA ASN E 223 -34.17 2.53 10.46
C ASN E 223 -33.60 1.28 11.11
N GLY E 224 -33.35 1.31 12.42
CA GLY E 224 -32.80 0.17 13.12
C GLY E 224 -33.88 -0.78 13.62
N SER E 225 -33.43 -1.81 14.32
CA SER E 225 -34.35 -2.80 14.85
C SER E 225 -35.14 -2.22 16.03
N LEU E 226 -35.98 -3.06 16.62
CA LEU E 226 -36.88 -2.64 17.69
C LEU E 226 -36.72 -3.56 18.89
N ALA E 227 -37.14 -3.07 20.06
CA ALA E 227 -37.01 -3.84 21.29
C ALA E 227 -38.10 -4.92 21.37
N GLU E 228 -37.95 -5.80 22.37
CA GLU E 228 -38.89 -6.90 22.58
C GLU E 228 -39.99 -6.55 23.57
N GLY E 229 -39.63 -6.22 24.80
CA GLY E 229 -40.61 -5.91 25.81
C GLY E 229 -41.04 -4.46 25.76
N GLU E 230 -41.26 -3.85 26.93
CA GLU E 230 -41.58 -2.44 26.98
C GLU E 230 -40.30 -1.61 26.92
N ILE E 231 -40.45 -0.29 26.85
CA ILE E 231 -39.30 0.59 26.69
C ILE E 231 -38.30 0.32 27.81
N ILE E 232 -37.02 0.46 27.49
CA ILE E 232 -35.93 0.24 28.43
C ILE E 232 -35.06 1.49 28.49
N ILE E 233 -34.42 1.71 29.63
CA ILE E 233 -33.48 2.81 29.81
C ILE E 233 -32.17 2.22 30.35
N ARG E 234 -31.07 2.52 29.68
CA ARG E 234 -29.76 2.03 30.07
C ARG E 234 -28.82 3.21 30.30
N SER E 235 -27.89 3.03 31.24
CA SER E 235 -26.88 4.05 31.51
C SER E 235 -25.77 3.42 32.33
N GLU E 236 -24.65 4.12 32.40
CA GLU E 236 -23.60 3.74 33.32
C GLU E 236 -24.06 4.03 34.75
N ASN E 237 -23.36 3.44 35.72
CA ASN E 237 -23.77 3.56 37.11
C ASN E 237 -22.59 3.81 38.04
N ILE E 238 -21.48 4.31 37.51
CA ILE E 238 -20.37 4.71 38.39
C ILE E 238 -20.71 6.01 39.10
N THR E 239 -21.39 6.92 38.42
CA THR E 239 -21.81 8.18 39.02
C THR E 239 -22.99 8.73 38.25
N LYS E 240 -23.88 9.42 38.97
CA LYS E 240 -25.08 9.96 38.35
C LYS E 240 -24.75 10.89 37.19
N ASN E 241 -23.57 11.50 37.20
CA ASN E 241 -23.20 12.48 36.19
C ASN E 241 -22.84 11.78 34.88
N VAL E 242 -23.81 11.11 34.27
CA VAL E 242 -23.51 10.26 33.11
C VAL E 242 -23.21 11.12 31.90
N LYS E 243 -22.56 10.50 30.90
CA LYS E 243 -22.35 11.17 29.63
C LYS E 243 -23.60 11.11 28.77
N THR E 244 -24.02 9.90 28.40
CA THR E 244 -25.12 9.70 27.47
C THR E 244 -26.03 8.58 27.98
N ILE E 245 -27.32 8.88 28.10
CA ILE E 245 -28.32 7.91 28.50
C ILE E 245 -29.04 7.42 27.26
N ILE E 246 -29.14 6.11 27.10
CA ILE E 246 -29.81 5.50 25.96
C ILE E 246 -31.20 5.07 26.40
N VAL E 247 -32.21 5.41 25.59
CA VAL E 247 -33.57 4.95 25.78
C VAL E 247 -33.98 4.16 24.55
N HIS E 248 -34.49 2.95 24.77
CA HIS E 248 -34.71 1.97 23.71
C HIS E 248 -36.21 1.72 23.58
N LEU E 249 -36.74 1.94 22.38
CA LEU E 249 -38.18 1.83 22.16
C LEU E 249 -38.56 0.43 21.68
N ASN E 250 -39.85 0.12 21.83
CA ASN E 250 -40.46 -1.06 21.21
C ASN E 250 -41.56 -0.64 20.24
N GLU E 251 -42.32 0.39 20.59
CA GLU E 251 -43.40 0.90 19.76
C GLU E 251 -42.77 1.76 18.67
N SER E 252 -42.85 1.29 17.43
CA SER E 252 -42.21 1.98 16.32
C SER E 252 -43.07 3.16 15.87
N VAL E 253 -42.48 4.36 15.87
CA VAL E 253 -43.18 5.55 15.42
C VAL E 253 -42.71 5.90 14.02
N LYS E 254 -43.64 5.94 13.06
CA LYS E 254 -43.28 6.15 11.68
C LYS E 254 -42.99 7.63 11.42
N ILE E 255 -42.17 7.88 10.39
CA ILE E 255 -41.81 9.24 10.01
C ILE E 255 -41.56 9.28 8.50
N GLU E 256 -41.89 10.42 7.90
CA GLU E 256 -41.69 10.65 6.47
C GLU E 256 -41.01 11.99 6.27
N CYS E 257 -40.30 12.12 5.15
CA CYS E 257 -39.66 13.37 4.77
C CYS E 257 -39.58 13.42 3.26
N THR E 258 -39.47 14.64 2.72
CA THR E 258 -39.51 14.84 1.28
C THR E 258 -38.68 16.06 0.90
N ARG E 259 -38.27 16.08 -0.37
CA ARG E 259 -37.47 17.17 -0.94
C ARG E 259 -38.15 17.57 -2.24
N PRO E 260 -39.20 18.40 -2.16
CA PRO E 260 -40.13 18.55 -3.30
C PRO E 260 -39.50 19.04 -4.59
N ASN E 261 -38.63 20.05 -4.51
CA ASN E 261 -38.12 20.67 -5.73
C ASN E 261 -37.45 19.65 -6.62
N ASN E 262 -37.36 19.96 -7.91
CA ASN E 262 -36.68 19.10 -8.87
C ASN E 262 -35.31 19.69 -9.18
N LYS E 263 -34.26 18.97 -8.80
CA LYS E 263 -32.90 19.40 -9.08
C LYS E 263 -32.48 18.93 -10.47
N THR E 264 -31.74 19.78 -11.17
CA THR E 264 -31.23 19.48 -12.51
C THR E 264 -29.74 19.22 -12.41
N ARG E 265 -29.30 18.08 -12.92
CA ARG E 265 -27.89 17.73 -12.85
C ARG E 265 -27.10 18.39 -13.98
N THR E 266 -26.02 19.06 -13.60
CA THR E 266 -25.08 19.63 -14.55
C THR E 266 -23.68 19.25 -14.11
N SER E 267 -22.73 19.31 -15.05
CA SER E 267 -21.41 18.78 -14.77
C SER E 267 -20.33 19.61 -15.45
N ILE E 268 -19.13 19.53 -14.88
CA ILE E 268 -17.91 20.01 -15.49
C ILE E 268 -16.91 18.86 -15.46
N ARG E 269 -15.94 18.90 -16.37
CA ARG E 269 -14.92 17.85 -16.46
C ARG E 269 -13.55 18.48 -16.30
N ILE E 270 -12.78 17.99 -15.32
CA ILE E 270 -11.43 18.48 -15.09
C ILE E 270 -10.47 17.68 -15.94
N GLY E 271 -9.20 16.55 -18.83
CA GLY E 271 -7.82 16.95 -18.59
C GLY E 271 -7.52 17.17 -17.13
N PRO E 272 -6.99 16.14 -16.45
CA PRO E 272 -6.58 14.82 -16.95
C PRO E 272 -7.73 13.85 -17.16
N GLY E 273 -8.99 14.30 -17.12
CA GLY E 273 -10.09 13.45 -17.51
C GLY E 273 -10.86 12.81 -16.37
N GLN E 274 -11.24 13.60 -15.37
CA GLN E 274 -12.13 13.14 -14.31
C GLN E 274 -13.23 14.18 -14.11
N TRP E 275 -14.47 13.71 -14.07
CA TRP E 275 -15.62 14.60 -14.12
C TRP E 275 -15.95 15.16 -12.74
N PHE E 276 -16.55 16.35 -12.73
CA PHE E 276 -17.04 17.00 -11.52
C PHE E 276 -18.50 17.38 -11.71
N TYR E 277 -19.28 17.23 -10.65
CA TYR E 277 -20.72 17.45 -10.70
C TYR E 277 -21.11 18.61 -9.80
N ALA E 278 -22.30 19.15 -10.06
CA ALA E 278 -22.82 20.26 -9.27
C ALA E 278 -24.33 20.34 -9.51
N THR E 279 -24.94 21.38 -8.97
CA THR E 279 -26.36 21.63 -9.19
C THR E 279 -26.54 22.75 -10.20
N GLY E 280 -27.44 22.55 -11.15
CA GLY E 280 -27.68 23.52 -12.20
C GLY E 280 -29.06 24.15 -12.12
N GLN E 281 -29.86 23.95 -13.17
CA GLN E 281 -31.17 24.57 -13.22
C GLN E 281 -32.09 24.01 -12.14
N VAL E 282 -33.02 24.84 -11.68
CA VAL E 282 -34.04 24.43 -10.72
C VAL E 282 -35.39 24.45 -11.43
N ILE E 283 -36.14 23.36 -11.30
CA ILE E 283 -37.43 23.19 -11.95
C ILE E 283 -38.51 23.08 -10.89
N GLY E 284 -39.64 23.75 -11.14
CA GLY E 284 -40.76 23.72 -10.22
C GLY E 284 -40.78 24.90 -9.28
N ASP E 285 -41.88 25.03 -8.55
CA ASP E 285 -42.06 26.13 -7.62
C ASP E 285 -41.21 25.89 -6.37
N ILE E 286 -40.61 26.96 -5.86
CA ILE E 286 -39.66 26.84 -4.76
C ILE E 286 -40.41 26.59 -3.45
N ARG E 287 -39.90 25.64 -2.67
CA ARG E 287 -40.46 25.32 -1.36
C ARG E 287 -39.34 24.82 -0.47
N GLU E 288 -39.66 24.68 0.82
CA GLU E 288 -38.70 24.15 1.79
C GLU E 288 -39.03 22.71 2.14
N ALA E 289 -37.99 21.91 2.37
CA ALA E 289 -38.18 20.52 2.74
C ALA E 289 -38.82 20.43 4.12
N TYR E 290 -39.46 19.29 4.39
CA TYR E 290 -40.23 19.13 5.61
C TYR E 290 -40.42 17.65 5.91
N CYS E 291 -41.07 17.39 7.05
CA CYS E 291 -41.38 16.05 7.49
C CYS E 291 -42.71 16.09 8.25
N ASN E 292 -43.23 14.91 8.57
CA ASN E 292 -44.53 14.79 9.22
C ASN E 292 -44.47 13.77 10.34
N ILE E 293 -45.37 13.93 11.32
CA ILE E 293 -45.43 13.07 12.50
C ILE E 293 -46.86 13.04 13.01
N ASN E 294 -47.23 11.92 13.62
CA ASN E 294 -48.54 11.74 14.25
C ASN E 294 -48.43 12.14 15.72
N GLU E 295 -49.00 13.28 16.09
CA GLU E 295 -48.83 13.80 17.43
C GLU E 295 -49.28 12.79 18.49
N SER E 296 -50.36 12.06 18.22
CA SER E 296 -50.86 11.11 19.20
C SER E 296 -49.80 10.07 19.55
N LYS E 297 -49.23 9.43 18.53
CA LYS E 297 -48.24 8.39 18.79
C LYS E 297 -47.02 8.96 19.52
N TRP E 298 -46.54 10.12 19.06
CA TRP E 298 -45.33 10.69 19.65
C TRP E 298 -45.56 11.07 21.11
N ASN E 299 -46.68 11.74 21.40
CA ASN E 299 -46.91 12.19 22.77
C ASN E 299 -47.21 11.01 23.69
N GLU E 300 -47.87 9.97 23.17
CA GLU E 300 -48.06 8.77 23.98
C GLU E 300 -46.73 8.10 24.30
N THR E 301 -45.84 8.01 23.31
CA THR E 301 -44.52 7.43 23.56
C THR E 301 -43.77 8.25 24.59
N LEU E 302 -43.83 9.57 24.47
CA LEU E 302 -43.16 10.43 25.45
C LEU E 302 -43.75 10.23 26.84
N GLN E 303 -45.07 10.07 26.92
CA GLN E 303 -45.71 9.80 28.21
C GLN E 303 -45.15 8.52 28.83
N ARG E 304 -45.08 7.45 28.03
CA ARG E 304 -44.57 6.19 28.55
C ARG E 304 -43.12 6.35 28.99
N VAL E 305 -42.30 7.06 28.19
CA VAL E 305 -40.91 7.28 28.57
C VAL E 305 -40.83 8.00 29.90
N SER E 306 -41.63 9.04 30.05
CA SER E 306 -41.62 9.82 31.29
C SER E 306 -42.01 8.94 32.48
N LYS E 307 -43.02 8.09 32.31
CA LYS E 307 -43.47 7.27 33.42
C LYS E 307 -42.51 6.14 33.73
N LYS E 308 -41.65 5.76 32.79
CA LYS E 308 -40.54 4.86 33.08
C LYS E 308 -39.33 5.63 33.58
N LEU E 309 -39.14 6.85 33.09
CA LEU E 309 -37.91 7.59 33.36
C LEU E 309 -37.79 7.93 34.85
N LYS E 310 -38.91 8.10 35.54
CA LYS E 310 -38.89 8.57 36.93
C LYS E 310 -38.33 7.53 37.91
N GLU E 311 -38.12 6.29 37.46
CA GLU E 311 -37.68 5.25 38.39
C GLU E 311 -36.34 5.59 39.03
N TYR E 312 -35.39 6.10 38.24
CA TYR E 312 -34.10 6.53 38.78
C TYR E 312 -34.18 7.88 39.48
N PHE E 313 -35.26 8.62 39.29
CA PHE E 313 -35.44 9.95 39.88
C PHE E 313 -36.79 9.97 40.57
N PRO E 314 -36.84 9.56 41.84
CA PRO E 314 -38.13 9.14 42.43
C PRO E 314 -39.22 10.20 42.41
N HIS E 315 -38.90 11.47 42.65
CA HIS E 315 -39.96 12.42 43.00
C HIS E 315 -39.89 13.77 42.31
N LYS E 316 -38.85 14.08 41.54
CA LYS E 316 -38.74 15.41 40.96
C LYS E 316 -39.58 15.53 39.69
N ASN E 317 -39.96 16.77 39.38
CA ASN E 317 -40.65 17.04 38.12
C ASN E 317 -39.71 16.79 36.95
N ILE E 318 -40.30 16.53 35.79
CA ILE E 318 -39.57 16.18 34.58
C ILE E 318 -40.00 17.13 33.47
N THR E 319 -39.01 17.67 32.75
CA THR E 319 -39.28 18.64 31.70
C THR E 319 -38.23 18.50 30.60
N PHE E 320 -38.68 18.60 29.36
CA PHE E 320 -37.82 18.49 28.18
C PHE E 320 -37.63 19.87 27.57
N GLN E 321 -36.47 20.09 26.97
CA GLN E 321 -36.16 21.34 26.30
C GLN E 321 -35.19 21.07 25.16
N PRO E 322 -35.20 21.90 24.12
CA PRO E 322 -34.40 21.61 22.93
C PRO E 322 -32.90 21.70 23.21
N SER E 323 -32.14 21.03 22.37
CA SER E 323 -30.69 21.05 22.49
C SER E 323 -30.18 22.49 22.40
N SER E 324 -28.90 22.66 22.73
CA SER E 324 -28.28 23.98 22.75
C SER E 324 -26.87 23.92 22.22
N GLY E 325 -26.55 24.82 21.28
CA GLY E 325 -25.18 25.08 20.89
C GLY E 325 -24.56 24.00 20.03
N GLY E 326 -23.31 24.25 19.66
CA GLY E 326 -22.54 23.33 18.86
C GLY E 326 -22.84 23.46 17.38
N ASP E 327 -22.01 22.79 16.58
CA ASP E 327 -22.24 22.73 15.15
C ASP E 327 -23.60 22.10 14.86
N LEU E 328 -24.02 22.18 13.61
CA LEU E 328 -25.34 21.68 13.25
C LEU E 328 -25.46 20.18 13.46
N GLU E 329 -24.34 19.46 13.61
CA GLU E 329 -24.43 18.01 13.80
C GLU E 329 -25.15 17.62 15.07
N ILE E 330 -25.34 18.53 16.02
CA ILE E 330 -26.05 18.21 17.24
C ILE E 330 -27.24 19.12 17.53
N THR E 331 -27.25 20.36 17.06
CA THR E 331 -28.41 21.21 17.31
C THR E 331 -29.67 20.65 16.69
N THR E 332 -29.54 19.81 15.68
CA THR E 332 -30.69 19.34 14.92
C THR E 332 -30.60 17.83 14.76
N HIS E 333 -31.68 17.25 14.26
CA HIS E 333 -31.62 15.88 13.78
C HIS E 333 -30.85 15.79 12.47
N SER E 334 -30.01 14.75 12.37
CA SER E 334 -29.26 14.53 11.14
C SER E 334 -29.42 13.10 10.65
N PHE E 335 -29.85 12.95 9.40
CA PHE E 335 -30.02 11.65 8.78
C PHE E 335 -30.01 11.84 7.27
N ASN E 336 -29.83 10.74 6.55
CA ASN E 336 -29.70 10.78 5.10
C ASN E 336 -30.58 9.73 4.44
N CYS E 337 -31.23 10.14 3.35
CA CYS E 337 -32.01 9.26 2.50
C CYS E 337 -31.62 9.51 1.06
N GLY E 338 -31.58 8.43 0.27
CA GLY E 338 -31.40 8.56 -1.16
C GLY E 338 -29.97 8.79 -1.59
N GLY E 339 -29.17 9.45 -0.75
CA GLY E 339 -27.82 9.80 -1.10
C GLY E 339 -27.50 11.25 -0.85
N GLU E 340 -28.34 11.93 -0.07
CA GLU E 340 -28.10 13.31 0.33
C GLU E 340 -28.46 13.48 1.79
N PHE E 341 -27.85 14.48 2.43
CA PHE E 341 -27.91 14.65 3.87
C PHE E 341 -28.97 15.68 4.24
N PHE E 342 -29.41 15.64 5.50
CA PHE E 342 -30.46 16.51 6.00
C PHE E 342 -30.09 17.05 7.37
N TYR E 343 -30.71 18.17 7.73
CA TYR E 343 -30.64 18.74 9.08
C TYR E 343 -32.01 19.32 9.41
N CYS E 344 -32.57 18.92 10.55
CA CYS E 344 -33.95 19.24 10.89
C CYS E 344 -34.03 19.78 12.31
N ASN E 345 -34.51 21.01 12.45
CA ASN E 345 -34.74 21.59 13.76
C ASN E 345 -35.88 20.84 14.46
N THR E 346 -35.68 20.50 15.73
CA THR E 346 -36.65 19.71 16.47
C THR E 346 -37.10 20.36 17.76
N SER E 347 -37.20 21.69 17.79
CA SER E 347 -37.65 22.37 19.00
C SER E 347 -39.08 21.97 19.35
N SER E 348 -39.97 21.93 18.36
CA SER E 348 -41.38 21.67 18.64
C SER E 348 -41.60 20.27 19.20
N LEU E 349 -40.74 19.32 18.85
CA LEU E 349 -40.98 17.93 19.23
C LEU E 349 -40.48 17.59 20.63
N PHE E 350 -39.98 18.57 21.39
CA PHE E 350 -39.49 18.30 22.73
C PHE E 350 -39.88 19.34 23.77
N ASN E 351 -40.65 20.35 23.41
CA ASN E 351 -41.07 21.37 24.37
C ASN E 351 -42.24 20.88 25.19
N ARG E 352 -41.98 20.02 26.17
CA ARG E 352 -43.03 19.41 26.98
C ARG E 352 -42.61 19.42 28.43
N THR E 353 -43.53 18.97 29.29
CA THR E 353 -43.25 18.88 30.71
C THR E 353 -44.22 17.89 31.35
N TYR E 354 -43.91 17.49 32.58
CA TYR E 354 -44.77 16.58 33.33
C TYR E 354 -44.54 16.79 34.82
N MET E 355 -45.37 16.14 35.62
CA MET E 355 -45.21 16.10 37.07
C MET E 355 -45.81 14.82 37.61
N ALA E 356 -45.43 14.48 38.84
CA ALA E 356 -45.94 13.28 39.47
C ALA E 356 -47.43 13.39 39.74
N ASN E 357 -48.13 12.27 39.60
CA ASN E 357 -49.57 12.23 39.81
C ASN E 357 -50.29 13.20 38.89
N ASN E 368 -56.81 7.71 15.25
CA ASN E 368 -55.50 7.47 15.85
C ASN E 368 -54.39 8.13 15.03
N SER E 369 -54.77 9.08 14.17
CA SER E 369 -53.82 9.82 13.35
C SER E 369 -54.16 11.30 13.26
N THR E 370 -54.97 11.81 14.20
CA THR E 370 -55.32 13.22 14.19
C THR E 370 -54.15 14.05 14.69
N ARG E 371 -54.27 15.37 14.52
CA ARG E 371 -53.26 16.31 15.01
C ARG E 371 -51.89 16.01 14.41
N THR E 372 -51.75 16.18 13.10
CA THR E 372 -50.46 16.00 12.46
C THR E 372 -49.52 17.15 12.80
N ILE E 373 -48.23 16.85 12.91
CA ILE E 373 -47.19 17.84 13.16
C ILE E 373 -46.25 17.87 11.97
N THR E 374 -45.64 19.03 11.72
CA THR E 374 -44.70 19.22 10.63
C THR E 374 -43.45 19.93 11.14
N ILE E 375 -42.31 19.63 10.52
CA ILE E 375 -41.03 20.22 10.87
C ILE E 375 -40.29 20.57 9.59
N HIS E 376 -39.64 21.72 9.59
CA HIS E 376 -38.99 22.27 8.40
C HIS E 376 -37.48 22.12 8.51
N CYS E 377 -36.87 21.56 7.46
CA CYS E 377 -35.48 21.15 7.49
C CYS E 377 -34.66 21.95 6.48
N ARG E 378 -33.36 21.66 6.44
CA ARG E 378 -32.45 22.19 5.44
C ARG E 378 -31.49 21.10 5.02
N ILE E 379 -30.92 21.26 3.82
CA ILE E 379 -29.91 20.34 3.31
C ILE E 379 -28.70 21.14 2.85
N LYS E 380 -27.51 20.67 3.23
CA LYS E 380 -26.26 21.26 2.78
C LYS E 380 -25.40 20.17 2.16
N GLN E 381 -24.47 20.59 1.30
CA GLN E 381 -23.71 19.64 0.51
C GLN E 381 -22.49 19.11 1.27
N ILE E 382 -21.57 19.99 1.63
CA ILE E 382 -20.26 19.60 2.16
C ILE E 382 -20.46 19.05 3.56
N ILE E 383 -19.82 17.93 3.85
CA ILE E 383 -19.98 17.23 5.13
C ILE E 383 -18.61 16.87 5.68
N ASN E 384 -18.56 16.67 6.99
CA ASN E 384 -17.39 16.15 7.66
C ASN E 384 -17.75 14.86 8.38
N MET E 385 -16.85 13.88 8.34
CA MET E 385 -17.02 12.73 9.21
C MET E 385 -17.09 13.24 10.64
N TRP E 386 -18.09 12.74 11.39
CA TRP E 386 -18.64 13.50 12.50
C TRP E 386 -17.66 13.81 13.63
N GLN E 387 -16.39 13.41 13.51
CA GLN E 387 -15.41 13.84 14.49
C GLN E 387 -14.17 14.45 13.84
N GLU E 388 -13.70 13.85 12.76
CA GLU E 388 -12.37 14.19 12.25
C GLU E 388 -12.37 15.59 11.66
N VAL E 389 -11.17 16.07 11.35
CA VAL E 389 -10.98 17.27 10.55
C VAL E 389 -10.02 16.89 9.43
N GLY E 390 -10.12 17.63 8.33
CA GLY E 390 -9.21 17.40 7.22
C GLY E 390 -9.68 16.40 6.19
N ARG E 391 -10.91 15.91 6.30
CA ARG E 391 -11.39 14.90 5.34
C ARG E 391 -12.84 15.15 4.93
N ALA E 392 -13.16 16.40 4.60
CA ALA E 392 -14.52 16.72 4.21
C ALA E 392 -14.94 15.93 2.97
N MET E 393 -16.14 15.37 3.02
CA MET E 393 -16.72 14.67 1.89
C MET E 393 -17.65 15.61 1.14
N TYR E 394 -17.64 15.52 -0.18
CA TYR E 394 -18.53 16.31 -1.02
C TYR E 394 -19.44 15.38 -1.79
N ALA E 395 -20.74 15.66 -1.78
CA ALA E 395 -21.68 14.78 -2.45
C ALA E 395 -22.25 15.45 -3.70
N PRO E 396 -22.58 14.67 -4.74
CA PRO E 396 -23.20 15.26 -5.91
C PRO E 396 -24.70 15.37 -5.72
N PRO E 397 -25.33 16.39 -6.30
CA PRO E 397 -26.79 16.53 -6.14
C PRO E 397 -27.54 15.42 -6.87
N ILE E 398 -28.70 15.07 -6.34
CA ILE E 398 -29.56 14.07 -6.94
C ILE E 398 -30.65 14.79 -7.72
N ALA E 399 -30.75 14.50 -9.01
CA ALA E 399 -31.76 15.14 -9.84
C ALA E 399 -33.15 14.62 -9.49
N GLY E 400 -34.15 15.46 -9.72
CA GLY E 400 -35.51 15.07 -9.43
C GLY E 400 -35.88 15.39 -7.99
N ASN E 401 -36.69 14.52 -7.39
CA ASN E 401 -37.15 14.67 -6.03
C ASN E 401 -36.97 13.37 -5.26
N ILE E 402 -36.76 13.49 -3.95
CA ILE E 402 -36.46 12.35 -3.08
C ILE E 402 -37.49 12.32 -1.96
N THR E 403 -37.95 11.10 -1.64
CA THR E 403 -38.84 10.87 -0.51
C THR E 403 -38.52 9.51 0.08
N CYS E 404 -38.47 9.45 1.41
CA CYS E 404 -38.13 8.21 2.10
C CYS E 404 -39.03 8.03 3.32
N ILE E 405 -39.67 6.87 3.40
CA ILE E 405 -40.32 6.48 4.65
C ILE E 405 -39.23 6.05 5.63
N SER E 406 -39.54 6.18 6.92
CA SER E 406 -38.56 5.81 7.94
C SER E 406 -39.27 5.72 9.28
N ASN E 407 -38.60 5.10 10.24
CA ASN E 407 -39.15 4.93 11.57
C ASN E 407 -38.02 4.92 12.59
N ILE E 408 -38.32 5.43 13.78
CA ILE E 408 -37.33 5.63 14.81
C ILE E 408 -37.53 4.57 15.89
N THR E 409 -36.50 4.35 16.71
CA THR E 409 -36.53 3.27 17.68
C THR E 409 -35.95 3.64 19.04
N GLY E 410 -35.31 4.80 19.14
CA GLY E 410 -34.67 5.18 20.39
C GLY E 410 -34.21 6.63 20.37
N LEU E 411 -33.82 7.10 21.54
CA LEU E 411 -33.39 8.48 21.73
C LEU E 411 -32.15 8.51 22.61
N LEU E 412 -31.37 9.58 22.48
CA LEU E 412 -30.16 9.80 23.27
C LEU E 412 -30.36 11.04 24.13
N LEU E 413 -30.30 10.88 25.44
CA LEU E 413 -30.60 11.95 26.39
C LEU E 413 -29.41 12.22 27.30
N THR E 414 -29.08 13.50 27.45
CA THR E 414 -28.12 13.96 28.44
C THR E 414 -28.81 14.97 29.34
N ARG E 415 -28.28 15.14 30.55
CA ARG E 415 -28.98 15.88 31.59
C ARG E 415 -28.15 17.05 32.10
N ASP E 416 -28.84 18.15 32.40
CA ASP E 416 -28.23 19.35 32.92
C ASP E 416 -27.88 19.15 34.40
N TYR E 417 -27.58 20.26 35.06
CA TYR E 417 -27.46 20.24 36.51
C TYR E 417 -28.84 20.22 37.16
N GLY E 418 -29.11 19.18 37.93
CA GLY E 418 -30.38 19.09 38.63
C GLY E 418 -30.51 20.18 39.67
N LYS E 419 -31.59 20.95 39.60
CA LYS E 419 -31.80 22.07 40.49
C LYS E 419 -33.16 21.96 41.16
N ASN E 420 -33.20 22.21 42.47
CA ASN E 420 -34.43 22.28 43.23
C ASN E 420 -35.27 21.03 43.05
N ASN E 421 -36.59 21.17 42.97
CA ASN E 421 -37.51 20.04 42.85
C ASN E 421 -37.75 19.62 41.41
N THR E 422 -36.86 19.97 40.49
CA THR E 422 -37.07 19.71 39.06
C THR E 422 -35.81 19.10 38.48
N GLU E 423 -36.01 18.25 37.46
CA GLU E 423 -34.92 17.63 36.72
C GLU E 423 -35.24 17.72 35.23
N THR E 424 -34.20 17.74 34.40
CA THR E 424 -34.40 18.04 33.00
C THR E 424 -33.45 17.21 32.14
N PHE E 425 -33.92 16.88 30.95
CA PHE E 425 -33.14 16.15 29.95
C PHE E 425 -33.18 16.93 28.65
N ARG E 426 -32.18 16.71 27.80
CA ARG E 426 -32.09 17.39 26.51
C ARG E 426 -31.38 16.48 25.51
N PRO E 427 -31.68 16.61 24.22
CA PRO E 427 -31.16 15.64 23.25
C PRO E 427 -29.76 15.99 22.78
N GLY E 428 -28.93 14.95 22.67
CA GLY E 428 -27.57 15.11 22.19
C GLY E 428 -27.11 13.90 21.39
N GLY E 429 -25.89 13.44 21.65
CA GLY E 429 -25.38 12.24 21.03
C GLY E 429 -24.50 12.45 19.81
N GLY E 430 -23.55 13.38 19.88
CA GLY E 430 -22.68 13.63 18.75
C GLY E 430 -21.60 12.60 18.56
N ASN E 431 -21.27 11.85 19.61
CA ASN E 431 -20.24 10.82 19.51
C ASN E 431 -20.81 9.61 18.77
N MET E 432 -20.18 9.26 17.66
CA MET E 432 -20.66 8.15 16.85
C MET E 432 -20.51 6.81 17.56
N LYS E 433 -19.77 6.76 18.66
CA LYS E 433 -19.61 5.51 19.38
C LYS E 433 -20.95 5.01 19.92
N ASP E 434 -21.76 5.90 20.47
CA ASP E 434 -22.97 5.46 21.18
C ASP E 434 -23.94 4.75 20.26
N ASN E 435 -24.10 5.21 19.02
CA ASN E 435 -25.07 4.59 18.13
C ASN E 435 -24.88 3.07 18.07
N TRP E 436 -23.65 2.62 17.83
CA TRP E 436 -23.40 1.19 17.81
C TRP E 436 -23.42 0.58 19.20
N ARG E 437 -23.18 1.38 20.24
CA ARG E 437 -23.33 0.88 21.60
C ARG E 437 -24.76 0.44 21.87
N SER E 438 -25.71 0.93 21.08
CA SER E 438 -27.13 0.67 21.31
C SER E 438 -27.66 -0.53 20.53
N GLU E 439 -26.79 -1.26 19.84
CA GLU E 439 -27.24 -2.41 19.06
C GLU E 439 -26.29 -3.59 19.20
N LEU E 440 -25.20 -3.41 19.96
CA LEU E 440 -24.30 -4.50 20.31
C LEU E 440 -24.20 -4.71 21.81
N TYR E 441 -25.21 -4.27 22.57
CA TYR E 441 -25.22 -4.50 24.00
C TYR E 441 -25.32 -5.97 24.37
N LYS E 442 -25.71 -6.83 23.43
CA LYS E 442 -25.98 -8.23 23.72
C LYS E 442 -24.71 -9.04 23.93
N TYR E 443 -23.84 -9.07 22.93
CA TYR E 443 -22.82 -10.10 22.84
C TYR E 443 -21.62 -9.80 23.72
N LYS E 444 -21.04 -10.85 24.26
CA LYS E 444 -19.73 -10.81 24.92
C LYS E 444 -18.93 -12.01 24.45
N VAL E 445 -17.70 -11.77 24.01
CA VAL E 445 -16.88 -12.79 23.37
C VAL E 445 -15.88 -13.33 24.38
N VAL E 446 -15.74 -14.66 24.42
CA VAL E 446 -14.85 -15.32 25.37
C VAL E 446 -14.10 -16.44 24.68
N LYS E 447 -13.03 -16.89 25.31
CA LYS E 447 -12.19 -17.98 24.81
C LYS E 447 -12.44 -19.23 25.64
N ILE E 448 -12.34 -20.38 25.00
CA ILE E 448 -12.52 -21.66 25.69
C ILE E 448 -11.17 -22.19 26.13
N GLU E 449 -11.12 -22.80 27.32
CA GLU E 449 -9.92 -23.45 27.84
C GLU E 449 -10.21 -24.94 27.92
N PRO E 450 -9.77 -25.72 26.93
CA PRO E 450 -10.20 -27.13 26.84
C PRO E 450 -9.42 -28.10 27.71
N LEU E 451 -8.67 -27.63 28.72
CA LEU E 451 -7.83 -28.52 29.51
C LEU E 451 -8.05 -28.27 31.00
N GLY E 452 -8.07 -29.36 31.76
CA GLY E 452 -8.24 -29.26 33.19
C GLY E 452 -7.75 -30.53 33.86
N VAL E 453 -8.03 -30.66 35.16
CA VAL E 453 -7.61 -31.81 35.93
C VAL E 453 -8.66 -32.14 36.97
N ALA E 454 -8.52 -33.34 37.55
CA ALA E 454 -9.40 -33.81 38.60
C ALA E 454 -8.81 -35.08 39.20
N PRO E 455 -9.27 -35.48 40.40
CA PRO E 455 -8.78 -36.73 40.99
C PRO E 455 -9.68 -37.92 40.64
N THR E 456 -9.09 -39.10 40.69
CA THR E 456 -9.85 -40.35 40.54
C THR E 456 -8.98 -41.52 40.99
N ARG E 457 -9.38 -42.73 40.62
CA ARG E 457 -8.72 -43.95 41.08
C ARG E 457 -9.00 -45.04 40.06
N CYS E 458 -8.06 -45.26 39.13
CA CYS E 458 -8.30 -46.13 37.98
C CYS E 458 -7.25 -47.22 37.80
N LYS E 459 -5.97 -46.94 38.09
CA LYS E 459 -4.87 -47.90 37.98
C LYS E 459 -4.54 -48.33 36.56
N ARG E 460 -3.26 -48.61 36.31
CA ARG E 460 -2.81 -48.95 34.96
C ARG E 460 -3.17 -50.38 34.59
N ARG E 461 -2.72 -51.35 35.38
CA ARG E 461 -2.92 -52.78 35.10
C ARG E 461 -2.11 -53.25 33.90
N VAL E 462 -0.94 -52.67 33.68
CA VAL E 462 -0.05 -53.09 32.60
C VAL E 462 0.67 -54.36 33.01
N VAL F 13 -20.96 -29.24 10.02
CA VAL F 13 -20.97 -30.09 11.25
C VAL F 13 -20.92 -29.20 12.48
N PHE F 14 -22.08 -28.88 13.04
CA PHE F 14 -22.16 -28.03 14.22
C PHE F 14 -23.51 -28.23 14.88
N LEU F 15 -23.49 -28.64 16.15
CA LEU F 15 -24.73 -28.84 16.90
C LEU F 15 -24.37 -29.05 18.37
N GLY F 16 -25.20 -28.50 19.25
CA GLY F 16 -25.02 -28.70 20.67
C GLY F 16 -23.71 -28.20 21.23
N PHE F 17 -23.02 -27.33 20.50
CA PHE F 17 -21.73 -26.83 20.97
C PHE F 17 -21.89 -26.20 22.35
N LEU F 18 -21.03 -26.62 23.28
CA LEU F 18 -21.11 -26.20 24.67
C LEU F 18 -22.40 -26.66 25.35
N GLY F 19 -23.15 -27.57 24.71
CA GLY F 19 -24.47 -27.93 25.19
C GLY F 19 -24.47 -28.51 26.60
N ALA F 20 -23.58 -29.45 26.89
CA ALA F 20 -23.61 -30.12 28.18
C ALA F 20 -23.16 -29.21 29.33
N ALA F 21 -22.63 -28.03 29.02
CA ALA F 21 -22.21 -27.12 30.07
C ALA F 21 -23.32 -26.92 31.09
N GLY F 22 -22.93 -26.85 32.37
CA GLY F 22 -23.87 -26.72 33.46
C GLY F 22 -24.33 -28.04 34.06
N SER F 23 -24.11 -29.16 33.38
CA SER F 23 -24.56 -30.45 33.88
C SER F 23 -23.59 -30.99 34.92
N THR F 24 -23.90 -32.19 35.42
CA THR F 24 -22.98 -32.89 36.29
C THR F 24 -21.69 -33.24 35.55
N MET F 25 -20.57 -33.20 36.27
CA MET F 25 -19.29 -33.49 35.64
C MET F 25 -19.25 -34.89 35.03
N GLY F 26 -19.90 -35.86 35.66
CA GLY F 26 -19.93 -37.21 35.12
C GLY F 26 -20.50 -37.23 33.72
N ALA F 27 -21.79 -36.91 33.59
CA ALA F 27 -22.41 -36.83 32.26
C ALA F 27 -21.66 -35.86 31.37
N ALA F 28 -21.19 -34.74 31.92
CA ALA F 28 -20.42 -33.79 31.12
C ALA F 28 -19.28 -34.50 30.40
N SER F 29 -18.55 -35.35 31.12
CA SER F 29 -17.47 -36.11 30.48
C SER F 29 -17.98 -37.02 29.39
N MET F 30 -19.24 -37.44 29.46
CA MET F 30 -19.81 -38.31 28.43
C MET F 30 -20.04 -37.59 27.11
N THR F 31 -19.90 -36.26 27.07
CA THR F 31 -20.19 -35.48 25.89
C THR F 31 -18.97 -34.76 25.34
N LEU F 32 -17.76 -35.11 25.79
CA LEU F 32 -16.59 -34.34 25.43
C LEU F 32 -16.25 -34.43 23.95
N THR F 33 -16.51 -35.58 23.33
CA THR F 33 -15.93 -35.85 22.01
C THR F 33 -16.41 -34.88 20.94
N VAL F 34 -17.63 -34.34 21.07
CA VAL F 34 -18.16 -33.47 20.02
C VAL F 34 -17.30 -32.22 19.88
N GLN F 35 -17.04 -31.55 20.99
CA GLN F 35 -16.39 -30.24 20.97
C GLN F 35 -14.91 -30.32 20.60
N ALA F 36 -14.32 -31.52 20.59
CA ALA F 36 -12.94 -31.64 20.16
C ALA F 36 -12.76 -31.29 18.69
N ARG F 37 -13.86 -31.19 17.94
CA ARG F 37 -13.83 -30.89 16.52
C ARG F 37 -13.96 -29.40 16.21
N ASN F 38 -13.78 -28.52 17.21
CA ASN F 38 -13.97 -27.09 16.99
C ASN F 38 -12.79 -26.53 16.21
N LEU F 39 -12.76 -26.87 14.92
CA LEU F 39 -11.84 -26.24 13.98
C LEU F 39 -12.57 -25.95 12.68
N LEU F 40 -13.82 -25.49 12.79
CA LEU F 40 -14.74 -25.40 11.67
C LEU F 40 -14.38 -24.24 10.76
N SER F 41 -15.22 -24.02 9.74
CA SER F 41 -15.05 -22.93 8.80
C SER F 41 -13.71 -23.03 8.07
N GLY F 67 -11.30 -4.78 6.52
CA GLY F 67 -9.86 -4.67 6.48
C GLY F 67 -9.20 -5.87 5.83
N ILE F 68 -7.86 -5.88 5.84
CA ILE F 68 -7.10 -6.96 5.24
C ILE F 68 -6.23 -7.69 6.27
N LYS F 69 -6.64 -7.67 7.54
CA LYS F 69 -5.88 -8.28 8.62
C LYS F 69 -6.44 -9.63 9.05
N GLN F 70 -7.33 -10.24 8.27
CA GLN F 70 -8.08 -11.39 8.74
C GLN F 70 -7.28 -12.68 8.70
N LEU F 71 -6.13 -12.70 8.04
CA LEU F 71 -5.35 -13.93 7.94
C LEU F 71 -4.78 -14.35 9.29
N GLN F 72 -4.66 -13.41 10.22
CA GLN F 72 -4.00 -13.71 11.49
C GLN F 72 -4.87 -14.61 12.37
N ALA F 73 -6.19 -14.47 12.27
CA ALA F 73 -7.07 -15.22 13.16
C ALA F 73 -6.84 -16.72 13.06
N ARG F 74 -6.87 -17.26 11.84
CA ARG F 74 -6.75 -18.71 11.67
C ARG F 74 -5.42 -19.21 12.21
N VAL F 75 -4.34 -18.48 11.94
CA VAL F 75 -3.03 -18.91 12.41
C VAL F 75 -3.02 -19.00 13.93
N LEU F 76 -3.65 -18.04 14.60
CA LEU F 76 -3.72 -18.11 16.06
C LEU F 76 -4.45 -19.36 16.52
N ALA F 77 -5.57 -19.67 15.87
CA ALA F 77 -6.34 -20.85 16.27
C ALA F 77 -5.53 -22.11 16.12
N VAL F 78 -4.92 -22.33 14.94
CA VAL F 78 -4.17 -23.56 14.74
C VAL F 78 -2.97 -23.59 15.69
N GLU F 79 -2.31 -22.46 15.90
CA GLU F 79 -1.16 -22.44 16.79
C GLU F 79 -1.55 -22.88 18.19
N ARG F 80 -2.62 -22.29 18.74
CA ARG F 80 -2.96 -22.62 20.12
C ARG F 80 -3.52 -24.03 20.24
N TYR F 81 -4.21 -24.52 19.22
CA TYR F 81 -4.65 -25.91 19.24
C TYR F 81 -3.45 -26.85 19.25
N LEU F 82 -2.49 -26.62 18.37
CA LEU F 82 -1.31 -27.44 18.26
C LEU F 82 -0.48 -27.38 19.49
N ARG F 83 -0.57 -26.28 20.25
CA ARG F 83 0.11 -26.23 21.54
C ARG F 83 -0.37 -27.37 22.45
N ASP F 84 -1.69 -27.49 22.64
CA ASP F 84 -2.19 -28.48 23.57
C ASP F 84 -2.11 -29.89 23.01
N GLN F 85 -2.36 -30.04 21.71
CA GLN F 85 -2.29 -31.38 21.15
C GLN F 85 -0.86 -31.89 21.01
N GLN F 86 0.13 -31.09 21.42
CA GLN F 86 1.50 -31.53 21.62
C GLN F 86 1.88 -31.62 23.08
N LEU F 87 1.33 -30.73 23.92
CA LEU F 87 1.58 -30.83 25.34
C LEU F 87 1.03 -32.15 25.89
N LEU F 88 -0.12 -32.60 25.37
CA LEU F 88 -0.65 -33.89 25.79
C LEU F 88 0.20 -35.06 25.31
N GLY F 89 1.16 -34.82 24.42
CA GLY F 89 2.10 -35.86 24.06
C GLY F 89 3.16 -36.13 25.09
N ILE F 90 3.24 -35.30 26.13
CA ILE F 90 4.19 -35.53 27.21
C ILE F 90 3.58 -36.41 28.29
N TRP F 91 2.36 -36.12 28.69
CA TRP F 91 1.71 -36.88 29.76
C TRP F 91 1.15 -38.21 29.30
N GLY F 92 1.57 -38.70 28.13
CA GLY F 92 1.15 -40.01 27.68
C GLY F 92 -0.33 -40.13 27.42
N CYS F 93 -0.94 -39.12 26.82
CA CYS F 93 -2.37 -39.14 26.57
C CYS F 93 -2.75 -38.51 25.23
N SER F 94 -1.90 -38.64 24.21
CA SER F 94 -2.20 -38.05 22.91
C SER F 94 -3.44 -38.67 22.28
N GLY F 95 -3.59 -39.98 22.41
CA GLY F 95 -4.71 -40.68 21.80
C GLY F 95 -5.78 -41.07 22.80
N LYS F 96 -6.07 -40.16 23.73
CA LYS F 96 -7.05 -40.44 24.78
C LYS F 96 -7.69 -39.14 25.21
N LEU F 97 -8.96 -38.94 24.83
CA LEU F 97 -9.70 -37.79 25.33
C LEU F 97 -9.95 -37.87 26.82
N ILE F 98 -9.77 -39.04 27.41
CA ILE F 98 -9.84 -39.24 28.87
C ILE F 98 -8.64 -40.08 29.26
N CYS F 99 -7.96 -39.67 30.33
CA CYS F 99 -6.66 -40.26 30.64
C CYS F 99 -6.38 -40.17 32.14
N CYS F 100 -5.70 -41.19 32.66
CA CYS F 100 -5.10 -41.15 33.97
C CYS F 100 -3.57 -41.12 33.83
N THR F 101 -2.90 -40.83 34.94
CA THR F 101 -1.46 -41.05 35.05
C THR F 101 -1.11 -41.09 36.52
N ASN F 102 0.07 -41.63 36.83
CA ASN F 102 0.42 -41.97 38.20
C ASN F 102 1.13 -40.80 38.87
N VAL F 103 0.33 -39.94 39.49
CA VAL F 103 0.81 -38.95 40.45
C VAL F 103 -0.27 -38.77 41.51
N PRO F 104 0.02 -38.99 42.79
CA PRO F 104 -1.05 -38.94 43.80
C PRO F 104 -1.51 -37.52 44.07
N TRP F 105 -2.78 -37.40 44.46
CA TRP F 105 -3.33 -36.13 44.89
C TRP F 105 -2.90 -35.83 46.32
N ASN F 106 -2.99 -34.56 46.69
CA ASN F 106 -2.68 -34.13 48.06
C ASN F 106 -3.51 -32.90 48.39
N SER F 107 -3.65 -32.64 49.69
CA SER F 107 -4.53 -31.59 50.18
C SER F 107 -3.91 -30.20 50.11
N SER F 108 -2.64 -30.08 49.76
CA SER F 108 -2.05 -28.74 49.65
C SER F 108 -2.73 -27.91 48.58
N TRP F 109 -3.46 -28.56 47.67
CA TRP F 109 -4.22 -27.87 46.64
C TRP F 109 -5.66 -27.68 47.09
N SER F 110 -5.86 -27.53 48.40
CA SER F 110 -7.19 -27.55 49.00
C SER F 110 -7.73 -28.98 48.92
N ASN F 111 -8.84 -29.24 49.60
CA ASN F 111 -9.39 -30.59 49.64
C ASN F 111 -10.91 -30.53 49.78
N ARG F 112 -11.56 -31.54 49.23
CA ARG F 112 -13.01 -31.69 49.32
C ARG F 112 -13.33 -33.17 49.32
N ASN F 113 -14.51 -33.50 49.87
CA ASN F 113 -14.96 -34.89 49.81
C ASN F 113 -15.16 -35.33 48.36
N LEU F 114 -15.93 -34.57 47.59
CA LEU F 114 -15.97 -34.68 46.14
C LEU F 114 -16.63 -35.96 45.65
N SER F 115 -16.95 -36.88 46.56
CA SER F 115 -17.74 -38.04 46.16
C SER F 115 -19.20 -37.68 45.94
N GLU F 116 -19.61 -36.48 46.33
CA GLU F 116 -20.95 -35.95 46.08
C GLU F 116 -20.91 -34.59 45.40
N ILE F 117 -19.89 -33.77 45.70
CA ILE F 117 -19.74 -32.49 45.01
C ILE F 117 -19.43 -32.71 43.54
N TRP F 118 -18.94 -33.90 43.17
CA TRP F 118 -18.71 -34.19 41.76
C TRP F 118 -19.98 -33.99 40.94
N ASP F 119 -21.14 -34.22 41.54
CA ASP F 119 -22.42 -34.13 40.85
C ASP F 119 -23.18 -32.85 41.15
N ASN F 120 -22.57 -31.88 41.84
CA ASN F 120 -23.26 -30.69 42.29
C ASN F 120 -22.69 -29.40 41.72
N MET F 121 -21.38 -29.18 41.89
CA MET F 121 -20.81 -27.85 41.66
C MET F 121 -20.78 -27.48 40.18
N THR F 122 -20.97 -28.44 39.29
CA THR F 122 -20.84 -28.27 37.84
C THR F 122 -19.47 -27.68 37.53
N TRP F 123 -19.09 -27.64 36.25
CA TRP F 123 -17.68 -27.49 35.94
C TRP F 123 -17.14 -26.10 36.23
N LEU F 124 -17.87 -25.05 35.85
CA LEU F 124 -17.31 -23.70 35.96
C LEU F 124 -16.81 -23.41 37.37
N GLN F 125 -17.58 -23.81 38.38
CA GLN F 125 -17.16 -23.57 39.76
C GLN F 125 -15.86 -24.30 40.07
N TRP F 126 -15.70 -25.52 39.56
CA TRP F 126 -14.49 -26.29 39.82
C TRP F 126 -13.27 -25.57 39.28
N ASP F 127 -13.36 -24.98 38.09
CA ASP F 127 -12.22 -24.30 37.50
C ASP F 127 -11.71 -23.19 38.41
N LYS F 128 -12.59 -22.29 38.83
CA LYS F 128 -12.18 -21.22 39.73
C LYS F 128 -11.67 -21.79 41.05
N GLU F 129 -12.22 -22.92 41.49
CA GLU F 129 -11.85 -23.48 42.77
C GLU F 129 -10.38 -23.91 42.79
N ILE F 130 -9.91 -24.50 41.69
CA ILE F 130 -8.60 -25.14 41.69
C ILE F 130 -7.58 -24.37 40.84
N SER F 131 -8.02 -23.37 40.08
CA SER F 131 -7.12 -22.70 39.15
C SER F 131 -5.86 -22.20 39.83
N ASN F 132 -5.98 -21.77 41.09
CA ASN F 132 -4.85 -21.14 41.78
C ASN F 132 -3.64 -22.06 41.87
N TYR F 133 -3.84 -23.37 41.87
CA TYR F 133 -2.75 -24.32 42.02
C TYR F 133 -2.42 -25.08 40.74
N THR F 134 -3.18 -24.87 39.66
CA THR F 134 -3.02 -25.70 38.48
C THR F 134 -1.61 -25.65 37.91
N GLN F 135 -1.05 -24.44 37.80
CA GLN F 135 0.27 -24.29 37.20
C GLN F 135 1.33 -25.11 37.92
N ILE F 136 1.13 -25.41 39.19
CA ILE F 136 2.07 -26.26 39.92
C ILE F 136 1.99 -27.70 39.41
N ILE F 137 0.79 -28.16 39.07
CA ILE F 137 0.57 -29.58 38.83
C ILE F 137 1.43 -30.08 37.66
N TYR F 138 1.55 -29.28 36.61
CA TYR F 138 2.32 -29.71 35.44
C TYR F 138 3.72 -30.17 35.83
N GLY F 139 4.34 -29.50 36.80
CA GLY F 139 5.66 -29.94 37.24
C GLY F 139 5.67 -31.38 37.70
N LEU F 140 4.65 -31.78 38.46
CA LEU F 140 4.57 -33.16 38.93
C LEU F 140 4.50 -34.12 37.75
N LEU F 141 3.68 -33.80 36.75
CA LEU F 141 3.50 -34.72 35.62
C LEU F 141 4.81 -34.96 34.89
N GLU F 142 5.59 -33.89 34.67
CA GLU F 142 6.84 -34.03 33.93
C GLU F 142 7.78 -34.99 34.63
N GLU F 143 7.93 -34.84 35.96
CA GLU F 143 8.88 -35.66 36.70
C GLU F 143 8.46 -37.13 36.68
N SER F 144 7.17 -37.40 36.89
CA SER F 144 6.69 -38.77 36.87
C SER F 144 6.85 -39.40 35.49
N GLN F 145 6.52 -38.65 34.44
CA GLN F 145 6.71 -39.17 33.09
C GLN F 145 8.18 -39.46 32.82
N ASN F 146 9.07 -38.58 33.29
CA ASN F 146 10.50 -38.79 33.06
C ASN F 146 11.02 -40.02 33.78
N GLN F 147 10.57 -40.25 35.02
CA GLN F 147 11.03 -41.43 35.73
C GLN F 147 10.41 -42.70 35.13
N GLN F 148 9.23 -42.57 34.53
CA GLN F 148 8.70 -43.67 33.73
C GLN F 148 9.60 -43.95 32.53
N GLU F 149 10.01 -42.90 31.83
CA GLU F 149 10.81 -43.07 30.62
C GLU F 149 12.21 -43.59 30.95
N LYS F 150 12.71 -43.32 32.15
CA LYS F 150 13.98 -43.91 32.56
C LYS F 150 13.92 -45.42 32.48
N ASN F 151 12.85 -46.02 33.00
CA ASN F 151 12.64 -47.46 32.84
C ASN F 151 12.37 -47.82 31.39
N GLU F 152 11.61 -46.97 30.69
CA GLU F 152 11.31 -47.22 29.28
C GLU F 152 12.57 -47.42 28.46
N GLN F 153 13.67 -46.75 28.84
CA GLN F 153 14.83 -46.67 27.96
C GLN F 153 15.34 -48.03 27.51
N ASP F 154 15.05 -49.09 28.26
CA ASP F 154 15.61 -50.42 27.99
C ASP F 154 14.60 -51.41 27.46
N LEU F 155 13.45 -50.96 26.93
CA LEU F 155 12.30 -51.84 26.77
C LEU F 155 11.51 -51.63 25.47
N LEU F 156 12.16 -51.30 24.34
CA LEU F 156 11.41 -50.78 23.21
C LEU F 156 11.53 -51.54 21.90
N ALA F 157 12.71 -52.02 21.48
CA ALA F 157 12.73 -52.71 20.19
C ALA F 157 14.02 -53.48 19.96
N LEU F 158 13.86 -54.67 19.38
CA LEU F 158 14.94 -55.49 18.85
C LEU F 158 14.39 -56.29 17.68
N ASP F 159 15.10 -57.32 17.24
CA ASP F 159 14.61 -58.25 16.23
C ASP F 159 13.11 -58.51 16.37
N GLN G 1 4.41 17.76 30.58
CA GLN G 1 4.50 17.63 29.10
C GLN G 1 3.32 18.34 28.44
N VAL G 2 2.11 18.01 28.90
CA VAL G 2 0.91 18.69 28.40
C VAL G 2 0.77 20.04 29.10
N ARG G 3 0.47 21.07 28.32
CA ARG G 3 0.35 22.42 28.86
C ARG G 3 -0.98 23.03 28.44
N LEU G 4 -1.44 23.99 29.24
CA LEU G 4 -2.59 24.81 28.91
C LEU G 4 -2.26 26.25 29.30
N ALA G 5 -2.02 27.09 28.30
CA ALA G 5 -1.63 28.48 28.51
C ALA G 5 -2.84 29.38 28.24
N GLN G 6 -2.84 30.54 28.88
CA GLN G 6 -3.92 31.50 28.77
C GLN G 6 -3.40 32.84 28.27
N TYR G 7 -4.28 33.57 27.59
CA TYR G 7 -3.99 34.92 27.14
C TYR G 7 -5.17 35.81 27.52
N GLY G 8 -4.98 37.11 27.32
CA GLY G 8 -6.02 38.06 27.63
C GLY G 8 -6.18 38.24 29.13
N GLY G 9 -7.33 38.81 29.50
CA GLY G 9 -7.59 39.13 30.89
C GLY G 9 -7.34 40.58 31.18
N GLY G 10 -6.54 40.85 32.21
CA GLY G 10 -6.23 42.22 32.54
C GLY G 10 -7.44 42.95 33.11
N VAL G 11 -7.27 44.26 33.26
CA VAL G 11 -8.33 45.09 33.82
C VAL G 11 -9.44 45.28 32.80
N LYS G 12 -10.65 45.52 33.30
CA LYS G 12 -11.80 45.81 32.46
C LYS G 12 -12.67 46.84 33.17
N ARG G 13 -13.52 47.51 32.39
CA ARG G 13 -14.41 48.51 32.95
C ARG G 13 -15.74 47.89 33.35
N LEU G 14 -16.35 48.45 34.39
CA LEU G 14 -17.58 47.89 34.93
C LEU G 14 -18.67 47.85 33.86
N GLY G 15 -19.44 46.78 33.86
CA GLY G 15 -20.54 46.62 32.93
C GLY G 15 -20.15 46.28 31.52
N ALA G 16 -18.89 45.93 31.28
CA ALA G 16 -18.42 45.67 29.92
C ALA G 16 -18.25 44.17 29.68
N THR G 17 -18.30 43.79 28.41
CA THR G 17 -18.05 42.42 28.00
C THR G 17 -16.56 42.13 28.06
N MET G 18 -16.23 40.86 28.27
CA MET G 18 -14.84 40.46 28.48
C MET G 18 -14.62 39.09 27.86
N THR G 19 -13.36 38.77 27.60
CA THR G 19 -12.96 37.57 26.91
C THR G 19 -11.81 36.88 27.65
N LEU G 20 -11.63 35.59 27.37
CA LEU G 20 -10.46 34.84 27.82
C LEU G 20 -10.13 33.84 26.72
N SER G 21 -9.17 32.96 27.00
CA SER G 21 -8.78 31.99 25.97
C SER G 21 -7.84 30.94 26.55
N CYS G 22 -7.92 29.74 26.00
CA CYS G 22 -6.95 28.68 26.24
C CYS G 22 -6.39 28.21 24.91
N VAL G 23 -5.13 27.83 24.90
CA VAL G 23 -4.49 27.22 23.76
C VAL G 23 -4.02 25.84 24.18
N ALA G 24 -4.46 24.82 23.46
CA ALA G 24 -4.14 23.46 23.81
C ALA G 24 -2.73 23.10 23.36
N SER G 25 -2.18 22.04 23.93
CA SER G 25 -0.89 21.50 23.52
C SER G 25 -1.13 20.12 22.94
N GLY G 26 -0.09 19.54 22.37
CA GLY G 26 -0.26 18.33 21.59
C GLY G 26 -0.43 17.05 22.41
N TYR G 27 -1.49 16.97 23.20
CA TYR G 27 -1.83 15.68 23.80
C TYR G 27 -2.88 14.98 22.92
N THR G 28 -4.05 15.57 22.80
CA THR G 28 -5.03 15.22 21.77
C THR G 28 -6.20 16.14 22.00
N PHE G 29 -6.84 16.62 20.93
CA PHE G 29 -7.88 17.62 21.14
C PHE G 29 -9.28 17.02 21.19
N ASN G 30 -9.48 15.82 20.67
CA ASN G 30 -10.82 15.26 20.54
C ASN G 30 -11.18 14.27 21.64
N ASP G 31 -10.29 14.01 22.59
CA ASP G 31 -10.46 12.89 23.51
C ASP G 31 -10.68 13.34 24.95
N TYR G 32 -10.88 14.64 25.19
CA TYR G 32 -11.01 15.14 26.55
C TYR G 32 -11.98 16.31 26.56
N TYR G 33 -12.61 16.54 27.71
CA TYR G 33 -13.40 17.74 27.91
C TYR G 33 -12.53 18.92 28.34
N ILE G 34 -13.20 20.01 28.69
CA ILE G 34 -12.58 21.21 29.25
C ILE G 34 -13.58 21.83 30.22
N HIS G 35 -13.08 22.34 31.33
CA HIS G 35 -13.92 23.04 32.30
C HIS G 35 -13.36 24.43 32.57
N TRP G 36 -14.22 25.32 33.06
CA TRP G 36 -13.81 26.63 33.54
C TRP G 36 -14.13 26.72 35.02
N VAL G 37 -13.14 27.08 35.83
CA VAL G 37 -13.36 27.29 37.25
C VAL G 37 -12.73 28.61 37.67
N ARG G 38 -13.44 29.32 38.53
CA ARG G 38 -13.04 30.64 39.00
C ARG G 38 -12.99 30.63 40.51
N GLN G 39 -12.22 31.56 41.06
CA GLN G 39 -11.97 31.60 42.51
C GLN G 39 -11.91 33.04 42.97
N ALA G 40 -12.95 33.46 43.69
CA ALA G 40 -12.90 34.75 44.35
C ALA G 40 -11.82 34.71 45.44
N PRO G 41 -11.19 35.85 45.74
CA PRO G 41 -10.12 35.83 46.74
C PRO G 41 -10.67 35.50 48.12
N GLY G 42 -9.99 34.56 48.80
CA GLY G 42 -10.45 34.14 50.11
C GLY G 42 -11.82 33.50 50.11
N GLN G 43 -12.14 32.70 49.10
CA GLN G 43 -13.43 32.04 49.00
C GLN G 43 -13.24 30.66 48.40
N GLY G 44 -14.21 29.79 48.67
CA GLY G 44 -14.20 28.49 48.03
C GLY G 44 -14.51 28.59 46.55
N PHE G 45 -14.00 27.64 45.78
CA PHE G 45 -14.21 27.64 44.35
C PHE G 45 -15.70 27.50 44.02
N GLU G 46 -15.98 27.57 42.72
CA GLU G 46 -17.24 27.15 42.15
C GLU G 46 -17.01 26.87 40.68
N LEU G 47 -17.93 26.14 40.07
CA LEU G 47 -17.79 25.77 38.68
C LEU G 47 -18.75 26.59 37.82
N LEU G 48 -18.36 26.82 36.57
CA LEU G 48 -19.20 27.56 35.63
C LEU G 48 -19.94 26.63 34.67
N GLY G 49 -19.19 25.85 33.88
CA GLY G 49 -19.78 24.96 32.91
C GLY G 49 -18.70 24.33 32.09
N TYR G 50 -19.08 23.27 31.38
CA TYR G 50 -18.10 22.47 30.65
C TYR G 50 -18.46 22.41 29.18
N ILE G 51 -17.45 22.57 28.33
CA ILE G 51 -17.60 22.60 26.88
C ILE G 51 -16.78 21.46 26.30
N ASP G 52 -17.44 20.57 25.59
CA ASP G 52 -16.75 19.52 24.86
C ASP G 52 -16.14 20.13 23.59
N PRO G 53 -14.93 19.73 23.20
CA PRO G 53 -14.38 20.24 21.94
C PRO G 53 -14.88 19.49 20.72
N ALA G 54 -15.33 18.24 20.88
CA ALA G 54 -15.75 17.45 19.73
C ALA G 54 -16.77 18.19 18.88
N ASN G 55 -17.97 18.39 19.41
CA ASN G 55 -19.06 18.98 18.65
C ASN G 55 -19.45 20.38 19.12
N GLY G 56 -19.04 20.77 20.31
CA GLY G 56 -19.32 22.11 20.79
C GLY G 56 -20.46 22.23 21.77
N ARG G 57 -20.91 21.15 22.36
CA ARG G 57 -22.01 21.24 23.31
C ARG G 57 -21.58 22.06 24.53
N PRO G 58 -22.32 23.08 24.91
CA PRO G 58 -22.12 23.70 26.22
C PRO G 58 -23.07 23.13 27.25
N ASP G 59 -22.87 23.56 28.50
CA ASP G 59 -23.80 23.27 29.57
C ASP G 59 -23.40 24.14 30.75
N TYR G 60 -24.36 24.88 31.30
CA TYR G 60 -24.06 26.02 32.15
C TYR G 60 -24.53 25.75 33.57
N ALA G 61 -23.88 26.40 34.53
CA ALA G 61 -24.38 26.38 35.89
C ALA G 61 -25.71 27.11 35.95
N GLY G 62 -26.56 26.71 36.91
CA GLY G 62 -27.89 27.23 36.98
C GLY G 62 -27.96 28.72 37.24
N ALA G 63 -26.88 29.33 37.72
CA ALA G 63 -26.91 30.73 38.12
C ALA G 63 -26.48 31.70 37.04
N LEU G 64 -26.07 31.22 35.86
CA LEU G 64 -25.50 32.13 34.87
C LEU G 64 -25.92 31.83 33.43
N ARG G 65 -27.06 31.18 33.19
CA ARG G 65 -27.38 30.77 31.83
C ARG G 65 -27.75 31.93 30.92
N GLU G 66 -27.92 33.13 31.45
CA GLU G 66 -28.27 34.25 30.58
C GLU G 66 -27.03 34.99 30.07
N ARG G 67 -25.90 34.84 30.75
CA ARG G 67 -24.76 35.74 30.56
C ARG G 67 -23.55 35.10 29.93
N LEU G 68 -23.33 33.80 30.13
CA LEU G 68 -22.11 33.17 29.65
C LEU G 68 -22.28 32.74 28.20
N SER G 69 -21.17 32.27 27.61
CA SER G 69 -21.17 31.79 26.24
C SER G 69 -19.85 31.09 25.96
N PHE G 70 -19.91 29.97 25.25
CA PHE G 70 -18.74 29.22 24.84
C PHE G 70 -18.78 28.94 23.35
N TYR G 71 -17.62 28.59 22.80
CA TYR G 71 -17.52 28.04 21.46
C TYR G 71 -16.07 27.71 21.19
N ARG G 72 -15.84 26.81 20.25
CA ARG G 72 -14.50 26.32 19.98
C ARG G 72 -14.22 26.36 18.49
N ASP G 73 -12.96 26.10 18.15
CA ASP G 73 -12.50 26.08 16.76
C ASP G 73 -11.40 25.03 16.66
N LYS G 74 -11.76 23.82 16.25
CA LYS G 74 -10.80 22.72 16.25
C LYS G 74 -9.64 22.94 15.30
N SER G 75 -9.77 23.85 14.33
CA SER G 75 -8.73 24.02 13.34
C SER G 75 -7.38 24.36 13.97
N MET G 76 -7.37 25.10 15.08
CA MET G 76 -6.12 25.48 15.72
C MET G 76 -6.10 25.10 17.19
N GLU G 77 -7.00 24.22 17.63
CA GLU G 77 -6.99 23.72 19.01
C GLU G 77 -7.15 24.87 19.98
N THR G 78 -8.27 25.58 19.88
CA THR G 78 -8.49 26.82 20.61
C THR G 78 -9.88 26.81 21.23
N LEU G 79 -10.03 27.53 22.34
CA LEU G 79 -11.31 27.67 23.03
C LEU G 79 -11.49 29.09 23.55
N TYR G 80 -12.62 29.69 23.22
CA TYR G 80 -12.90 31.08 23.58
C TYR G 80 -14.08 31.11 24.56
N MET G 81 -14.03 32.03 25.52
CA MET G 81 -15.11 32.22 26.47
C MET G 81 -15.58 33.66 26.43
N ASP G 82 -16.88 33.86 26.30
CA ASP G 82 -17.50 35.18 26.35
C ASP G 82 -18.29 35.30 27.64
N LEU G 83 -18.07 36.39 28.36
CA LEU G 83 -18.81 36.71 29.58
C LEU G 83 -19.37 38.10 29.41
N ARG G 84 -20.69 38.24 29.55
CA ARG G 84 -21.36 39.49 29.24
C ARG G 84 -21.85 40.18 30.51
N SER G 85 -21.77 41.51 30.50
CA SER G 85 -22.28 42.35 31.59
C SER G 85 -21.65 41.96 32.93
N LEU G 86 -20.34 42.19 32.99
CA LEU G 86 -19.59 41.92 34.20
C LEU G 86 -20.18 42.69 35.37
N ARG G 87 -20.33 42.02 36.50
CA ARG G 87 -20.71 42.68 37.74
C ARG G 87 -19.52 42.74 38.68
N TYR G 88 -19.62 43.64 39.66
CA TYR G 88 -18.50 43.86 40.57
C TYR G 88 -18.07 42.58 41.26
N ASP G 89 -19.01 41.67 41.50
CA ASP G 89 -18.74 40.48 42.30
C ASP G 89 -18.12 39.34 41.49
N ASP G 90 -17.75 39.58 40.23
CA ASP G 90 -17.10 38.57 39.43
C ASP G 90 -15.58 38.65 39.47
N THR G 91 -15.03 39.67 40.12
CA THR G 91 -13.58 39.82 40.19
C THR G 91 -12.95 38.61 40.83
N ALA G 92 -12.08 37.93 40.09
CA ALA G 92 -11.49 36.68 40.58
C ALA G 92 -10.50 36.17 39.54
N MET G 93 -9.89 35.04 39.87
CA MET G 93 -9.03 34.34 38.93
C MET G 93 -9.83 33.35 38.10
N TYR G 94 -9.36 33.07 36.89
CA TYR G 94 -10.00 32.11 35.98
C TYR G 94 -8.96 31.08 35.57
N TYR G 95 -9.31 29.80 35.66
CA TYR G 95 -8.43 28.72 35.27
C TYR G 95 -8.97 28.04 34.02
N CYS G 96 -8.32 26.95 33.63
CA CYS G 96 -8.65 26.21 32.42
C CYS G 96 -8.09 24.81 32.53
N VAL G 97 -8.95 23.82 32.74
CA VAL G 97 -8.53 22.52 33.26
C VAL G 97 -9.01 21.40 32.35
N ARG G 98 -8.20 20.35 32.25
CA ARG G 98 -8.58 19.14 31.54
C ARG G 98 -9.38 18.23 32.46
N ASN G 99 -9.98 17.19 31.87
CA ASN G 99 -10.88 16.31 32.62
C ASN G 99 -10.88 14.93 31.99
N VAL G 100 -10.23 13.96 32.64
CA VAL G 100 -10.25 12.59 32.14
C VAL G 100 -11.70 12.11 32.12
N GLY G 101 -11.97 11.12 31.28
CA GLY G 101 -13.30 10.55 31.21
C GLY G 101 -13.31 9.27 30.41
N THR G 102 -14.15 8.34 30.83
CA THR G 102 -14.35 7.09 30.11
C THR G 102 -15.44 7.27 29.05
N ALA G 103 -15.85 6.16 28.46
CA ALA G 103 -16.89 6.21 27.44
C ALA G 103 -18.27 6.46 28.04
N GLY G 104 -18.41 6.33 29.36
CA GLY G 104 -19.73 6.40 29.96
C GLY G 104 -19.83 7.19 31.25
N SER G 105 -18.73 7.77 31.72
CA SER G 105 -18.77 8.51 32.96
C SER G 105 -17.59 9.47 33.04
N LEU G 106 -17.75 10.51 33.87
CA LEU G 106 -16.70 11.49 34.09
C LEU G 106 -16.04 11.24 35.44
N LEU G 107 -14.91 11.88 35.66
CA LEU G 107 -14.12 11.68 36.87
C LEU G 107 -13.37 12.97 37.20
N HIS G 108 -12.37 12.85 38.06
CA HIS G 108 -11.59 13.98 38.60
C HIS G 108 -10.96 14.86 37.53
N TYR G 109 -10.40 16.00 37.96
CA TYR G 109 -9.52 16.81 37.12
C TYR G 109 -8.06 16.47 37.42
N ASP G 110 -7.20 16.59 36.41
CA ASP G 110 -5.78 16.34 36.65
C ASP G 110 -4.87 17.53 36.39
N HIS G 111 -4.85 18.08 35.17
CA HIS G 111 -3.82 19.04 34.77
C HIS G 111 -4.38 20.46 34.75
N TRP G 112 -4.37 21.11 35.91
CA TRP G 112 -4.78 22.50 35.95
C TRP G 112 -3.80 23.36 35.15
N GLY G 113 -4.23 24.57 34.83
CA GLY G 113 -3.54 25.39 33.85
C GLY G 113 -2.78 26.55 34.46
N SER G 114 -2.60 27.58 33.63
CA SER G 114 -1.69 28.67 33.98
C SER G 114 -2.26 29.58 35.06
N GLY G 115 -3.50 30.00 34.93
CA GLY G 115 -4.07 30.97 35.85
C GLY G 115 -4.04 32.37 35.29
N SER G 116 -5.16 33.09 35.40
CA SER G 116 -5.29 34.42 34.81
C SER G 116 -6.24 35.28 35.63
N PRO G 117 -5.80 36.41 36.17
CA PRO G 117 -6.69 37.24 36.97
C PRO G 117 -7.47 38.24 36.15
N VAL G 118 -8.53 38.76 36.75
CA VAL G 118 -9.36 39.80 36.16
C VAL G 118 -9.82 40.73 37.27
N ILE G 119 -9.78 42.03 37.01
CA ILE G 119 -10.17 43.05 37.98
C ILE G 119 -11.15 44.00 37.32
N VAL G 120 -12.18 44.39 38.06
CA VAL G 120 -13.22 45.28 37.56
C VAL G 120 -13.24 46.53 38.40
N SER G 121 -13.14 47.69 37.76
CA SER G 121 -13.17 48.97 38.45
C SER G 121 -13.54 50.06 37.47
N SER G 122 -14.17 51.12 37.98
CA SER G 122 -14.56 52.24 37.14
C SER G 122 -13.51 53.33 37.10
N ALA G 123 -12.41 53.18 37.84
CA ALA G 123 -11.44 54.25 37.99
C ALA G 123 -10.35 54.18 36.93
N SER G 124 -9.80 55.33 36.60
CA SER G 124 -8.61 55.43 35.76
C SER G 124 -7.38 55.44 36.66
N THR G 125 -6.22 55.78 36.10
CA THR G 125 -5.02 55.93 36.91
C THR G 125 -5.23 57.01 37.96
N LYS G 126 -4.87 56.71 39.20
CA LYS G 126 -5.15 57.61 40.32
C LYS G 126 -4.17 57.33 41.44
N GLY G 127 -3.67 58.38 42.08
CA GLY G 127 -2.66 58.25 43.12
C GLY G 127 -3.25 58.12 44.51
N PRO G 128 -2.47 57.56 45.44
CA PRO G 128 -3.00 57.32 46.78
C PRO G 128 -3.03 58.58 47.64
N SER G 129 -3.83 58.50 48.70
CA SER G 129 -3.76 59.43 49.80
C SER G 129 -3.18 58.72 51.02
N VAL G 130 -2.54 59.49 51.90
CA VAL G 130 -1.80 58.95 53.03
C VAL G 130 -2.32 59.57 54.31
N PHE G 131 -2.47 58.74 55.34
CA PHE G 131 -2.93 59.18 56.65
C PHE G 131 -2.20 58.41 57.74
N PRO G 132 -1.65 59.09 58.73
CA PRO G 132 -0.86 58.39 59.75
C PRO G 132 -1.72 57.79 60.86
N LEU G 133 -1.26 56.65 61.38
CA LEU G 133 -1.87 56.03 62.55
C LEU G 133 -1.02 56.39 63.77
N ALA G 134 -1.21 57.61 64.26
CA ALA G 134 -0.42 58.09 65.38
C ALA G 134 -0.71 57.26 66.63
N PRO G 135 0.30 57.03 67.48
CA PRO G 135 0.07 56.21 68.68
C PRO G 135 -0.89 56.89 69.64
N SER G 136 -1.63 56.06 70.38
CA SER G 136 -2.56 56.56 71.38
C SER G 136 -1.89 56.63 72.74
N SER G 137 -2.44 57.48 73.61
CA SER G 137 -1.91 57.64 74.96
C SER G 137 -2.96 58.22 75.89
N GLY G 143 3.90 50.62 78.38
CA GLY G 143 5.23 51.13 78.13
C GLY G 143 5.63 51.07 76.66
N THR G 144 5.04 50.11 75.93
CA THR G 144 5.31 49.93 74.52
C THR G 144 4.01 50.09 73.75
N ALA G 145 4.06 50.84 72.65
CA ALA G 145 2.88 51.16 71.87
C ALA G 145 3.19 50.99 70.39
N ALA G 146 2.13 50.83 69.60
CA ALA G 146 2.26 50.59 68.16
C ALA G 146 1.74 51.78 67.37
N LEU G 147 2.37 52.03 66.24
CA LEU G 147 1.95 53.09 65.33
C LEU G 147 2.13 52.61 63.90
N GLY G 148 1.36 53.21 63.00
CA GLY G 148 1.37 52.78 61.61
C GLY G 148 0.94 53.90 60.67
N CYS G 149 0.83 53.55 59.40
CA CYS G 149 0.43 54.48 58.37
C CYS G 149 -0.61 53.83 57.47
N LEU G 150 -1.51 54.64 56.92
CA LEU G 150 -2.61 54.16 56.09
C LEU G 150 -2.50 54.77 54.70
N VAL G 151 -2.62 53.93 53.68
CA VAL G 151 -2.63 54.35 52.29
C VAL G 151 -3.98 54.01 51.69
N LYS G 152 -4.60 54.97 51.02
CA LYS G 152 -6.02 54.92 50.68
C LYS G 152 -6.26 55.43 49.26
N ASP G 153 -7.22 54.82 48.58
CA ASP G 153 -7.76 55.33 47.32
C ASP G 153 -6.66 55.51 46.25
N TYR G 154 -6.16 54.39 45.76
CA TYR G 154 -5.28 54.38 44.60
C TYR G 154 -5.61 53.22 43.69
N PHE G 155 -5.22 53.37 42.42
CA PHE G 155 -5.40 52.34 41.41
C PHE G 155 -4.47 52.63 40.25
N PRO G 156 -3.86 51.61 39.63
CA PRO G 156 -3.89 50.17 39.99
C PRO G 156 -2.73 49.78 40.90
N GLU G 157 -2.69 48.52 41.34
CA GLU G 157 -1.57 48.02 42.10
C GLU G 157 -0.35 47.89 41.20
N PRO G 158 0.86 47.77 41.78
CA PRO G 158 1.20 47.78 43.21
C PRO G 158 1.61 49.15 43.73
N VAL G 159 2.20 49.20 44.93
CA VAL G 159 2.69 50.43 45.53
C VAL G 159 3.89 50.08 46.41
N THR G 160 4.74 51.09 46.66
CA THR G 160 5.94 50.93 47.45
C THR G 160 5.78 51.67 48.77
N VAL G 161 6.18 51.04 49.87
CA VAL G 161 6.05 51.60 51.20
C VAL G 161 7.36 51.39 51.95
N SER G 162 7.74 52.39 52.76
CA SER G 162 8.95 52.31 53.56
C SER G 162 8.81 53.25 54.74
N TRP G 163 9.67 53.07 55.74
CA TRP G 163 9.62 53.82 56.99
C TRP G 163 10.95 54.54 57.21
N ASN G 164 10.86 55.83 57.53
CA ASN G 164 12.03 56.64 57.90
C ASN G 164 13.15 56.47 56.89
N SER G 165 12.78 56.55 55.61
CA SER G 165 13.73 56.40 54.50
C SER G 165 14.51 55.10 54.61
N GLY G 166 13.85 54.04 55.08
CA GLY G 166 14.49 52.74 55.23
C GLY G 166 15.35 52.60 56.45
N ALA G 167 15.38 53.60 57.34
CA ALA G 167 16.22 53.54 58.53
C ALA G 167 15.52 52.93 59.73
N LEU G 168 14.22 52.66 59.64
CA LEU G 168 13.45 52.11 60.75
C LEU G 168 12.57 50.96 60.28
N THR G 169 13.14 50.03 59.52
CA THR G 169 12.39 48.88 59.03
C THR G 169 12.27 47.76 60.07
N SER G 170 12.90 47.90 61.23
CA SER G 170 12.85 46.85 62.23
C SER G 170 11.44 46.62 62.72
N GLY G 171 10.99 45.38 62.70
CA GLY G 171 9.69 45.03 63.24
C GLY G 171 8.50 45.58 62.48
N VAL G 172 8.66 45.91 61.20
CA VAL G 172 7.57 46.49 60.43
C VAL G 172 6.75 45.39 59.77
N HIS G 173 5.42 45.54 59.81
CA HIS G 173 4.50 44.61 59.19
C HIS G 173 3.62 45.35 58.20
N THR G 174 3.36 44.71 57.05
CA THR G 174 2.55 45.30 56.00
C THR G 174 1.49 44.31 55.55
N PHE G 175 0.23 44.72 55.64
CA PHE G 175 -0.85 43.88 55.16
C PHE G 175 -0.98 44.00 53.64
N PRO G 176 -1.31 42.91 52.94
CA PRO G 176 -1.48 43.02 51.49
C PRO G 176 -2.67 43.89 51.13
N ALA G 177 -2.57 44.56 49.99
CA ALA G 177 -3.63 45.45 49.55
C ALA G 177 -4.90 44.68 49.24
N VAL G 178 -6.04 45.35 49.41
CA VAL G 178 -7.35 44.76 49.21
C VAL G 178 -8.17 45.68 48.32
N LEU G 179 -8.94 45.10 47.41
CA LEU G 179 -9.81 45.87 46.54
C LEU G 179 -11.09 46.24 47.29
N GLN G 180 -11.48 47.51 47.19
CA GLN G 180 -12.61 48.04 47.94
C GLN G 180 -13.90 47.90 47.11
N SER G 181 -15.01 48.31 47.73
CA SER G 181 -16.25 48.44 46.99
C SER G 181 -16.22 49.69 46.10
N SER G 182 -15.35 50.65 46.41
CA SER G 182 -15.24 51.85 45.60
C SER G 182 -14.43 51.63 44.33
N GLY G 183 -13.65 50.55 44.27
CA GLY G 183 -12.80 50.30 43.12
C GLY G 183 -11.37 50.79 43.26
N LEU G 184 -10.93 51.14 44.47
CA LEU G 184 -9.59 51.63 44.72
C LEU G 184 -8.90 50.78 45.77
N TYR G 185 -7.59 50.63 45.64
CA TYR G 185 -6.81 49.82 46.56
C TYR G 185 -6.44 50.61 47.81
N SER G 186 -6.25 49.88 48.90
CA SER G 186 -5.75 50.47 50.14
C SER G 186 -5.04 49.39 50.94
N LEU G 187 -4.24 49.83 51.90
CA LEU G 187 -3.46 48.92 52.74
C LEU G 187 -3.01 49.68 53.98
N SER G 188 -2.31 48.97 54.87
CA SER G 188 -1.80 49.55 56.10
C SER G 188 -0.48 48.89 56.46
N SER G 189 0.32 49.61 57.23
CA SER G 189 1.58 49.09 57.77
C SER G 189 1.78 49.66 59.16
N VAL G 190 2.48 48.89 60.01
CA VAL G 190 2.61 49.21 61.42
C VAL G 190 4.05 49.05 61.87
N VAL G 191 4.36 49.69 62.99
CA VAL G 191 5.66 49.57 63.64
C VAL G 191 5.47 49.84 65.13
N THR G 192 6.28 49.16 65.94
CA THR G 192 6.15 49.20 67.40
C THR G 192 7.42 49.80 67.99
N VAL G 193 7.25 50.65 69.00
CA VAL G 193 8.38 51.28 69.69
C VAL G 193 8.00 51.50 71.14
N PRO G 194 8.97 51.60 72.06
CA PRO G 194 8.64 51.93 73.45
C PRO G 194 8.11 53.35 73.58
N SER G 195 7.37 53.60 74.67
CA SER G 195 6.83 54.93 74.90
C SER G 195 7.92 55.97 75.05
N SER G 196 9.03 55.62 75.71
CA SER G 196 10.12 56.57 75.87
C SER G 196 10.62 57.07 74.53
N SER G 197 10.73 56.18 73.54
CA SER G 197 11.14 56.61 72.21
C SER G 197 10.14 57.58 71.60
N LEU G 198 8.85 57.39 71.88
CA LEU G 198 7.83 58.28 71.35
C LEU G 198 8.09 59.72 71.78
N GLY G 199 8.51 59.91 73.03
CA GLY G 199 8.74 61.25 73.54
C GLY G 199 10.07 61.87 73.16
N THR G 200 10.89 61.15 72.40
CA THR G 200 12.21 61.65 72.03
C THR G 200 12.59 61.37 70.58
N GLN G 201 11.66 60.93 69.73
CA GLN G 201 11.98 60.55 68.36
C GLN G 201 10.87 61.00 67.43
N THR G 202 11.23 61.10 66.15
CA THR G 202 10.29 61.41 65.07
C THR G 202 10.25 60.24 64.11
N TYR G 203 9.09 60.03 63.48
CA TYR G 203 8.87 58.88 62.60
C TYR G 203 8.28 59.37 61.29
N ILE G 204 8.65 58.71 60.19
CA ILE G 204 8.26 59.12 58.86
C ILE G 204 7.89 57.89 58.05
N CYS G 205 6.83 58.01 57.23
CA CYS G 205 6.45 57.00 56.26
C CYS G 205 6.71 57.54 54.87
N ASN G 206 7.49 56.80 54.08
CA ASN G 206 7.85 57.20 52.72
C ASN G 206 7.18 56.24 51.74
N VAL G 207 6.35 56.77 50.86
CA VAL G 207 5.54 55.97 49.95
C VAL G 207 5.69 56.53 48.54
N ASN G 208 5.70 55.64 47.55
CA ASN G 208 5.85 56.03 46.16
C ASN G 208 5.06 55.07 45.27
N HIS G 209 4.24 55.63 44.38
CA HIS G 209 3.33 54.88 43.53
C HIS G 209 3.77 55.07 42.08
N LYS G 210 3.99 53.96 41.38
CA LYS G 210 4.65 54.01 40.07
C LYS G 210 3.71 54.44 38.95
N PRO G 211 2.50 53.88 38.85
CA PRO G 211 1.62 54.28 37.73
C PRO G 211 1.40 55.77 37.64
N SER G 212 1.26 56.45 38.78
CA SER G 212 1.18 57.91 38.80
C SER G 212 2.51 58.56 39.11
N ASN G 213 3.48 57.80 39.61
CA ASN G 213 4.82 58.32 39.95
C ASN G 213 4.75 59.40 41.02
N THR G 214 3.71 59.39 41.85
CA THR G 214 3.61 60.32 42.96
C THR G 214 4.30 59.74 44.18
N LYS G 215 4.81 60.64 45.04
CA LYS G 215 5.55 60.25 46.22
C LYS G 215 5.05 61.07 47.42
N VAL G 216 5.14 60.48 48.61
CA VAL G 216 4.66 61.10 49.83
C VAL G 216 5.62 60.79 50.97
N ASP G 217 5.78 61.77 51.87
CA ASP G 217 6.59 61.61 53.08
C ASP G 217 5.78 62.24 54.22
N LYS G 218 5.31 61.41 55.14
CA LYS G 218 4.34 61.82 56.15
C LYS G 218 4.90 61.62 57.54
N ARG G 219 4.64 62.58 58.42
CA ARG G 219 4.97 62.42 59.83
C ARG G 219 3.83 61.72 60.57
N VAL G 220 4.16 61.11 61.70
CA VAL G 220 3.22 60.25 62.41
C VAL G 220 2.95 60.78 63.81
N GLU G 221 3.99 61.29 64.48
CA GLU G 221 3.95 61.60 65.91
C GLU G 221 3.05 62.78 66.29
N PRO G 222 2.82 63.78 65.44
CA PRO G 222 2.16 65.01 65.91
C PRO G 222 0.93 64.79 66.78
N LYS G 223 0.15 63.74 66.54
CA LYS G 223 -1.08 63.50 67.30
C LYS G 223 -0.91 62.38 68.31
N SER G 224 0.26 62.31 68.97
CA SER G 224 0.49 61.30 69.98
C SER G 224 -0.49 61.39 71.14
N CYS G 225 -1.10 62.55 71.37
CA CYS G 225 -2.07 62.72 72.46
C CYS G 225 -3.27 63.51 71.98
N GLU H 1 -25.92 21.38 45.14
CA GLU H 1 -26.51 20.52 46.20
C GLU H 1 -25.46 20.10 47.21
N ILE H 2 -24.59 19.18 46.80
CA ILE H 2 -23.65 18.57 47.72
C ILE H 2 -22.75 19.65 48.34
N VAL H 3 -22.50 19.53 49.63
CA VAL H 3 -21.62 20.44 50.36
C VAL H 3 -20.60 19.61 51.13
N LEU H 4 -19.34 20.02 51.07
CA LEU H 4 -18.28 19.42 51.86
C LEU H 4 -17.90 20.39 52.99
N THR H 5 -17.89 19.88 54.22
CA THR H 5 -17.45 20.64 55.37
C THR H 5 -16.01 20.27 55.69
N GLN H 6 -15.12 21.25 55.65
CA GLN H 6 -13.69 21.04 55.83
C GLN H 6 -13.29 21.58 57.20
N SER H 7 -12.68 20.73 58.02
CA SER H 7 -12.26 21.11 59.35
C SER H 7 -11.07 20.25 59.75
N PRO H 8 -10.12 20.78 60.53
CA PRO H 8 -10.05 22.16 61.05
C PRO H 8 -9.58 23.13 59.99
N ALA H 9 -9.81 24.44 60.19
CA ALA H 9 -9.32 25.42 59.23
C ALA H 9 -7.80 25.53 59.24
N THR H 10 -7.13 24.93 60.22
CA THR H 10 -5.68 25.00 60.30
C THR H 10 -5.16 23.81 61.08
N LEU H 11 -3.94 23.39 60.74
CA LEU H 11 -3.23 22.34 61.46
C LEU H 11 -1.80 22.79 61.70
N SER H 12 -1.32 22.58 62.92
CA SER H 12 0.04 22.97 63.32
C SER H 12 0.93 21.73 63.33
N ALA H 13 2.12 21.87 62.78
CA ALA H 13 3.04 20.73 62.66
C ALA H 13 4.46 21.24 62.50
N SER H 14 5.40 20.30 62.54
CA SER H 14 6.82 20.56 62.38
C SER H 14 7.39 19.49 61.45
N PRO H 15 8.52 19.77 60.81
CA PRO H 15 9.07 18.79 59.86
C PRO H 15 9.32 17.45 60.53
N GLY H 16 9.02 16.39 59.78
CA GLY H 16 9.13 15.04 60.30
C GLY H 16 7.88 14.51 60.98
N GLU H 17 6.86 15.35 61.17
CA GLU H 17 5.65 14.91 61.82
C GLU H 17 4.73 14.19 60.84
N ARG H 18 3.75 13.48 61.40
CA ARG H 18 2.67 12.86 60.63
C ARG H 18 1.39 13.65 60.89
N VAL H 19 0.80 14.18 59.82
CA VAL H 19 -0.35 15.07 59.92
C VAL H 19 -1.51 14.44 59.16
N THR H 20 -2.71 14.53 59.75
CA THR H 20 -3.92 13.95 59.18
C THR H 20 -4.92 15.06 58.90
N LEU H 21 -5.43 15.08 57.68
CA LEU H 21 -6.53 15.96 57.31
C LEU H 21 -7.83 15.18 57.24
N THR H 22 -8.94 15.90 57.32
CA THR H 22 -10.26 15.27 57.31
C THR H 22 -11.23 16.15 56.52
N CYS H 23 -12.26 15.51 55.97
CA CYS H 23 -13.26 16.20 55.18
C CYS H 23 -14.60 15.48 55.36
N ARG H 24 -15.65 16.25 55.58
CA ARG H 24 -16.98 15.71 55.84
C ARG H 24 -17.93 16.04 54.70
N ALA H 25 -18.91 15.16 54.50
CA ALA H 25 -19.83 15.26 53.37
C ALA H 25 -21.26 15.42 53.88
N SER H 26 -22.09 16.08 53.06
CA SER H 26 -23.46 16.32 53.44
C SER H 26 -24.33 15.07 53.34
N ARG H 27 -24.02 14.16 52.44
CA ARG H 27 -24.79 12.93 52.29
C ARG H 27 -23.94 11.91 51.53
N SER H 28 -24.54 10.77 51.20
CA SER H 28 -23.80 9.68 50.60
C SER H 28 -23.25 10.07 49.22
N VAL H 29 -21.97 9.78 49.00
CA VAL H 29 -21.32 10.11 47.75
C VAL H 29 -20.47 8.94 47.26
N ARG H 30 -20.69 7.76 47.84
CA ARG H 30 -19.90 6.58 47.51
C ARG H 30 -18.42 6.90 47.76
N ASN H 31 -17.52 6.30 46.97
CA ASN H 31 -16.10 6.49 47.12
C ASN H 31 -15.56 7.60 46.21
N ASN H 32 -16.43 8.30 45.50
CA ASN H 32 -16.01 9.27 44.49
C ASN H 32 -15.50 10.56 45.15
N VAL H 33 -14.23 10.53 45.55
CA VAL H 33 -13.60 11.66 46.20
C VAL H 33 -12.14 11.71 45.79
N ALA H 34 -11.52 12.89 45.93
CA ALA H 34 -10.12 13.08 45.59
C ALA H 34 -9.57 14.23 46.43
N TRP H 35 -8.24 14.30 46.50
CA TRP H 35 -7.54 15.34 47.23
C TRP H 35 -6.56 16.02 46.29
N TYR H 36 -6.43 17.34 46.42
CA TYR H 36 -5.64 18.15 45.49
C TYR H 36 -4.61 18.97 46.24
N GLN H 37 -3.49 19.23 45.58
CA GLN H 37 -2.44 20.09 46.13
C GLN H 37 -2.58 21.49 45.55
N HIS H 38 -2.28 22.50 46.39
CA HIS H 38 -2.33 23.90 45.98
C HIS H 38 -1.23 24.66 46.69
N LYS H 39 -0.63 25.59 45.96
CA LYS H 39 0.52 26.33 46.44
C LYS H 39 0.31 27.82 46.17
N GLY H 40 1.29 28.62 46.56
CA GLY H 40 1.21 30.05 46.37
C GLY H 40 1.36 30.47 44.92
N GLY H 41 0.28 30.96 44.33
CA GLY H 41 0.35 31.48 42.98
C GLY H 41 0.87 30.51 41.95
N GLN H 42 0.43 29.26 42.01
CA GLN H 42 0.91 28.20 41.13
C GLN H 42 -0.28 27.42 40.59
N SER H 43 0.02 26.32 39.91
CA SER H 43 -1.00 25.48 39.33
C SER H 43 -1.24 24.26 40.22
N PRO H 44 -2.40 24.13 40.84
CA PRO H 44 -2.69 22.92 41.61
C PRO H 44 -2.44 21.65 40.83
N ARG H 45 -2.42 20.51 41.51
CA ARG H 45 -2.00 19.26 40.90
C ARG H 45 -2.65 18.10 41.64
N LEU H 46 -2.62 16.93 41.01
CA LEU H 46 -3.36 15.77 41.52
C LEU H 46 -2.55 15.03 42.57
N LEU H 47 -3.26 14.56 43.61
CA LEU H 47 -2.63 13.79 44.68
C LEU H 47 -3.25 12.40 44.80
N ILE H 48 -4.56 12.32 44.97
CA ILE H 48 -5.26 11.08 45.22
C ILE H 48 -6.65 11.16 44.61
N TYR H 49 -7.03 10.11 43.89
CA TYR H 49 -8.38 10.00 43.34
C TYR H 49 -8.91 8.59 43.61
N ASP H 50 -10.22 8.51 43.81
CA ASP H 50 -10.90 7.30 44.27
C ASP H 50 -10.55 7.02 45.72
N ALA H 51 -9.90 7.98 46.38
CA ALA H 51 -9.67 7.95 47.82
C ALA H 51 -8.62 6.94 48.24
N SER H 52 -8.10 6.14 47.30
CA SER H 52 -7.17 5.09 47.66
C SER H 52 -5.99 4.99 46.70
N THR H 53 -6.15 5.45 45.46
CA THR H 53 -5.17 5.24 44.41
C THR H 53 -4.38 6.51 44.17
N ARG H 54 -3.09 6.34 43.90
CA ARG H 54 -2.17 7.45 43.66
C ARG H 54 -1.81 7.50 42.18
N ALA H 55 -1.80 8.71 41.62
CA ALA H 55 -1.44 8.88 40.21
C ALA H 55 0.07 8.97 40.06
N ALA H 56 0.52 8.99 38.80
CA ALA H 56 1.94 9.01 38.51
C ALA H 56 2.56 10.33 38.90
N GLY H 57 3.87 10.32 39.10
CA GLY H 57 4.58 11.53 39.48
C GLY H 57 4.18 12.08 40.81
N VAL H 58 3.90 11.24 41.79
CA VAL H 58 3.44 11.66 43.11
C VAL H 58 4.42 11.12 44.15
N PRO H 59 4.73 11.85 45.21
CA PRO H 59 5.55 11.29 46.29
C PRO H 59 4.84 10.11 46.94
N ALA H 60 5.65 9.17 47.44
CA ALA H 60 5.10 7.95 48.03
C ALA H 60 4.64 8.14 49.46
N ARG H 61 4.80 9.34 50.04
CA ARG H 61 4.42 9.56 51.44
C ARG H 61 2.98 10.01 51.61
N PHE H 62 2.20 10.10 50.53
CA PHE H 62 0.80 10.48 50.64
C PHE H 62 -0.08 9.25 50.78
N SER H 63 -1.16 9.39 51.54
CA SER H 63 -2.07 8.29 51.79
C SER H 63 -3.40 8.83 52.29
N GLY H 64 -4.41 7.97 52.24
CA GLY H 64 -5.73 8.36 52.72
C GLY H 64 -6.71 7.22 52.53
N SER H 65 -7.94 7.46 52.96
CA SER H 65 -8.99 6.46 52.85
C SER H 65 -10.35 7.12 53.08
N ALA H 66 -11.39 6.38 52.74
CA ALA H 66 -12.76 6.84 52.92
C ALA H 66 -13.33 6.32 54.24
N SER H 67 -14.37 7.00 54.73
CA SER H 67 -14.97 6.65 56.02
C SER H 67 -16.49 6.69 55.93
N GLY H 68 -17.04 6.15 54.85
CA GLY H 68 -18.48 6.07 54.69
C GLY H 68 -19.12 7.39 54.34
N THR H 69 -19.12 8.33 55.29
CA THR H 69 -19.57 9.69 55.03
C THR H 69 -18.49 10.71 55.36
N GLU H 70 -17.25 10.26 55.54
CA GLU H 70 -16.14 11.14 55.88
C GLU H 70 -14.91 10.65 55.12
N PHE H 71 -13.95 11.54 54.92
CA PHE H 71 -12.78 11.22 54.12
C PHE H 71 -11.54 11.71 54.85
N THR H 72 -10.48 10.89 54.78
CA THR H 72 -9.28 11.12 55.57
C THR H 72 -8.06 11.13 54.66
N LEU H 73 -7.21 12.14 54.85
CA LEU H 73 -5.95 12.27 54.13
C LEU H 73 -4.85 12.53 55.16
N ALA H 74 -3.71 11.87 54.99
CA ALA H 74 -2.62 11.97 55.94
C ALA H 74 -1.30 12.05 55.21
N ILE H 75 -0.33 12.71 55.83
CA ILE H 75 1.03 12.80 55.34
C ILE H 75 1.91 12.00 56.30
N SER H 76 2.52 10.93 55.79
CA SER H 76 3.31 10.05 56.65
C SER H 76 4.51 10.74 57.28
N ASN H 77 5.25 11.54 56.50
CA ASN H 77 6.43 12.22 57.02
C ASN H 77 6.46 13.61 56.40
N LEU H 78 6.12 14.63 57.19
CA LEU H 78 5.99 15.98 56.67
C LEU H 78 7.35 16.54 56.29
N GLU H 79 7.44 17.08 55.07
CA GLU H 79 8.63 17.78 54.61
C GLU H 79 8.42 19.28 54.66
N SER H 80 9.51 20.03 54.49
CA SER H 80 9.43 21.48 54.55
C SER H 80 8.51 22.03 53.46
N GLU H 81 8.62 21.50 52.25
CA GLU H 81 7.83 21.98 51.12
C GLU H 81 6.38 21.53 51.16
N ASP H 82 6.01 20.63 52.08
CA ASP H 82 4.64 20.18 52.19
C ASP H 82 3.74 21.20 52.88
N PHE H 83 4.31 22.26 53.44
CA PHE H 83 3.52 23.29 54.11
C PHE H 83 2.75 24.07 53.05
N THR H 84 1.44 23.82 52.96
CA THR H 84 0.59 24.53 52.01
C THR H 84 -0.88 24.36 52.35
N VAL H 85 -1.76 24.70 51.42
CA VAL H 85 -3.19 24.55 51.59
C VAL H 85 -3.66 23.34 50.80
N TYR H 86 -4.66 22.64 51.32
CA TYR H 86 -5.28 21.52 50.64
C TYR H 86 -6.80 21.65 50.74
N PHE H 87 -7.51 21.04 49.77
CA PHE H 87 -8.96 21.03 49.79
C PHE H 87 -9.46 19.72 49.22
N CYS H 88 -10.59 19.24 49.75
CA CYS H 88 -11.20 18.02 49.29
C CYS H 88 -12.20 18.32 48.18
N LEU H 89 -12.45 17.30 47.35
CA LEU H 89 -13.30 17.45 46.18
C LEU H 89 -14.10 16.17 45.97
N GLN H 90 -15.36 16.33 45.58
CA GLN H 90 -16.24 15.22 45.29
C GLN H 90 -16.84 15.40 43.90
N TYR H 91 -17.09 14.28 43.23
CA TYR H 91 -17.57 14.30 41.86
C TYR H 91 -18.72 13.31 41.68
N ASN H 92 -19.69 13.36 42.58
CA ASN H 92 -20.79 12.41 42.55
C ASN H 92 -22.05 12.97 41.89
N ASN H 93 -22.49 14.17 42.26
CA ASN H 93 -23.76 14.70 41.76
C ASN H 93 -23.54 15.89 40.86
N TRP H 94 -22.90 16.92 41.37
CA TRP H 94 -22.50 18.08 40.57
C TRP H 94 -21.36 18.76 41.29
N TRP H 95 -20.43 19.29 40.51
CA TRP H 95 -19.12 19.62 41.02
C TRP H 95 -19.22 20.71 42.09
N THR H 96 -18.40 20.60 43.11
CA THR H 96 -18.32 21.60 44.17
C THR H 96 -16.94 21.50 44.81
N PHE H 97 -16.65 22.44 45.70
CA PHE H 97 -15.33 22.52 46.30
C PHE H 97 -15.47 22.93 47.76
N GLY H 98 -14.41 22.73 48.52
CA GLY H 98 -14.39 23.07 49.93
C GLY H 98 -13.96 24.51 50.15
N GLN H 99 -13.36 24.74 51.32
CA GLN H 99 -12.86 26.07 51.67
C GLN H 99 -11.34 26.13 51.74
N GLY H 100 -10.67 25.03 52.07
CA GLY H 100 -9.22 25.00 52.10
C GLY H 100 -8.63 25.10 53.48
N THR H 101 -7.80 24.13 53.84
CA THR H 101 -7.12 24.07 55.13
C THR H 101 -5.63 24.28 54.90
N ARG H 102 -4.98 24.99 55.82
CA ARG H 102 -3.57 25.31 55.69
C ARG H 102 -2.75 24.60 56.75
N VAL H 103 -1.56 24.15 56.36
CA VAL H 103 -0.60 23.61 57.31
C VAL H 103 0.09 24.77 58.01
N ASP H 104 0.31 24.61 59.32
CA ASP H 104 0.80 25.70 60.15
C ASP H 104 2.05 25.28 60.91
N ILE H 105 2.88 26.25 61.24
CA ILE H 105 4.09 26.01 62.02
C ILE H 105 3.68 25.80 63.48
N LYS H 106 4.13 24.68 64.06
CA LYS H 106 3.81 24.39 65.45
C LYS H 106 4.59 25.30 66.38
N ARG H 107 3.88 25.92 67.32
CA ARG H 107 4.51 26.70 68.39
C ARG H 107 3.51 26.86 69.53
N THR H 108 3.84 27.74 70.47
CA THR H 108 3.03 27.93 71.65
C THR H 108 2.03 29.07 71.43
N VAL H 109 1.06 29.15 72.36
CA VAL H 109 0.08 30.22 72.30
C VAL H 109 0.72 31.54 72.74
N ALA H 110 0.20 32.64 72.21
CA ALA H 110 0.68 33.97 72.56
C ALA H 110 -0.44 34.98 72.34
N ALA H 111 -0.71 35.79 73.35
CA ALA H 111 -1.80 36.75 73.25
C ALA H 111 -1.42 37.91 72.35
N PRO H 112 -2.40 38.58 71.75
CA PRO H 112 -2.10 39.70 70.85
C PRO H 112 -1.87 40.99 71.61
N SER H 113 -1.16 41.91 70.97
CA SER H 113 -1.08 43.29 71.43
C SER H 113 -2.11 44.13 70.68
N VAL H 114 -2.97 44.81 71.43
CA VAL H 114 -4.17 45.43 70.88
C VAL H 114 -3.99 46.94 70.88
N PHE H 115 -4.47 47.59 69.82
CA PHE H 115 -4.41 49.04 69.68
C PHE H 115 -5.61 49.51 68.87
N ILE H 116 -5.85 50.82 68.91
CA ILE H 116 -6.96 51.43 68.19
C ILE H 116 -6.53 52.82 67.74
N PHE H 117 -7.19 53.32 66.69
CA PHE H 117 -6.86 54.62 66.12
C PHE H 117 -8.12 55.37 65.72
N PRO H 118 -8.42 56.51 66.33
CA PRO H 118 -9.58 57.30 65.90
C PRO H 118 -9.36 57.89 64.51
N PRO H 119 -10.38 58.51 63.92
CA PRO H 119 -10.24 59.06 62.57
C PRO H 119 -9.19 60.15 62.52
N SER H 120 -8.52 60.25 61.37
CA SER H 120 -7.58 61.34 61.14
C SER H 120 -8.33 62.59 60.71
N ASP H 121 -7.93 63.75 61.23
CA ASP H 121 -8.60 64.99 60.89
C ASP H 121 -8.46 65.30 59.40
N GLU H 122 -7.28 65.08 58.83
CA GLU H 122 -7.10 65.30 57.40
C GLU H 122 -8.10 64.50 56.58
N GLN H 123 -8.36 63.25 56.98
CA GLN H 123 -9.34 62.44 56.27
C GLN H 123 -10.76 62.85 56.67
N LEU H 124 -10.96 63.24 57.92
CA LEU H 124 -12.30 63.53 58.41
C LEU H 124 -12.95 64.68 57.63
N LYS H 125 -12.15 65.63 57.15
CA LYS H 125 -12.72 66.76 56.42
C LYS H 125 -13.45 66.30 55.16
N SER H 126 -12.98 65.22 54.54
CA SER H 126 -13.58 64.72 53.31
C SER H 126 -14.84 63.91 53.55
N GLY H 127 -15.07 63.45 54.77
CA GLY H 127 -16.23 62.64 55.08
C GLY H 127 -16.11 61.18 54.75
N THR H 128 -14.94 60.73 54.30
CA THR H 128 -14.69 59.32 54.05
C THR H 128 -14.04 58.68 55.27
N ALA H 129 -14.39 59.19 56.45
CA ALA H 129 -13.74 58.76 57.69
C ALA H 129 -13.81 57.24 57.85
N SER H 130 -12.74 56.68 58.41
CA SER H 130 -12.67 55.25 58.70
C SER H 130 -11.86 55.06 59.97
N VAL H 131 -12.07 53.91 60.61
CA VAL H 131 -11.42 53.59 61.88
C VAL H 131 -10.65 52.29 61.72
N VAL H 132 -9.60 52.12 62.51
CA VAL H 132 -8.70 50.99 62.40
C VAL H 132 -8.49 50.38 63.78
N CYS H 133 -8.48 49.04 63.83
CA CYS H 133 -8.15 48.30 65.02
C CYS H 133 -7.16 47.20 64.66
N LEU H 134 -6.18 46.96 65.53
CA LEU H 134 -5.03 46.16 65.17
C LEU H 134 -4.74 45.08 66.21
N LEU H 135 -4.33 43.91 65.71
CA LEU H 135 -3.77 42.84 66.53
C LEU H 135 -2.41 42.48 65.93
N ASN H 136 -1.39 42.39 66.79
CA ASN H 136 -0.03 42.13 66.34
C ASN H 136 0.59 40.97 67.11
N ASN H 137 1.24 40.07 66.37
CA ASN H 137 2.08 39.03 66.95
C ASN H 137 1.33 38.15 67.95
N PHE H 138 0.36 37.38 67.46
CA PHE H 138 -0.34 36.41 68.30
C PHE H 138 -0.30 35.05 67.62
N TYR H 139 -0.97 34.08 68.24
CA TYR H 139 -1.00 32.71 67.77
C TYR H 139 -2.02 31.95 68.62
N PRO H 140 -2.77 31.01 68.02
CA PRO H 140 -2.80 30.60 66.60
C PRO H 140 -3.66 31.50 65.74
N ARG H 141 -3.99 31.05 64.53
CA ARG H 141 -4.66 31.90 63.55
C ARG H 141 -6.06 32.31 64.00
N GLU H 142 -6.84 31.38 64.56
CA GLU H 142 -8.24 31.65 64.84
C GLU H 142 -8.38 32.85 65.77
N ALA H 143 -9.35 33.72 65.47
CA ALA H 143 -9.63 34.89 66.29
C ALA H 143 -10.85 35.58 65.72
N LYS H 144 -11.34 36.57 66.46
CA LYS H 144 -12.47 37.39 66.03
C LYS H 144 -12.31 38.80 66.59
N VAL H 145 -12.84 39.77 65.85
CA VAL H 145 -12.87 41.17 66.27
C VAL H 145 -14.29 41.69 66.06
N GLN H 146 -14.81 42.39 67.05
CA GLN H 146 -16.17 42.91 67.02
C GLN H 146 -16.13 44.43 67.15
N TRP H 147 -16.80 45.11 66.22
CA TRP H 147 -16.88 46.56 66.19
C TRP H 147 -18.18 47.01 66.85
N LYS H 148 -18.08 47.95 67.78
CA LYS H 148 -19.24 48.47 68.48
C LYS H 148 -19.12 49.97 68.67
N VAL H 149 -20.20 50.69 68.38
CA VAL H 149 -20.30 52.12 68.63
C VAL H 149 -21.54 52.35 69.49
N ASP H 150 -21.37 53.07 70.60
CA ASP H 150 -22.45 53.25 71.57
C ASP H 150 -22.94 51.89 72.06
N ASN H 151 -22.02 50.92 72.15
CA ASN H 151 -22.33 49.59 72.63
C ASN H 151 -23.21 48.82 71.64
N ALA H 152 -23.28 49.29 70.40
CA ALA H 152 -24.08 48.64 69.37
C ALA H 152 -23.16 47.97 68.35
N LEU H 153 -23.32 46.67 68.17
CA LEU H 153 -22.50 45.93 67.22
C LEU H 153 -22.74 46.45 65.81
N GLN H 154 -21.67 46.48 65.01
CA GLN H 154 -21.72 46.98 63.65
C GLN H 154 -21.11 45.96 62.70
N SER H 155 -21.63 45.95 61.48
CA SER H 155 -21.15 45.02 60.46
C SER H 155 -21.57 45.54 59.09
N GLY H 156 -21.01 44.93 58.04
CA GLY H 156 -21.31 45.33 56.69
C GLY H 156 -20.37 46.38 56.16
N ASN H 157 -20.04 47.36 57.00
CA ASN H 157 -19.13 48.44 56.64
C ASN H 157 -17.75 48.26 57.28
N SER H 158 -17.30 47.02 57.43
CA SER H 158 -16.01 46.73 58.03
C SER H 158 -15.32 45.63 57.23
N GLN H 159 -14.00 45.56 57.39
CA GLN H 159 -13.18 44.61 56.63
C GLN H 159 -12.12 44.02 57.54
N GLU H 160 -11.58 42.88 57.10
CA GLU H 160 -10.58 42.15 57.86
C GLU H 160 -9.40 41.80 56.96
N SER H 161 -8.22 41.71 57.56
CA SER H 161 -7.00 41.33 56.85
C SER H 161 -6.07 40.63 57.82
N VAL H 162 -5.20 39.78 57.27
CA VAL H 162 -4.27 38.98 58.06
C VAL H 162 -2.94 38.91 57.34
N THR H 163 -1.86 38.76 58.10
CA THR H 163 -0.53 38.67 57.53
C THR H 163 -0.10 37.22 57.39
N GLU H 164 1.07 37.02 56.77
CA GLU H 164 1.71 35.72 56.78
C GLU H 164 2.40 35.47 58.11
N GLN H 165 2.40 34.22 58.55
CA GLN H 165 3.05 33.88 59.80
C GLN H 165 4.53 34.23 59.71
N ASP H 166 5.04 34.90 60.74
CA ASP H 166 6.39 35.48 60.66
C ASP H 166 7.44 34.38 60.53
N SER H 167 8.51 34.69 59.80
CA SER H 167 9.55 33.70 59.58
C SER H 167 10.43 33.49 60.80
N LYS H 168 10.72 34.54 61.57
CA LYS H 168 11.65 34.43 62.69
C LYS H 168 11.01 33.86 63.94
N ASP H 169 9.81 34.28 64.29
CA ASP H 169 9.13 33.75 65.47
C ASP H 169 7.77 33.14 65.17
N SER H 170 7.16 33.44 64.03
CA SER H 170 5.94 32.77 63.58
C SER H 170 4.71 33.13 64.42
N THR H 171 4.53 34.42 64.70
CA THR H 171 3.26 34.89 65.24
C THR H 171 2.45 35.58 64.15
N TYR H 172 1.14 35.50 64.27
CA TYR H 172 0.25 36.12 63.30
C TYR H 172 -0.10 37.54 63.72
N SER H 173 -0.41 38.37 62.72
CA SER H 173 -0.86 39.74 62.93
C SER H 173 -2.13 39.97 62.13
N LEU H 174 -3.10 40.62 62.76
CA LEU H 174 -4.40 40.88 62.16
C LEU H 174 -4.76 42.35 62.30
N SER H 175 -5.40 42.90 61.28
CA SER H 175 -5.93 44.26 61.31
C SER H 175 -7.31 44.27 60.68
N SER H 176 -8.11 45.24 61.09
CA SER H 176 -9.46 45.42 60.56
C SER H 176 -9.70 46.90 60.37
N THR H 177 -10.79 47.23 59.67
CA THR H 177 -11.13 48.60 59.38
C THR H 177 -12.64 48.79 59.46
N LEU H 178 -13.05 49.99 59.85
CA LEU H 178 -14.45 50.40 59.85
C LEU H 178 -14.57 51.71 59.09
N THR H 179 -15.67 51.87 58.35
CA THR H 179 -15.91 53.04 57.52
C THR H 179 -17.15 53.77 58.01
N LEU H 180 -17.13 55.11 57.93
CA LEU H 180 -18.18 55.93 58.48
C LEU H 180 -18.40 57.15 57.59
N SER H 181 -19.55 57.79 57.78
CA SER H 181 -19.89 59.05 57.14
C SER H 181 -20.02 60.14 58.19
N LYS H 182 -19.98 61.40 57.71
CA LYS H 182 -20.05 62.53 58.64
C LYS H 182 -21.34 62.51 59.44
N ALA H 183 -22.48 62.27 58.76
CA ALA H 183 -23.74 62.22 59.49
C ALA H 183 -23.75 61.10 60.52
N ASP H 184 -23.34 59.90 60.12
CA ASP H 184 -23.27 58.79 61.06
C ASP H 184 -22.22 59.04 62.13
N TYR H 185 -21.09 59.64 61.75
CA TYR H 185 -20.05 59.94 62.72
C TYR H 185 -20.55 60.88 63.80
N GLU H 186 -21.29 61.93 63.43
CA GLU H 186 -21.90 62.82 64.40
C GLU H 186 -22.96 62.07 65.23
N LYS H 187 -23.76 61.23 64.57
CA LYS H 187 -24.85 60.56 65.26
C LYS H 187 -24.34 59.64 66.36
N HIS H 188 -23.24 58.95 66.11
CA HIS H 188 -22.64 58.02 67.08
C HIS H 188 -21.54 58.75 67.84
N LYS H 189 -21.51 58.54 69.16
CA LYS H 189 -20.64 59.31 70.04
C LYS H 189 -19.38 58.55 70.46
N VAL H 190 -19.52 57.29 70.89
CA VAL H 190 -18.40 56.50 71.38
C VAL H 190 -18.21 55.30 70.49
N TYR H 191 -16.96 54.97 70.19
CA TYR H 191 -16.60 53.88 69.29
C TYR H 191 -15.67 52.93 70.03
N ALA H 192 -15.79 51.64 69.73
CA ALA H 192 -15.02 50.63 70.44
C ALA H 192 -14.79 49.42 69.56
N CYS H 193 -13.74 48.67 69.89
CA CYS H 193 -13.44 47.38 69.29
C CYS H 193 -13.35 46.34 70.39
N GLU H 194 -13.77 45.12 70.09
CA GLU H 194 -13.70 44.00 71.03
C GLU H 194 -12.99 42.84 70.36
N VAL H 195 -12.20 42.11 71.13
CA VAL H 195 -11.33 41.07 70.61
C VAL H 195 -11.55 39.78 71.40
N THR H 196 -11.40 38.64 70.73
CA THR H 196 -11.47 37.34 71.36
C THR H 196 -10.29 36.51 70.88
N HIS H 197 -9.64 35.82 71.82
CA HIS H 197 -8.48 35.01 71.48
C HIS H 197 -8.28 33.97 72.56
N GLN H 198 -7.58 32.89 72.21
CA GLN H 198 -7.42 31.76 73.12
C GLN H 198 -6.68 32.13 74.39
N GLY H 199 -5.62 32.93 74.30
CA GLY H 199 -4.82 33.29 75.45
C GLY H 199 -5.39 34.38 76.33
N LEU H 200 -6.56 34.90 75.99
CA LEU H 200 -7.23 35.94 76.78
C LEU H 200 -8.40 35.33 77.53
N SER H 201 -8.45 35.56 78.84
CA SER H 201 -9.56 35.08 79.65
C SER H 201 -10.85 35.83 79.38
N SER H 202 -10.76 37.14 79.10
CA SER H 202 -11.93 37.97 78.85
C SER H 202 -11.65 38.81 77.62
N PRO H 203 -12.69 39.23 76.88
CA PRO H 203 -12.45 40.04 75.68
C PRO H 203 -11.75 41.35 75.98
N VAL H 204 -10.53 41.51 75.46
CA VAL H 204 -9.83 42.79 75.59
C VAL H 204 -10.55 43.83 74.75
N THR H 205 -10.84 44.98 75.35
CA THR H 205 -11.65 46.01 74.73
C THR H 205 -10.91 47.33 74.72
N LYS H 206 -11.06 48.08 73.61
CA LYS H 206 -10.54 49.43 73.49
C LYS H 206 -11.63 50.32 72.93
N SER H 207 -11.63 51.58 73.36
CA SER H 207 -12.65 52.53 72.93
C SER H 207 -12.10 53.94 73.05
N PHE H 208 -12.79 54.88 72.39
CA PHE H 208 -12.37 56.27 72.39
C PHE H 208 -13.58 57.15 72.15
N ASN H 209 -13.43 58.43 72.50
CA ASN H 209 -14.43 59.44 72.19
C ASN H 209 -14.00 60.23 70.95
N ARG H 210 -14.95 60.91 70.35
CA ARG H 210 -14.67 61.65 69.12
C ARG H 210 -13.71 62.80 69.40
N GLY H 211 -12.93 63.13 68.37
CA GLY H 211 -11.97 64.22 68.48
C GLY H 211 -10.56 63.74 68.77
N GLU I 2 27.73 -56.55 20.13
CA GLU I 2 27.33 -56.88 18.75
C GLU I 2 25.82 -56.79 18.58
N ASN I 3 25.37 -56.73 17.32
CA ASN I 3 23.94 -56.69 17.01
C ASN I 3 23.27 -55.50 17.69
N LEU I 4 23.78 -54.30 17.41
CA LEU I 4 23.13 -53.09 17.89
C LEU I 4 22.03 -52.67 16.93
N TRP I 5 21.06 -51.91 17.46
CA TRP I 5 19.88 -51.54 16.71
C TRP I 5 19.63 -50.05 16.88
N VAL I 6 18.93 -49.47 15.91
CA VAL I 6 18.78 -48.02 15.85
C VAL I 6 17.87 -47.54 16.95
N THR I 7 18.34 -46.53 17.69
CA THR I 7 17.51 -45.77 18.61
C THR I 7 17.42 -44.32 18.12
N VAL I 8 16.20 -43.80 18.07
CA VAL I 8 15.94 -42.51 17.46
C VAL I 8 15.49 -41.52 18.52
N TYR I 9 16.43 -40.76 19.06
CA TYR I 9 16.09 -39.80 20.09
C TYR I 9 15.44 -38.56 19.48
N TYR I 10 14.67 -37.85 20.28
CA TYR I 10 13.90 -36.70 19.84
C TYR I 10 14.28 -35.49 20.68
N GLY I 11 14.50 -34.35 20.01
CA GLY I 11 14.83 -33.13 20.69
C GLY I 11 16.20 -33.09 21.34
N VAL I 12 17.25 -33.49 20.64
CA VAL I 12 18.59 -33.45 21.23
C VAL I 12 19.22 -32.11 20.91
N PRO I 13 20.02 -31.49 21.80
CA PRO I 13 20.57 -30.16 21.45
C PRO I 13 21.68 -30.23 20.42
N VAL I 14 21.45 -29.64 19.25
CA VAL I 14 22.45 -29.53 18.21
C VAL I 14 21.95 -28.52 17.18
N TRP I 15 22.87 -27.78 16.58
CA TRP I 15 22.49 -26.67 15.71
C TRP I 15 23.40 -26.60 14.49
N LYS I 16 22.92 -25.88 13.48
CA LYS I 16 23.69 -25.56 12.29
C LYS I 16 23.43 -24.10 11.93
N GLU I 17 24.40 -23.49 11.26
CA GLU I 17 24.27 -22.08 10.91
C GLU I 17 23.24 -21.86 9.82
N ALA I 18 22.62 -20.68 9.85
CA ALA I 18 21.63 -20.29 8.86
C ALA I 18 21.34 -18.80 9.06
N LYS I 19 20.36 -18.29 8.32
CA LYS I 19 19.92 -16.92 8.48
C LYS I 19 18.41 -16.87 8.41
N THR I 20 17.81 -16.03 9.24
CA THR I 20 16.36 -15.97 9.36
C THR I 20 15.93 -14.58 9.80
N THR I 21 14.66 -14.27 9.54
CA THR I 21 14.09 -13.02 10.01
C THR I 21 13.99 -13.03 11.53
N LEU I 22 14.04 -11.84 12.12
CA LEU I 22 14.06 -11.68 13.57
C LEU I 22 12.97 -10.71 14.01
N PHE I 23 12.38 -11.00 15.16
CA PHE I 23 11.44 -10.06 15.78
C PHE I 23 12.19 -8.90 16.40
N CYS I 24 11.57 -7.72 16.34
CA CYS I 24 12.13 -6.52 16.95
C CYS I 24 11.26 -6.11 18.13
N ALA I 25 11.86 -6.03 19.31
CA ALA I 25 11.13 -5.65 20.51
C ALA I 25 11.16 -4.14 20.70
N SER I 26 10.20 -3.66 21.49
CA SER I 26 10.07 -2.24 21.79
C SER I 26 10.04 -2.04 23.30
N ASP I 27 10.46 -0.85 23.73
CA ASP I 27 10.53 -0.57 25.16
C ASP I 27 9.14 -0.57 25.79
N ALA I 28 9.09 -0.84 27.09
CA ALA I 28 7.82 -0.92 27.80
C ALA I 28 7.09 0.43 27.80
N LYS I 29 7.80 1.54 27.71
CA LYS I 29 7.21 2.87 27.74
C LYS I 29 7.70 3.64 26.51
N ALA I 30 7.56 3.01 25.35
CA ALA I 30 8.14 3.53 24.12
C ALA I 30 7.42 4.81 23.69
N TYR I 31 7.82 5.34 22.53
CA TYR I 31 7.30 6.61 22.04
C TYR I 31 5.80 6.76 22.30
N GLU I 32 5.01 5.80 21.86
CA GLU I 32 3.57 5.85 22.04
C GLU I 32 2.98 7.09 21.37
N THR I 41 2.56 0.31 14.97
CA THR I 41 3.40 -0.70 14.34
C THR I 41 4.76 -0.75 15.00
N HIS I 42 5.25 0.42 15.43
CA HIS I 42 6.53 0.51 16.10
C HIS I 42 6.44 1.35 17.37
N ALA I 43 5.42 2.21 17.45
CA ALA I 43 5.34 3.15 18.56
C ALA I 43 5.23 2.46 19.91
N CYS I 44 4.40 1.43 20.03
CA CYS I 44 4.20 0.80 21.33
C CYS I 44 4.11 -0.72 21.27
N VAL I 45 4.66 -1.36 20.24
CA VAL I 45 4.59 -2.82 20.12
C VAL I 45 5.81 -3.28 19.33
N PRO I 46 6.20 -4.56 19.44
CA PRO I 46 5.65 -5.63 20.30
C PRO I 46 5.98 -5.44 21.78
N THR I 47 5.87 -6.51 22.57
CA THR I 47 6.03 -6.41 24.01
C THR I 47 7.50 -6.46 24.41
N ASP I 48 7.75 -6.10 25.68
CA ASP I 48 9.10 -6.08 26.24
C ASP I 48 9.25 -7.22 27.24
N PRO I 49 10.14 -8.17 27.02
CA PRO I 49 10.28 -9.30 27.96
C PRO I 49 11.27 -8.97 29.07
N ASN I 50 11.51 -9.98 29.93
CA ASN I 50 12.54 -9.90 30.95
C ASN I 50 13.69 -10.81 30.54
N PRO I 51 14.82 -10.28 30.06
CA PRO I 51 15.87 -11.14 29.54
C PRO I 51 16.62 -11.89 30.64
N GLN I 52 17.23 -13.00 30.25
CA GLN I 52 18.08 -13.78 31.13
C GLN I 52 19.23 -14.36 30.34
N GLU I 53 20.32 -14.66 31.03
CA GLU I 53 21.52 -15.20 30.40
C GLU I 53 21.98 -16.43 31.17
N MET I 54 22.19 -17.53 30.45
CA MET I 54 22.61 -18.79 31.03
C MET I 54 24.00 -19.14 30.52
N VAL I 55 24.92 -19.40 31.45
CA VAL I 55 26.29 -19.74 31.12
C VAL I 55 26.40 -21.26 30.99
N LEU I 56 27.34 -21.71 30.17
CA LEU I 56 27.48 -23.12 29.85
C LEU I 56 28.92 -23.56 30.08
N LYS I 57 29.15 -24.87 29.92
CA LYS I 57 30.44 -25.48 30.19
C LYS I 57 30.93 -26.24 28.95
N ASN I 58 32.22 -26.15 28.70
CA ASN I 58 32.89 -26.92 27.64
C ASN I 58 32.16 -26.80 26.31
N VAL I 59 31.68 -25.61 25.97
CA VAL I 59 30.97 -25.41 24.72
C VAL I 59 31.93 -24.86 23.68
N THR I 60 32.03 -25.56 22.54
CA THR I 60 32.95 -25.20 21.47
C THR I 60 32.17 -24.58 20.32
N GLU I 61 32.59 -23.40 19.88
CA GLU I 61 31.91 -22.73 18.78
C GLU I 61 32.83 -21.65 18.22
N ASN I 62 32.54 -21.27 16.98
CA ASN I 62 33.28 -20.23 16.27
C ASN I 62 32.37 -19.06 15.96
N PHE I 63 32.97 -17.89 15.72
CA PHE I 63 32.23 -16.69 15.35
C PHE I 63 32.91 -16.03 14.16
N ASN I 64 32.18 -15.11 13.53
CA ASN I 64 32.74 -14.31 12.44
C ASN I 64 31.92 -13.02 12.36
N MET I 65 32.49 -11.93 12.88
CA MET I 65 31.78 -10.67 12.90
C MET I 65 31.67 -10.03 11.54
N TRP I 66 32.46 -10.47 10.56
CA TRP I 66 32.39 -9.89 9.22
C TRP I 66 31.36 -10.56 8.33
N LYS I 67 30.83 -11.71 8.73
CA LYS I 67 29.86 -12.45 7.93
C LYS I 67 28.49 -12.58 8.57
N ASN I 68 28.39 -12.42 9.90
CA ASN I 68 27.12 -12.65 10.59
C ASN I 68 25.99 -11.89 9.91
N ASP I 69 24.77 -12.40 10.09
CA ASP I 69 23.66 -11.96 9.25
C ASP I 69 23.06 -10.64 9.71
N MET I 70 22.52 -10.61 10.94
CA MET I 70 21.62 -9.51 11.32
C MET I 70 22.20 -8.13 11.09
N VAL I 71 23.50 -8.01 10.82
CA VAL I 71 24.06 -6.70 10.47
C VAL I 71 23.32 -6.14 9.26
N ASP I 72 23.16 -6.95 8.22
CA ASP I 72 22.42 -6.51 7.05
C ASP I 72 20.98 -6.17 7.39
N GLN I 73 20.32 -7.01 8.18
CA GLN I 73 18.90 -6.80 8.46
C GLN I 73 18.66 -5.43 9.08
N MET I 74 19.52 -5.02 10.02
CA MET I 74 19.30 -3.75 10.69
C MET I 74 19.24 -2.59 9.69
N HIS I 75 19.98 -2.69 8.58
CA HIS I 75 19.94 -1.63 7.59
C HIS I 75 18.54 -1.46 7.03
N GLU I 76 17.86 -2.57 6.75
CA GLU I 76 16.50 -2.49 6.24
C GLU I 76 15.55 -1.89 7.27
N ASP I 77 15.69 -2.30 8.54
CA ASP I 77 14.74 -1.85 9.55
C ASP I 77 14.81 -0.34 9.77
N VAL I 78 16.02 0.21 9.84
CA VAL I 78 16.16 1.64 10.10
C VAL I 78 15.55 2.44 8.96
N ILE I 79 15.88 2.08 7.72
CA ILE I 79 15.35 2.81 6.57
C ILE I 79 13.85 2.65 6.48
N SER I 80 13.33 1.47 6.81
CA SER I 80 11.88 1.26 6.80
C SER I 80 11.21 2.17 7.81
N LEU I 81 11.79 2.26 9.02
CA LEU I 81 11.22 3.13 10.04
C LEU I 81 11.21 4.59 9.56
N TRP I 82 12.33 5.05 9.01
CA TRP I 82 12.40 6.42 8.55
C TRP I 82 11.38 6.68 7.45
N ASP I 83 11.25 5.74 6.51
CA ASP I 83 10.29 5.89 5.44
C ASP I 83 8.87 5.99 5.99
N GLN I 84 8.52 5.12 6.93
CA GLN I 84 7.20 5.18 7.53
C GLN I 84 6.97 6.53 8.18
N SER I 85 7.96 7.02 8.93
CA SER I 85 7.78 8.28 9.63
C SER I 85 7.61 9.45 8.68
N LEU I 86 8.39 9.51 7.61
CA LEU I 86 8.42 10.69 6.75
C LEU I 86 7.38 10.65 5.64
N LYS I 87 6.92 9.47 5.25
CA LYS I 87 6.12 9.34 4.02
C LYS I 87 4.93 10.29 3.98
N PRO I 88 4.07 10.38 4.99
CA PRO I 88 2.88 11.24 4.88
C PRO I 88 3.15 12.72 5.02
N CYS I 89 4.31 13.12 5.53
CA CYS I 89 4.56 14.53 5.78
C CYS I 89 4.51 15.34 4.48
N VAL I 90 4.31 16.65 4.63
CA VAL I 90 4.07 17.51 3.48
C VAL I 90 5.32 17.64 2.64
N LYS I 91 5.16 17.51 1.33
CA LYS I 91 6.23 17.83 0.40
C LYS I 91 6.45 19.34 0.37
N LEU I 92 7.64 19.75 -0.06
CA LEU I 92 7.97 21.17 -0.17
C LEU I 92 8.05 21.66 -1.61
N THR I 93 7.54 20.88 -2.57
CA THR I 93 7.77 21.18 -3.98
C THR I 93 7.42 22.61 -4.36
N PRO I 94 6.26 23.16 -3.99
CA PRO I 94 5.94 24.53 -4.43
C PRO I 94 6.90 25.58 -3.93
N LEU I 95 7.64 25.31 -2.85
CA LEU I 95 8.55 26.29 -2.28
C LEU I 95 9.76 26.52 -3.19
N CYS I 96 10.14 25.54 -3.99
CA CYS I 96 11.37 25.60 -4.78
C CYS I 96 11.16 26.53 -5.97
N VAL I 97 11.50 27.81 -5.76
CA VAL I 97 11.38 28.83 -6.80
C VAL I 97 12.55 29.80 -6.67
N THR I 98 12.63 30.73 -7.62
CA THR I 98 13.77 31.62 -7.73
C THR I 98 13.87 32.57 -6.54
N LEU I 99 15.00 32.54 -5.84
CA LEU I 99 15.21 33.44 -4.71
C LEU I 99 16.00 34.66 -5.15
N ASN I 100 15.66 35.81 -4.57
CA ASN I 100 16.37 37.06 -4.79
C ASN I 100 16.85 37.59 -3.44
N CYS I 101 18.16 37.67 -3.26
CA CYS I 101 18.71 38.03 -1.96
C CYS I 101 20.05 38.72 -2.14
N THR I 102 20.28 39.74 -1.31
CA THR I 102 21.61 40.30 -1.09
C THR I 102 21.93 40.20 0.39
N ASN I 103 20.94 40.52 1.22
CA ASN I 103 20.95 40.16 2.63
C ASN I 103 22.16 40.71 3.38
N ALA I 104 22.23 42.04 3.51
CA ALA I 104 23.21 42.67 4.40
C ALA I 104 22.50 43.66 5.31
N THR I 105 21.35 43.27 5.85
CA THR I 105 20.51 44.16 6.64
C THR I 105 20.93 44.27 8.09
N ALA I 106 21.86 43.43 8.56
CA ALA I 106 22.33 43.47 9.93
C ALA I 106 23.84 43.38 9.94
N SER I 107 24.43 43.82 11.06
CA SER I 107 25.89 43.78 11.18
C SER I 107 26.43 42.37 11.06
N ASN I 108 25.60 41.36 11.30
CA ASN I 108 25.98 39.96 11.13
C ASN I 108 25.29 39.41 9.88
N SER I 109 26.00 39.44 8.76
CA SER I 109 25.45 38.97 7.49
C SER I 109 26.38 37.94 6.85
N SER I 110 27.69 38.10 7.03
CA SER I 110 28.64 37.25 6.34
C SER I 110 28.50 35.78 6.71
N ILE I 111 28.31 35.49 8.00
CA ILE I 111 28.33 34.11 8.47
C ILE I 111 27.11 33.30 8.03
N ILE I 112 26.02 33.95 7.65
CA ILE I 112 24.80 33.24 7.30
C ILE I 112 24.36 33.62 5.89
N GLU I 113 24.24 34.92 5.62
CA GLU I 113 24.02 35.46 4.29
C GLU I 113 22.61 35.19 3.76
N GLY I 114 21.82 34.40 4.48
CA GLY I 114 20.40 34.30 4.20
C GLY I 114 19.64 35.02 5.30
N MET I 115 19.12 36.21 4.99
CA MET I 115 18.64 37.13 6.01
C MET I 115 17.22 37.57 5.71
N LYS I 116 16.55 38.03 6.77
CA LYS I 116 15.22 38.61 6.68
C LYS I 116 15.32 40.06 6.22
N ASN I 117 14.20 40.57 5.74
CA ASN I 117 14.14 41.92 5.18
C ASN I 117 14.97 42.01 3.91
N CYS I 118 15.62 38.18 2.00
CA CYS I 118 15.21 37.36 0.87
C CYS I 118 13.74 37.60 0.52
N SER I 119 13.34 37.13 -0.66
CA SER I 119 11.97 37.27 -1.11
C SER I 119 11.73 36.34 -2.28
N PHE I 120 10.65 35.57 -2.20
CA PHE I 120 10.31 34.61 -3.23
C PHE I 120 8.81 34.47 -3.32
N ASN I 121 8.29 34.59 -4.54
CA ASN I 121 6.86 34.48 -4.77
C ASN I 121 6.37 33.07 -4.43
N ILE I 122 5.23 33.00 -3.75
CA ILE I 122 4.66 31.73 -3.30
C ILE I 122 3.15 31.82 -3.35
N THR I 123 2.49 30.66 -3.35
CA THR I 123 1.04 30.61 -3.38
C THR I 123 0.46 30.78 -1.99
N THR I 124 -0.57 31.61 -1.87
CA THR I 124 -1.23 31.86 -0.60
C THR I 124 -2.21 30.73 -0.30
N GLU I 125 -3.08 30.94 0.68
CA GLU I 125 -4.03 29.91 1.09
C GLU I 125 -5.19 29.75 0.11
N LEU I 126 -5.24 30.53 -0.97
CA LEU I 126 -6.19 30.33 -2.05
C LEU I 126 -5.39 30.10 -3.33
N ARG I 127 -5.86 29.16 -4.14
CA ARG I 127 -5.01 28.52 -5.14
C ARG I 127 -4.66 29.41 -6.33
N ASP I 128 -5.29 30.58 -6.49
CA ASP I 128 -5.04 31.42 -7.67
C ASP I 128 -4.68 32.83 -7.25
N LYS I 129 -3.86 32.96 -6.21
CA LYS I 129 -3.27 34.23 -5.84
C LYS I 129 -1.88 33.97 -5.26
N ARG I 130 -1.00 34.95 -5.39
CA ARG I 130 0.40 34.80 -5.01
C ARG I 130 0.79 35.87 -4.00
N GLU I 131 1.77 35.53 -3.17
CA GLU I 131 2.16 36.37 -2.04
C GLU I 131 3.68 36.39 -1.93
N LYS I 132 4.18 37.39 -1.20
CA LYS I 132 5.60 37.61 -1.00
C LYS I 132 5.95 37.40 0.47
N LYS I 133 7.02 36.66 0.72
CA LYS I 133 7.44 36.33 2.09
C LYS I 133 8.96 36.42 2.17
N ASN I 134 9.51 35.92 3.28
CA ASN I 134 10.95 35.90 3.47
C ASN I 134 11.28 35.10 4.72
N ALA I 135 12.52 34.60 4.78
CA ALA I 135 13.00 33.87 5.95
C ALA I 135 14.52 33.71 5.82
N LEU I 136 15.11 33.04 6.80
CA LEU I 136 16.55 32.89 6.85
C LEU I 136 16.99 31.59 6.17
N PHE I 137 18.29 31.54 5.82
CA PHE I 137 18.92 30.33 5.32
C PHE I 137 20.42 30.45 5.53
N TYR I 138 21.06 29.32 5.82
CA TYR I 138 22.52 29.29 5.86
C TYR I 138 23.06 28.96 4.48
N LYS I 139 24.11 29.69 4.07
CA LYS I 139 24.58 29.60 2.70
C LYS I 139 25.04 28.20 2.33
N LEU I 140 25.33 27.34 3.31
CA LEU I 140 25.69 25.96 2.99
C LEU I 140 24.52 25.19 2.38
N ASP I 141 23.31 25.74 2.44
CA ASP I 141 22.16 25.12 1.78
C ASP I 141 21.70 25.90 0.56
N ILE I 142 22.54 26.78 0.02
CA ILE I 142 22.18 27.59 -1.13
C ILE I 142 23.31 27.53 -2.15
N VAL I 143 22.96 27.70 -3.42
CA VAL I 143 23.93 27.76 -4.51
C VAL I 143 23.55 28.92 -5.41
N GLN I 144 24.53 29.41 -6.17
CA GLN I 144 24.31 30.56 -7.05
C GLN I 144 24.12 30.11 -8.49
N LEU I 145 23.09 30.64 -9.14
CA LEU I 145 22.88 30.37 -10.55
C LEU I 145 23.89 31.15 -11.39
N ASP I 146 23.99 30.76 -12.67
CA ASP I 146 24.94 31.38 -13.57
C ASP I 146 24.53 32.82 -13.88
N GLY I 147 25.53 33.68 -14.02
CA GLY I 147 25.30 35.06 -14.42
C GLY I 147 24.99 35.98 -13.25
N ASN I 148 23.73 36.39 -13.13
CA ASN I 148 23.33 37.33 -12.07
C ASN I 148 23.63 36.71 -10.72
N SER I 149 24.57 37.28 -9.99
CA SER I 149 24.97 36.76 -8.69
C SER I 149 23.95 37.02 -7.60
N SER I 150 22.77 37.58 -7.90
CA SER I 150 21.73 37.81 -6.91
C SER I 150 20.64 36.75 -6.95
N GLN I 151 20.74 35.76 -7.84
CA GLN I 151 19.75 34.69 -7.96
C GLN I 151 20.29 33.44 -7.30
N TYR I 152 19.43 32.69 -6.62
CA TYR I 152 19.84 31.51 -5.89
C TYR I 152 18.76 30.43 -5.97
N ARG I 153 19.19 29.20 -5.72
CA ARG I 153 18.34 28.02 -5.77
C ARG I 153 18.73 27.09 -4.64
N LEU I 154 17.76 26.30 -4.16
CA LEU I 154 18.06 25.32 -3.13
C LEU I 154 18.93 24.21 -3.71
N ILE I 155 19.85 23.69 -2.89
CA ILE I 155 20.93 22.86 -3.42
C ILE I 155 20.39 21.59 -4.06
N ASN I 156 19.48 20.91 -3.38
CA ASN I 156 19.05 19.58 -3.83
C ASN I 156 17.82 19.60 -4.72
N CYS I 157 17.31 20.78 -5.08
CA CYS I 157 16.08 20.83 -5.87
C CYS I 157 16.32 20.66 -7.36
N ASN I 158 17.56 20.75 -7.83
CA ASN I 158 17.81 20.47 -9.24
C ASN I 158 17.70 18.99 -9.58
N THR I 159 17.61 18.14 -8.56
CA THR I 159 17.69 16.70 -8.77
C THR I 159 16.62 15.90 -8.05
N SER I 160 15.93 16.44 -7.04
CA SER I 160 15.02 15.63 -6.26
C SER I 160 13.97 16.50 -5.59
N VAL I 161 12.96 15.83 -5.03
CA VAL I 161 11.96 16.50 -4.21
C VAL I 161 12.46 16.54 -2.77
N ILE I 162 12.00 17.55 -2.02
CA ILE I 162 12.43 17.75 -0.64
C ILE I 162 11.23 17.60 0.28
N THR I 163 11.38 16.77 1.31
CA THR I 163 10.32 16.49 2.27
C THR I 163 10.68 17.07 3.63
N GLN I 164 9.67 17.56 4.33
CA GLN I 164 9.85 18.25 5.61
C GLN I 164 9.42 17.34 6.75
N ALA I 165 10.26 17.25 7.78
CA ALA I 165 9.90 16.48 8.95
C ALA I 165 8.63 17.01 9.56
N CYS I 166 7.72 16.11 9.94
CA CYS I 166 6.45 16.53 10.51
C CYS I 166 6.70 17.25 11.83
N PRO I 167 6.16 18.47 12.01
CA PRO I 167 6.57 19.28 13.16
C PRO I 167 6.30 18.61 14.51
N LYS I 168 5.29 17.75 14.61
CA LYS I 168 4.98 17.08 15.86
C LYS I 168 5.85 15.85 16.09
N VAL I 169 6.75 15.51 15.17
CA VAL I 169 7.56 14.31 15.25
C VAL I 169 8.96 14.70 15.71
N SER I 170 9.46 14.01 16.73
CA SER I 170 10.76 14.29 17.33
C SER I 170 11.52 12.99 17.58
N PHE I 171 11.55 12.13 16.56
CA PHE I 171 12.11 10.80 16.74
C PHE I 171 13.55 10.88 17.25
N ASP I 172 13.88 9.99 18.18
CA ASP I 172 15.17 10.00 18.86
C ASP I 172 15.62 8.56 19.03
N PRO I 173 16.88 8.33 19.40
CA PRO I 173 17.39 6.94 19.40
C PRO I 173 16.85 6.09 20.56
N ILE I 174 15.65 5.55 20.37
CA ILE I 174 15.08 4.61 21.34
C ILE I 174 15.79 3.27 21.19
N PRO I 175 16.21 2.61 22.26
CA PRO I 175 16.92 1.33 22.11
C PRO I 175 16.03 0.26 21.52
N ILE I 176 16.66 -0.68 20.81
CA ILE I 176 15.97 -1.80 20.18
C ILE I 176 16.79 -3.06 20.43
N HIS I 177 16.10 -4.16 20.71
CA HIS I 177 16.73 -5.46 20.89
C HIS I 177 15.90 -6.52 20.21
N TYR I 178 16.56 -7.60 19.80
CA TYR I 178 15.98 -8.60 18.90
C TYR I 178 15.79 -9.92 19.64
N CYS I 179 14.73 -10.63 19.27
CA CYS I 179 14.43 -11.94 19.84
C CYS I 179 14.26 -12.96 18.72
N ALA I 180 14.98 -14.07 18.81
CA ALA I 180 14.91 -15.08 17.77
C ALA I 180 13.53 -15.72 17.75
N PRO I 181 13.04 -16.14 16.60
CA PRO I 181 11.74 -16.80 16.54
C PRO I 181 11.85 -18.27 16.92
N ALA I 182 10.68 -18.88 17.15
CA ALA I 182 10.63 -20.25 17.62
C ALA I 182 11.46 -21.17 16.74
N GLY I 183 12.38 -21.90 17.37
CA GLY I 183 13.22 -22.87 16.69
C GLY I 183 14.68 -22.44 16.57
N TYR I 184 14.96 -21.14 16.62
CA TYR I 184 16.32 -20.66 16.54
C TYR I 184 16.84 -20.25 17.91
N ALA I 185 18.15 -20.29 18.07
CA ALA I 185 18.79 -19.92 19.33
C ALA I 185 19.96 -19.00 19.05
N ILE I 186 20.27 -18.15 20.03
CA ILE I 186 21.26 -17.09 19.89
C ILE I 186 22.45 -17.43 20.78
N LEU I 187 23.66 -17.29 20.23
CA LEU I 187 24.90 -17.51 20.95
C LEU I 187 25.65 -16.20 21.06
N LYS I 188 26.37 -16.01 22.17
CA LYS I 188 26.85 -14.68 22.55
C LYS I 188 28.37 -14.56 22.65
N CYS I 189 29.05 -15.53 23.25
CA CYS I 189 30.49 -15.43 23.54
C CYS I 189 30.76 -14.31 24.53
N ASN I 190 31.75 -14.50 25.40
CA ASN I 190 32.04 -13.49 26.41
C ASN I 190 33.53 -13.28 26.70
N ASN I 191 34.44 -13.94 25.99
CA ASN I 191 35.86 -13.74 26.24
C ASN I 191 36.21 -12.28 25.99
N LYS I 192 36.98 -11.69 26.90
CA LYS I 192 37.18 -10.24 26.86
C LYS I 192 38.34 -9.81 25.97
N THR I 193 39.13 -10.75 25.43
CA THR I 193 40.20 -10.42 24.50
C THR I 193 39.87 -10.82 23.06
N PHE I 194 38.61 -11.06 22.75
CA PHE I 194 38.25 -11.54 21.42
C PHE I 194 38.47 -10.46 20.37
N THR I 195 39.03 -10.86 19.23
CA THR I 195 39.32 -9.92 18.16
C THR I 195 38.12 -9.65 17.25
N GLY I 196 37.03 -10.39 17.42
CA GLY I 196 35.91 -10.31 16.52
C GLY I 196 35.84 -11.41 15.48
N THR I 197 36.88 -12.24 15.38
CA THR I 197 36.88 -13.38 14.50
C THR I 197 37.71 -14.49 15.14
N GLY I 198 37.15 -15.69 15.21
CA GLY I 198 37.83 -16.83 15.77
C GLY I 198 36.99 -17.57 16.78
N PRO I 199 37.60 -18.55 17.45
CA PRO I 199 36.85 -19.36 18.42
C PRO I 199 36.63 -18.65 19.75
N CYS I 200 35.63 -19.14 20.47
CA CYS I 200 35.32 -18.67 21.82
C CYS I 200 35.34 -19.86 22.77
N ASN I 201 35.57 -19.57 24.06
CA ASN I 201 35.62 -20.60 25.08
C ASN I 201 34.74 -20.28 26.29
N ASN I 202 33.86 -19.28 26.18
CA ASN I 202 32.90 -18.96 27.23
C ASN I 202 31.53 -18.73 26.60
N VAL I 203 31.13 -19.67 25.73
CA VAL I 203 29.88 -19.53 24.99
C VAL I 203 28.72 -19.37 25.97
N SER I 204 27.64 -18.76 25.50
CA SER I 204 26.45 -18.57 26.32
C SER I 204 25.25 -18.40 25.41
N THR I 205 24.06 -18.53 26.00
CA THR I 205 22.81 -18.40 25.28
C THR I 205 21.86 -17.50 26.06
N VAL I 206 20.98 -16.81 25.32
CA VAL I 206 20.13 -15.77 25.90
C VAL I 206 18.74 -15.86 25.31
N GLN I 207 17.78 -15.26 26.03
CA GLN I 207 16.45 -15.06 25.48
C GLN I 207 16.50 -14.10 24.30
N CYS I 208 17.17 -12.96 24.49
CA CYS I 208 17.20 -11.91 23.48
C CYS I 208 18.45 -11.08 23.69
N THR I 209 18.78 -10.27 22.69
CA THR I 209 19.92 -9.38 22.77
C THR I 209 19.63 -8.22 23.72
N HIS I 210 20.69 -7.55 24.15
CA HIS I 210 20.53 -6.35 24.96
C HIS I 210 20.21 -5.16 24.06
N GLY I 211 20.14 -3.98 24.67
CA GLY I 211 19.70 -2.80 23.93
C GLY I 211 20.74 -2.36 22.90
N ILE I 212 20.24 -1.79 21.81
CA ILE I 212 21.07 -1.16 20.79
C ILE I 212 20.37 0.11 20.33
N LYS I 213 21.14 1.18 20.15
CA LYS I 213 20.56 2.45 19.73
C LYS I 213 20.91 2.75 18.29
N PRO I 214 19.94 3.21 17.47
CA PRO I 214 20.26 3.57 16.09
C PRO I 214 20.86 4.98 15.98
N VAL I 215 22.11 5.10 16.40
CA VAL I 215 22.79 6.39 16.42
C VAL I 215 23.49 6.61 15.09
N VAL I 216 23.46 7.85 14.60
CA VAL I 216 24.04 8.21 13.32
C VAL I 216 25.17 9.20 13.56
N SER I 217 26.37 8.85 13.13
CA SER I 217 27.52 9.73 13.33
C SER I 217 28.70 9.22 12.51
N THR I 218 29.74 10.06 12.43
CA THR I 218 30.93 9.74 11.67
C THR I 218 32.16 10.30 12.35
N GLN I 219 33.29 9.66 12.09
CA GLN I 219 34.60 9.97 12.66
C GLN I 219 34.71 9.51 14.11
N LEU I 220 33.57 9.19 14.73
CA LEU I 220 33.52 8.52 16.02
C LEU I 220 32.06 8.31 16.40
N LEU I 221 31.80 7.22 17.09
CA LEU I 221 30.45 6.85 17.49
C LEU I 221 30.22 7.25 18.94
N LEU I 222 29.05 7.83 19.22
CA LEU I 222 28.79 8.46 20.50
C LEU I 222 27.43 8.02 21.03
N ASN I 223 27.24 8.23 22.34
CA ASN I 223 26.07 7.77 23.08
C ASN I 223 26.01 6.25 23.15
N GLY I 224 27.01 5.57 22.59
CA GLY I 224 27.02 4.13 22.59
C GLY I 224 27.52 3.55 23.90
N SER I 225 27.38 2.24 24.04
CA SER I 225 27.87 1.56 25.22
C SER I 225 29.39 1.57 25.24
N LEU I 226 29.95 0.96 26.28
CA LEU I 226 31.39 0.96 26.52
C LEU I 226 31.91 -0.47 26.66
N ALA I 227 33.20 -0.63 26.44
CA ALA I 227 33.80 -1.95 26.50
C ALA I 227 33.91 -2.43 27.95
N GLU I 228 34.23 -3.71 28.11
CA GLU I 228 34.32 -4.34 29.42
C GLU I 228 35.76 -4.43 29.95
N GLY I 229 36.74 -4.59 29.05
CA GLY I 229 38.12 -4.69 29.46
C GLY I 229 38.93 -3.50 29.00
N GLU I 230 40.14 -3.75 28.50
CA GLU I 230 40.95 -2.69 27.91
C GLU I 230 40.59 -2.50 26.44
N ILE I 231 41.11 -1.42 25.86
CA ILE I 231 40.76 -1.08 24.48
C ILE I 231 41.06 -2.26 23.58
N ILE I 232 40.23 -2.41 22.55
CA ILE I 232 40.34 -3.51 21.59
C ILE I 232 40.42 -2.93 20.19
N ILE I 233 41.05 -3.66 19.27
CA ILE I 233 41.12 -3.29 17.87
C ILE I 233 40.68 -4.49 17.05
N ARG I 234 39.68 -4.29 16.19
CA ARG I 234 39.14 -5.33 15.34
C ARG I 234 39.31 -4.94 13.88
N SER I 235 39.52 -5.94 13.03
CA SER I 235 39.64 -5.70 11.59
C SER I 235 39.49 -7.02 10.86
N GLU I 236 39.29 -6.92 9.55
CA GLU I 236 39.35 -8.11 8.71
C GLU I 236 40.80 -8.57 8.60
N ASN I 237 40.98 -9.81 8.13
CA ASN I 237 42.31 -10.39 8.08
C ASN I 237 42.56 -11.15 6.78
N ILE I 238 41.73 -10.92 5.76
CA ILE I 238 42.01 -11.52 4.46
C ILE I 238 43.21 -10.85 3.82
N THR I 239 43.35 -9.53 3.98
CA THR I 239 44.49 -8.82 3.45
C THR I 239 44.67 -7.53 4.24
N LYS I 240 45.93 -7.12 4.39
CA LYS I 240 46.23 -5.93 5.18
C LYS I 240 45.50 -4.70 4.66
N ASN I 241 45.15 -4.68 3.38
CA ASN I 241 44.54 -3.50 2.76
C ASN I 241 43.06 -3.41 3.15
N VAL I 242 42.83 -3.18 4.44
CA VAL I 242 41.48 -3.23 4.97
C VAL I 242 40.70 -1.99 4.56
N LYS I 243 39.38 -2.10 4.64
CA LYS I 243 38.51 -0.95 4.39
C LYS I 243 38.44 -0.05 5.61
N THR I 244 37.94 -0.59 6.72
CA THR I 244 37.67 0.20 7.92
C THR I 244 38.09 -0.58 9.15
N ILE I 245 39.01 -0.03 9.92
CA ILE I 245 39.46 -0.62 11.18
C ILE I 245 38.66 0.00 12.32
N ILE I 246 38.07 -0.84 13.16
CA ILE I 246 37.28 -0.39 14.30
C ILE I 246 38.16 -0.45 15.55
N VAL I 247 38.14 0.60 16.35
CA VAL I 247 38.81 0.64 17.64
C VAL I 247 37.75 0.93 18.69
N HIS I 248 37.72 0.10 19.73
CA HIS I 248 36.64 0.09 20.72
C HIS I 248 37.21 0.54 22.06
N LEU I 249 36.61 1.59 22.62
CA LEU I 249 37.10 2.17 23.87
C LEU I 249 36.43 1.52 25.07
N ASN I 250 37.05 1.71 26.24
CA ASN I 250 36.46 1.33 27.52
C ASN I 250 36.29 2.56 28.40
N GLU I 251 37.28 3.44 28.41
CA GLU I 251 37.26 4.64 29.25
C GLU I 251 36.55 5.74 28.48
N SER I 252 35.43 6.21 29.01
CA SER I 252 34.56 7.15 28.31
C SER I 252 35.11 8.56 28.47
N VAL I 253 35.49 9.18 27.35
CA VAL I 253 35.92 10.57 27.35
C VAL I 253 34.72 11.47 27.08
N LYS I 254 34.37 12.30 28.05
CA LYS I 254 33.18 13.11 27.94
C LYS I 254 33.38 14.26 26.94
N ILE I 255 32.28 14.73 26.37
CA ILE I 255 32.29 15.82 25.41
C ILE I 255 31.02 16.63 25.54
N GLU I 256 31.13 17.94 25.32
CA GLU I 256 30.01 18.86 25.36
C GLU I 256 30.01 19.70 24.08
N CYS I 257 28.81 20.16 23.70
CA CYS I 257 28.65 21.04 22.55
C CYS I 257 27.46 21.94 22.78
N THR I 258 27.52 23.16 22.25
CA THR I 258 26.52 24.17 22.53
C THR I 258 26.31 25.06 21.32
N ARG I 259 25.19 25.77 21.32
CA ARG I 259 24.83 26.68 20.23
C ARG I 259 24.16 27.90 20.86
N PRO I 260 24.93 28.96 21.12
CA PRO I 260 24.44 30.03 22.01
C PRO I 260 23.30 30.87 21.44
N ASN I 261 23.31 31.17 20.14
CA ASN I 261 22.34 32.11 19.60
C ASN I 261 20.93 31.64 19.88
N ASN I 262 20.00 32.60 19.95
CA ASN I 262 18.59 32.28 20.16
C ASN I 262 17.86 32.40 18.83
N LYS I 263 17.43 31.26 18.29
CA LYS I 263 16.69 31.24 17.04
C LYS I 263 15.22 31.55 17.29
N THR I 264 14.60 32.27 16.37
CA THR I 264 13.19 32.63 16.45
C THR I 264 12.42 31.88 15.37
N ARG I 265 11.36 31.18 15.78
CA ARG I 265 10.59 30.40 14.84
C ARG I 265 9.57 31.25 14.11
N THR I 266 9.54 31.11 12.79
CA THR I 266 8.53 31.74 11.95
C THR I 266 7.98 30.68 11.01
N SER I 267 6.83 30.99 10.39
CA SER I 267 6.13 29.97 9.62
C SER I 267 5.45 30.60 8.42
N ILE I 268 5.18 29.74 7.42
CA ILE I 268 4.34 30.05 6.28
C ILE I 268 3.38 28.89 6.10
N ARG I 269 2.29 29.13 5.39
CA ARG I 269 1.28 28.11 5.14
C ARG I 269 1.17 27.85 3.64
N ILE I 270 1.26 26.58 3.25
CA ILE I 270 1.07 26.17 1.87
C ILE I 270 -0.25 25.43 1.75
N GLY I 271 -2.32 26.71 -0.05
CA GLY I 271 -3.13 25.70 0.61
C GLY I 271 -2.70 24.30 0.23
N PRO I 272 -3.54 23.31 0.56
CA PRO I 272 -4.80 23.41 1.31
C PRO I 272 -4.65 23.41 2.83
N GLY I 273 -3.81 22.55 3.41
CA GLY I 273 -3.82 22.37 4.85
C GLY I 273 -2.49 22.09 5.52
N GLN I 274 -1.38 22.51 4.92
CA GLN I 274 -0.06 22.13 5.43
C GLN I 274 0.81 23.36 5.60
N TRP I 275 1.49 23.46 6.73
CA TRP I 275 2.30 24.61 7.06
C TRP I 275 3.78 24.32 6.81
N PHE I 276 4.54 25.39 6.63
CA PHE I 276 5.97 25.33 6.42
C PHE I 276 6.68 26.21 7.44
N TYR I 277 7.83 25.74 7.91
CA TYR I 277 8.58 26.41 8.96
C TYR I 277 9.92 26.89 8.42
N ALA I 278 10.50 27.88 9.10
CA ALA I 278 11.79 28.43 8.73
C ALA I 278 12.33 29.20 9.91
N THR I 279 13.49 29.83 9.71
CA THR I 279 14.10 30.66 10.74
C THR I 279 13.87 32.12 10.43
N GLY I 280 13.49 32.90 11.44
CA GLY I 280 13.18 34.30 11.26
C GLY I 280 14.12 35.22 12.01
N GLN I 281 13.59 35.94 13.01
CA GLN I 281 14.40 36.89 13.75
C GLN I 281 15.50 36.18 14.53
N VAL I 282 16.60 36.89 14.76
CA VAL I 282 17.72 36.40 15.55
C VAL I 282 17.87 37.32 16.76
N ILE I 283 18.02 36.70 17.94
CA ILE I 283 18.10 37.42 19.20
C ILE I 283 19.45 37.15 19.85
N GLY I 284 20.06 38.20 20.41
CA GLY I 284 21.32 38.08 21.12
C GLY I 284 22.52 38.23 20.21
N ASP I 285 23.69 38.35 20.84
CA ASP I 285 24.94 38.49 20.12
C ASP I 285 25.27 37.18 19.41
N ILE I 286 26.00 37.30 18.29
CA ILE I 286 26.22 36.19 17.38
C ILE I 286 27.59 35.58 17.65
N ARG I 287 27.65 34.25 17.67
CA ARG I 287 28.89 33.50 17.85
C ARG I 287 28.80 32.21 17.05
N GLU I 288 29.95 31.58 16.83
CA GLU I 288 29.99 30.29 16.16
C GLU I 288 29.87 29.17 17.19
N ALA I 289 29.14 28.12 16.81
CA ALA I 289 28.98 26.97 17.69
C ALA I 289 30.33 26.29 17.94
N TYR I 290 30.44 25.64 19.10
CA TYR I 290 31.72 25.10 19.52
C TYR I 290 31.50 23.92 20.47
N CYS I 291 32.60 23.27 20.82
CA CYS I 291 32.61 22.15 21.75
C CYS I 291 33.87 22.22 22.59
N ASN I 292 33.94 21.37 23.60
CA ASN I 292 35.06 21.35 24.54
C ASN I 292 35.51 19.92 24.79
N ILE I 293 36.77 19.76 25.17
CA ILE I 293 37.37 18.46 25.42
C ILE I 293 38.44 18.60 26.50
N ASN I 294 38.60 17.56 27.31
CA ASN I 294 39.61 17.52 28.35
C ASN I 294 40.89 16.94 27.76
N GLU I 295 41.83 17.80 27.39
CA GLU I 295 43.02 17.34 26.68
C GLU I 295 43.74 16.25 27.44
N SER I 296 43.72 16.29 28.77
CA SER I 296 44.31 15.22 29.56
C SER I 296 43.79 13.86 29.10
N LYS I 297 42.47 13.69 29.18
CA LYS I 297 41.87 12.39 28.87
C LYS I 297 42.11 12.01 27.41
N TRP I 298 41.96 12.96 26.50
CA TRP I 298 42.10 12.65 25.09
C TRP I 298 43.52 12.19 24.76
N ASN I 299 44.52 12.90 25.29
CA ASN I 299 45.90 12.51 25.01
C ASN I 299 46.23 11.18 25.66
N GLU I 300 45.71 10.93 26.86
CA GLU I 300 45.96 9.63 27.50
C GLU I 300 45.35 8.50 26.67
N THR I 301 44.11 8.69 26.21
CA THR I 301 43.46 7.67 25.40
C THR I 301 44.22 7.43 24.11
N LEU I 302 44.67 8.50 23.47
CA LEU I 302 45.46 8.35 22.25
C LEU I 302 46.76 7.62 22.52
N GLN I 303 47.39 7.91 23.66
CA GLN I 303 48.60 7.18 24.05
C GLN I 303 48.32 5.68 24.13
N ARG I 304 47.27 5.31 24.85
CA ARG I 304 46.97 3.89 24.99
C ARG I 304 46.65 3.26 23.64
N VAL I 305 45.89 3.96 22.79
CA VAL I 305 45.56 3.43 21.48
C VAL I 305 46.82 3.20 20.66
N SER I 306 47.73 4.17 20.69
CA SER I 306 48.98 4.05 19.95
C SER I 306 49.79 2.85 20.45
N LYS I 307 49.85 2.68 21.76
CA LYS I 307 50.67 1.58 22.30
C LYS I 307 49.98 0.23 22.14
N LYS I 308 48.68 0.20 21.85
CA LYS I 308 48.01 -1.03 21.45
C LYS I 308 48.04 -1.23 19.95
N LEU I 309 48.00 -0.14 19.19
CA LEU I 309 47.90 -0.25 17.74
C LEU I 309 49.14 -0.90 17.14
N LYS I 310 50.30 -0.74 17.78
CA LYS I 310 51.54 -1.21 17.18
C LYS I 310 51.63 -2.73 17.12
N GLU I 311 50.71 -3.45 17.77
CA GLU I 311 50.84 -4.90 17.82
C GLU I 311 50.82 -5.51 16.41
N TYR I 312 49.95 -5.03 15.53
CA TYR I 312 49.92 -5.51 14.16
C TYR I 312 51.02 -4.88 13.29
N PHE I 313 51.67 -3.82 13.78
CA PHE I 313 52.73 -3.13 13.04
C PHE I 313 53.93 -3.02 13.96
N PRO I 314 54.78 -4.06 13.99
CA PRO I 314 55.71 -4.20 15.13
C PRO I 314 56.68 -3.05 15.32
N HIS I 315 57.21 -2.46 14.25
CA HIS I 315 58.40 -1.62 14.39
C HIS I 315 58.34 -0.26 13.71
N LYS I 316 57.25 0.07 13.02
CA LYS I 316 57.21 1.34 12.31
C LYS I 316 56.67 2.44 13.21
N ASN I 317 57.04 3.68 12.88
CA ASN I 317 56.50 4.83 13.57
C ASN I 317 55.02 4.99 13.26
N ILE I 318 54.32 5.73 14.12
CA ILE I 318 52.88 5.92 14.01
C ILE I 318 52.60 7.42 14.07
N THR I 319 51.77 7.90 13.15
CA THR I 319 51.46 9.31 13.06
C THR I 319 50.07 9.50 12.48
N PHE I 320 49.32 10.44 13.05
CA PHE I 320 47.96 10.74 12.63
C PHE I 320 47.93 12.00 11.79
N GLN I 321 46.89 12.13 10.97
CA GLN I 321 46.67 13.32 10.17
C GLN I 321 45.18 13.46 9.92
N PRO I 322 44.69 14.66 9.69
CA PRO I 322 43.24 14.85 9.53
C PRO I 322 42.73 14.24 8.23
N SER I 323 41.42 13.97 8.22
CA SER I 323 40.79 13.40 7.05
C SER I 323 41.02 14.30 5.83
N SER I 324 40.72 13.75 4.66
CA SER I 324 40.96 14.46 3.40
C SER I 324 39.81 14.21 2.43
N GLY I 325 39.26 15.29 1.90
CA GLY I 325 38.37 15.22 0.76
C GLY I 325 36.96 14.75 1.08
N GLY I 326 36.16 14.69 0.02
CA GLY I 326 34.79 14.21 0.10
C GLY I 326 33.84 15.28 0.62
N ASP I 327 32.55 14.96 0.52
CA ASP I 327 31.53 15.83 1.08
C ASP I 327 31.76 15.99 2.58
N LEU I 328 31.01 16.92 3.18
CA LEU I 328 31.22 17.22 4.58
C LEU I 328 30.89 16.04 5.48
N GLU I 329 30.19 15.02 4.97
CA GLU I 329 29.84 13.88 5.82
C GLU I 329 31.04 13.10 6.31
N ILE I 330 32.22 13.30 5.73
CA ILE I 330 33.42 12.61 6.20
C ILE I 330 34.56 13.55 6.54
N THR I 331 34.66 14.74 5.96
CA THR I 331 35.75 15.65 6.33
C THR I 331 35.68 16.04 7.79
N THR I 332 34.51 15.93 8.41
CA THR I 332 34.28 16.44 9.75
C THR I 332 33.56 15.39 10.59
N HIS I 333 33.37 15.73 11.86
CA HIS I 333 32.51 14.94 12.72
C HIS I 333 31.06 15.38 12.56
N SER I 334 30.18 14.42 12.36
CA SER I 334 28.76 14.69 12.15
C SER I 334 27.94 13.96 13.20
N PHE I 335 27.12 14.70 13.92
CA PHE I 335 26.24 14.13 14.94
C PHE I 335 25.10 15.12 15.15
N ASN I 336 24.02 14.62 15.75
CA ASN I 336 22.84 15.44 15.95
C ASN I 336 22.40 15.37 17.41
N CYS I 337 22.09 16.54 17.96
CA CYS I 337 21.49 16.68 19.27
C CYS I 337 20.19 17.43 19.11
N GLY I 338 19.21 17.10 19.94
CA GLY I 338 17.91 17.73 19.80
C GLY I 338 17.31 17.44 18.44
N GLY I 339 16.87 18.50 17.77
CA GLY I 339 16.27 18.39 16.45
C GLY I 339 17.06 18.99 15.33
N GLU I 340 18.38 19.18 15.48
CA GLU I 340 19.19 19.82 14.45
C GLU I 340 20.55 19.14 14.38
N PHE I 341 21.19 19.27 13.23
CA PHE I 341 22.42 18.54 12.92
C PHE I 341 23.64 19.43 13.14
N PHE I 342 24.82 18.81 13.06
CA PHE I 342 26.08 19.51 13.29
C PHE I 342 27.16 18.97 12.35
N TYR I 343 28.19 19.79 12.15
CA TYR I 343 29.42 19.40 11.47
C TYR I 343 30.58 20.11 12.13
N CYS I 344 31.62 19.35 12.51
CA CYS I 344 32.70 19.88 13.34
C CYS I 344 34.04 19.50 12.76
N ASN I 345 34.85 20.50 12.43
CA ASN I 345 36.21 20.26 11.96
C ASN I 345 37.06 19.72 13.10
N THR I 346 37.79 18.64 12.84
CA THR I 346 38.56 17.97 13.88
C THR I 346 40.04 17.87 13.56
N SER I 347 40.61 18.86 12.88
CA SER I 347 42.05 18.80 12.56
C SER I 347 42.89 18.80 13.83
N SER I 348 42.55 19.66 14.79
CA SER I 348 43.39 19.81 15.97
C SER I 348 43.42 18.52 16.80
N LEU I 349 42.36 17.72 16.76
CA LEU I 349 42.27 16.56 17.63
C LEU I 349 42.98 15.33 17.09
N PHE I 350 43.72 15.44 15.99
CA PHE I 350 44.43 14.30 15.42
C PHE I 350 45.82 14.62 14.90
N ASN I 351 46.32 15.85 15.08
CA ASN I 351 47.65 16.23 14.61
C ASN I 351 48.68 15.82 15.65
N ARG I 352 48.98 14.52 15.68
CA ARG I 352 49.89 13.96 16.67
C ARG I 352 50.82 12.97 15.98
N THR I 353 51.79 12.48 16.75
CA THR I 353 52.74 11.49 16.25
C THR I 353 53.34 10.74 17.42
N TYR I 354 54.02 9.64 17.11
CA TYR I 354 54.67 8.81 18.13
C TYR I 354 55.82 8.04 17.49
N MET I 355 56.61 7.41 18.35
CA MET I 355 57.66 6.50 17.91
C MET I 355 57.90 5.46 19.01
N ALA I 356 58.55 4.36 18.62
CA ALA I 356 58.84 3.30 19.57
C ALA I 356 59.85 3.78 20.62
N ASN I 357 59.69 3.27 21.83
CA ASN I 357 60.57 3.63 22.94
C ASN I 357 60.55 5.14 23.18
N ASN I 368 41.05 17.43 35.92
CA ASN I 368 41.15 16.92 34.56
C ASN I 368 40.87 18.01 33.53
N SER I 369 40.67 19.24 33.99
CA SER I 369 40.28 20.34 33.13
C SER I 369 41.45 21.19 32.65
N THR I 370 42.68 20.83 33.00
CA THR I 370 43.83 21.57 32.52
C THR I 370 44.03 21.32 31.03
N ARG I 371 44.51 22.35 30.34
CA ARG I 371 44.78 22.30 28.89
C ARG I 371 43.51 21.99 28.09
N THR I 372 42.36 22.48 28.51
CA THR I 372 41.12 22.20 27.80
C THR I 372 41.18 22.73 26.37
N ILE I 373 40.61 21.96 25.44
CA ILE I 373 40.64 22.30 24.02
C ILE I 373 39.23 22.68 23.58
N THR I 374 39.16 23.47 22.51
CA THR I 374 37.88 23.88 21.91
C THR I 374 37.94 23.65 20.41
N ILE I 375 36.77 23.39 19.83
CA ILE I 375 36.63 23.16 18.39
C ILE I 375 35.40 23.90 17.91
N HIS I 376 35.46 24.41 16.68
CA HIS I 376 34.42 25.29 16.13
C HIS I 376 33.67 24.55 15.03
N CYS I 377 32.34 24.59 15.09
CA CYS I 377 31.49 23.78 14.24
C CYS I 377 30.59 24.66 13.40
N ARG I 378 29.74 24.02 12.60
CA ARG I 378 28.70 24.68 11.82
C ARG I 378 27.48 23.78 11.75
N ILE I 379 26.34 24.39 11.45
CA ILE I 379 25.09 23.67 11.27
C ILE I 379 24.47 24.07 9.94
N LYS I 380 24.03 23.07 9.18
CA LYS I 380 23.29 23.30 7.95
C LYS I 380 21.99 22.50 8.03
N GLN I 381 20.95 23.04 7.40
CA GLN I 381 19.62 22.47 7.52
C GLN I 381 19.41 21.27 6.60
N ILE I 382 19.52 21.46 5.29
CA ILE I 382 19.21 20.42 4.33
C ILE I 382 20.19 19.28 4.49
N ILE I 383 19.70 18.04 4.51
CA ILE I 383 20.51 16.87 4.74
C ILE I 383 20.15 15.80 3.71
N ASN I 384 21.10 14.90 3.45
CA ASN I 384 20.87 13.70 2.66
C ASN I 384 21.11 12.49 3.55
N MET I 385 20.22 11.51 3.49
CA MET I 385 20.49 10.23 4.11
C MET I 385 21.82 9.71 3.58
N TRP I 386 22.73 9.37 4.50
CA TRP I 386 24.15 9.34 4.16
C TRP I 386 24.45 8.59 2.87
N GLN I 387 23.58 7.66 2.48
CA GLN I 387 23.89 6.83 1.33
C GLN I 387 23.26 7.36 0.04
N GLU I 388 21.95 7.57 0.05
CA GLU I 388 21.18 7.69 -1.18
C GLU I 388 21.22 9.10 -1.75
N VAL I 389 20.65 9.25 -2.94
CA VAL I 389 20.26 10.54 -3.49
C VAL I 389 18.74 10.54 -3.51
N GLY I 390 18.14 11.67 -3.86
CA GLY I 390 16.73 11.69 -4.15
C GLY I 390 15.81 11.86 -2.97
N ARG I 391 16.32 11.89 -1.74
CA ARG I 391 15.47 11.96 -0.57
C ARG I 391 15.99 12.92 0.48
N ALA I 392 16.38 14.12 0.07
CA ALA I 392 16.88 15.10 1.01
C ALA I 392 15.84 15.42 2.07
N MET I 393 16.23 15.24 3.34
CA MET I 393 15.38 15.65 4.45
C MET I 393 15.61 17.12 4.77
N TYR I 394 14.57 17.80 5.23
CA TYR I 394 14.66 19.19 5.64
C TYR I 394 14.27 19.28 7.10
N ALA I 395 15.11 19.93 7.90
CA ALA I 395 14.86 20.01 9.33
C ALA I 395 14.23 21.36 9.68
N PRO I 396 13.22 21.39 10.54
CA PRO I 396 12.66 22.67 10.96
C PRO I 396 13.51 23.27 12.07
N PRO I 397 13.78 24.57 12.03
CA PRO I 397 14.68 25.17 13.03
C PRO I 397 14.05 25.12 14.42
N ILE I 398 14.93 25.03 15.42
CA ILE I 398 14.53 24.98 16.83
C ILE I 398 14.82 26.33 17.45
N ALA I 399 13.81 26.93 18.08
CA ALA I 399 13.98 28.23 18.70
C ALA I 399 14.75 28.11 20.01
N GLY I 400 15.47 29.18 20.35
CA GLY I 400 16.23 29.20 21.59
C GLY I 400 17.59 28.55 21.45
N ASN I 401 18.28 28.48 22.59
CA ASN I 401 19.60 27.88 22.64
C ASN I 401 19.52 26.40 22.95
N ILE I 402 20.52 25.65 22.50
CA ILE I 402 20.55 24.20 22.63
C ILE I 402 21.93 23.78 23.14
N THR I 403 21.94 22.79 24.03
CA THR I 403 23.17 22.20 24.54
C THR I 403 22.89 20.76 24.91
N CYS I 404 23.91 19.91 24.77
CA CYS I 404 23.77 18.49 25.06
C CYS I 404 25.10 17.93 25.53
N ILE I 405 25.09 17.29 26.70
CA ILE I 405 26.22 16.49 27.13
C ILE I 405 26.28 15.23 26.29
N SER I 406 27.48 14.69 26.10
CA SER I 406 27.63 13.48 25.32
C SER I 406 28.99 12.87 25.62
N ASN I 407 29.13 11.59 25.29
CA ASN I 407 30.38 10.87 25.50
C ASN I 407 30.58 9.87 24.37
N ILE I 408 31.84 9.48 24.17
CA ILE I 408 32.25 8.75 22.98
C ILE I 408 32.91 7.44 23.41
N THR I 409 32.93 6.49 22.49
CA THR I 409 33.35 5.13 22.83
C THR I 409 34.22 4.44 21.79
N GLY I 410 34.41 4.99 20.60
CA GLY I 410 35.21 4.31 19.60
C GLY I 410 35.50 5.22 18.42
N LEU I 411 36.43 4.74 17.58
CA LEU I 411 36.90 5.50 16.43
C LEU I 411 36.97 4.58 15.21
N LEU I 412 36.86 5.17 14.03
CA LEU I 412 36.93 4.45 12.77
C LEU I 412 38.17 4.95 12.03
N LEU I 413 39.10 4.04 11.75
CA LEU I 413 40.38 4.40 11.16
C LEU I 413 40.60 3.65 9.85
N THR I 414 41.09 4.38 8.84
CA THR I 414 41.55 3.80 7.59
C THR I 414 42.99 4.26 7.36
N ARG I 415 43.72 3.49 6.57
CA ARG I 415 45.17 3.69 6.46
C ARG I 415 45.58 3.92 5.01
N ASP I 416 46.59 4.78 4.85
CA ASP I 416 47.15 5.13 3.54
C ASP I 416 48.05 4.02 3.04
N TYR I 417 48.88 4.32 2.05
CA TYR I 417 49.94 3.41 1.65
C TYR I 417 51.12 3.55 2.58
N GLY I 418 51.42 2.48 3.33
CA GLY I 418 52.57 2.50 4.22
C GLY I 418 53.85 2.72 3.43
N LYS I 419 54.64 3.70 3.86
CA LYS I 419 55.87 4.06 3.16
C LYS I 419 57.05 4.09 4.12
N ASN I 420 58.17 3.53 3.67
CA ASN I 420 59.45 3.62 4.37
C ASN I 420 59.26 3.09 5.79
N ASN I 421 59.79 3.75 6.81
CA ASN I 421 59.75 3.27 8.19
C ASN I 421 58.57 3.86 8.98
N THR I 422 57.53 4.33 8.30
CA THR I 422 56.43 5.01 8.96
C THR I 422 55.10 4.46 8.46
N GLU I 423 54.11 4.44 9.35
CA GLU I 423 52.76 4.03 9.02
C GLU I 423 51.80 5.07 9.54
N THR I 424 50.63 5.18 8.90
CA THR I 424 49.74 6.30 9.20
C THR I 424 48.30 5.83 9.19
N PHE I 425 47.48 6.50 10.00
CA PHE I 425 46.04 6.26 10.07
C PHE I 425 45.33 7.61 9.91
N ARG I 426 44.10 7.58 9.43
CA ARG I 426 43.31 8.78 9.28
C ARG I 426 41.83 8.46 9.47
N PRO I 427 41.04 9.42 9.93
CA PRO I 427 39.66 9.11 10.31
C PRO I 427 38.70 9.15 9.12
N GLY I 428 37.83 8.15 9.05
CA GLY I 428 36.83 8.08 8.01
C GLY I 428 35.54 7.45 8.50
N GLY I 429 34.96 6.55 7.71
CA GLY I 429 33.78 5.82 8.14
C GLY I 429 32.47 6.37 7.62
N GLY I 430 32.38 6.68 6.33
CA GLY I 430 31.16 7.23 5.78
C GLY I 430 30.08 6.20 5.54
N ASN I 431 30.45 4.93 5.45
CA ASN I 431 29.48 3.86 5.22
C ASN I 431 28.70 3.64 6.51
N MET I 432 27.38 3.81 6.45
CA MET I 432 26.56 3.66 7.64
C MET I 432 26.57 2.24 8.17
N LYS I 433 27.04 1.28 7.38
CA LYS I 433 27.03 -0.12 7.83
C LYS I 433 27.91 -0.31 9.06
N ASP I 434 29.11 0.27 9.05
CA ASP I 434 30.09 -0.05 10.08
C ASP I 434 29.61 0.32 11.48
N ASN I 435 28.90 1.44 11.63
CA ASN I 435 28.46 1.86 12.96
C ASN I 435 27.75 0.73 13.68
N TRP I 436 26.78 0.09 13.02
CA TRP I 436 26.08 -1.03 13.63
C TRP I 436 26.97 -2.26 13.72
N ARG I 437 27.96 -2.37 12.83
CA ARG I 437 28.92 -3.47 12.95
C ARG I 437 29.67 -3.39 14.27
N SER I 438 29.71 -2.22 14.89
CA SER I 438 30.44 -2.01 16.14
C SER I 438 29.61 -2.32 17.38
N GLU I 439 28.37 -2.80 17.21
CA GLU I 439 27.53 -3.11 18.36
C GLU I 439 26.76 -4.40 18.17
N LEU I 440 27.16 -5.24 17.20
CA LEU I 440 26.55 -6.56 17.01
C LEU I 440 27.60 -7.62 16.70
N TYR I 441 28.85 -7.39 17.09
CA TYR I 441 29.89 -8.40 16.93
C TYR I 441 29.62 -9.64 17.76
N LYS I 442 28.71 -9.55 18.75
CA LYS I 442 28.49 -10.63 19.69
C LYS I 442 27.72 -11.80 19.08
N TYR I 443 26.53 -11.53 18.57
CA TYR I 443 25.55 -12.57 18.35
C TYR I 443 25.76 -13.29 17.03
N LYS I 444 25.51 -14.60 17.05
CA LYS I 444 25.37 -15.41 15.86
C LYS I 444 24.14 -16.29 16.03
N VAL I 445 23.25 -16.29 15.03
CA VAL I 445 21.96 -16.95 15.12
C VAL I 445 22.05 -18.29 14.42
N VAL I 446 21.52 -19.34 15.05
CA VAL I 446 21.56 -20.69 14.52
C VAL I 446 20.22 -21.37 14.74
N LYS I 447 20.02 -22.48 14.04
CA LYS I 447 18.79 -23.26 14.11
C LYS I 447 19.08 -24.59 14.79
N ILE I 448 18.11 -25.09 15.56
CA ILE I 448 18.26 -26.36 16.24
C ILE I 448 17.76 -27.49 15.35
N GLU I 449 18.43 -28.63 15.39
CA GLU I 449 18.01 -29.85 14.70
C GLU I 449 17.64 -30.88 15.74
N PRO I 450 16.36 -31.04 16.06
CA PRO I 450 15.98 -31.85 17.23
C PRO I 450 15.92 -33.35 16.96
N LEU I 451 16.50 -33.84 15.87
CA LEU I 451 16.37 -35.23 15.49
C LEU I 451 17.74 -35.84 15.21
N GLY I 452 17.91 -37.09 15.62
CA GLY I 452 19.16 -37.79 15.39
C GLY I 452 18.95 -39.28 15.56
N VAL I 453 20.06 -40.01 15.56
CA VAL I 453 20.03 -41.47 15.68
C VAL I 453 21.22 -41.96 16.50
N ALA I 454 21.15 -43.22 16.92
CA ALA I 454 22.22 -43.87 17.65
C ALA I 454 21.89 -45.34 17.79
N PRO I 455 22.87 -46.18 18.15
CA PRO I 455 22.59 -47.60 18.38
C PRO I 455 22.33 -47.92 19.85
N THR I 456 21.54 -48.97 20.09
CA THR I 456 21.35 -49.50 21.44
C THR I 456 20.79 -50.91 21.33
N ARG I 457 20.23 -51.42 22.44
CA ARG I 457 19.75 -52.80 22.51
C ARG I 457 18.67 -52.85 23.59
N CYS I 458 17.39 -52.80 23.18
CA CYS I 458 16.29 -52.59 24.11
C CYS I 458 15.14 -53.61 24.03
N LYS I 459 14.76 -54.07 22.84
CA LYS I 459 13.73 -55.09 22.61
C LYS I 459 12.30 -54.57 22.83
N ARG I 460 11.38 -55.00 21.95
CA ARG I 460 9.97 -54.63 22.08
C ARG I 460 9.30 -55.33 23.24
N ARG I 461 9.51 -56.63 23.39
CA ARG I 461 8.90 -57.43 24.44
C ARG I 461 7.38 -57.48 24.31
N VAL I 462 6.86 -57.47 23.09
CA VAL I 462 5.43 -57.59 22.86
C VAL I 462 4.98 -59.03 23.11
N VAL J 13 6.79 -20.22 29.82
CA VAL J 13 7.73 -21.12 30.53
C VAL J 13 9.04 -21.19 29.77
N PHE J 14 10.13 -20.82 30.44
CA PHE J 14 11.45 -20.85 29.81
C PHE J 14 12.51 -20.93 30.89
N LEU J 15 13.36 -21.96 30.83
CA LEU J 15 14.47 -22.09 31.74
C LEU J 15 15.35 -23.24 31.28
N GLY J 16 16.66 -23.06 31.44
CA GLY J 16 17.61 -24.11 31.15
C GLY J 16 17.64 -24.53 29.68
N PHE J 17 17.08 -23.69 28.81
CA PHE J 17 17.07 -24.02 27.39
C PHE J 17 18.49 -24.28 26.91
N LEU J 18 18.67 -25.38 26.18
CA LEU J 18 19.99 -25.83 25.74
C LEU J 18 20.94 -26.07 26.89
N GLY J 19 20.42 -26.19 28.11
CA GLY J 19 21.28 -26.19 29.29
C GLY J 19 22.24 -27.35 29.35
N ALA J 20 21.76 -28.56 29.10
CA ALA J 20 22.58 -29.75 29.29
C ALA J 20 23.54 -30.00 28.13
N ALA J 21 23.49 -29.19 27.08
CA ALA J 21 24.37 -29.38 25.94
C ALA J 21 25.80 -29.51 26.40
N GLY J 22 26.56 -30.37 25.71
CA GLY J 22 27.96 -30.59 26.01
C GLY J 22 28.22 -31.69 27.01
N SER J 23 27.22 -32.13 27.76
CA SER J 23 27.42 -33.18 28.74
C SER J 23 27.47 -34.54 28.05
N THR J 24 27.51 -35.60 28.86
CA THR J 24 27.43 -36.95 28.31
C THR J 24 26.08 -37.18 27.67
N MET J 25 26.07 -37.96 26.59
CA MET J 25 24.82 -38.24 25.90
C MET J 25 23.80 -38.89 26.82
N GLY J 26 24.26 -39.77 27.71
CA GLY J 26 23.38 -40.42 28.65
C GLY J 26 22.56 -39.43 29.45
N ALA J 27 23.23 -38.61 30.25
CA ALA J 27 22.53 -37.58 31.01
C ALA J 27 21.81 -36.61 30.09
N ALA J 28 22.43 -36.26 28.96
CA ALA J 28 21.78 -35.36 28.01
C ALA J 28 20.38 -35.86 27.68
N SER J 29 20.25 -37.16 27.39
CA SER J 29 18.94 -37.72 27.09
C SER J 29 17.98 -37.59 28.26
N MET J 30 18.49 -37.38 29.48
CA MET J 30 17.63 -37.21 30.65
C MET J 30 17.07 -35.80 30.78
N THR J 31 17.13 -34.98 29.73
CA THR J 31 16.76 -33.58 29.81
C THR J 31 15.99 -33.11 28.58
N LEU J 32 15.39 -34.03 27.81
CA LEU J 32 14.76 -33.65 26.56
C LEU J 32 13.48 -32.86 26.78
N THR J 33 12.70 -33.22 27.81
CA THR J 33 11.42 -32.55 28.03
C THR J 33 11.60 -31.05 28.22
N VAL J 34 12.75 -30.62 28.75
CA VAL J 34 12.98 -29.19 28.95
C VAL J 34 12.89 -28.45 27.63
N GLN J 35 13.43 -29.02 26.56
CA GLN J 35 13.46 -28.38 25.25
C GLN J 35 12.41 -28.91 24.30
N ALA J 36 11.54 -29.81 24.74
CA ALA J 36 10.48 -30.29 23.87
C ALA J 36 9.33 -29.29 23.76
N ARG J 37 9.31 -28.26 24.61
CA ARG J 37 8.18 -27.37 24.76
C ARG J 37 8.39 -25.99 24.12
N ASN J 38 8.99 -25.93 22.94
CA ASN J 38 9.47 -24.67 22.38
C ASN J 38 8.55 -24.05 21.33
N LEU J 39 7.33 -24.54 21.16
CA LEU J 39 6.40 -23.87 20.25
C LEU J 39 5.92 -22.56 20.84
N LEU J 40 5.89 -21.52 20.02
CA LEU J 40 5.41 -20.21 20.43
C LEU J 40 4.98 -19.43 19.20
N SER J 41 4.23 -18.36 19.43
CA SER J 41 3.82 -17.47 18.36
C SER J 41 3.09 -18.23 17.25
N GLY J 67 8.75 -3.53 9.70
CA GLY J 67 8.06 -4.21 8.62
C GLY J 67 6.67 -4.64 9.01
N ILE J 68 5.90 -5.14 8.03
CA ILE J 68 4.52 -5.57 8.26
C ILE J 68 4.28 -7.01 7.84
N LYS J 69 5.31 -7.75 7.41
CA LYS J 69 5.14 -9.12 6.97
C LYS J 69 5.48 -10.08 8.11
N GLN J 70 5.18 -9.67 9.35
CA GLN J 70 5.64 -10.38 10.52
C GLN J 70 5.09 -11.79 10.63
N LEU J 71 3.97 -12.10 9.96
CA LEU J 71 3.37 -13.42 10.05
C LEU J 71 4.22 -14.49 9.39
N GLN J 72 5.21 -14.11 8.57
CA GLN J 72 5.95 -15.10 7.79
C GLN J 72 6.74 -16.05 8.69
N ALA J 73 7.41 -15.51 9.71
CA ALA J 73 8.30 -16.33 10.52
C ALA J 73 7.52 -17.38 11.32
N ARG J 74 6.38 -17.00 11.90
CA ARG J 74 5.65 -17.91 12.76
C ARG J 74 5.20 -19.15 11.99
N VAL J 75 4.65 -18.95 10.79
CA VAL J 75 4.19 -20.08 9.99
C VAL J 75 5.35 -21.01 9.68
N LEU J 76 6.54 -20.44 9.43
CA LEU J 76 7.71 -21.28 9.21
C LEU J 76 7.97 -22.18 10.39
N ALA J 77 7.94 -21.64 11.60
CA ALA J 77 8.18 -22.46 12.79
C ALA J 77 7.12 -23.55 12.92
N VAL J 78 5.86 -23.20 12.72
CA VAL J 78 4.80 -24.19 12.88
C VAL J 78 4.98 -25.33 11.89
N GLU J 79 5.19 -24.99 10.62
CA GLU J 79 5.32 -26.04 9.62
C GLU J 79 6.60 -26.85 9.81
N ARG J 80 7.67 -26.21 10.26
CA ARG J 80 8.89 -26.96 10.57
C ARG J 80 8.64 -27.99 11.65
N TYR J 81 7.96 -27.58 12.72
CA TYR J 81 7.63 -28.52 13.78
C TYR J 81 6.79 -29.67 13.24
N LEU J 82 5.74 -29.36 12.47
CA LEU J 82 4.89 -30.43 11.96
C LEU J 82 5.67 -31.40 11.08
N ARG J 83 6.53 -30.87 10.20
CA ARG J 83 7.32 -31.73 9.33
C ARG J 83 8.21 -32.65 10.17
N ASP J 84 8.98 -32.08 11.08
CA ASP J 84 9.88 -32.91 11.86
C ASP J 84 9.14 -33.79 12.85
N GLN J 85 7.84 -33.58 13.03
CA GLN J 85 7.06 -34.45 13.91
C GLN J 85 6.51 -35.64 13.14
N GLN J 86 6.10 -35.45 11.89
CA GLN J 86 5.44 -36.52 11.16
C GLN J 86 6.32 -37.76 11.01
N LEU J 87 7.63 -37.57 10.86
CA LEU J 87 8.50 -38.72 10.72
C LEU J 87 8.44 -39.63 11.93
N LEU J 88 8.37 -39.05 13.14
CA LEU J 88 8.22 -39.86 14.34
C LEU J 88 6.84 -40.50 14.43
N GLY J 89 5.89 -40.08 13.60
CA GLY J 89 4.63 -40.77 13.48
C GLY J 89 4.76 -41.95 12.53
N ILE J 90 5.62 -41.78 11.52
CA ILE J 90 5.85 -42.88 10.58
C ILE J 90 6.60 -44.02 11.26
N TRP J 91 7.62 -43.69 12.04
CA TRP J 91 8.48 -44.70 12.67
C TRP J 91 7.92 -45.20 13.99
N GLY J 92 6.62 -45.04 14.23
CA GLY J 92 6.01 -45.56 15.44
C GLY J 92 6.58 -44.99 16.72
N CYS J 93 6.77 -43.68 16.79
CA CYS J 93 7.34 -43.04 17.97
C CYS J 93 6.69 -41.70 18.29
N SER J 94 5.41 -41.53 17.99
CA SER J 94 4.75 -40.25 18.24
C SER J 94 4.73 -39.93 19.74
N GLY J 95 4.47 -40.91 20.58
CA GLY J 95 4.34 -40.69 22.01
C GLY J 95 5.52 -41.23 22.79
N LYS J 96 6.73 -41.07 22.27
CA LYS J 96 7.93 -41.55 22.94
C LYS J 96 9.09 -40.65 22.53
N LEU J 97 9.50 -39.75 23.44
CA LEU J 97 10.68 -38.94 23.18
C LEU J 97 11.92 -39.80 23.01
N ILE J 98 11.92 -41.00 23.57
CA ILE J 98 12.98 -41.97 23.39
C ILE J 98 12.36 -43.22 22.77
N CYS J 99 12.91 -43.68 21.66
CA CYS J 99 12.27 -44.72 20.88
C CYS J 99 13.31 -45.65 20.27
N CYS J 100 12.95 -46.93 20.20
CA CYS J 100 13.70 -47.92 19.44
C CYS J 100 12.89 -48.35 18.23
N THR J 101 13.50 -49.18 17.39
CA THR J 101 12.79 -49.86 16.33
C THR J 101 13.67 -51.00 15.82
N ASN J 102 13.09 -51.84 14.97
CA ASN J 102 13.73 -53.10 14.57
C ASN J 102 14.45 -52.95 13.23
N VAL J 103 15.67 -52.42 13.31
CA VAL J 103 16.60 -52.42 12.19
C VAL J 103 18.01 -52.55 12.75
N PRO J 104 18.78 -53.57 12.40
CA PRO J 104 20.13 -53.71 12.97
C PRO J 104 21.05 -52.59 12.51
N TRP J 105 21.98 -52.22 13.39
CA TRP J 105 23.05 -51.32 13.00
C TRP J 105 24.06 -52.05 12.13
N ASN J 106 24.88 -51.28 11.41
CA ASN J 106 25.92 -51.84 10.59
C ASN J 106 27.09 -50.87 10.50
N SER J 107 28.25 -51.39 10.14
CA SER J 107 29.50 -50.62 10.13
C SER J 107 29.73 -49.88 8.83
N SER J 108 28.86 -50.03 7.82
CA SER J 108 29.04 -49.27 6.59
C SER J 108 28.93 -47.78 6.83
N TRP J 109 28.36 -47.37 7.96
CA TRP J 109 28.27 -45.97 8.36
C TRP J 109 29.41 -45.56 9.27
N SER J 110 30.59 -46.16 9.08
CA SER J 110 31.70 -46.03 10.02
C SER J 110 31.37 -46.81 11.28
N ASN J 111 32.36 -47.04 12.14
CA ASN J 111 32.14 -47.86 13.31
C ASN J 111 33.05 -47.39 14.44
N ARG J 112 32.56 -47.57 15.67
CA ARG J 112 33.32 -47.22 16.87
C ARG J 112 32.92 -48.19 17.98
N ASN J 113 33.81 -48.34 18.96
CA ASN J 113 33.45 -49.13 20.13
C ASN J 113 32.25 -48.52 20.84
N LEU J 114 32.34 -47.24 21.18
CA LEU J 114 31.18 -46.44 21.58
C LEU J 114 30.59 -46.87 22.91
N SER J 115 31.10 -47.96 23.51
CA SER J 115 30.68 -48.31 24.86
C SER J 115 31.33 -47.41 25.91
N GLU J 116 32.32 -46.61 25.51
CA GLU J 116 32.95 -45.62 26.37
C GLU J 116 32.95 -44.24 25.74
N ILE J 117 33.02 -44.15 24.40
CA ILE J 117 32.93 -42.87 23.73
C ILE J 117 31.53 -42.27 23.88
N TRP J 118 30.54 -43.09 24.23
CA TRP J 118 29.20 -42.57 24.47
C TRP J 118 29.21 -41.49 25.53
N ASP J 119 30.13 -41.57 26.49
CA ASP J 119 30.20 -40.62 27.59
C ASP J 119 31.31 -39.59 27.43
N ASN J 120 31.96 -39.54 26.26
CA ASN J 120 33.13 -38.70 26.07
C ASN J 120 32.92 -37.63 25.00
N MET J 121 32.51 -38.03 23.79
CA MET J 121 32.55 -37.11 22.66
C MET J 121 31.49 -36.03 22.71
N THR J 122 30.54 -36.13 23.64
CA THR J 122 29.38 -35.24 23.72
C THR J 122 28.68 -35.15 22.36
N TRP J 123 27.52 -34.49 22.31
CA TRP J 123 26.64 -34.70 21.17
C TRP J 123 27.13 -33.99 19.90
N LEU J 124 27.59 -32.74 20.01
CA LEU J 124 27.88 -31.96 18.81
C LEU J 124 28.82 -32.71 17.87
N GLN J 125 29.80 -33.41 18.40
CA GLN J 125 30.75 -34.12 17.56
C GLN J 125 30.11 -35.31 16.87
N TRP J 126 29.22 -36.01 17.57
CA TRP J 126 28.56 -37.17 16.99
C TRP J 126 27.78 -36.79 15.73
N ASP J 127 27.23 -35.57 15.71
CA ASP J 127 26.44 -35.15 14.56
C ASP J 127 27.28 -35.14 13.29
N LYS J 128 28.43 -34.45 13.33
CA LYS J 128 29.29 -34.42 12.15
C LYS J 128 29.89 -35.77 11.84
N GLU J 129 29.94 -36.68 12.81
CA GLU J 129 30.58 -37.98 12.59
C GLU J 129 29.71 -38.86 11.69
N ILE J 130 28.39 -38.73 11.81
CA ILE J 130 27.47 -39.67 11.17
C ILE J 130 26.60 -38.98 10.14
N SER J 131 26.62 -37.63 10.13
CA SER J 131 25.69 -36.89 9.28
C SER J 131 25.77 -37.34 7.83
N ASN J 132 26.97 -37.71 7.37
CA ASN J 132 27.15 -38.04 5.96
C ASN J 132 26.27 -39.20 5.51
N TYR J 133 25.88 -40.08 6.42
CA TYR J 133 25.09 -41.26 6.07
C TYR J 133 23.65 -41.17 6.55
N THR J 134 23.27 -40.12 7.29
CA THR J 134 21.97 -40.10 7.94
C THR J 134 20.83 -40.22 6.94
N GLN J 135 20.89 -39.45 5.85
CA GLN J 135 19.82 -39.46 4.86
C GLN J 135 19.56 -40.86 4.30
N ILE J 136 20.56 -41.73 4.30
CA ILE J 136 20.34 -43.11 3.88
C ILE J 136 19.49 -43.86 4.90
N ILE J 137 19.69 -43.56 6.18
CA ILE J 137 19.11 -44.39 7.24
C ILE J 137 17.59 -44.41 7.16
N TYR J 138 16.98 -43.27 6.84
CA TYR J 138 15.52 -43.22 6.79
C TYR J 138 14.94 -44.30 5.91
N GLY J 139 15.60 -44.61 4.79
CA GLY J 139 15.10 -45.65 3.91
C GLY J 139 14.91 -46.98 4.64
N LEU J 140 15.86 -47.36 5.48
CA LEU J 140 15.71 -48.58 6.27
C LEU J 140 14.49 -48.49 7.17
N LEU J 141 14.29 -47.33 7.83
CA LEU J 141 13.20 -47.21 8.78
C LEU J 141 11.84 -47.33 8.12
N GLU J 142 11.72 -46.87 6.87
CA GLU J 142 10.41 -46.89 6.20
C GLU J 142 9.82 -48.30 6.21
N GLU J 143 10.61 -49.29 5.79
CA GLU J 143 10.09 -50.66 5.73
C GLU J 143 9.89 -51.23 7.14
N SER J 144 10.65 -50.74 8.11
CA SER J 144 10.63 -51.33 9.44
C SER J 144 9.22 -51.30 10.04
N GLN J 145 8.59 -50.11 10.07
CA GLN J 145 7.25 -50.01 10.62
C GLN J 145 6.21 -50.56 9.65
N ASN J 146 6.49 -50.46 8.35
CA ASN J 146 5.52 -50.90 7.35
C ASN J 146 5.28 -52.41 7.43
N GLN J 147 6.34 -53.19 7.59
CA GLN J 147 6.16 -54.64 7.69
C GLN J 147 5.43 -55.01 8.98
N GLN J 148 5.73 -54.30 10.07
CA GLN J 148 5.01 -54.55 11.31
C GLN J 148 3.51 -54.27 11.15
N GLU J 149 3.18 -53.14 10.51
CA GLU J 149 1.78 -52.80 10.29
C GLU J 149 1.11 -53.82 9.36
N LYS J 150 1.83 -54.28 8.34
CA LYS J 150 1.28 -55.30 7.45
C LYS J 150 0.98 -56.58 8.24
N ASN J 151 1.92 -56.99 9.10
CA ASN J 151 1.69 -58.19 9.91
C ASN J 151 0.47 -58.01 10.81
N GLU J 152 0.37 -56.85 11.47
CA GLU J 152 -0.76 -56.60 12.36
C GLU J 152 -2.08 -56.44 11.60
N GLN J 153 -2.02 -56.19 10.28
CA GLN J 153 -3.24 -56.03 9.50
C GLN J 153 -4.26 -57.12 9.79
N ASP J 154 -3.82 -58.35 10.02
CA ASP J 154 -4.74 -59.45 10.25
C ASP J 154 -5.48 -59.32 11.58
N LEU J 155 -5.05 -58.41 12.48
CA LEU J 155 -5.67 -58.26 13.79
C LEU J 155 -5.69 -56.78 14.17
N LEU J 156 -6.82 -56.12 13.94
CA LEU J 156 -6.97 -54.71 14.27
C LEU J 156 -8.24 -54.36 15.04
N ALA J 157 -9.39 -54.93 14.69
CA ALA J 157 -10.60 -54.74 15.49
C ALA J 157 -11.76 -55.60 15.03
N LEU J 158 -12.54 -56.11 15.98
CA LEU J 158 -13.81 -56.77 15.69
C LEU J 158 -14.66 -56.73 16.95
N ASP J 159 -15.75 -57.49 16.98
CA ASP J 159 -16.61 -57.59 18.16
C ASP J 159 -15.82 -57.73 19.44
N GLN K 1 28.10 -6.37 -20.65
CA GLN K 1 26.89 -5.55 -20.36
C GLN K 1 27.28 -4.23 -19.74
N VAL K 2 28.17 -4.28 -18.74
CA VAL K 2 28.66 -3.06 -18.10
C VAL K 2 29.81 -2.49 -18.92
N ARG K 3 29.83 -1.16 -19.04
CA ARG K 3 30.86 -0.47 -19.80
C ARG K 3 31.39 0.70 -18.98
N LEU K 4 32.63 1.08 -19.27
CA LEU K 4 33.22 2.32 -18.78
C LEU K 4 33.86 3.03 -19.96
N ALA K 5 33.27 4.15 -20.36
CA ALA K 5 33.72 4.93 -21.51
C ALA K 5 34.47 6.16 -21.04
N GLN K 6 35.39 6.64 -21.86
CA GLN K 6 36.21 7.79 -21.55
C GLN K 6 36.04 8.88 -22.60
N TYR K 7 36.24 10.11 -22.17
CA TYR K 7 36.27 11.26 -23.07
C TYR K 7 37.50 12.09 -22.74
N GLY K 8 37.69 13.16 -23.49
CA GLY K 8 38.82 14.03 -23.26
C GLY K 8 40.12 13.38 -23.63
N GLY K 9 41.20 13.92 -23.06
CA GLY K 9 42.52 13.46 -23.38
C GLY K 9 43.15 14.27 -24.49
N GLY K 10 43.74 13.59 -25.46
CA GLY K 10 44.35 14.29 -26.58
C GLY K 10 45.64 14.97 -26.19
N VAL K 11 46.18 15.73 -27.14
CA VAL K 11 47.46 16.41 -26.92
C VAL K 11 47.28 17.53 -25.91
N LYS K 12 48.36 17.85 -25.21
CA LYS K 12 48.39 18.96 -24.27
C LYS K 12 49.77 19.62 -24.33
N ARG K 13 49.83 20.86 -23.88
CA ARG K 13 51.09 21.58 -23.89
C ARG K 13 51.86 21.36 -22.59
N LEU K 14 53.18 21.40 -22.69
CA LEU K 14 54.02 21.12 -21.55
C LEU K 14 53.74 22.09 -20.41
N GLY K 15 53.74 21.57 -19.19
CA GLY K 15 53.56 22.40 -18.01
C GLY K 15 52.15 22.86 -17.77
N ALA K 16 51.16 22.34 -18.51
CA ALA K 16 49.80 22.81 -18.39
C ALA K 16 48.94 21.80 -17.63
N THR K 17 47.85 22.31 -17.05
CA THR K 17 46.87 21.46 -16.38
C THR K 17 46.11 20.65 -17.42
N MET K 18 45.59 19.50 -16.99
CA MET K 18 44.94 18.57 -17.90
C MET K 18 43.82 17.85 -17.15
N THR K 19 42.88 17.31 -17.92
CA THR K 19 41.70 16.66 -17.38
C THR K 19 41.46 15.35 -18.09
N LEU K 20 40.73 14.45 -17.44
CA LEU K 20 40.19 13.25 -18.04
C LEU K 20 38.79 13.03 -17.49
N SER K 21 38.15 11.94 -17.90
CA SER K 21 36.80 11.68 -17.43
C SER K 21 36.42 10.23 -17.71
N CYS K 22 35.56 9.70 -16.87
CA CYS K 22 34.96 8.38 -17.06
C CYS K 22 33.49 8.45 -16.71
N VAL K 23 32.66 7.80 -17.52
CA VAL K 23 31.22 7.80 -17.34
C VAL K 23 30.79 6.38 -17.04
N ALA K 24 30.01 6.20 -15.97
CA ALA K 24 29.58 4.88 -15.56
C ALA K 24 28.40 4.42 -16.39
N SER K 25 28.13 3.12 -16.33
CA SER K 25 26.96 2.53 -16.97
C SER K 25 26.10 1.91 -15.87
N GLY K 26 24.94 1.42 -16.26
CA GLY K 26 23.95 1.01 -15.28
C GLY K 26 24.20 -0.33 -14.62
N TYR K 27 25.25 -0.45 -13.82
CA TYR K 27 25.39 -1.62 -12.97
C TYR K 27 24.98 -1.25 -11.55
N THR K 28 25.70 -0.32 -10.93
CA THR K 28 25.26 0.36 -9.72
C THR K 28 26.39 1.32 -9.38
N PHE K 29 26.07 2.52 -8.90
CA PHE K 29 27.13 3.50 -8.72
C PHE K 29 27.66 3.53 -7.29
N ASN K 30 26.87 3.05 -6.33
CA ASN K 30 27.23 3.18 -4.92
C ASN K 30 27.91 1.94 -4.33
N ASP K 31 28.10 0.88 -5.11
CA ASP K 31 28.50 -0.41 -4.56
C ASP K 31 29.91 -0.82 -4.98
N TYR K 32 30.67 0.06 -5.62
CA TYR K 32 31.98 -0.32 -6.10
C TYR K 32 32.91 0.88 -6.02
N TYR K 33 34.21 0.61 -5.91
CA TYR K 33 35.21 1.66 -6.03
C TYR K 33 35.56 1.92 -7.50
N ILE K 34 36.54 2.79 -7.70
CA ILE K 34 37.14 3.08 -8.99
C ILE K 34 38.62 3.35 -8.77
N HIS K 35 39.45 2.88 -9.70
CA HIS K 35 40.88 3.15 -9.65
C HIS K 35 41.33 3.80 -10.95
N TRP K 36 42.45 4.51 -10.89
CA TRP K 36 43.08 5.09 -12.06
C TRP K 36 44.46 4.49 -12.22
N VAL K 37 44.70 3.82 -13.34
CA VAL K 37 46.00 3.22 -13.61
C VAL K 37 46.49 3.66 -14.98
N ARG K 38 47.80 3.79 -15.09
CA ARG K 38 48.45 4.32 -16.28
C ARG K 38 49.59 3.40 -16.68
N GLN K 39 50.08 3.59 -17.91
CA GLN K 39 51.10 2.70 -18.47
C GLN K 39 51.97 3.49 -19.43
N ALA K 40 53.19 3.80 -19.00
CA ALA K 40 54.16 4.36 -19.92
C ALA K 40 54.50 3.33 -21.00
N PRO K 41 54.82 3.78 -22.21
CA PRO K 41 55.10 2.81 -23.28
C PRO K 41 56.35 2.01 -22.98
N GLY K 42 56.22 0.69 -23.12
CA GLY K 42 57.33 -0.20 -22.81
C GLY K 42 57.76 -0.19 -21.37
N GLN K 43 56.81 -0.08 -20.44
CA GLN K 43 57.11 -0.06 -19.01
C GLN K 43 56.03 -0.82 -18.27
N GLY K 44 56.37 -1.28 -17.07
CA GLY K 44 55.37 -1.87 -16.21
C GLY K 44 54.41 -0.83 -15.68
N PHE K 45 53.20 -1.28 -15.35
CA PHE K 45 52.19 -0.37 -14.86
C PHE K 45 52.60 0.23 -13.53
N GLU K 46 51.74 1.13 -13.04
CA GLU K 46 51.78 1.59 -11.65
C GLU K 46 50.37 2.10 -11.34
N LEU K 47 50.17 2.51 -10.09
CA LEU K 47 48.87 2.95 -9.64
C LEU K 47 48.95 4.39 -9.14
N LEU K 48 47.84 5.12 -9.27
CA LEU K 48 47.77 6.49 -8.79
C LEU K 48 47.04 6.61 -7.45
N GLY K 49 45.79 6.17 -7.40
CA GLY K 49 45.01 6.27 -6.19
C GLY K 49 43.57 5.95 -6.49
N TYR K 50 42.82 5.64 -5.44
CA TYR K 50 41.47 5.14 -5.60
C TYR K 50 40.46 6.07 -4.95
N ILE K 51 39.36 6.31 -5.66
CA ILE K 51 38.31 7.22 -5.22
C ILE K 51 37.03 6.43 -5.07
N ASP K 52 36.46 6.44 -3.89
CA ASP K 52 35.15 5.85 -3.66
C ASP K 52 34.08 6.81 -4.17
N PRO K 53 33.04 6.34 -4.86
CA PRO K 53 31.98 7.24 -5.28
C PRO K 53 31.01 7.60 -4.17
N ALA K 54 30.90 6.75 -3.14
CA ALA K 54 29.91 6.96 -2.09
C ALA K 54 30.02 8.35 -1.46
N ASN K 55 31.08 8.60 -0.72
CA ASN K 55 31.23 9.85 0.00
C ASN K 55 32.25 10.79 -0.63
N GLY K 56 33.21 10.25 -1.37
CA GLY K 56 34.18 11.07 -2.05
C GLY K 56 35.58 11.02 -1.49
N ARG K 57 35.93 9.98 -0.76
CA ARG K 57 37.25 9.90 -0.17
C ARG K 57 38.28 9.65 -1.27
N PRO K 58 39.33 10.46 -1.37
CA PRO K 58 40.50 10.06 -2.14
C PRO K 58 41.54 9.41 -1.23
N ASP K 59 42.53 8.81 -1.87
CA ASP K 59 43.72 8.31 -1.16
C ASP K 59 44.82 8.17 -2.21
N TYR K 60 45.76 9.11 -2.20
CA TYR K 60 46.69 9.25 -3.29
C TYR K 60 47.85 8.28 -3.13
N ALA K 61 48.59 8.09 -4.22
CA ALA K 61 49.86 7.38 -4.11
C ALA K 61 50.88 8.26 -3.39
N GLY K 62 51.95 7.62 -2.93
CA GLY K 62 52.95 8.34 -2.15
C GLY K 62 53.79 9.31 -2.95
N ALA K 63 53.83 9.15 -4.27
CA ALA K 63 54.73 9.95 -5.10
C ALA K 63 54.06 11.16 -5.74
N LEU K 64 52.76 11.38 -5.53
CA LEU K 64 52.05 12.42 -6.26
C LEU K 64 51.03 13.19 -5.43
N ARG K 65 51.21 13.31 -4.11
CA ARG K 65 50.16 13.91 -3.30
C ARG K 65 50.05 15.42 -3.48
N GLU K 66 50.99 16.05 -4.20
CA GLU K 66 50.92 17.49 -4.40
C GLU K 66 50.21 17.89 -5.68
N ARG K 67 50.04 16.95 -6.62
CA ARG K 67 49.71 17.31 -7.99
C ARG K 67 48.38 16.74 -8.47
N LEU K 68 47.83 15.73 -7.81
CA LEU K 68 46.63 15.09 -8.30
C LEU K 68 45.39 15.67 -7.62
N SER K 69 44.22 15.26 -8.10
CA SER K 69 42.95 15.70 -7.54
C SER K 69 41.82 14.87 -8.11
N PHE K 70 40.88 14.49 -7.25
CA PHE K 70 39.70 13.75 -7.65
C PHE K 70 38.45 14.44 -7.12
N TYR K 71 37.31 14.09 -7.72
CA TYR K 71 36.01 14.45 -7.18
C TYR K 71 34.96 13.82 -8.09
N ARG K 72 33.73 13.75 -7.59
CA ARG K 72 32.68 13.04 -8.28
C ARG K 72 31.34 13.67 -8.01
N ASP K 73 30.36 13.33 -8.85
CA ASP K 73 28.96 13.65 -8.61
C ASP K 73 28.12 12.40 -8.81
N LYS K 74 27.29 12.06 -7.83
CA LYS K 74 26.47 10.86 -7.93
C LYS K 74 25.27 11.08 -8.84
N SER K 75 24.89 12.33 -9.09
CA SER K 75 23.65 12.57 -9.82
C SER K 75 23.70 12.01 -11.24
N MET K 76 24.80 12.23 -11.95
CA MET K 76 24.94 11.78 -13.33
C MET K 76 25.95 10.64 -13.47
N GLU K 77 26.41 10.08 -12.34
CA GLU K 77 27.30 8.92 -12.37
C GLU K 77 28.59 9.26 -13.13
N THR K 78 29.31 10.26 -12.65
CA THR K 78 30.46 10.81 -13.35
C THR K 78 31.63 10.96 -12.40
N LEU K 79 32.85 10.82 -12.92
CA LEU K 79 34.07 10.99 -12.16
C LEU K 79 35.08 11.79 -12.97
N TYR K 80 35.67 12.79 -12.34
CA TYR K 80 36.63 13.69 -13.00
C TYR K 80 37.99 13.56 -12.34
N MET K 81 39.05 13.61 -13.14
CA MET K 81 40.42 13.59 -12.62
C MET K 81 41.14 14.85 -13.06
N ASP K 82 41.74 15.54 -12.10
CA ASP K 82 42.55 16.72 -12.35
C ASP K 82 44.01 16.38 -12.10
N LEU K 83 44.86 16.69 -13.07
CA LEU K 83 46.30 16.52 -12.96
C LEU K 83 46.96 17.84 -13.27
N ARG K 84 47.87 18.27 -12.41
CA ARG K 84 48.45 19.61 -12.49
C ARG K 84 49.94 19.53 -12.79
N SER K 85 50.42 20.49 -13.58
CA SER K 85 51.85 20.63 -13.90
C SER K 85 52.40 19.35 -14.52
N LEU K 86 51.84 19.03 -15.69
CA LEU K 86 52.26 17.86 -16.45
C LEU K 86 53.75 17.89 -16.72
N ARG K 87 54.49 16.93 -16.18
CA ARG K 87 55.89 16.79 -16.54
C ARG K 87 56.00 15.94 -17.80
N TYR K 88 57.18 16.04 -18.44
CA TYR K 88 57.39 15.32 -19.69
C TYR K 88 57.22 13.82 -19.51
N ASP K 89 57.54 13.31 -18.33
CA ASP K 89 57.59 11.87 -18.11
C ASP K 89 56.23 11.25 -17.79
N ASP K 90 55.14 12.02 -17.82
CA ASP K 90 53.82 11.47 -17.54
C ASP K 90 53.11 11.00 -18.79
N THR K 91 53.72 11.15 -19.97
CA THR K 91 53.08 10.73 -21.20
C THR K 91 52.82 9.24 -21.18
N ALA K 92 51.55 8.85 -21.28
CA ALA K 92 51.18 7.45 -21.19
C ALA K 92 49.68 7.31 -21.41
N MET K 93 49.21 6.07 -21.33
CA MET K 93 47.80 5.76 -21.42
C MET K 93 47.16 5.80 -20.04
N TYR K 94 45.85 6.03 -19.99
CA TYR K 94 45.08 6.07 -18.76
C TYR K 94 43.85 5.20 -18.90
N TYR K 95 43.49 4.50 -17.81
CA TYR K 95 42.28 3.70 -17.79
C TYR K 95 41.51 3.94 -16.50
N CYS K 96 40.20 3.71 -16.56
CA CYS K 96 39.39 3.48 -15.38
C CYS K 96 39.13 1.99 -15.23
N VAL K 97 38.88 1.55 -14.01
CA VAL K 97 38.66 0.14 -13.72
C VAL K 97 37.76 -0.01 -12.51
N ARG K 98 36.84 -0.96 -12.58
CA ARG K 98 36.02 -1.30 -11.43
C ARG K 98 36.83 -2.17 -10.47
N ASN K 99 36.29 -2.39 -9.28
CA ASN K 99 37.02 -3.11 -8.24
C ASN K 99 36.03 -3.77 -7.29
N VAL K 100 35.83 -5.08 -7.44
CA VAL K 100 34.97 -5.81 -6.51
C VAL K 100 35.49 -5.63 -5.10
N GLY K 101 34.61 -5.74 -4.13
CA GLY K 101 35.01 -5.62 -2.73
C GLY K 101 33.92 -6.11 -1.81
N THR K 102 34.36 -6.76 -0.73
CA THR K 102 33.44 -7.23 0.30
C THR K 102 33.22 -6.11 1.31
N ALA K 103 32.61 -6.42 2.44
CA ALA K 103 32.37 -5.40 3.47
C ALA K 103 33.64 -5.04 4.22
N GLY K 104 34.70 -5.83 4.08
CA GLY K 104 35.88 -5.61 4.90
C GLY K 104 37.21 -5.89 4.23
N SER K 105 37.24 -5.93 2.90
CA SER K 105 38.50 -6.17 2.22
C SER K 105 38.37 -5.85 0.73
N LEU K 106 39.52 -5.65 0.09
CA LEU K 106 39.60 -5.38 -1.33
C LEU K 106 40.38 -6.51 -1.98
N LEU K 107 39.98 -6.90 -3.20
CA LEU K 107 40.49 -8.14 -3.78
C LEU K 107 41.26 -7.94 -5.07
N HIS K 108 40.68 -7.31 -6.09
CA HIS K 108 41.34 -7.30 -7.38
C HIS K 108 40.59 -6.37 -8.34
N TYR K 109 41.04 -6.33 -9.59
CA TYR K 109 40.37 -5.63 -10.66
C TYR K 109 39.75 -6.66 -11.60
N ASP K 110 38.54 -6.38 -12.10
CA ASP K 110 37.84 -7.36 -12.90
C ASP K 110 37.16 -6.83 -14.15
N HIS K 111 37.23 -5.53 -14.42
CA HIS K 111 36.61 -5.01 -15.63
C HIS K 111 37.27 -3.73 -16.12
N TRP K 112 38.25 -3.85 -17.01
CA TRP K 112 38.94 -2.66 -17.48
C TRP K 112 38.10 -1.93 -18.52
N GLY K 113 38.51 -0.71 -18.85
CA GLY K 113 37.70 0.20 -19.63
C GLY K 113 38.26 0.48 -21.01
N SER K 114 37.91 1.67 -21.52
CA SER K 114 38.18 1.99 -22.91
C SER K 114 39.65 2.22 -23.20
N GLY K 115 40.33 3.03 -22.38
CA GLY K 115 41.71 3.39 -22.66
C GLY K 115 41.82 4.68 -23.43
N SER K 116 42.60 5.63 -22.92
CA SER K 116 42.72 6.95 -23.52
C SER K 116 44.17 7.42 -23.42
N PRO K 117 44.79 7.83 -24.52
CA PRO K 117 46.18 8.30 -24.45
C PRO K 117 46.29 9.79 -24.21
N VAL K 118 47.49 10.20 -23.78
CA VAL K 118 47.84 11.60 -23.60
C VAL K 118 49.25 11.80 -24.10
N ILE K 119 49.49 12.90 -24.81
CA ILE K 119 50.78 13.21 -25.39
C ILE K 119 51.15 14.64 -24.98
N VAL K 120 52.40 14.82 -24.58
CA VAL K 120 52.89 16.12 -24.12
C VAL K 120 54.03 16.54 -25.01
N SER K 121 53.93 17.76 -25.56
CA SER K 121 54.98 18.32 -26.40
C SER K 121 54.80 19.82 -26.48
N SER K 122 55.91 20.52 -26.70
CA SER K 122 55.87 21.98 -26.82
C SER K 122 55.75 22.46 -28.25
N ALA K 123 55.71 21.55 -29.21
CA ALA K 123 55.75 21.93 -30.62
C ALA K 123 54.34 22.07 -31.19
N SER K 124 54.24 22.90 -32.22
CA SER K 124 53.02 23.02 -33.02
C SER K 124 53.12 22.06 -34.21
N THR K 125 52.23 22.21 -35.18
CA THR K 125 52.33 21.41 -36.40
C THR K 125 53.67 21.68 -37.08
N LYS K 126 54.33 20.61 -37.49
CA LYS K 126 55.68 20.72 -38.06
C LYS K 126 55.95 19.49 -38.91
N GLY K 127 56.59 19.71 -40.08
CA GLY K 127 56.84 18.64 -41.02
C GLY K 127 58.16 17.95 -40.80
N PRO K 128 58.29 16.72 -41.31
CA PRO K 128 59.51 15.94 -41.08
C PRO K 128 60.67 16.41 -41.96
N SER K 129 61.86 16.02 -41.54
CA SER K 129 63.05 16.05 -42.38
C SER K 129 63.47 14.62 -42.70
N VAL K 130 64.07 14.46 -43.88
CA VAL K 130 64.37 13.13 -44.42
C VAL K 130 65.86 13.03 -44.70
N PHE K 131 66.46 11.92 -44.29
CA PHE K 131 67.87 11.66 -44.52
C PHE K 131 68.04 10.20 -44.90
N PRO K 132 68.75 9.90 -45.99
CA PRO K 132 68.83 8.51 -46.45
C PRO K 132 69.88 7.70 -45.70
N LEU K 133 69.62 6.40 -45.57
CA LEU K 133 70.61 5.45 -45.04
C LEU K 133 71.24 4.73 -46.22
N ALA K 134 72.22 5.39 -46.83
CA ALA K 134 72.84 4.85 -48.03
C ALA K 134 73.54 3.53 -47.72
N PRO K 135 73.55 2.60 -48.67
CA PRO K 135 74.18 1.29 -48.41
C PRO K 135 75.68 1.42 -48.22
N SER K 136 76.24 0.51 -47.43
CA SER K 136 77.67 0.49 -47.19
C SER K 136 78.36 -0.37 -48.24
N SER K 137 79.63 -0.04 -48.51
CA SER K 137 80.42 -0.78 -49.48
C SER K 137 81.91 -0.67 -49.17
N GLY K 143 77.49 -10.15 -50.23
CA GLY K 143 76.89 -9.97 -51.54
C GLY K 143 75.60 -9.18 -51.50
N THR K 144 75.02 -9.06 -50.31
CA THR K 144 73.78 -8.32 -50.10
C THR K 144 74.03 -7.19 -49.10
N ALA K 145 73.47 -6.02 -49.41
CA ALA K 145 73.66 -4.83 -48.58
C ALA K 145 72.30 -4.26 -48.21
N ALA K 146 72.25 -3.60 -47.05
CA ALA K 146 71.02 -3.02 -46.53
C ALA K 146 71.06 -1.50 -46.64
N LEU K 147 69.89 -0.93 -46.96
CA LEU K 147 69.76 0.52 -47.07
C LEU K 147 68.38 0.92 -46.58
N GLY K 148 68.27 2.18 -46.19
CA GLY K 148 67.01 2.66 -45.64
C GLY K 148 66.96 4.18 -45.65
N CYS K 149 65.96 4.71 -44.95
CA CYS K 149 65.77 6.15 -44.83
C CYS K 149 65.37 6.49 -43.41
N LEU K 150 65.76 7.70 -42.99
CA LEU K 150 65.48 8.20 -41.65
C LEU K 150 64.58 9.43 -41.75
N VAL K 151 63.48 9.41 -41.00
CA VAL K 151 62.55 10.54 -40.94
C VAL K 151 62.63 11.12 -39.53
N LYS K 152 62.78 12.43 -39.45
CA LYS K 152 63.20 13.11 -38.23
C LYS K 152 62.39 14.38 -38.00
N ASP K 153 62.11 14.67 -36.74
CA ASP K 153 61.58 15.97 -36.31
C ASP K 153 60.26 16.32 -37.03
N TYR K 154 59.22 15.57 -36.69
CA TYR K 154 57.88 15.91 -37.13
C TYR K 154 56.88 15.74 -35.98
N PHE K 155 55.77 16.46 -36.10
CA PHE K 155 54.70 16.43 -35.11
C PHE K 155 53.45 17.01 -35.72
N PRO K 156 52.27 16.45 -35.45
CA PRO K 156 51.98 15.25 -34.65
C PRO K 156 51.98 13.98 -35.48
N GLU K 157 51.69 12.84 -34.85
CA GLU K 157 51.57 11.59 -35.56
C GLU K 157 50.30 11.58 -36.39
N PRO K 158 50.19 10.68 -37.38
CA PRO K 158 51.19 9.74 -37.89
C PRO K 158 51.88 10.25 -39.16
N VAL K 159 52.63 9.39 -39.85
CA VAL K 159 53.25 9.73 -41.13
C VAL K 159 53.13 8.53 -42.06
N THR K 160 53.25 8.79 -43.36
CA THR K 160 53.16 7.76 -44.39
C THR K 160 54.52 7.60 -45.06
N VAL K 161 54.88 6.35 -45.36
CA VAL K 161 56.17 6.02 -45.94
C VAL K 161 55.98 4.98 -47.04
N SER K 162 56.76 5.10 -48.11
CA SER K 162 56.73 4.15 -49.21
C SER K 162 58.06 4.23 -49.94
N TRP K 163 58.30 3.22 -50.78
CA TRP K 163 59.58 3.07 -51.48
C TRP K 163 59.35 2.99 -52.98
N ASN K 164 60.10 3.80 -53.73
CA ASN K 164 60.09 3.76 -55.19
C ASN K 164 58.67 3.80 -55.74
N SER K 165 57.87 4.69 -55.16
CA SER K 165 56.47 4.85 -55.57
C SER K 165 55.71 3.53 -55.51
N GLY K 166 56.02 2.71 -54.51
CA GLY K 166 55.38 1.41 -54.36
C GLY K 166 55.97 0.32 -55.21
N ALA K 167 57.05 0.59 -55.96
CA ALA K 167 57.65 -0.40 -56.83
C ALA K 167 58.75 -1.21 -56.15
N LEU K 168 59.12 -0.86 -54.92
CA LEU K 168 60.19 -1.53 -54.19
C LEU K 168 59.77 -1.82 -52.76
N THR K 169 58.56 -2.36 -52.59
CA THR K 169 58.07 -2.70 -51.25
C THR K 169 58.54 -4.07 -50.78
N SER K 170 59.25 -4.83 -51.62
CA SER K 170 59.66 -6.18 -51.24
C SER K 170 60.67 -6.13 -50.11
N GLY K 171 60.37 -6.84 -49.02
CA GLY K 171 61.29 -6.95 -47.91
C GLY K 171 61.50 -5.67 -47.12
N VAL K 172 60.54 -4.75 -47.12
CA VAL K 172 60.70 -3.50 -46.41
C VAL K 172 60.21 -3.65 -44.97
N HIS K 173 61.01 -3.17 -44.03
CA HIS K 173 60.66 -3.19 -42.61
C HIS K 173 60.61 -1.76 -42.09
N THR K 174 59.55 -1.45 -41.36
CA THR K 174 59.33 -0.10 -40.82
C THR K 174 59.19 -0.20 -39.30
N PHE K 175 60.11 0.45 -38.58
CA PHE K 175 60.00 0.50 -37.13
C PHE K 175 58.94 1.53 -36.73
N PRO K 176 58.16 1.25 -35.68
CA PRO K 176 57.16 2.23 -35.24
C PRO K 176 57.81 3.50 -34.73
N ALA K 177 57.11 4.62 -34.91
CA ALA K 177 57.64 5.91 -34.47
C ALA K 177 57.75 5.96 -32.96
N VAL K 178 58.66 6.81 -32.47
CA VAL K 178 58.92 6.96 -31.05
C VAL K 178 58.98 8.44 -30.72
N LEU K 179 58.43 8.80 -29.57
CA LEU K 179 58.50 10.18 -29.10
C LEU K 179 59.87 10.47 -28.51
N GLN K 180 60.44 11.61 -28.88
CA GLN K 180 61.78 11.98 -28.47
C GLN K 180 61.76 12.81 -27.18
N SER K 181 62.95 13.14 -26.69
CA SER K 181 63.05 14.11 -25.61
C SER K 181 62.85 15.53 -26.11
N SER K 182 63.00 15.74 -27.42
CA SER K 182 62.81 17.08 -28.00
C SER K 182 61.34 17.42 -28.21
N GLY K 183 60.46 16.43 -28.16
CA GLY K 183 59.05 16.65 -28.43
C GLY K 183 58.62 16.40 -29.86
N LEU K 184 59.47 15.79 -30.68
CA LEU K 184 59.17 15.51 -32.07
C LEU K 184 59.36 14.02 -32.34
N TYR K 185 58.59 13.50 -33.29
CA TYR K 185 58.61 12.08 -33.61
C TYR K 185 59.60 11.79 -34.72
N SER K 186 60.09 10.55 -34.73
CA SER K 186 60.99 10.08 -35.78
C SER K 186 60.85 8.58 -35.91
N LEU K 187 61.35 8.05 -37.03
CA LEU K 187 61.28 6.62 -37.31
C LEU K 187 62.31 6.29 -38.37
N SER K 188 62.39 4.99 -38.68
CA SER K 188 63.31 4.49 -39.70
C SER K 188 62.68 3.32 -40.45
N SER K 189 63.10 3.14 -41.69
CA SER K 189 62.68 2.00 -42.49
C SER K 189 63.85 1.56 -43.35
N VAL K 190 63.90 0.27 -43.66
CA VAL K 190 65.06 -0.33 -44.32
C VAL K 190 64.60 -1.26 -45.43
N VAL K 191 65.53 -1.55 -46.34
CA VAL K 191 65.32 -2.50 -47.43
C VAL K 191 66.68 -3.04 -47.84
N THR K 192 66.70 -4.30 -48.28
CA THR K 192 67.93 -5.00 -48.60
C THR K 192 67.96 -5.32 -50.09
N VAL K 193 69.15 -5.17 -50.70
CA VAL K 193 69.34 -5.48 -52.12
C VAL K 193 70.72 -6.07 -52.32
N PRO K 194 70.89 -6.80 -53.42
CA PRO K 194 72.23 -7.31 -53.75
C PRO K 194 73.20 -6.18 -54.04
N SER K 195 74.49 -6.43 -53.79
CA SER K 195 75.51 -5.41 -53.99
C SER K 195 75.58 -4.98 -55.45
N SER K 196 75.48 -5.92 -56.39
CA SER K 196 75.58 -5.57 -57.81
C SER K 196 74.49 -4.61 -58.25
N SER K 197 73.30 -4.69 -57.64
CA SER K 197 72.22 -3.79 -58.04
C SER K 197 72.50 -2.35 -57.65
N LEU K 198 73.44 -2.12 -56.73
CA LEU K 198 73.73 -0.76 -56.29
C LEU K 198 74.26 0.09 -57.44
N GLY K 199 75.14 -0.47 -58.26
CA GLY K 199 75.71 0.26 -59.38
C GLY K 199 74.87 0.30 -60.63
N THR K 200 73.67 -0.28 -60.60
CA THR K 200 72.81 -0.31 -61.78
C THR K 200 71.35 -0.01 -61.47
N GLN K 201 71.06 0.59 -60.32
CA GLN K 201 69.68 0.88 -59.94
C GLN K 201 69.63 2.16 -59.11
N THR K 202 68.44 2.74 -59.04
CA THR K 202 68.18 3.93 -58.23
C THR K 202 67.06 3.61 -57.25
N TYR K 203 67.13 4.23 -56.07
CA TYR K 203 66.20 3.95 -54.98
C TYR K 203 65.62 5.26 -54.48
N ILE K 204 64.32 5.25 -54.16
CA ILE K 204 63.59 6.44 -53.77
C ILE K 204 62.79 6.15 -52.51
N CYS K 205 62.80 7.07 -51.57
CA CYS K 205 61.93 7.04 -50.40
C CYS K 205 60.86 8.11 -50.57
N ASN K 206 59.60 7.69 -50.67
CA ASN K 206 58.47 8.59 -50.88
C ASN K 206 57.71 8.71 -49.57
N VAL K 207 57.68 9.92 -49.01
CA VAL K 207 57.10 10.17 -47.70
C VAL K 207 56.16 11.36 -47.79
N ASN K 208 55.07 11.30 -47.02
CA ASN K 208 54.07 12.37 -47.00
C ASN K 208 53.45 12.44 -45.62
N HIS K 209 53.37 13.66 -45.08
CA HIS K 209 52.92 13.91 -43.71
C HIS K 209 51.62 14.71 -43.77
N LYS K 210 50.52 14.09 -43.35
CA LYS K 210 49.17 14.64 -43.55
C LYS K 210 48.97 15.98 -42.85
N PRO K 211 49.32 16.11 -41.56
CA PRO K 211 49.02 17.37 -40.87
C PRO K 211 49.58 18.59 -41.58
N SER K 212 50.79 18.50 -42.13
CA SER K 212 51.34 19.57 -42.95
C SER K 212 51.21 19.28 -44.44
N ASN K 213 50.91 18.05 -44.82
CA ASN K 213 50.73 17.66 -46.22
C ASN K 213 52.00 17.91 -47.04
N THR K 214 53.14 17.97 -46.36
CA THR K 214 54.41 18.05 -47.06
C THR K 214 54.82 16.68 -47.58
N LYS K 215 55.55 16.67 -48.70
CA LYS K 215 55.95 15.43 -49.34
C LYS K 215 57.42 15.50 -49.71
N VAL K 216 58.08 14.34 -49.68
CA VAL K 216 59.50 14.24 -49.96
C VAL K 216 59.76 12.99 -50.80
N ASP K 217 60.70 13.09 -51.74
CA ASP K 217 61.13 11.98 -52.57
C ASP K 217 62.67 11.96 -52.56
N LYS K 218 63.23 11.16 -51.65
CA LYS K 218 64.66 11.20 -51.39
C LYS K 218 65.38 10.03 -52.06
N ARG K 219 66.52 10.32 -52.67
CA ARG K 219 67.39 9.28 -53.21
C ARG K 219 68.30 8.73 -52.12
N VAL K 220 68.73 7.49 -52.32
CA VAL K 220 69.49 6.76 -51.30
C VAL K 220 70.89 6.43 -51.80
N GLU K 221 71.01 6.13 -53.08
CA GLU K 221 72.25 5.63 -53.67
C GLU K 221 73.39 6.66 -53.76
N PRO K 222 73.10 7.96 -53.88
CA PRO K 222 74.21 8.91 -54.17
C PRO K 222 75.44 8.74 -53.31
N LYS K 223 75.33 8.19 -52.10
CA LYS K 223 76.49 8.01 -51.24
C LYS K 223 76.71 6.53 -50.92
N SER K 224 76.72 5.69 -51.96
CA SER K 224 76.95 4.26 -51.77
C SER K 224 78.44 3.99 -51.55
N CYS K 225 79.00 4.53 -50.48
CA CYS K 225 80.41 4.35 -50.17
C CYS K 225 80.62 3.20 -49.18
N GLU L 1 56.27 -1.25 -2.22
CA GLU L 1 57.09 -2.28 -1.52
C GLU L 1 57.20 -3.55 -2.35
N ILE L 2 56.11 -4.29 -2.43
CA ILE L 2 56.13 -5.61 -3.05
C ILE L 2 56.57 -5.49 -4.50
N VAL L 3 57.39 -6.43 -4.95
CA VAL L 3 57.86 -6.50 -6.32
C VAL L 3 57.65 -7.91 -6.84
N LEU L 4 57.12 -8.01 -8.05
CA LEU L 4 56.98 -9.29 -8.74
C LEU L 4 58.01 -9.38 -9.85
N THR L 5 58.79 -10.45 -9.85
CA THR L 5 59.78 -10.71 -10.91
C THR L 5 59.16 -11.69 -11.90
N GLN L 6 59.02 -11.26 -13.15
CA GLN L 6 58.37 -12.04 -14.19
C GLN L 6 59.43 -12.56 -15.14
N SER L 7 59.49 -13.88 -15.31
CA SER L 7 60.46 -14.51 -16.17
C SER L 7 59.88 -15.81 -16.71
N PRO L 8 60.23 -16.21 -17.94
CA PRO L 8 61.09 -15.52 -18.90
C PRO L 8 60.37 -14.37 -19.59
N ALA L 9 61.11 -13.44 -20.20
CA ALA L 9 60.48 -12.35 -20.92
C ALA L 9 59.75 -12.82 -22.17
N THR L 10 59.99 -14.06 -22.60
CA THR L 10 59.35 -14.57 -23.80
C THR L 10 59.27 -16.09 -23.72
N LEU L 11 58.23 -16.65 -24.32
CA LEU L 11 58.06 -18.09 -24.45
C LEU L 11 57.68 -18.41 -25.90
N SER L 12 58.30 -19.45 -26.45
CA SER L 12 58.06 -19.87 -27.83
C SER L 12 57.18 -21.11 -27.83
N ALA L 13 56.21 -21.14 -28.74
CA ALA L 13 55.26 -22.25 -28.79
C ALA L 13 54.61 -22.29 -30.16
N SER L 14 53.81 -23.33 -30.38
CA SER L 14 53.07 -23.55 -31.61
C SER L 14 51.66 -23.99 -31.23
N PRO L 15 50.68 -23.82 -32.13
CA PRO L 15 49.31 -24.19 -31.78
C PRO L 15 49.22 -25.64 -31.36
N GLY L 16 48.38 -25.89 -30.35
CA GLY L 16 48.23 -27.22 -29.79
C GLY L 16 49.19 -27.54 -28.67
N GLU L 17 50.17 -26.69 -28.39
CA GLU L 17 51.12 -26.95 -27.33
C GLU L 17 50.55 -26.55 -25.98
N ARG L 18 51.22 -26.99 -24.92
CA ARG L 18 50.93 -26.55 -23.57
C ARG L 18 52.07 -25.68 -23.07
N VAL L 19 51.75 -24.46 -22.64
CA VAL L 19 52.73 -23.46 -22.26
C VAL L 19 52.50 -23.08 -20.81
N THR L 20 53.58 -22.98 -20.04
CA THR L 20 53.51 -22.66 -18.62
C THR L 20 54.21 -21.32 -18.37
N LEU L 21 53.49 -20.40 -17.73
CA LEU L 21 54.09 -19.15 -17.28
C LEU L 21 54.40 -19.23 -15.80
N THR L 22 55.24 -18.31 -15.33
CA THR L 22 55.66 -18.30 -13.93
C THR L 22 55.84 -16.86 -13.47
N CYS L 23 55.57 -16.62 -12.19
CA CYS L 23 55.74 -15.31 -11.57
C CYS L 23 56.34 -15.50 -10.19
N ARG L 24 57.39 -14.74 -9.88
CA ARG L 24 58.07 -14.80 -8.61
C ARG L 24 57.80 -13.52 -7.81
N ALA L 25 57.85 -13.65 -6.49
CA ALA L 25 57.49 -12.56 -5.59
C ALA L 25 58.63 -12.29 -4.62
N SER L 26 58.74 -11.02 -4.22
CA SER L 26 59.76 -10.62 -3.26
C SER L 26 59.58 -11.28 -1.91
N ARG L 27 58.34 -11.39 -1.43
CA ARG L 27 58.08 -12.06 -0.16
C ARG L 27 56.66 -12.63 -0.19
N SER L 28 56.39 -13.53 0.73
CA SER L 28 55.14 -14.27 0.73
C SER L 28 53.95 -13.32 0.80
N VAL L 29 52.92 -13.64 0.02
CA VAL L 29 51.72 -12.82 -0.06
C VAL L 29 50.48 -13.70 0.07
N ARG L 30 50.63 -14.84 0.72
CA ARG L 30 49.54 -15.79 0.88
C ARG L 30 49.10 -16.24 -0.51
N ASN L 31 47.82 -16.57 -0.68
CA ASN L 31 47.27 -17.00 -1.96
C ASN L 31 46.78 -15.84 -2.81
N ASN L 32 46.97 -14.61 -2.34
CA ASN L 32 46.42 -13.43 -3.01
C ASN L 32 47.22 -13.09 -4.27
N VAL L 33 46.74 -13.61 -5.39
CA VAL L 33 47.36 -13.39 -6.70
C VAL L 33 46.32 -13.62 -7.77
N ALA L 34 46.54 -13.03 -8.94
CA ALA L 34 45.65 -13.19 -10.08
C ALA L 34 46.44 -13.02 -11.37
N TRP L 35 45.87 -13.50 -12.46
CA TRP L 35 46.48 -13.43 -13.78
C TRP L 35 45.51 -12.75 -14.73
N TYR L 36 46.05 -11.90 -15.60
CA TYR L 36 45.24 -11.06 -16.48
C TYR L 36 45.62 -11.28 -17.94
N GLN L 37 44.66 -11.03 -18.83
CA GLN L 37 44.90 -11.10 -20.26
C GLN L 37 45.00 -9.70 -20.84
N HIS L 38 45.91 -9.52 -21.79
CA HIS L 38 46.11 -8.22 -22.43
C HIS L 38 46.43 -8.45 -23.90
N LYS L 39 45.89 -7.57 -24.74
CA LYS L 39 46.01 -7.73 -26.18
C LYS L 39 46.35 -6.38 -26.79
N GLY L 40 46.63 -6.39 -28.09
CA GLY L 40 47.00 -5.17 -28.79
C GLY L 40 45.87 -4.16 -28.86
N GLY L 41 46.06 -3.01 -28.21
CA GLY L 41 45.09 -1.94 -28.31
C GLY L 41 43.68 -2.34 -27.91
N GLN L 42 43.53 -3.03 -26.78
CA GLN L 42 42.24 -3.53 -26.36
C GLN L 42 42.10 -3.36 -24.85
N SER L 43 41.01 -3.86 -24.31
CA SER L 43 40.76 -3.79 -22.90
C SER L 43 41.16 -5.09 -22.23
N PRO L 44 42.17 -5.11 -21.38
CA PRO L 44 42.50 -6.35 -20.64
C PRO L 44 41.29 -6.93 -19.91
N ARG L 45 41.43 -8.14 -19.39
CA ARG L 45 40.28 -8.87 -18.89
C ARG L 45 40.74 -9.89 -17.85
N LEU L 46 39.80 -10.41 -17.08
CA LEU L 46 40.12 -11.28 -15.97
C LEU L 46 40.26 -12.73 -16.43
N LEU L 47 41.24 -13.42 -15.84
CA LEU L 47 41.46 -14.84 -16.13
C LEU L 47 41.33 -15.71 -14.89
N ILE L 48 42.10 -15.38 -13.85
CA ILE L 48 42.16 -16.20 -12.65
C ILE L 48 42.41 -15.29 -11.45
N TYR L 49 41.62 -15.46 -10.40
CA TYR L 49 41.82 -14.75 -9.15
C TYR L 49 41.76 -15.73 -8.00
N ASP L 50 42.53 -15.45 -6.96
CA ASP L 50 42.78 -16.38 -5.85
C ASP L 50 43.65 -17.55 -6.30
N ALA L 51 44.18 -17.45 -7.52
CA ALA L 51 45.20 -18.37 -8.01
C ALA L 51 44.63 -19.74 -8.37
N SER L 52 43.35 -19.97 -8.12
CA SER L 52 42.78 -21.29 -8.34
C SER L 52 41.40 -21.25 -8.98
N THR L 53 40.68 -20.14 -8.81
CA THR L 53 39.28 -20.06 -9.20
C THR L 53 39.13 -19.27 -10.48
N ARG L 54 38.41 -19.84 -11.44
CA ARG L 54 38.16 -19.18 -12.71
C ARG L 54 36.91 -18.32 -12.62
N ALA L 55 36.84 -17.28 -13.46
CA ALA L 55 35.71 -16.37 -13.47
C ALA L 55 34.77 -16.71 -14.62
N ALA L 56 33.60 -16.08 -14.58
CA ALA L 56 32.56 -16.38 -15.56
C ALA L 56 33.00 -15.96 -16.97
N GLY L 57 32.58 -16.76 -17.95
CA GLY L 57 32.88 -16.49 -19.34
C GLY L 57 34.27 -16.87 -19.79
N VAL L 58 35.12 -17.32 -18.88
CA VAL L 58 36.50 -17.62 -19.24
C VAL L 58 36.55 -18.95 -19.99
N PRO L 59 37.47 -19.13 -20.94
CA PRO L 59 37.64 -20.46 -21.54
C PRO L 59 38.10 -21.47 -20.51
N ALA L 60 37.74 -22.73 -20.73
CA ALA L 60 38.02 -23.80 -19.76
C ALA L 60 39.44 -24.32 -19.85
N ARG L 61 40.26 -23.82 -20.77
CA ARG L 61 41.62 -24.33 -20.94
C ARG L 61 42.64 -23.59 -20.09
N PHE L 62 42.22 -22.63 -19.26
CA PHE L 62 43.15 -21.92 -18.40
C PHE L 62 43.24 -22.59 -17.03
N SER L 63 44.44 -22.58 -16.45
CA SER L 63 44.65 -23.19 -15.14
C SER L 63 45.94 -22.65 -14.54
N GLY L 64 46.08 -22.85 -13.24
CA GLY L 64 47.26 -22.40 -12.53
C GLY L 64 47.18 -22.75 -11.07
N SER L 65 48.22 -22.39 -10.34
CA SER L 65 48.29 -22.69 -8.91
C SER L 65 49.36 -21.83 -8.27
N ALA L 66 49.36 -21.82 -6.94
CA ALA L 66 50.33 -21.08 -6.15
C ALA L 66 51.44 -22.00 -5.66
N SER L 67 52.56 -21.40 -5.27
CA SER L 67 53.74 -22.17 -4.87
C SER L 67 54.41 -21.53 -3.66
N GLY L 68 53.62 -20.91 -2.79
CA GLY L 68 54.17 -20.27 -1.59
C GLY L 68 54.84 -18.94 -1.82
N THR L 69 55.98 -18.93 -2.52
CA THR L 69 56.62 -17.70 -2.93
C THR L 69 56.72 -17.59 -4.44
N GLU L 70 55.93 -18.39 -5.17
CA GLU L 70 55.96 -18.40 -6.62
C GLU L 70 54.56 -18.74 -7.11
N PHE L 71 54.26 -18.35 -8.34
CA PHE L 71 52.93 -18.54 -8.90
C PHE L 71 53.06 -19.04 -10.33
N THR L 72 52.20 -20.00 -10.69
CA THR L 72 52.31 -20.70 -11.96
C THR L 72 51.01 -20.59 -12.74
N LEU L 73 51.14 -20.26 -14.01
CA LEU L 73 50.02 -20.20 -14.94
C LEU L 73 50.36 -21.06 -16.14
N ALA L 74 49.35 -21.76 -16.67
CA ALA L 74 49.56 -22.68 -17.77
C ALA L 74 48.37 -22.64 -18.72
N ILE L 75 48.63 -22.77 -20.01
CA ILE L 75 47.60 -22.90 -21.02
C ILE L 75 47.59 -24.35 -21.48
N SER L 76 46.51 -25.07 -21.19
CA SER L 76 46.47 -26.50 -21.48
C SER L 76 46.60 -26.81 -22.96
N ASN L 77 45.91 -26.06 -23.83
CA ASN L 77 45.97 -26.32 -25.27
C ASN L 77 45.99 -24.96 -25.96
N LEU L 78 47.16 -24.56 -26.47
CA LEU L 78 47.33 -23.23 -27.01
C LEU L 78 46.56 -23.08 -28.32
N GLU L 79 45.78 -22.02 -28.42
CA GLU L 79 45.09 -21.67 -29.65
C GLU L 79 45.81 -20.51 -30.33
N SER L 80 45.46 -20.28 -31.61
CA SER L 80 46.11 -19.24 -32.38
C SER L 80 45.88 -17.86 -31.75
N GLU L 81 44.67 -17.61 -31.28
CA GLU L 81 44.32 -16.30 -30.73
C GLU L 81 44.84 -16.10 -29.31
N ASP L 82 45.42 -17.13 -28.69
CA ASP L 82 45.98 -16.98 -27.36
C ASP L 82 47.37 -16.34 -27.36
N PHE L 83 47.96 -16.12 -28.53
CA PHE L 83 49.26 -15.48 -28.63
C PHE L 83 49.14 -14.02 -28.22
N THR L 84 49.63 -13.68 -27.03
CA THR L 84 49.60 -12.31 -26.55
C THR L 84 50.53 -12.13 -25.36
N VAL L 85 50.38 -11.02 -24.65
CA VAL L 85 51.16 -10.73 -23.45
C VAL L 85 50.31 -11.00 -22.22
N TYR L 86 50.94 -11.48 -21.17
CA TYR L 86 50.30 -11.70 -19.89
C TYR L 86 51.18 -11.12 -18.78
N PHE L 87 50.56 -10.74 -17.67
CA PHE L 87 51.30 -10.25 -16.52
C PHE L 87 50.62 -10.69 -15.24
N CYS L 88 51.43 -10.94 -14.22
CA CYS L 88 50.95 -11.38 -12.92
C CYS L 88 50.73 -10.18 -12.01
N LEU L 89 49.80 -10.34 -11.07
CA LEU L 89 49.38 -9.25 -10.19
C LEU L 89 49.19 -9.79 -8.78
N GLN L 90 49.52 -8.96 -7.80
CA GLN L 90 49.34 -9.30 -6.39
C GLN L 90 48.62 -8.15 -5.70
N TYR L 91 47.86 -8.50 -4.65
CA TYR L 91 47.05 -7.51 -3.95
C TYR L 91 47.12 -7.69 -2.44
N ASN L 92 48.31 -7.88 -1.89
CA ASN L 92 48.46 -8.14 -0.47
C ASN L 92 48.78 -6.90 0.35
N ASN L 93 49.71 -6.06 -0.10
CA ASN L 93 50.15 -4.92 0.69
C ASN L 93 49.74 -3.61 0.05
N TRP L 94 50.18 -3.39 -1.19
CA TRP L 94 49.76 -2.24 -1.97
C TRP L 94 49.99 -2.57 -3.43
N TRP L 95 49.09 -2.09 -4.26
CA TRP L 95 48.96 -2.62 -5.61
C TRP L 95 50.24 -2.38 -6.40
N THR L 96 50.61 -3.35 -7.22
CA THR L 96 51.76 -3.23 -8.11
C THR L 96 51.53 -4.16 -9.29
N PHE L 97 52.44 -4.10 -10.26
CA PHE L 97 52.30 -4.86 -11.48
C PHE L 97 53.67 -5.33 -11.94
N GLY L 98 53.67 -6.34 -12.82
CA GLY L 98 54.89 -6.87 -13.37
C GLY L 98 55.32 -6.13 -14.63
N GLN L 99 56.18 -6.78 -15.40
CA GLN L 99 56.65 -6.21 -16.65
C GLN L 99 55.94 -6.77 -17.87
N GLY L 100 55.50 -8.03 -17.83
CA GLY L 100 54.75 -8.60 -18.93
C GLY L 100 55.56 -9.52 -19.81
N THR L 101 55.06 -10.73 -20.04
CA THR L 101 55.70 -11.73 -20.87
C THR L 101 54.85 -11.98 -22.11
N ARG L 102 55.51 -12.22 -23.24
CA ARG L 102 54.82 -12.41 -24.51
C ARG L 102 54.97 -13.84 -25.00
N VAL L 103 53.92 -14.37 -25.61
CA VAL L 103 53.98 -15.66 -26.27
C VAL L 103 54.61 -15.48 -27.64
N ASP L 104 55.44 -16.44 -28.05
CA ASP L 104 56.23 -16.32 -29.27
C ASP L 104 56.03 -17.53 -30.16
N ILE L 105 56.22 -17.34 -31.47
CA ILE L 105 56.14 -18.42 -32.42
C ILE L 105 57.43 -19.25 -32.35
N LYS L 106 57.27 -20.56 -32.22
CA LYS L 106 58.44 -21.44 -32.13
C LYS L 106 59.11 -21.58 -33.50
N ARG L 107 60.41 -21.37 -33.52
CA ARG L 107 61.21 -21.66 -34.71
C ARG L 107 62.67 -21.80 -34.28
N THR L 108 63.54 -22.06 -35.25
CA THR L 108 64.95 -22.29 -34.96
C THR L 108 65.71 -20.97 -34.84
N VAL L 109 66.93 -21.07 -34.30
CA VAL L 109 67.76 -19.89 -34.12
C VAL L 109 68.27 -19.40 -35.48
N ALA L 110 68.52 -18.10 -35.57
CA ALA L 110 69.07 -17.49 -36.77
C ALA L 110 69.81 -16.23 -36.39
N ALA L 111 71.04 -16.09 -36.87
CA ALA L 111 71.86 -14.94 -36.51
C ALA L 111 71.40 -13.69 -37.26
N PRO L 112 71.68 -12.51 -36.71
CA PRO L 112 71.26 -11.27 -37.37
C PRO L 112 72.22 -10.84 -38.46
N SER L 113 71.70 -10.05 -39.40
CA SER L 113 72.53 -9.36 -40.36
C SER L 113 72.76 -7.93 -39.87
N VAL L 114 74.02 -7.52 -39.82
CA VAL L 114 74.44 -6.31 -39.12
C VAL L 114 74.88 -5.27 -40.14
N PHE L 115 74.56 -4.00 -39.87
CA PHE L 115 74.95 -2.89 -40.71
C PHE L 115 75.12 -1.65 -39.83
N ILE L 116 75.78 -0.64 -40.39
CA ILE L 116 76.01 0.63 -39.68
C ILE L 116 75.98 1.75 -40.71
N PHE L 117 75.55 2.93 -40.28
CA PHE L 117 75.43 4.09 -41.16
C PHE L 117 76.04 5.31 -40.49
N PRO L 118 77.11 5.89 -41.05
CA PRO L 118 77.65 7.13 -40.49
C PRO L 118 76.69 8.28 -40.74
N PRO L 119 76.89 9.42 -40.07
CA PRO L 119 75.95 10.54 -40.22
C PRO L 119 75.86 11.03 -41.66
N SER L 120 74.66 11.44 -42.06
CA SER L 120 74.48 12.07 -43.35
C SER L 120 74.88 13.52 -43.30
N ASP L 121 75.55 14.00 -44.37
CA ASP L 121 76.03 15.38 -44.37
C ASP L 121 74.87 16.37 -44.25
N GLU L 122 73.77 16.12 -44.97
CA GLU L 122 72.61 16.99 -44.85
C GLU L 122 72.10 17.05 -43.41
N GLN L 123 72.12 15.93 -42.70
CA GLN L 123 71.74 15.92 -41.30
C GLN L 123 72.84 16.51 -40.42
N LEU L 124 74.10 16.24 -40.77
CA LEU L 124 75.22 16.67 -39.94
C LEU L 124 75.28 18.19 -39.83
N LYS L 125 74.80 18.91 -40.85
CA LYS L 125 74.86 20.37 -40.82
C LYS L 125 74.07 20.95 -39.66
N SER L 126 73.04 20.24 -39.19
CA SER L 126 72.19 20.77 -38.12
C SER L 126 72.89 20.82 -36.78
N GLY L 127 74.03 20.14 -36.64
CA GLY L 127 74.73 20.07 -35.37
C GLY L 127 74.18 19.04 -34.41
N THR L 128 73.15 18.29 -34.78
CA THR L 128 72.55 17.26 -33.96
C THR L 128 72.96 15.87 -34.42
N ALA L 129 74.22 15.72 -34.82
CA ALA L 129 74.71 14.48 -35.40
C ALA L 129 74.17 13.26 -34.66
N SER L 130 73.56 12.34 -35.41
CA SER L 130 73.03 11.10 -34.87
C SER L 130 73.46 9.95 -35.76
N VAL L 131 73.56 8.76 -35.18
CA VAL L 131 74.04 7.58 -35.89
C VAL L 131 73.04 6.46 -35.71
N VAL L 132 73.06 5.50 -36.65
CA VAL L 132 72.09 4.42 -36.70
C VAL L 132 72.84 3.09 -36.83
N CYS L 133 72.35 2.08 -36.13
CA CYS L 133 72.84 0.71 -36.27
C CYS L 133 71.63 -0.22 -36.37
N LEU L 134 71.75 -1.24 -37.23
CA LEU L 134 70.61 -2.06 -37.61
C LEU L 134 70.92 -3.53 -37.46
N LEU L 135 69.92 -4.30 -37.01
CA LEU L 135 69.95 -5.76 -37.00
C LEU L 135 68.65 -6.23 -37.64
N ASN L 136 68.75 -7.15 -38.60
CA ASN L 136 67.61 -7.58 -39.38
C ASN L 136 67.46 -9.09 -39.38
N ASN L 137 66.23 -9.56 -39.24
CA ASN L 137 65.88 -10.96 -39.46
C ASN L 137 66.70 -11.91 -38.58
N PHE L 138 66.49 -11.84 -37.26
CA PHE L 138 67.12 -12.77 -36.34
C PHE L 138 66.05 -13.42 -35.47
N TYR L 139 66.50 -14.33 -34.60
CA TYR L 139 65.63 -15.07 -33.71
C TYR L 139 66.51 -15.80 -32.71
N PRO L 140 66.15 -15.85 -31.42
CA PRO L 140 64.94 -15.30 -30.79
C PRO L 140 65.05 -13.81 -30.48
N ARG L 141 64.07 -13.27 -29.74
CA ARG L 141 64.02 -11.83 -29.50
C ARG L 141 65.09 -11.39 -28.51
N GLU L 142 65.29 -12.15 -27.44
CA GLU L 142 66.19 -11.74 -26.36
C GLU L 142 67.59 -11.50 -26.92
N ALA L 143 68.09 -10.27 -26.77
CA ALA L 143 69.41 -9.91 -27.27
C ALA L 143 69.79 -8.55 -26.68
N LYS L 144 71.02 -8.12 -26.99
CA LYS L 144 71.52 -6.84 -26.53
C LYS L 144 72.38 -6.22 -27.62
N VAL L 145 72.47 -4.88 -27.59
CA VAL L 145 73.33 -4.13 -28.49
C VAL L 145 74.04 -3.05 -27.66
N GLN L 146 75.24 -2.67 -28.10
CA GLN L 146 76.06 -1.73 -27.36
C GLN L 146 76.71 -0.73 -28.32
N TRP L 147 76.80 0.52 -27.88
CA TRP L 147 77.40 1.60 -28.66
C TRP L 147 78.74 1.97 -28.03
N LYS L 148 79.77 2.12 -28.86
CA LYS L 148 81.09 2.51 -28.39
C LYS L 148 81.74 3.46 -29.39
N VAL L 149 82.33 4.53 -28.86
CA VAL L 149 83.11 5.48 -29.64
C VAL L 149 84.48 5.58 -29.00
N ASP L 150 85.53 5.42 -29.80
CA ASP L 150 86.90 5.37 -29.29
C ASP L 150 87.03 4.26 -28.24
N ASN L 151 86.26 3.18 -28.44
CA ASN L 151 86.29 2.04 -27.54
C ASN L 151 85.65 2.35 -26.20
N ALA L 152 84.95 3.49 -26.11
CA ALA L 152 84.30 3.90 -24.87
C ALA L 152 82.80 3.65 -24.98
N LEU L 153 82.27 2.88 -24.03
CA LEU L 153 80.84 2.57 -24.02
C LEU L 153 80.03 3.84 -23.81
N GLN L 154 78.90 3.93 -24.50
CA GLN L 154 78.03 5.11 -24.43
C GLN L 154 76.60 4.68 -24.09
N SER L 155 75.92 5.55 -23.35
CA SER L 155 74.55 5.28 -22.93
C SER L 155 73.88 6.59 -22.58
N GLY L 156 72.55 6.54 -22.45
CA GLY L 156 71.78 7.72 -22.11
C GLY L 156 71.32 8.49 -23.34
N ASN L 157 72.23 8.66 -24.30
CA ASN L 157 71.92 9.37 -25.54
C ASN L 157 71.69 8.40 -26.70
N SER L 158 71.11 7.24 -26.43
CA SER L 158 70.83 6.24 -27.45
C SER L 158 69.44 5.65 -27.21
N GLN L 159 68.87 5.06 -28.25
CA GLN L 159 67.53 4.51 -28.19
C GLN L 159 67.47 3.18 -28.90
N GLU L 160 66.45 2.40 -28.57
CA GLU L 160 66.26 1.06 -29.13
C GLU L 160 64.83 0.92 -29.64
N SER L 161 64.67 0.09 -30.67
CA SER L 161 63.36 -0.20 -31.23
C SER L 161 63.37 -1.61 -31.81
N VAL L 162 62.19 -2.21 -31.89
CA VAL L 162 62.04 -3.59 -32.36
C VAL L 162 60.78 -3.68 -33.21
N THR L 163 60.79 -4.63 -34.14
CA THR L 163 59.65 -4.86 -35.01
C THR L 163 58.79 -6.00 -34.48
N GLU L 164 57.69 -6.25 -35.19
CA GLU L 164 56.90 -7.46 -34.95
C GLU L 164 57.53 -8.64 -35.68
N GLN L 165 57.43 -9.82 -35.06
CA GLN L 165 57.99 -11.02 -35.66
C GLN L 165 57.37 -11.25 -37.03
N ASP L 166 58.21 -11.29 -38.06
CA ASP L 166 57.73 -11.45 -39.42
C ASP L 166 57.08 -12.83 -39.56
N SER L 167 55.80 -12.85 -39.92
CA SER L 167 55.05 -14.10 -39.94
C SER L 167 55.59 -15.10 -40.95
N LYS L 168 55.98 -14.63 -42.14
CA LYS L 168 56.37 -15.56 -43.21
C LYS L 168 57.59 -16.39 -42.86
N ASP L 169 58.53 -15.86 -42.07
CA ASP L 169 59.69 -16.64 -41.68
C ASP L 169 59.98 -16.57 -40.19
N SER L 170 59.24 -15.78 -39.41
CA SER L 170 59.33 -15.74 -37.95
C SER L 170 60.68 -15.22 -37.45
N THR L 171 61.19 -14.13 -38.01
CA THR L 171 62.42 -13.54 -37.52
C THR L 171 62.18 -12.10 -37.09
N TYR L 172 62.91 -11.68 -36.05
CA TYR L 172 62.81 -10.33 -35.53
C TYR L 172 63.85 -9.42 -36.17
N SER L 173 63.55 -8.13 -36.16
CA SER L 173 64.46 -7.10 -36.64
C SER L 173 64.55 -5.99 -35.60
N LEU L 174 65.77 -5.52 -35.36
CA LEU L 174 66.02 -4.50 -34.35
C LEU L 174 66.87 -3.39 -34.94
N SER L 175 66.62 -2.16 -34.49
CA SER L 175 67.44 -1.01 -34.84
C SER L 175 67.62 -0.14 -33.61
N SER L 176 68.70 0.63 -33.62
CA SER L 176 69.02 1.53 -32.52
C SER L 176 69.54 2.83 -33.09
N THR L 177 69.62 3.85 -32.24
CA THR L 177 70.06 5.16 -32.65
C THR L 177 70.98 5.76 -31.59
N LEU L 178 71.92 6.58 -32.04
CA LEU L 178 72.79 7.35 -31.16
C LEU L 178 72.73 8.81 -31.58
N THR L 179 72.84 9.71 -30.60
CA THR L 179 72.75 11.14 -30.84
C THR L 179 73.98 11.83 -30.27
N LEU L 180 74.50 12.81 -30.99
CA LEU L 180 75.72 13.50 -30.60
C LEU L 180 75.64 14.97 -31.01
N SER L 181 76.44 15.79 -30.33
CA SER L 181 76.61 17.17 -30.71
C SER L 181 77.81 17.31 -31.63
N LYS L 182 77.84 18.39 -32.41
CA LYS L 182 78.91 18.58 -33.37
C LYS L 182 80.26 18.68 -32.67
N ALA L 183 80.32 19.39 -31.55
CA ALA L 183 81.57 19.48 -30.80
C ALA L 183 82.02 18.11 -30.31
N ASP L 184 81.10 17.35 -29.71
CA ASP L 184 81.45 16.00 -29.27
C ASP L 184 81.76 15.09 -30.46
N TYR L 185 81.06 15.28 -31.58
CA TYR L 185 81.37 14.51 -32.77
C TYR L 185 82.80 14.77 -33.25
N GLU L 186 83.23 16.03 -33.22
CA GLU L 186 84.62 16.34 -33.56
C GLU L 186 85.58 15.73 -32.54
N LYS L 187 85.25 15.81 -31.25
CA LYS L 187 86.15 15.32 -30.22
C LYS L 187 86.40 13.83 -30.38
N HIS L 188 85.36 13.06 -30.65
CA HIS L 188 85.50 11.62 -30.84
C HIS L 188 85.79 11.32 -32.30
N LYS L 189 86.65 10.32 -32.53
CA LYS L 189 87.19 10.03 -33.86
C LYS L 189 86.59 8.78 -34.49
N VAL L 190 86.50 7.68 -33.75
CA VAL L 190 86.02 6.40 -34.27
C VAL L 190 84.77 6.01 -33.51
N TYR L 191 83.79 5.49 -34.24
CA TYR L 191 82.50 5.11 -33.69
C TYR L 191 82.20 3.67 -34.05
N ALA L 192 81.54 2.94 -33.14
CA ALA L 192 81.33 1.52 -33.34
C ALA L 192 80.05 1.08 -32.66
N CYS L 193 79.51 -0.05 -33.12
CA CYS L 193 78.39 -0.73 -32.50
C CYS L 193 78.78 -2.18 -32.23
N GLU L 194 78.19 -2.77 -31.19
CA GLU L 194 78.49 -4.15 -30.84
C GLU L 194 77.19 -4.90 -30.61
N VAL L 195 77.19 -6.19 -30.92
CA VAL L 195 76.00 -7.03 -30.89
C VAL L 195 76.30 -8.31 -30.13
N THR L 196 75.29 -8.83 -29.44
CA THR L 196 75.35 -10.14 -28.79
C THR L 196 74.07 -10.88 -29.11
N HIS L 197 74.19 -12.14 -29.53
CA HIS L 197 73.04 -12.92 -29.92
C HIS L 197 73.36 -14.40 -29.80
N GLN L 198 72.30 -15.22 -29.78
CA GLN L 198 72.49 -16.65 -29.58
C GLN L 198 73.25 -17.29 -30.73
N GLY L 199 72.95 -16.91 -31.97
CA GLY L 199 73.55 -17.55 -33.13
C GLY L 199 74.95 -17.11 -33.46
N LEU L 200 75.51 -16.15 -32.70
CA LEU L 200 76.85 -15.65 -32.93
C LEU L 200 77.77 -16.14 -31.81
N SER L 201 78.89 -16.75 -32.20
CA SER L 201 79.86 -17.23 -31.22
C SER L 201 80.64 -16.09 -30.58
N SER L 202 80.88 -14.99 -31.29
CA SER L 202 81.63 -13.86 -30.78
C SER L 202 80.86 -12.59 -31.10
N PRO L 203 81.06 -11.51 -30.33
CA PRO L 203 80.32 -10.27 -30.63
C PRO L 203 80.69 -9.69 -31.99
N VAL L 204 79.73 -9.67 -32.91
CA VAL L 204 79.95 -9.04 -34.20
C VAL L 204 80.02 -7.54 -34.01
N THR L 205 81.05 -6.90 -34.58
CA THR L 205 81.32 -5.50 -34.37
C THR L 205 81.47 -4.79 -35.71
N LYS L 206 80.94 -3.57 -35.78
CA LYS L 206 81.09 -2.69 -36.92
C LYS L 206 81.52 -1.32 -36.44
N SER L 207 82.34 -0.64 -37.25
CA SER L 207 82.85 0.66 -36.87
C SER L 207 83.21 1.43 -38.14
N PHE L 208 83.38 2.74 -37.97
CA PHE L 208 83.70 3.60 -39.10
C PHE L 208 84.46 4.82 -38.60
N ASN L 209 85.16 5.47 -39.52
CA ASN L 209 85.79 6.75 -39.25
C ASN L 209 84.94 7.87 -39.81
N ARG L 210 85.15 9.08 -39.28
CA ARG L 210 84.32 10.21 -39.68
C ARG L 210 84.56 10.57 -41.14
N GLY L 211 83.54 11.16 -41.76
CA GLY L 211 83.61 11.56 -43.15
C GLY L 211 82.92 10.58 -44.08
#